data_8H6F
#
_entry.id   8H6F
#
_cell.length_a   1.00
_cell.length_b   1.00
_cell.length_c   1.00
_cell.angle_alpha   90.00
_cell.angle_beta   90.00
_cell.angle_gamma   90.00
#
_symmetry.space_group_name_H-M   'P 1'
#
loop_
_entity.id
_entity.type
_entity.pdbx_description
1 polymer 'Spike glycoprotein'
2 polymer 'Repebody (A6)'
3 branched 2-acetamido-2-deoxy-beta-D-glucopyranose-(1-4)-2-acetamido-2-deoxy-beta-D-glucopyranose
4 non-polymer 2-acetamido-2-deoxy-beta-D-glucopyranose
#
loop_
_entity_poly.entity_id
_entity_poly.type
_entity_poly.pdbx_seq_one_letter_code
_entity_poly.pdbx_strand_id
1 'polypeptide(L)'
;MFVFLVLLPLVSSQCVNLTTRTQLPPAYTNSFTRGVYYPDKVFRSSVLHSTQDLFLPFFSNVTWFHAIHVSGTNGTKRFD
NPVLPFNDGVYFASTEKSNIIRGWIFGTTLDSKTQSLLIVNNATNVVIKVCEFQFCNDPFLGVYYHKNNKSWMESEFRVY
SSANNCTFEYVSQPFLMDLEGKQGNFKNLREFVFKNIDGYFKIYSKHTPINLVRDLPQGFSALEPLVDLPIGINITRFQT
LLALHRSYLTPGDSSSGWTAGAAAYYVGYLQPRTFLLKYNENGTITDAVDCALDPLSETKCTLKSFTVEKGIYQTSNFRV
QPTESIVRFPNITNLCPFGEVFNATRFASVYAWNRKRISNCVADYSVLYNSASFSTFKCYGVSPTKLNDLCFTNVYADSF
VIRGDEVRQIAPGQTGKIADYNYKLPDDFTGCVIAWNSNNLDSKVGGNYNYLYRLFRKSNLKPFERDISTEIYQAGSTPC
NGVEGFNCYFPLQSYGFQPTNGVGYQPYRVVVLSFELLHAPATVCGPKKSTNLVKNKCVNFNFNGLTGTGVLTESNKKFL
PFQQFGRDIADTTDAVRDPQTLEILDITPCSFGGVSVITPGTNTSNQVAVLYQDVNCTEVPVAIHADQLTPTWRVYSTGS
NVFQTRAGCLIGAEHVNNSYECDIPIGAGICASYQTQTNSPGSASSVASQSIIAYTMSLGAENSVAYSNNSIAIPTNFTI
SVTTEILPVSMTKTSVDCTMYICGDSTECSNLLLQYGSFCTQLNRALTGIAVEQDKNTQEVFAQVKQIYKTPPIKDFGGF
NFSQILPDPSKPSKRSPIEDLLFNKVTLADAGFIKQYGDCLGDIAARDLICAQKFNGLTVLPPLLTDEMIAQYTSALLAG
TITSGWTFGAGPALQIPFPMQMAYRFNGIGVTQNVLYENQKLIANQFNSAIGKIQDSLSSTPSALGKLQDVVNQNAQALN
TLVKQLSSNFGAISSVLNDILSRLDPPEAEVQIDRLITGRLQSLQTYVTQQLIRAAEIRASANLAATKMSECVLGQSKRV
DFCGKGYHLMSFPQSAPHGVVFLHVTYVPAQEKNFTTAPAICHDGKAHFPREGVFVSNGTHWFVTQRNFYEPQIITTDNT
FVSGNCDVVIGIVNNTVYDPLQPELDSFKEELDKYFKNHTSPDVDLGDISGINASVVNIQKEIDRLNEVAKNLNESLIDL
QELGKYEQ
;
A,B,C
2 'polypeptide(L)'
;METITVSTPIKQIFPDDAFAETIKANLKKKSVTDAVTQNELNSIDQIYAPDSDIKSVQGIQYLPNVRSLKLRSNKLHDIS
ALKELTNLTFLFLNLNQLQSLPNGVFDKLTNLKELVLVENQLQSLPDGVFDKLTNLTLLHLMVNQLQSLPKGVFDKLTNL
TELDLSYNQLQSLPEGVFDKLTQLKDLRLYQNQLKSVPDGVFDRLTSLQYIWLHDNPWDCTCPGIRYLSEWINKHSGVVR
SFIPLWAPDSAKCSGSGKPVRSIICPT
;
X,Y,Z
#
# COMPACT_ATOMS: atom_id res chain seq x y z
N PRO A 26 3.90 -24.85 -57.22
CA PRO A 26 4.31 -23.82 -58.19
C PRO A 26 3.28 -22.71 -58.34
N ALA A 27 3.63 -21.68 -59.12
CA ALA A 27 2.73 -20.56 -59.42
C ALA A 27 2.27 -19.85 -58.14
N TYR A 28 3.14 -19.79 -57.14
CA TYR A 28 2.84 -19.03 -55.94
C TYR A 28 2.92 -17.53 -56.23
N THR A 29 2.08 -16.77 -55.52
CA THR A 29 1.95 -15.35 -55.76
C THR A 29 2.16 -14.60 -54.45
N ASN A 30 2.77 -13.43 -54.56
CA ASN A 30 2.92 -12.52 -53.43
C ASN A 30 1.91 -11.38 -53.54
N SER A 31 1.49 -10.88 -52.38
CA SER A 31 0.38 -9.94 -52.28
C SER A 31 0.91 -8.52 -52.13
N PHE A 32 0.41 -7.61 -52.97
CA PHE A 32 0.82 -6.20 -52.94
C PHE A 32 -0.09 -5.46 -51.97
N THR A 33 0.18 -5.66 -50.67
CA THR A 33 -0.54 -4.99 -49.59
C THR A 33 -2.05 -5.22 -49.70
N ARG A 34 -2.42 -6.49 -49.58
CA ARG A 34 -3.80 -6.92 -49.67
C ARG A 34 -4.26 -7.52 -48.35
N GLY A 35 -5.54 -7.34 -48.04
CA GLY A 35 -6.13 -7.91 -46.85
C GLY A 35 -6.09 -7.00 -45.65
N VAL A 36 -6.44 -5.73 -45.84
CA VAL A 36 -6.51 -4.75 -44.75
C VAL A 36 -7.97 -4.36 -44.57
N TYR A 37 -8.52 -4.66 -43.40
CA TYR A 37 -9.91 -4.41 -43.07
C TYR A 37 -10.01 -3.32 -42.01
N TYR A 38 -11.25 -3.06 -41.58
CA TYR A 38 -11.49 -2.09 -40.51
C TYR A 38 -11.52 -2.83 -39.18
N PRO A 39 -10.56 -2.62 -38.29
CA PRO A 39 -10.55 -3.36 -37.02
C PRO A 39 -11.78 -3.12 -36.15
N ASP A 40 -12.36 -1.92 -36.20
CA ASP A 40 -13.48 -1.59 -35.34
C ASP A 40 -14.39 -0.59 -36.06
N LYS A 41 -15.53 -0.32 -35.44
CA LYS A 41 -16.53 0.58 -36.00
C LYS A 41 -16.33 2.04 -35.58
N VAL A 42 -15.26 2.34 -34.86
CA VAL A 42 -14.96 3.71 -34.48
C VAL A 42 -14.62 4.53 -35.71
N PHE A 43 -15.19 5.73 -35.80
CA PHE A 43 -14.99 6.62 -36.93
C PHE A 43 -13.93 7.66 -36.57
N ARG A 44 -12.88 7.76 -37.39
CA ARG A 44 -11.81 8.72 -37.19
C ARG A 44 -11.54 9.46 -38.48
N SER A 45 -11.10 10.72 -38.35
CA SER A 45 -10.85 11.58 -39.50
C SER A 45 -9.45 12.16 -39.40
N SER A 46 -8.67 12.00 -40.47
CA SER A 46 -7.35 12.63 -40.61
C SER A 46 -6.45 12.34 -39.42
N VAL A 47 -6.39 11.06 -39.02
CA VAL A 47 -5.55 10.63 -37.92
C VAL A 47 -4.76 9.41 -38.37
N LEU A 48 -3.67 9.14 -37.66
CA LEU A 48 -2.81 7.99 -37.92
C LEU A 48 -2.85 7.10 -36.68
N HIS A 49 -3.59 6.00 -36.77
CA HIS A 49 -3.82 5.11 -35.64
C HIS A 49 -2.91 3.90 -35.72
N SER A 50 -2.27 3.56 -34.62
CA SER A 50 -1.42 2.38 -34.52
C SER A 50 -2.19 1.29 -33.78
N THR A 51 -2.43 0.17 -34.46
CA THR A 51 -3.23 -0.91 -33.91
C THR A 51 -2.43 -2.20 -33.89
N GLN A 52 -2.92 -3.15 -33.09
CA GLN A 52 -2.32 -4.48 -32.99
C GLN A 52 -3.44 -5.50 -33.10
N ASP A 53 -3.48 -6.24 -34.19
CA ASP A 53 -4.56 -7.20 -34.45
C ASP A 53 -4.04 -8.26 -35.41
N LEU A 54 -4.96 -9.10 -35.88
CA LEU A 54 -4.61 -10.19 -36.80
C LEU A 54 -4.71 -9.66 -38.22
N PHE A 55 -3.57 -9.58 -38.91
CA PHE A 55 -3.51 -9.05 -40.26
C PHE A 55 -2.71 -9.99 -41.14
N LEU A 56 -2.74 -9.71 -42.44
CA LEU A 56 -1.96 -10.46 -43.43
C LEU A 56 -0.72 -9.67 -43.80
N PRO A 57 0.48 -10.19 -43.55
CA PRO A 57 1.69 -9.39 -43.76
C PRO A 57 1.88 -8.99 -45.21
N PHE A 58 2.45 -7.81 -45.40
CA PHE A 58 2.73 -7.32 -46.75
C PHE A 58 3.84 -8.12 -47.39
N PHE A 59 3.68 -8.41 -48.69
CA PHE A 59 4.61 -9.22 -49.45
C PHE A 59 4.85 -10.57 -48.76
N SER A 60 3.76 -11.34 -48.67
CA SER A 60 3.78 -12.64 -48.03
C SER A 60 3.41 -13.71 -49.04
N ASN A 61 3.69 -14.97 -48.68
CA ASN A 61 3.34 -16.08 -49.54
C ASN A 61 1.87 -16.43 -49.40
N VAL A 62 1.18 -16.55 -50.53
CA VAL A 62 -0.21 -17.01 -50.57
C VAL A 62 -0.26 -18.24 -51.48
N THR A 63 -1.02 -19.25 -51.08
CA THR A 63 -1.06 -20.52 -51.78
C THR A 63 -2.17 -20.49 -52.83
N TRP A 64 -1.78 -20.62 -54.09
CA TRP A 64 -2.70 -20.57 -55.22
C TRP A 64 -2.98 -21.98 -55.70
N PHE A 65 -4.26 -22.30 -55.88
CA PHE A 65 -4.68 -23.61 -56.37
C PHE A 65 -5.21 -23.48 -57.79
N HIS A 66 -4.75 -24.37 -58.66
CA HIS A 66 -5.18 -24.36 -60.06
C HIS A 66 -6.11 -25.53 -60.35
N PHE A 79 -9.58 -26.81 -58.88
CA PHE A 79 -9.81 -28.22 -59.16
C PHE A 79 -9.56 -29.06 -57.92
N ASP A 80 -8.31 -29.14 -57.50
CA ASP A 80 -7.94 -29.86 -56.28
C ASP A 80 -8.29 -29.00 -55.07
N ASN A 81 -9.17 -29.51 -54.20
CA ASN A 81 -9.63 -28.76 -53.03
C ASN A 81 -9.51 -29.65 -51.78
N PRO A 82 -8.31 -29.86 -51.27
CA PRO A 82 -8.13 -30.62 -50.04
C PRO A 82 -8.63 -29.82 -48.83
N VAL A 83 -8.49 -30.43 -47.66
CA VAL A 83 -8.85 -29.78 -46.41
C VAL A 83 -7.70 -28.91 -45.95
N LEU A 84 -8.00 -27.65 -45.60
CA LEU A 84 -6.98 -26.72 -45.16
C LEU A 84 -7.24 -26.28 -43.72
N PRO A 85 -6.21 -26.31 -42.87
CA PRO A 85 -6.41 -25.88 -41.48
C PRO A 85 -6.72 -24.39 -41.38
N PHE A 86 -7.46 -24.05 -40.34
CA PHE A 86 -7.82 -22.65 -40.06
C PHE A 86 -6.62 -21.88 -39.51
N ASN A 87 -6.11 -22.32 -38.37
CA ASN A 87 -4.92 -21.75 -37.74
C ASN A 87 -5.10 -20.25 -37.47
N ASP A 88 -6.12 -19.94 -36.67
CA ASP A 88 -6.38 -18.60 -36.16
C ASP A 88 -6.55 -17.60 -37.30
N GLY A 89 -7.60 -17.83 -38.09
CA GLY A 89 -7.95 -16.93 -39.16
C GLY A 89 -7.47 -17.41 -40.52
N VAL A 90 -8.24 -17.05 -41.54
CA VAL A 90 -7.97 -17.45 -42.92
C VAL A 90 -8.42 -16.33 -43.84
N TYR A 91 -7.66 -16.10 -44.90
CA TYR A 91 -7.99 -15.12 -45.92
C TYR A 91 -8.39 -15.86 -47.20
N PHE A 92 -9.15 -15.19 -48.05
CA PHE A 92 -9.69 -15.81 -49.27
C PHE A 92 -9.96 -14.72 -50.29
N ALA A 93 -9.24 -14.77 -51.41
CA ALA A 93 -9.47 -13.89 -52.56
C ALA A 93 -9.58 -14.72 -53.82
N SER A 94 -10.57 -14.44 -54.66
CA SER A 94 -10.80 -15.20 -55.86
C SER A 94 -11.36 -14.30 -56.95
N THR A 95 -11.24 -14.78 -58.19
CA THR A 95 -11.85 -14.13 -59.35
C THR A 95 -13.06 -14.98 -59.78
N GLU A 96 -14.25 -14.40 -59.66
CA GLU A 96 -15.49 -15.13 -59.86
C GLU A 96 -16.30 -14.45 -60.97
N LYS A 97 -16.09 -14.89 -62.20
CA LYS A 97 -16.90 -14.40 -63.31
C LYS A 97 -18.33 -14.91 -63.20
N SER A 98 -18.50 -16.18 -62.86
CA SER A 98 -19.82 -16.78 -62.65
C SER A 98 -19.81 -17.55 -61.34
N ASN A 99 -21.00 -17.71 -60.76
CA ASN A 99 -21.13 -18.38 -59.47
C ASN A 99 -20.75 -19.85 -59.63
N ILE A 100 -19.56 -20.20 -59.16
CA ILE A 100 -19.05 -21.57 -59.27
C ILE A 100 -18.68 -22.08 -57.89
N ILE A 101 -17.88 -21.31 -57.16
CA ILE A 101 -17.43 -21.68 -55.82
C ILE A 101 -18.31 -20.94 -54.81
N ARG A 102 -19.14 -21.69 -54.10
CA ARG A 102 -20.07 -21.10 -53.13
C ARG A 102 -20.00 -21.74 -51.76
N GLY A 103 -19.86 -23.06 -51.69
CA GLY A 103 -20.02 -23.75 -50.41
C GLY A 103 -18.79 -23.58 -49.52
N TRP A 104 -18.93 -22.76 -48.48
CA TRP A 104 -17.88 -22.57 -47.48
C TRP A 104 -18.22 -23.42 -46.25
N ILE A 105 -18.13 -24.73 -46.39
CA ILE A 105 -18.46 -25.65 -45.30
C ILE A 105 -17.25 -25.73 -44.36
N PHE A 106 -17.48 -25.42 -43.08
CA PHE A 106 -16.42 -25.36 -42.08
C PHE A 106 -16.68 -26.38 -40.99
N GLY A 107 -15.67 -27.20 -40.68
CA GLY A 107 -15.72 -28.14 -39.58
C GLY A 107 -14.79 -27.73 -38.46
N THR A 108 -14.86 -28.49 -37.37
CA THR A 108 -14.06 -28.19 -36.19
C THR A 108 -13.02 -29.26 -35.88
N THR A 109 -13.43 -30.51 -35.70
CA THR A 109 -12.50 -31.56 -35.30
C THR A 109 -12.66 -32.86 -36.08
N LEU A 110 -13.68 -32.97 -36.93
CA LEU A 110 -13.97 -34.22 -37.65
C LEU A 110 -14.14 -35.39 -36.69
N ASP A 111 -14.88 -35.15 -35.61
CA ASP A 111 -15.13 -36.17 -34.60
C ASP A 111 -16.62 -36.15 -34.27
N SER A 112 -17.01 -36.86 -33.23
CA SER A 112 -18.42 -36.99 -32.84
C SER A 112 -18.81 -36.08 -31.69
N LYS A 113 -18.04 -35.01 -31.46
CA LYS A 113 -18.33 -34.08 -30.37
C LYS A 113 -18.69 -32.68 -30.88
N THR A 114 -17.88 -32.13 -31.78
CA THR A 114 -18.08 -30.78 -32.28
C THR A 114 -19.04 -30.78 -33.48
N GLN A 115 -19.87 -29.75 -33.54
CA GLN A 115 -20.86 -29.60 -34.61
C GLN A 115 -20.25 -28.79 -35.74
N SER A 116 -20.28 -29.35 -36.95
CA SER A 116 -19.72 -28.68 -38.11
C SER A 116 -20.74 -27.73 -38.73
N LEU A 117 -20.42 -26.45 -38.76
CA LEU A 117 -21.29 -25.46 -39.35
C LEU A 117 -21.28 -25.55 -40.88
N LEU A 118 -22.33 -25.04 -41.51
CA LEU A 118 -22.56 -25.21 -42.94
C LEU A 118 -23.06 -23.89 -43.52
N ILE A 119 -22.16 -23.16 -44.17
CA ILE A 119 -22.52 -21.89 -44.83
C ILE A 119 -22.65 -22.20 -46.32
N VAL A 120 -23.87 -22.52 -46.73
CA VAL A 120 -24.18 -22.75 -48.14
C VAL A 120 -24.85 -21.49 -48.69
N ASN A 121 -24.24 -20.90 -49.71
CA ASN A 121 -24.72 -19.65 -50.30
C ASN A 121 -25.11 -19.89 -51.73
N ASN A 122 -26.41 -20.06 -51.98
CA ASN A 122 -26.92 -20.10 -53.34
C ASN A 122 -27.49 -18.73 -53.69
N ALA A 123 -27.54 -18.46 -55.00
CA ALA A 123 -27.71 -17.09 -55.48
C ALA A 123 -29.01 -16.46 -54.97
N THR A 124 -30.04 -17.27 -54.75
CA THR A 124 -31.33 -16.71 -54.34
C THR A 124 -31.25 -16.11 -52.93
N ASN A 125 -30.72 -16.87 -51.98
CA ASN A 125 -30.63 -16.42 -50.59
C ASN A 125 -29.62 -17.27 -49.85
N VAL A 126 -28.65 -16.62 -49.22
CA VAL A 126 -27.64 -17.33 -48.44
C VAL A 126 -28.27 -17.84 -47.16
N VAL A 127 -27.85 -19.03 -46.73
CA VAL A 127 -28.34 -19.65 -45.50
C VAL A 127 -27.14 -20.07 -44.67
N ILE A 128 -27.12 -19.65 -43.41
CA ILE A 128 -26.04 -20.01 -42.49
C ILE A 128 -26.68 -20.89 -41.42
N LYS A 129 -26.55 -22.20 -41.61
CA LYS A 129 -27.09 -23.19 -40.69
C LYS A 129 -25.96 -24.00 -40.08
N VAL A 130 -25.92 -24.06 -38.75
CA VAL A 130 -24.81 -24.66 -38.02
C VAL A 130 -25.36 -25.86 -37.25
N CYS A 131 -25.15 -27.05 -37.82
CA CYS A 131 -25.56 -28.30 -37.19
C CYS A 131 -24.99 -29.51 -37.95
N GLU A 132 -24.66 -30.55 -37.20
CA GLU A 132 -23.94 -31.71 -37.71
C GLU A 132 -24.81 -32.54 -38.64
N PHE A 133 -24.17 -33.21 -39.59
CA PHE A 133 -24.84 -33.99 -40.63
C PHE A 133 -23.96 -35.20 -40.95
N GLN A 134 -24.58 -36.20 -41.57
CA GLN A 134 -23.87 -37.43 -41.96
C GLN A 134 -22.90 -37.13 -43.08
N PHE A 135 -21.60 -37.22 -42.78
CA PHE A 135 -20.59 -37.01 -43.79
C PHE A 135 -20.63 -38.12 -44.84
N CYS A 136 -20.64 -37.71 -46.10
CA CYS A 136 -20.63 -38.69 -47.20
C CYS A 136 -19.29 -39.40 -47.26
N ASN A 137 -19.33 -40.71 -47.49
CA ASN A 137 -18.09 -41.48 -47.62
C ASN A 137 -17.28 -41.07 -48.83
N ASP A 138 -17.92 -40.50 -49.85
CA ASP A 138 -17.26 -39.91 -51.01
C ASP A 138 -17.85 -38.52 -51.19
N PRO A 139 -17.35 -37.53 -50.45
CA PRO A 139 -18.04 -36.23 -50.39
C PRO A 139 -17.97 -35.48 -51.71
N PHE A 140 -18.95 -34.61 -51.90
CA PHE A 140 -19.05 -33.81 -53.11
C PHE A 140 -19.93 -32.60 -52.81
N LEU A 141 -19.92 -31.64 -53.74
CA LEU A 141 -20.70 -30.41 -53.61
C LEU A 141 -20.45 -29.70 -52.29
N MET A 153 -32.06 -28.50 -63.27
CA MET A 153 -31.38 -29.26 -62.23
C MET A 153 -30.01 -28.69 -61.94
N GLU A 154 -29.93 -27.86 -60.91
CA GLU A 154 -28.66 -27.25 -60.49
C GLU A 154 -28.25 -27.65 -59.09
N SER A 155 -29.13 -27.53 -58.11
CA SER A 155 -28.85 -27.87 -56.73
C SER A 155 -29.48 -29.21 -56.38
N GLU A 156 -28.66 -30.17 -55.98
CA GLU A 156 -29.13 -31.49 -55.57
C GLU A 156 -29.12 -31.57 -54.05
N PHE A 157 -30.25 -31.99 -53.48
CA PHE A 157 -30.46 -31.96 -52.04
C PHE A 157 -30.32 -33.33 -51.39
N ARG A 158 -29.46 -34.18 -51.94
CA ARG A 158 -29.24 -35.51 -51.40
C ARG A 158 -28.15 -35.55 -50.33
N VAL A 159 -27.60 -34.39 -49.96
CA VAL A 159 -26.49 -34.36 -49.00
C VAL A 159 -26.92 -34.93 -47.66
N TYR A 160 -28.08 -34.52 -47.17
CA TYR A 160 -28.56 -35.01 -45.88
C TYR A 160 -30.07 -34.85 -45.82
N SER A 161 -30.68 -35.59 -44.89
CA SER A 161 -32.10 -35.47 -44.61
C SER A 161 -32.41 -35.35 -43.12
N SER A 162 -31.43 -35.57 -42.24
CA SER A 162 -31.64 -35.49 -40.80
C SER A 162 -31.31 -34.08 -40.30
N ALA A 163 -32.17 -33.15 -40.68
CA ALA A 163 -32.06 -31.77 -40.21
C ALA A 163 -32.67 -31.57 -38.82
N ASN A 164 -33.12 -32.64 -38.18
CA ASN A 164 -33.75 -32.52 -36.87
C ASN A 164 -32.72 -32.28 -35.77
N ASN A 165 -33.20 -31.84 -34.61
CA ASN A 165 -32.40 -31.69 -33.40
C ASN A 165 -31.30 -30.63 -33.57
N CYS A 166 -31.41 -29.83 -34.62
CA CYS A 166 -30.45 -28.77 -34.86
C CYS A 166 -31.21 -27.44 -34.97
N THR A 167 -31.42 -26.84 -33.81
CA THR A 167 -32.23 -25.64 -33.61
C THR A 167 -31.38 -24.40 -33.83
N PHE A 168 -32.03 -23.24 -33.81
CA PHE A 168 -31.39 -21.94 -34.00
C PHE A 168 -30.70 -21.87 -35.36
N GLU A 169 -31.50 -22.14 -36.40
CA GLU A 169 -31.07 -21.98 -37.79
C GLU A 169 -31.04 -20.50 -38.17
N TYR A 170 -30.21 -19.75 -37.45
CA TYR A 170 -30.22 -18.30 -37.48
C TYR A 170 -29.60 -17.83 -38.80
N VAL A 171 -30.44 -17.78 -39.83
CA VAL A 171 -30.03 -17.32 -41.15
C VAL A 171 -29.96 -15.80 -41.08
N SER A 172 -28.75 -15.27 -40.85
CA SER A 172 -28.56 -13.82 -40.70
C SER A 172 -28.26 -13.22 -42.07
N GLN A 173 -29.31 -13.11 -42.88
CA GLN A 173 -29.16 -12.46 -44.18
C GLN A 173 -28.95 -10.97 -43.98
N PRO A 174 -27.84 -10.40 -44.48
CA PRO A 174 -27.53 -8.99 -44.30
C PRO A 174 -28.44 -8.08 -45.13
N PHE A 186 -15.67 -10.46 -63.61
CA PHE A 186 -14.35 -9.92 -63.29
C PHE A 186 -14.42 -8.96 -62.12
N LYS A 187 -15.61 -8.39 -61.89
CA LYS A 187 -15.78 -7.45 -60.78
C LYS A 187 -15.64 -8.15 -59.43
N ASN A 188 -15.96 -9.44 -59.36
CA ASN A 188 -16.00 -10.15 -58.09
C ASN A 188 -14.61 -10.63 -57.66
N LEU A 189 -13.76 -9.68 -57.30
CA LEU A 189 -12.55 -10.00 -56.55
C LEU A 189 -12.97 -10.32 -55.13
N ARG A 190 -13.43 -11.55 -54.92
CA ARG A 190 -14.11 -11.95 -53.69
C ARG A 190 -13.11 -12.08 -52.55
N GLU A 191 -12.68 -10.93 -52.03
CA GLU A 191 -11.68 -10.87 -50.98
C GLU A 191 -12.35 -11.02 -49.61
N PHE A 192 -12.77 -12.24 -49.31
CA PHE A 192 -13.34 -12.55 -48.01
C PHE A 192 -12.24 -12.86 -47.00
N VAL A 193 -12.26 -12.16 -45.87
CA VAL A 193 -11.47 -12.54 -44.70
C VAL A 193 -12.38 -13.32 -43.75
N PHE A 194 -12.08 -14.59 -43.53
CA PHE A 194 -12.85 -15.42 -42.62
C PHE A 194 -12.20 -15.47 -41.23
N LYS A 195 -12.22 -14.34 -40.55
CA LYS A 195 -11.84 -14.30 -39.15
C LYS A 195 -12.94 -14.91 -38.30
N ASN A 196 -12.62 -15.99 -37.58
CA ASN A 196 -13.56 -16.63 -36.66
C ASN A 196 -12.82 -16.82 -35.33
N ILE A 197 -12.85 -15.80 -34.49
CA ILE A 197 -12.15 -15.83 -33.20
C ILE A 197 -13.09 -15.30 -32.13
N ASP A 198 -12.92 -15.79 -30.91
CA ASP A 198 -13.64 -15.31 -29.73
C ASP A 198 -15.15 -15.50 -29.87
N GLY A 199 -15.58 -16.53 -30.59
CA GLY A 199 -16.98 -16.88 -30.67
C GLY A 199 -17.79 -16.06 -31.64
N TYR A 200 -17.20 -15.12 -32.36
CA TYR A 200 -17.91 -14.27 -33.30
C TYR A 200 -17.37 -14.53 -34.71
N PHE A 201 -18.27 -14.84 -35.63
CA PHE A 201 -17.92 -15.06 -37.03
C PHE A 201 -18.09 -13.75 -37.79
N LYS A 202 -16.97 -13.14 -38.17
CA LYS A 202 -16.96 -11.86 -38.86
C LYS A 202 -16.54 -12.08 -40.31
N ILE A 203 -17.33 -11.55 -41.24
CA ILE A 203 -17.09 -11.72 -42.67
C ILE A 203 -16.89 -10.34 -43.27
N TYR A 204 -15.76 -10.17 -43.96
CA TYR A 204 -15.41 -8.92 -44.64
C TYR A 204 -15.36 -9.17 -46.14
N SER A 205 -15.80 -8.19 -46.92
CA SER A 205 -15.87 -8.35 -48.36
C SER A 205 -15.70 -7.02 -49.07
N LYS A 206 -15.31 -7.07 -50.34
CA LYS A 206 -15.19 -5.91 -51.21
C LYS A 206 -15.26 -6.37 -52.65
N HIS A 207 -16.03 -5.65 -53.46
CA HIS A 207 -16.17 -5.93 -54.89
C HIS A 207 -15.54 -4.78 -55.65
N THR A 208 -14.41 -5.05 -56.32
CA THR A 208 -13.69 -4.03 -57.04
C THR A 208 -13.39 -4.50 -58.47
N PRO A 209 -13.41 -3.58 -59.44
CA PRO A 209 -13.06 -3.95 -60.82
C PRO A 209 -11.59 -3.73 -61.12
N ILE A 210 -11.13 -4.43 -62.15
CA ILE A 210 -9.74 -4.33 -62.62
C ILE A 210 -9.76 -4.20 -64.14
N ASN A 211 -8.64 -3.71 -64.68
CA ASN A 211 -8.49 -3.57 -66.11
C ASN A 211 -8.39 -4.93 -66.81
N LEU A 212 -7.63 -5.87 -66.24
CA LEU A 212 -7.40 -7.16 -66.84
C LEU A 212 -7.35 -8.22 -65.75
N VAL A 213 -7.96 -9.38 -66.01
CA VAL A 213 -7.90 -10.51 -65.08
C VAL A 213 -6.63 -11.28 -65.42
N ARG A 214 -5.51 -10.79 -64.90
CA ARG A 214 -4.19 -11.34 -65.20
C ARG A 214 -3.44 -11.76 -63.95
N ASP A 215 -3.50 -10.96 -62.90
CA ASP A 215 -2.78 -11.24 -61.65
C ASP A 215 -3.42 -10.41 -60.54
N LEU A 216 -2.85 -10.50 -59.34
CA LEU A 216 -3.39 -9.75 -58.21
C LEU A 216 -3.07 -8.27 -58.37
N PRO A 217 -4.06 -7.39 -58.25
CA PRO A 217 -3.84 -5.97 -58.54
C PRO A 217 -2.98 -5.30 -57.48
N GLN A 218 -2.55 -4.08 -57.80
CA GLN A 218 -1.83 -3.22 -56.88
C GLN A 218 -2.82 -2.25 -56.22
N GLY A 219 -2.28 -1.26 -55.51
CA GLY A 219 -3.12 -0.29 -54.85
C GLY A 219 -3.58 -0.75 -53.47
N PHE A 220 -4.59 -0.05 -52.97
CA PHE A 220 -5.15 -0.33 -51.65
C PHE A 220 -6.66 -0.47 -51.75
N SER A 221 -7.22 -1.33 -50.91
CA SER A 221 -8.66 -1.54 -50.86
C SER A 221 -9.04 -1.94 -49.45
N ALA A 222 -9.78 -1.07 -48.77
CA ALA A 222 -10.26 -1.36 -47.43
C ALA A 222 -11.36 -2.42 -47.46
N LEU A 223 -11.42 -3.21 -46.39
CA LEU A 223 -12.35 -4.34 -46.30
C LEU A 223 -13.37 -4.04 -45.19
N GLU A 224 -14.49 -3.44 -45.58
CA GLU A 224 -15.53 -3.12 -44.60
C GLU A 224 -16.25 -4.40 -44.16
N PRO A 225 -16.62 -4.49 -42.88
CA PRO A 225 -17.35 -5.68 -42.42
C PRO A 225 -18.75 -5.75 -43.02
N LEU A 226 -19.21 -6.98 -43.24
CA LEU A 226 -20.50 -7.21 -43.87
C LEU A 226 -21.44 -8.06 -43.03
N VAL A 227 -20.94 -9.12 -42.39
CA VAL A 227 -21.77 -10.05 -41.64
C VAL A 227 -21.10 -10.36 -40.32
N ASP A 228 -21.88 -10.34 -39.24
CA ASP A 228 -21.46 -10.81 -37.93
C ASP A 228 -22.42 -11.89 -37.46
N LEU A 229 -21.88 -12.97 -36.91
CA LEU A 229 -22.69 -14.12 -36.53
C LEU A 229 -22.31 -14.56 -35.11
N PRO A 230 -23.28 -14.71 -34.20
CA PRO A 230 -23.00 -15.24 -32.86
C PRO A 230 -23.10 -16.75 -32.82
N ILE A 231 -22.23 -17.42 -33.57
CA ILE A 231 -22.31 -18.88 -33.70
C ILE A 231 -22.04 -19.57 -32.38
N GLY A 232 -21.02 -19.11 -31.66
CA GLY A 232 -20.64 -19.71 -30.40
C GLY A 232 -19.73 -20.91 -30.50
N ILE A 233 -19.32 -21.29 -31.70
CA ILE A 233 -18.39 -22.40 -31.89
C ILE A 233 -17.12 -21.86 -32.54
N ASN A 234 -16.15 -22.75 -32.73
CA ASN A 234 -14.89 -22.40 -33.37
C ASN A 234 -14.62 -23.35 -34.54
N ILE A 235 -13.74 -22.91 -35.44
CA ILE A 235 -13.36 -23.69 -36.61
C ILE A 235 -11.86 -23.87 -36.60
N THR A 236 -11.41 -25.12 -36.73
CA THR A 236 -9.98 -25.43 -36.78
C THR A 236 -9.52 -25.90 -38.14
N ARG A 237 -10.36 -26.64 -38.87
CA ARG A 237 -10.05 -27.06 -40.23
C ARG A 237 -11.27 -26.80 -41.11
N PHE A 238 -11.06 -26.06 -42.20
CA PHE A 238 -12.13 -25.77 -43.13
C PHE A 238 -11.76 -26.26 -44.52
N GLN A 239 -12.75 -26.78 -45.23
CA GLN A 239 -12.56 -27.22 -46.60
C GLN A 239 -13.70 -26.68 -47.44
N THR A 240 -13.37 -26.02 -48.54
CA THR A 240 -14.36 -25.47 -49.44
C THR A 240 -14.59 -26.43 -50.60
N LEU A 241 -15.85 -26.69 -50.93
CA LEU A 241 -16.22 -27.63 -51.97
C LEU A 241 -16.84 -26.87 -53.13
N LEU A 242 -16.43 -27.23 -54.35
CA LEU A 242 -16.92 -26.58 -55.55
C LEU A 242 -18.34 -27.07 -55.87
N ALA A 243 -18.88 -26.63 -57.00
CA ALA A 243 -20.21 -27.04 -57.41
C ALA A 243 -20.16 -28.26 -58.32
N GLY A 261 -11.44 -24.06 -67.89
CA GLY A 261 -12.32 -24.10 -66.74
C GLY A 261 -11.58 -24.24 -65.42
N ALA A 262 -10.71 -23.28 -65.13
CA ALA A 262 -9.92 -23.27 -63.91
C ALA A 262 -10.44 -22.19 -62.97
N ALA A 263 -10.72 -22.57 -61.73
CA ALA A 263 -11.20 -21.63 -60.73
C ALA A 263 -10.01 -21.16 -59.89
N ALA A 264 -9.64 -19.90 -60.06
CA ALA A 264 -8.47 -19.34 -59.37
C ALA A 264 -8.92 -18.72 -58.05
N TYR A 265 -8.57 -19.36 -56.94
CA TYR A 265 -8.80 -18.82 -55.61
C TYR A 265 -7.54 -18.95 -54.77
N TYR A 266 -7.30 -17.97 -53.91
CA TYR A 266 -6.10 -17.90 -53.10
C TYR A 266 -6.45 -18.05 -51.64
N VAL A 267 -5.52 -18.59 -50.84
CA VAL A 267 -5.74 -18.81 -49.42
C VAL A 267 -4.54 -18.26 -48.66
N GLY A 268 -4.80 -17.33 -47.74
CA GLY A 268 -3.77 -16.75 -46.91
C GLY A 268 -4.05 -17.00 -45.44
N TYR A 269 -3.03 -16.75 -44.61
CA TYR A 269 -3.11 -17.01 -43.18
C TYR A 269 -2.85 -15.72 -42.40
N LEU A 270 -3.55 -15.58 -41.28
CA LEU A 270 -3.47 -14.40 -40.44
C LEU A 270 -2.66 -14.70 -39.18
N GLN A 271 -1.76 -13.79 -38.83
CA GLN A 271 -0.97 -13.90 -37.61
C GLN A 271 -0.89 -12.52 -36.96
N PRO A 272 -0.69 -12.47 -35.64
CA PRO A 272 -0.69 -11.18 -34.95
C PRO A 272 0.44 -10.28 -35.43
N ARG A 273 0.08 -9.07 -35.85
CA ARG A 273 1.03 -8.08 -36.32
C ARG A 273 0.57 -6.69 -35.92
N THR A 274 1.51 -5.76 -35.87
CA THR A 274 1.24 -4.36 -35.59
C THR A 274 1.18 -3.59 -36.91
N PHE A 275 0.13 -2.79 -37.08
CA PHE A 275 -0.04 -1.99 -38.28
C PHE A 275 -0.26 -0.53 -37.89
N LEU A 276 0.03 0.35 -38.84
CA LEU A 276 -0.19 1.79 -38.67
C LEU A 276 -1.04 2.24 -39.84
N LEU A 277 -2.31 2.56 -39.57
CA LEU A 277 -3.27 2.90 -40.61
C LEU A 277 -3.46 4.40 -40.71
N LYS A 278 -3.84 4.86 -41.89
CA LYS A 278 -4.07 6.28 -42.15
C LYS A 278 -5.50 6.47 -42.64
N TYR A 279 -6.22 7.38 -42.00
CA TYR A 279 -7.59 7.71 -42.38
C TYR A 279 -7.65 9.07 -43.05
N ASN A 280 -8.38 9.15 -44.16
CA ASN A 280 -8.57 10.42 -44.85
C ASN A 280 -9.70 11.18 -44.16
N GLU A 281 -10.06 12.35 -44.70
CA GLU A 281 -11.10 13.17 -44.06
C GLU A 281 -12.46 12.51 -44.14
N ASN A 282 -12.68 11.65 -45.13
CA ASN A 282 -13.98 10.98 -45.27
C ASN A 282 -14.18 9.93 -44.19
N GLY A 283 -13.10 9.26 -43.78
CA GLY A 283 -13.17 8.17 -42.83
C GLY A 283 -12.75 6.82 -43.39
N THR A 284 -12.28 6.75 -44.63
CA THR A 284 -11.85 5.50 -45.24
C THR A 284 -10.34 5.35 -45.14
N ILE A 285 -9.89 4.13 -44.85
CA ILE A 285 -8.46 3.86 -44.76
C ILE A 285 -7.84 4.02 -46.15
N THR A 286 -6.86 4.91 -46.27
CA THR A 286 -6.20 5.19 -47.54
C THR A 286 -4.88 4.43 -47.69
N ASP A 287 -4.06 4.38 -46.65
CA ASP A 287 -2.77 3.73 -46.72
C ASP A 287 -2.41 3.15 -45.36
N ALA A 288 -1.46 2.21 -45.37
CA ALA A 288 -0.96 1.61 -44.15
C ALA A 288 0.43 1.07 -44.41
N VAL A 289 1.19 0.89 -43.32
CA VAL A 289 2.53 0.31 -43.39
C VAL A 289 2.66 -0.74 -42.30
N ASP A 290 3.31 -1.86 -42.64
CA ASP A 290 3.59 -2.90 -41.66
C ASP A 290 4.67 -2.40 -40.71
N CYS A 291 4.70 -3.00 -39.52
CA CYS A 291 5.59 -2.53 -38.46
C CYS A 291 6.79 -3.44 -38.23
N ALA A 292 6.92 -4.53 -38.99
CA ALA A 292 8.06 -5.42 -38.82
C ALA A 292 8.59 -5.93 -40.16
N LEU A 293 8.47 -5.12 -41.21
CA LEU A 293 8.92 -5.53 -42.54
C LEU A 293 10.37 -5.12 -42.80
N ASP A 294 10.64 -3.83 -42.74
CA ASP A 294 11.96 -3.25 -42.98
C ASP A 294 12.28 -2.26 -41.88
N PRO A 295 13.56 -1.92 -41.71
CA PRO A 295 13.89 -0.86 -40.74
C PRO A 295 13.23 0.47 -41.05
N LEU A 296 13.02 0.80 -42.33
CA LEU A 296 12.33 2.03 -42.67
C LEU A 296 10.89 2.02 -42.14
N SER A 297 10.21 0.88 -42.26
CA SER A 297 8.88 0.75 -41.70
C SER A 297 8.91 0.88 -40.18
N GLU A 298 9.97 0.39 -39.55
CA GLU A 298 10.11 0.55 -38.10
C GLU A 298 10.26 2.01 -37.72
N THR A 299 11.05 2.77 -38.48
CA THR A 299 11.17 4.20 -38.21
C THR A 299 9.84 4.92 -38.42
N LYS A 300 9.10 4.54 -39.47
CA LYS A 300 7.79 5.14 -39.70
C LYS A 300 6.83 4.84 -38.55
N CYS A 301 6.90 3.62 -38.02
CA CYS A 301 6.11 3.27 -36.84
C CYS A 301 6.49 4.12 -35.65
N THR A 302 7.80 4.25 -35.39
CA THR A 302 8.26 4.99 -34.21
C THR A 302 7.89 6.46 -34.28
N LEU A 303 8.04 7.08 -35.45
CA LEU A 303 7.72 8.49 -35.61
C LEU A 303 6.22 8.73 -35.74
N LYS A 304 5.43 7.68 -35.93
CA LYS A 304 3.97 7.80 -36.09
C LYS A 304 3.61 8.76 -37.22
N SER A 305 4.32 8.63 -38.34
CA SER A 305 4.07 9.45 -39.51
C SER A 305 4.55 8.71 -40.75
N PHE A 306 4.00 9.10 -41.90
CA PHE A 306 4.35 8.49 -43.17
C PHE A 306 5.54 9.16 -43.85
N THR A 307 6.09 10.22 -43.28
CA THR A 307 7.24 10.91 -43.83
C THR A 307 8.34 10.97 -42.79
N VAL A 308 9.58 10.74 -43.23
CA VAL A 308 10.73 10.69 -42.35
C VAL A 308 11.75 11.70 -42.85
N GLU A 309 12.15 12.62 -41.99
CA GLU A 309 13.18 13.59 -42.34
C GLU A 309 14.57 12.97 -42.22
N LYS A 310 15.54 13.60 -42.86
CA LYS A 310 16.90 13.09 -42.86
C LYS A 310 17.49 13.14 -41.46
N GLY A 311 18.06 12.03 -41.02
CA GLY A 311 18.64 11.95 -39.69
C GLY A 311 18.83 10.50 -39.27
N ILE A 312 19.17 10.34 -38.00
CA ILE A 312 19.38 9.03 -37.39
C ILE A 312 18.43 8.90 -36.21
N TYR A 313 17.63 7.83 -36.21
CA TYR A 313 16.63 7.58 -35.18
C TYR A 313 16.86 6.21 -34.57
N GLN A 314 16.73 6.13 -33.24
CA GLN A 314 16.82 4.88 -32.53
C GLN A 314 15.45 4.23 -32.50
N THR A 315 15.36 3.00 -33.03
CA THR A 315 14.08 2.32 -33.19
C THR A 315 13.82 1.29 -32.09
N SER A 316 14.72 0.33 -31.92
CA SER A 316 14.50 -0.77 -30.99
C SER A 316 15.84 -1.22 -30.42
N ASN A 317 15.77 -2.12 -29.44
CA ASN A 317 16.94 -2.70 -28.82
C ASN A 317 17.13 -4.13 -29.31
N PHE A 318 18.23 -4.75 -28.90
CA PHE A 318 18.50 -6.12 -29.28
C PHE A 318 19.47 -6.73 -28.27
N ARG A 319 19.48 -8.06 -28.21
CA ARG A 319 20.34 -8.77 -27.28
C ARG A 319 20.53 -10.20 -27.76
N VAL A 320 21.54 -10.87 -27.21
CA VAL A 320 21.86 -12.25 -27.53
C VAL A 320 21.28 -13.15 -26.46
N GLN A 321 20.77 -14.33 -26.87
CA GLN A 321 20.08 -15.21 -25.95
C GLN A 321 20.93 -16.42 -25.57
N PRO A 322 20.78 -16.94 -24.36
CA PRO A 322 21.56 -18.11 -23.95
C PRO A 322 21.15 -19.36 -24.71
N THR A 323 22.05 -20.34 -24.73
CA THR A 323 21.86 -21.54 -25.54
C THR A 323 21.78 -22.82 -24.73
N GLU A 324 22.76 -23.11 -23.87
CA GLU A 324 22.89 -24.46 -23.31
C GLU A 324 22.41 -24.60 -21.87
N SER A 325 22.59 -23.56 -21.03
CA SER A 325 22.22 -23.61 -19.61
C SER A 325 22.97 -24.73 -18.89
N ILE A 326 24.29 -24.56 -18.83
CA ILE A 326 25.16 -25.54 -18.19
C ILE A 326 25.00 -25.48 -16.68
N VAL A 327 25.41 -26.57 -16.02
CA VAL A 327 25.42 -26.67 -14.57
C VAL A 327 26.70 -27.37 -14.14
N ARG A 328 27.41 -26.79 -13.17
CA ARG A 328 28.65 -27.34 -12.67
C ARG A 328 28.51 -27.62 -11.17
N PHE A 329 29.00 -28.78 -10.75
CA PHE A 329 28.92 -29.22 -9.38
C PHE A 329 30.19 -29.99 -9.02
N PRO A 330 30.55 -30.04 -7.74
CA PRO A 330 31.80 -30.73 -7.36
C PRO A 330 31.75 -32.23 -7.56
N ASN A 331 32.88 -32.90 -7.32
CA ASN A 331 32.97 -34.34 -7.55
C ASN A 331 32.08 -35.12 -6.59
N ILE A 332 31.99 -34.64 -5.33
CA ILE A 332 31.38 -35.37 -4.22
C ILE A 332 32.22 -36.60 -3.96
N THR A 333 32.99 -36.56 -2.87
CA THR A 333 33.89 -37.66 -2.51
C THR A 333 33.51 -38.37 -1.22
N ASN A 334 33.03 -37.66 -0.20
CA ASN A 334 32.68 -38.27 1.09
C ASN A 334 31.37 -39.03 0.91
N LEU A 335 31.48 -40.25 0.40
CA LEU A 335 30.34 -41.16 0.28
C LEU A 335 30.60 -42.37 1.16
N CYS A 336 29.58 -42.75 1.94
CA CYS A 336 29.74 -43.87 2.84
C CYS A 336 29.68 -45.19 2.06
N PRO A 337 30.51 -46.17 2.45
CA PRO A 337 30.55 -47.48 1.75
C PRO A 337 29.42 -48.41 2.18
N PHE A 338 28.25 -48.24 1.54
CA PHE A 338 27.10 -49.09 1.83
C PHE A 338 27.35 -50.55 1.47
N GLY A 339 28.21 -50.81 0.49
CA GLY A 339 28.43 -52.18 0.06
C GLY A 339 29.02 -53.06 1.15
N GLU A 340 30.01 -52.54 1.87
CA GLU A 340 30.62 -53.31 2.95
C GLU A 340 29.62 -53.58 4.07
N VAL A 341 28.77 -52.61 4.39
CA VAL A 341 27.77 -52.81 5.43
C VAL A 341 26.75 -53.87 5.00
N PHE A 342 26.29 -53.79 3.75
CA PHE A 342 25.30 -54.75 3.27
C PHE A 342 25.86 -56.14 3.02
N ASN A 343 27.18 -56.28 2.91
CA ASN A 343 27.80 -57.56 2.62
C ASN A 343 28.62 -58.05 3.81
N ALA A 344 28.10 -57.86 5.02
CA ALA A 344 28.77 -58.31 6.23
C ALA A 344 28.60 -59.83 6.35
N THR A 345 29.45 -60.46 7.18
CA THR A 345 29.42 -61.90 7.38
C THR A 345 28.41 -62.33 8.44
N ARG A 346 28.12 -61.46 9.41
CA ARG A 346 27.24 -61.80 10.52
C ARG A 346 26.03 -60.87 10.52
N PHE A 347 24.84 -61.45 10.57
CA PHE A 347 23.59 -60.70 10.59
C PHE A 347 23.08 -60.56 12.03
N ALA A 348 22.49 -59.41 12.30
CA ALA A 348 21.97 -59.12 13.64
C ALA A 348 20.76 -59.99 13.96
N SER A 349 20.53 -60.18 15.26
CA SER A 349 19.42 -60.99 15.72
C SER A 349 18.13 -60.18 15.74
N VAL A 350 17.05 -60.84 16.17
CA VAL A 350 15.75 -60.18 16.21
C VAL A 350 15.56 -59.45 17.53
N TYR A 351 15.92 -60.07 18.65
CA TYR A 351 15.76 -59.43 19.95
C TYR A 351 16.67 -58.22 20.09
N ALA A 352 17.89 -58.31 19.53
CA ALA A 352 18.85 -57.22 19.59
C ALA A 352 18.98 -56.63 18.18
N TRP A 353 18.10 -55.69 17.86
CA TRP A 353 18.16 -55.02 16.57
C TRP A 353 19.29 -54.00 16.56
N ASN A 354 20.13 -54.07 15.53
CA ASN A 354 21.28 -53.17 15.42
C ASN A 354 20.86 -51.89 14.69
N ARG A 355 20.98 -50.76 15.40
CA ARG A 355 20.62 -49.46 14.85
C ARG A 355 21.90 -48.69 14.52
N LYS A 356 21.96 -48.13 13.32
CA LYS A 356 23.13 -47.40 12.85
C LYS A 356 22.71 -46.01 12.39
N ARG A 357 23.60 -45.04 12.59
CA ARG A 357 23.38 -43.66 12.19
C ARG A 357 24.43 -43.29 11.14
N ILE A 358 24.00 -42.56 10.10
CA ILE A 358 24.83 -42.28 8.94
C ILE A 358 25.06 -40.78 8.86
N SER A 359 26.33 -40.39 8.76
CA SER A 359 26.70 -38.98 8.62
C SER A 359 27.78 -38.86 7.56
N ASN A 360 27.75 -37.73 6.84
CA ASN A 360 28.71 -37.44 5.76
C ASN A 360 28.71 -38.55 4.71
N CYS A 361 27.53 -38.80 4.13
CA CYS A 361 27.37 -39.82 3.11
C CYS A 361 26.21 -39.43 2.21
N VAL A 362 26.11 -40.10 1.06
CA VAL A 362 25.10 -39.79 0.07
C VAL A 362 24.29 -41.05 -0.21
N ALA A 363 23.04 -40.84 -0.63
CA ALA A 363 22.09 -41.92 -0.89
C ALA A 363 22.24 -42.35 -2.35
N ASP A 364 23.12 -43.31 -2.59
CA ASP A 364 23.31 -43.87 -3.93
C ASP A 364 22.17 -44.86 -4.20
N TYR A 365 21.01 -44.29 -4.57
CA TYR A 365 19.83 -45.11 -4.79
C TYR A 365 19.98 -46.03 -5.99
N SER A 366 20.81 -45.65 -6.96
CA SER A 366 20.93 -46.42 -8.19
C SER A 366 21.53 -47.80 -7.93
N VAL A 367 22.43 -47.90 -6.95
CA VAL A 367 23.05 -49.18 -6.64
C VAL A 367 22.00 -50.18 -6.16
N LEU A 368 21.10 -49.73 -5.29
CA LEU A 368 19.99 -50.56 -4.82
C LEU A 368 18.83 -50.59 -5.81
N TYR A 369 18.97 -49.93 -6.95
CA TYR A 369 17.93 -49.88 -7.96
C TYR A 369 18.31 -50.57 -9.27
N ASN A 370 19.59 -50.86 -9.49
CA ASN A 370 20.00 -51.48 -10.75
C ASN A 370 19.66 -52.96 -10.81
N SER A 371 19.64 -53.64 -9.66
CA SER A 371 19.34 -55.07 -9.65
C SER A 371 17.90 -55.34 -10.07
N ALA A 372 17.03 -54.33 -9.92
CA ALA A 372 15.62 -54.42 -10.29
C ALA A 372 14.88 -55.52 -9.52
N SER A 373 15.41 -55.90 -8.36
CA SER A 373 14.80 -56.92 -7.52
C SER A 373 13.82 -56.34 -6.51
N PHE A 374 13.26 -55.16 -6.77
CA PHE A 374 12.33 -54.51 -5.85
C PHE A 374 10.96 -55.20 -5.91
N SER A 375 10.97 -56.48 -5.48
CA SER A 375 9.73 -57.25 -5.45
C SER A 375 8.74 -56.66 -4.46
N THR A 376 9.22 -56.24 -3.29
CA THR A 376 8.36 -55.60 -2.30
C THR A 376 8.21 -54.14 -2.64
N PHE A 377 7.15 -53.80 -3.37
CA PHE A 377 6.87 -52.43 -3.81
C PHE A 377 5.63 -51.89 -3.12
N LYS A 378 5.47 -52.22 -1.82
CA LYS A 378 4.33 -51.74 -1.03
C LYS A 378 4.66 -50.37 -0.46
N CYS A 379 4.98 -49.45 -1.37
CA CYS A 379 5.32 -48.06 -1.03
C CYS A 379 4.02 -47.25 -1.04
N TYR A 380 3.22 -47.42 0.00
CA TYR A 380 1.94 -46.71 0.13
C TYR A 380 2.16 -45.38 0.84
N GLY A 381 1.82 -44.29 0.14
CA GLY A 381 1.98 -42.96 0.68
C GLY A 381 3.19 -42.20 0.16
N VAL A 382 3.98 -42.80 -0.71
CA VAL A 382 5.16 -42.16 -1.29
C VAL A 382 5.20 -42.46 -2.78
N SER A 383 6.08 -41.76 -3.48
CA SER A 383 6.25 -41.94 -4.92
C SER A 383 7.73 -42.16 -5.24
N PRO A 384 8.01 -43.06 -6.19
CA PRO A 384 9.42 -43.31 -6.56
C PRO A 384 10.02 -42.25 -7.47
N THR A 385 9.26 -41.23 -7.85
CA THR A 385 9.78 -40.18 -8.72
C THR A 385 10.18 -38.91 -7.96
N LYS A 386 9.62 -38.70 -6.77
CA LYS A 386 9.97 -37.56 -5.93
C LYS A 386 11.05 -37.95 -4.92
N LEU A 387 12.18 -38.45 -5.43
CA LEU A 387 13.27 -38.91 -4.58
C LEU A 387 14.45 -37.95 -4.52
N ASN A 388 14.35 -36.78 -5.16
CA ASN A 388 15.50 -35.88 -5.20
C ASN A 388 15.17 -34.52 -4.59
N ASP A 389 13.89 -34.14 -4.60
CA ASP A 389 13.51 -32.87 -3.98
C ASP A 389 13.64 -32.94 -2.46
N LEU A 390 12.96 -33.90 -1.83
CA LEU A 390 13.06 -34.09 -0.39
C LEU A 390 14.39 -34.75 -0.07
N CYS A 391 15.17 -34.13 0.81
CA CYS A 391 16.43 -34.69 1.28
C CYS A 391 16.22 -35.24 2.67
N PHE A 392 16.29 -36.57 2.80
CA PHE A 392 16.03 -37.25 4.06
C PHE A 392 17.29 -37.21 4.92
N THR A 393 17.26 -36.39 5.98
CA THR A 393 18.46 -36.18 6.80
C THR A 393 18.75 -37.40 7.67
N ASN A 394 17.77 -37.83 8.46
CA ASN A 394 17.96 -38.92 9.42
C ASN A 394 17.46 -40.21 8.78
N VAL A 395 18.40 -41.06 8.39
CA VAL A 395 18.09 -42.37 7.81
C VAL A 395 18.54 -43.42 8.82
N TYR A 396 17.58 -44.18 9.33
CA TYR A 396 17.85 -45.23 10.31
C TYR A 396 17.60 -46.58 9.66
N ALA A 397 18.51 -47.53 9.87
CA ALA A 397 18.41 -48.86 9.30
C ALA A 397 17.96 -49.84 10.38
N ASP A 398 17.02 -50.71 10.03
CA ASP A 398 16.51 -51.73 10.94
C ASP A 398 16.46 -53.06 10.21
N SER A 399 16.55 -54.15 10.95
CA SER A 399 16.58 -55.49 10.39
C SER A 399 15.79 -56.45 11.27
N PHE A 400 14.84 -57.17 10.67
CA PHE A 400 14.09 -58.21 11.36
C PHE A 400 13.55 -59.17 10.31
N VAL A 401 12.62 -60.03 10.72
CA VAL A 401 12.06 -61.06 9.85
C VAL A 401 10.56 -60.82 9.72
N ILE A 402 10.08 -60.70 8.49
CA ILE A 402 8.67 -60.55 8.19
C ILE A 402 8.32 -61.52 7.07
N ARG A 403 7.22 -62.24 7.23
CA ARG A 403 6.78 -63.18 6.20
C ARG A 403 6.32 -62.44 4.96
N GLY A 404 6.46 -63.12 3.81
CA GLY A 404 6.16 -62.47 2.54
C GLY A 404 4.69 -62.13 2.38
N ASP A 405 3.82 -63.03 2.79
CA ASP A 405 2.39 -62.83 2.61
C ASP A 405 1.75 -61.96 3.70
N GLU A 406 2.49 -61.64 4.76
CA GLU A 406 1.97 -60.84 5.86
C GLU A 406 2.64 -59.48 5.97
N VAL A 407 3.05 -58.89 4.85
CA VAL A 407 3.66 -57.57 4.87
C VAL A 407 2.63 -56.46 5.05
N ARG A 408 1.34 -56.81 5.12
CA ARG A 408 0.27 -55.84 5.26
C ARG A 408 -0.05 -55.50 6.71
N GLN A 409 0.80 -55.92 7.66
CA GLN A 409 0.56 -55.65 9.07
C GLN A 409 1.39 -54.51 9.63
N ILE A 410 2.58 -54.27 9.08
CA ILE A 410 3.44 -53.17 9.52
C ILE A 410 3.56 -52.20 8.35
N ALA A 411 2.75 -51.14 8.39
CA ALA A 411 2.70 -50.14 7.34
C ALA A 411 1.95 -48.91 7.84
N PRO A 412 2.17 -47.74 7.26
CA PRO A 412 1.38 -46.57 7.65
C PRO A 412 -0.10 -46.78 7.36
N GLY A 413 -0.92 -46.40 8.33
CA GLY A 413 -2.36 -46.60 8.22
C GLY A 413 -2.81 -48.02 8.48
N GLN A 414 -1.92 -48.90 8.89
CA GLN A 414 -2.24 -50.30 9.14
C GLN A 414 -2.12 -50.61 10.62
N THR A 415 -3.05 -51.41 11.13
CA THR A 415 -3.07 -51.82 12.53
C THR A 415 -3.24 -53.33 12.61
N GLY A 416 -2.81 -53.89 13.72
CA GLY A 416 -2.91 -55.32 13.92
C GLY A 416 -2.62 -55.70 15.35
N LYS A 417 -2.91 -56.96 15.66
CA LYS A 417 -2.73 -57.49 17.01
C LYS A 417 -1.45 -58.31 17.17
N ILE A 418 -0.89 -58.82 16.07
CA ILE A 418 0.28 -59.70 16.16
C ILE A 418 1.51 -58.90 16.58
N ALA A 419 1.70 -57.71 16.00
CA ALA A 419 2.90 -56.93 16.25
C ALA A 419 2.99 -56.44 17.69
N ASP A 420 1.88 -56.36 18.41
CA ASP A 420 1.92 -55.86 19.79
C ASP A 420 2.71 -56.80 20.70
N TYR A 421 2.50 -58.11 20.56
CA TYR A 421 3.24 -59.07 21.39
C TYR A 421 4.73 -59.02 21.11
N ASN A 422 5.11 -58.95 19.84
CA ASN A 422 6.51 -58.80 19.46
C ASN A 422 6.89 -57.32 19.48
N TYR A 423 8.03 -56.98 18.90
CA TYR A 423 8.46 -55.59 18.84
C TYR A 423 7.39 -54.73 18.16
N LYS A 424 6.92 -53.71 18.87
CA LYS A 424 5.87 -52.84 18.39
C LYS A 424 6.48 -51.52 17.92
N LEU A 425 6.16 -51.14 16.68
CA LEU A 425 6.66 -49.92 16.08
C LEU A 425 5.62 -48.83 16.21
N PRO A 426 6.05 -47.60 16.50
CA PRO A 426 5.09 -46.52 16.73
C PRO A 426 4.31 -46.15 15.48
N ASP A 427 3.13 -45.57 15.70
CA ASP A 427 2.27 -45.18 14.60
C ASP A 427 2.90 -44.12 13.72
N ASP A 428 3.57 -43.12 14.33
CA ASP A 428 4.20 -42.05 13.57
C ASP A 428 5.42 -42.51 12.79
N PHE A 429 5.90 -43.72 13.02
CA PHE A 429 6.99 -44.26 12.20
C PHE A 429 6.49 -44.49 10.78
N THR A 430 7.14 -43.81 9.82
CA THR A 430 6.71 -43.84 8.44
C THR A 430 7.87 -44.21 7.53
N GLY A 431 7.53 -44.63 6.33
CA GLY A 431 8.53 -45.00 5.35
C GLY A 431 8.02 -46.15 4.50
N CYS A 432 8.93 -46.71 3.71
CA CYS A 432 8.64 -47.85 2.85
C CYS A 432 9.69 -48.93 3.07
N VAL A 433 9.23 -50.18 3.04
CA VAL A 433 10.07 -51.35 3.25
C VAL A 433 10.53 -51.84 1.89
N ILE A 434 11.82 -51.70 1.61
CA ILE A 434 12.41 -52.11 0.34
C ILE A 434 13.34 -53.28 0.61
N ALA A 435 13.11 -54.39 -0.09
CA ALA A 435 13.92 -55.59 0.05
C ALA A 435 14.14 -56.22 -1.32
N TRP A 436 15.19 -57.03 -1.41
CA TRP A 436 15.54 -57.73 -2.65
C TRP A 436 15.42 -59.24 -2.41
N ASN A 437 15.46 -59.99 -3.50
CA ASN A 437 15.23 -61.43 -3.46
C ASN A 437 16.35 -62.09 -2.67
N SER A 438 16.01 -62.58 -1.48
CA SER A 438 16.94 -63.26 -0.58
C SER A 438 16.32 -64.54 -0.02
N ASN A 439 15.73 -65.35 -0.91
CA ASN A 439 15.00 -66.53 -0.45
C ASN A 439 15.97 -67.62 0.02
N ASN A 440 16.77 -68.16 -0.88
CA ASN A 440 17.72 -69.21 -0.53
C ASN A 440 19.12 -68.97 -1.08
N LEU A 441 19.28 -68.26 -2.19
CA LEU A 441 20.60 -68.01 -2.73
C LEU A 441 21.36 -66.96 -1.92
N ASP A 442 20.64 -66.08 -1.24
CA ASP A 442 21.23 -65.03 -0.43
C ASP A 442 20.69 -65.09 1.00
N SER A 443 20.67 -66.30 1.56
CA SER A 443 20.11 -66.54 2.89
C SER A 443 21.24 -66.96 3.83
N LYS A 444 20.85 -67.36 5.04
CA LYS A 444 21.78 -67.76 6.08
C LYS A 444 21.89 -69.28 6.12
N VAL A 445 23.13 -69.77 6.12
CA VAL A 445 23.36 -71.21 6.06
C VAL A 445 23.11 -71.84 7.44
N GLY A 446 22.41 -72.97 7.44
CA GLY A 446 22.13 -73.68 8.67
C GLY A 446 20.88 -73.20 9.37
N GLY A 447 20.67 -71.89 9.38
CA GLY A 447 19.52 -71.31 10.05
C GLY A 447 19.72 -71.19 11.54
N ASN A 448 19.13 -70.17 12.15
CA ASN A 448 19.25 -69.94 13.59
C ASN A 448 17.99 -70.48 14.26
N TYR A 449 18.10 -71.65 14.86
CA TYR A 449 17.00 -72.27 15.59
C TYR A 449 17.00 -71.90 17.07
N ASN A 450 17.97 -71.11 17.51
CA ASN A 450 18.02 -70.65 18.90
C ASN A 450 17.34 -69.32 19.11
N TYR A 451 16.58 -68.82 18.13
CA TYR A 451 15.86 -67.57 18.29
C TYR A 451 14.89 -67.64 19.46
N LEU A 452 15.17 -66.87 20.50
CA LEU A 452 14.33 -66.82 21.69
C LEU A 452 13.63 -65.47 21.75
N TYR A 453 12.32 -65.48 21.56
CA TYR A 453 11.49 -64.28 21.65
C TYR A 453 10.52 -64.44 22.82
N ARG A 454 9.96 -63.31 23.27
CA ARG A 454 9.02 -63.28 24.38
C ARG A 454 7.64 -63.65 23.86
N LEU A 455 7.13 -64.80 24.28
CA LEU A 455 5.79 -65.22 23.88
C LEU A 455 4.74 -64.21 24.35
N PHE A 456 4.65 -64.02 25.66
CA PHE A 456 3.85 -62.95 26.24
C PHE A 456 4.58 -62.39 27.46
N ARG A 457 4.14 -61.21 27.88
CA ARG A 457 4.70 -60.55 29.06
C ARG A 457 3.58 -60.14 29.99
N LYS A 458 3.95 -59.74 31.21
CA LYS A 458 2.95 -59.38 32.21
C LYS A 458 2.09 -58.21 31.76
N SER A 459 2.66 -57.30 30.96
CA SER A 459 1.95 -56.14 30.46
C SER A 459 2.19 -55.98 28.96
N ASN A 460 1.23 -55.36 28.28
CA ASN A 460 1.34 -55.15 26.85
C ASN A 460 2.41 -54.09 26.54
N LEU A 461 2.94 -54.15 25.33
CA LEU A 461 4.00 -53.24 24.94
C LEU A 461 3.43 -51.91 24.45
N LYS A 462 4.26 -50.87 24.49
CA LYS A 462 3.89 -49.52 24.10
C LYS A 462 4.91 -48.95 23.10
N PRO A 463 4.49 -48.01 22.24
CA PRO A 463 5.44 -47.40 21.31
C PRO A 463 6.51 -46.62 22.04
N PHE A 464 7.70 -46.56 21.41
CA PHE A 464 8.87 -45.87 21.97
C PHE A 464 9.27 -46.44 23.32
N GLU A 465 9.03 -47.74 23.52
CA GLU A 465 9.36 -48.42 24.76
C GLU A 465 9.86 -49.82 24.45
N ARG A 466 10.94 -50.23 25.11
CA ARG A 466 11.49 -51.58 24.94
C ARG A 466 11.79 -52.14 26.33
N ASP A 467 11.15 -53.25 26.67
CA ASP A 467 11.41 -53.96 27.93
C ASP A 467 11.87 -55.37 27.59
N ILE A 468 13.17 -55.60 27.70
CA ILE A 468 13.74 -56.90 27.37
C ILE A 468 14.14 -57.63 28.65
N SER A 469 13.46 -57.30 29.75
CA SER A 469 13.73 -57.97 31.02
C SER A 469 13.39 -59.45 30.92
N THR A 470 14.16 -60.26 31.64
CA THR A 470 14.06 -61.72 31.56
C THR A 470 13.24 -62.29 32.71
N GLU A 471 12.23 -61.58 33.18
CA GLU A 471 11.35 -62.11 34.21
C GLU A 471 10.42 -63.16 33.62
N ILE A 472 10.10 -64.16 34.44
CA ILE A 472 9.22 -65.25 33.99
C ILE A 472 7.82 -64.70 33.75
N TYR A 473 7.22 -65.08 32.62
CA TYR A 473 5.87 -64.64 32.30
C TYR A 473 4.86 -65.39 33.13
N GLN A 474 3.84 -64.68 33.62
CA GLN A 474 2.76 -65.25 34.41
C GLN A 474 1.44 -64.89 33.76
N ALA A 475 0.67 -65.91 33.36
CA ALA A 475 -0.64 -65.67 32.78
C ALA A 475 -1.71 -65.43 33.84
N GLY A 476 -1.43 -65.79 35.10
CA GLY A 476 -2.34 -65.57 36.19
C GLY A 476 -1.83 -64.54 37.18
N SER A 477 -2.52 -64.48 38.32
CA SER A 477 -2.18 -63.55 39.38
C SER A 477 -1.13 -64.10 40.35
N THR A 478 -1.07 -65.41 40.54
CA THR A 478 -0.10 -65.99 41.44
C THR A 478 1.27 -66.04 40.77
N PRO A 479 2.30 -65.44 41.36
CA PRO A 479 3.64 -65.51 40.75
C PRO A 479 4.16 -66.94 40.72
N CYS A 480 4.94 -67.24 39.69
CA CYS A 480 5.51 -68.57 39.49
C CYS A 480 6.76 -68.82 40.32
N ASN A 481 7.67 -67.84 40.36
CA ASN A 481 8.93 -67.96 41.10
C ASN A 481 9.72 -69.19 40.68
N GLY A 482 9.72 -69.47 39.38
CA GLY A 482 10.48 -70.59 38.85
C GLY A 482 9.85 -71.95 39.04
N VAL A 483 8.56 -72.01 39.36
CA VAL A 483 7.86 -73.27 39.59
C VAL A 483 6.96 -73.54 38.40
N GLU A 484 7.25 -74.60 37.65
CA GLU A 484 6.40 -75.01 36.55
C GLU A 484 5.18 -75.76 37.08
N GLY A 485 4.03 -75.49 36.46
CA GLY A 485 2.80 -76.16 36.88
C GLY A 485 1.55 -75.33 36.63
N PHE A 486 0.75 -75.16 37.68
CA PHE A 486 -0.52 -74.45 37.57
C PHE A 486 -0.28 -72.98 37.26
N ASN A 487 -0.89 -72.50 36.18
CA ASN A 487 -0.81 -71.09 35.77
C ASN A 487 0.65 -70.65 35.55
N CYS A 488 1.48 -71.58 35.07
CA CYS A 488 2.87 -71.30 34.77
C CYS A 488 3.26 -72.02 33.48
N TYR A 489 4.08 -71.36 32.67
CA TYR A 489 4.49 -71.89 31.38
C TYR A 489 5.96 -71.59 31.15
N PHE A 490 6.43 -71.87 29.94
CA PHE A 490 7.81 -71.69 29.55
C PHE A 490 7.90 -70.78 28.34
N PRO A 491 8.80 -69.78 28.35
CA PRO A 491 8.84 -68.81 27.24
C PRO A 491 9.41 -69.39 25.96
N LEU A 492 10.42 -70.25 26.07
CA LEU A 492 11.18 -70.72 24.92
C LEU A 492 10.44 -71.86 24.24
N GLN A 493 9.82 -71.57 23.10
CA GLN A 493 9.21 -72.57 22.24
C GLN A 493 9.62 -72.29 20.80
N SER A 494 9.57 -73.32 19.96
CA SER A 494 9.99 -73.18 18.58
C SER A 494 8.98 -73.87 17.66
N TYR A 495 8.78 -73.27 16.50
CA TYR A 495 7.94 -73.85 15.46
C TYR A 495 8.71 -74.67 14.44
N GLY A 496 9.87 -74.18 14.01
CA GLY A 496 10.69 -74.90 13.06
C GLY A 496 10.66 -74.32 11.66
N PHE A 497 11.76 -73.68 11.26
CA PHE A 497 11.91 -73.12 9.92
C PHE A 497 13.25 -73.53 9.36
N GLN A 498 13.23 -74.42 8.37
CA GLN A 498 14.45 -74.91 7.74
C GLN A 498 14.65 -74.23 6.39
N PRO A 499 15.90 -74.02 5.96
CA PRO A 499 16.12 -73.36 4.66
C PRO A 499 15.86 -74.26 3.47
N THR A 500 15.86 -75.59 3.65
CA THR A 500 15.59 -76.50 2.56
C THR A 500 14.11 -76.82 2.40
N ASN A 501 13.26 -76.33 3.31
CA ASN A 501 11.84 -76.60 3.25
C ASN A 501 11.18 -75.75 2.17
N GLY A 502 9.86 -75.79 2.11
CA GLY A 502 9.11 -75.02 1.14
C GLY A 502 9.32 -73.52 1.32
N VAL A 503 9.05 -72.80 0.23
CA VAL A 503 9.33 -71.36 0.20
C VAL A 503 8.52 -70.62 1.26
N GLY A 504 7.40 -71.18 1.70
CA GLY A 504 6.60 -70.54 2.72
C GLY A 504 7.07 -70.74 4.14
N TYR A 505 8.16 -71.48 4.34
CA TYR A 505 8.72 -71.75 5.67
C TYR A 505 10.23 -71.58 5.66
N GLN A 506 10.70 -70.49 5.05
CA GLN A 506 12.12 -70.18 5.00
C GLN A 506 12.36 -68.76 5.49
N PRO A 507 13.52 -68.51 6.10
CA PRO A 507 13.83 -67.16 6.58
C PRO A 507 14.03 -66.19 5.41
N TYR A 508 13.73 -64.92 5.68
CA TYR A 508 13.93 -63.84 4.73
C TYR A 508 14.76 -62.74 5.40
N ARG A 509 15.02 -61.68 4.64
CA ARG A 509 15.74 -60.51 5.14
C ARG A 509 14.93 -59.26 4.87
N VAL A 510 14.88 -58.36 5.85
CA VAL A 510 14.12 -57.11 5.76
C VAL A 510 15.01 -55.97 6.22
N VAL A 511 15.02 -54.88 5.45
CA VAL A 511 15.72 -53.65 5.81
C VAL A 511 14.71 -52.51 5.73
N VAL A 512 14.65 -51.70 6.78
CA VAL A 512 13.64 -50.66 6.93
C VAL A 512 14.34 -49.32 7.16
N LEU A 513 13.92 -48.30 6.44
CA LEU A 513 14.42 -46.93 6.61
C LEU A 513 13.27 -46.02 7.00
N SER A 514 13.60 -44.78 7.37
CA SER A 514 12.61 -43.81 7.81
C SER A 514 12.87 -42.47 7.11
N PHE A 515 11.79 -41.73 6.86
CA PHE A 515 11.86 -40.43 6.21
C PHE A 515 11.16 -39.40 7.09
N GLU A 516 11.82 -38.28 7.34
CA GLU A 516 11.30 -37.23 8.19
C GLU A 516 11.93 -35.89 7.82
N LEU A 517 11.34 -34.81 8.32
CA LEU A 517 11.86 -33.47 8.15
C LEU A 517 12.12 -32.86 9.52
N LEU A 518 13.27 -32.24 9.68
CA LEU A 518 13.70 -31.70 10.96
C LEU A 518 14.01 -30.21 10.84
N HIS A 519 14.13 -29.56 11.99
CA HIS A 519 14.45 -28.13 12.07
C HIS A 519 15.95 -27.89 12.12
N ALA A 520 16.67 -28.42 11.13
CA ALA A 520 18.11 -28.27 11.04
C ALA A 520 18.52 -28.46 9.58
N PRO A 521 19.67 -27.90 9.19
CA PRO A 521 20.17 -28.13 7.83
C PRO A 521 20.44 -29.61 7.59
N ALA A 522 20.20 -30.04 6.36
CA ALA A 522 20.34 -31.44 5.99
C ALA A 522 21.75 -31.68 5.43
N THR A 523 22.41 -32.71 5.96
CA THR A 523 23.75 -33.08 5.52
C THR A 523 23.78 -34.40 4.76
N VAL A 524 22.62 -35.05 4.60
CA VAL A 524 22.49 -36.28 3.82
C VAL A 524 21.28 -36.07 2.92
N CYS A 525 21.53 -35.77 1.65
CA CYS A 525 20.46 -35.57 0.68
C CYS A 525 20.55 -36.51 -0.51
N GLY A 526 21.73 -36.63 -1.11
CA GLY A 526 21.90 -37.45 -2.28
C GLY A 526 22.97 -36.90 -3.22
N PRO A 527 23.17 -37.57 -4.36
CA PRO A 527 24.19 -37.14 -5.31
C PRO A 527 23.72 -35.92 -6.10
N LYS A 528 24.61 -35.43 -6.95
CA LYS A 528 24.36 -34.24 -7.77
C LYS A 528 24.56 -34.59 -9.24
N LYS A 529 24.23 -33.64 -10.10
CA LYS A 529 24.39 -33.78 -11.54
C LYS A 529 25.25 -32.65 -12.08
N SER A 530 26.18 -33.00 -12.97
CA SER A 530 27.06 -32.02 -13.57
C SER A 530 27.10 -32.25 -15.08
N THR A 531 27.25 -31.14 -15.81
CA THR A 531 27.30 -31.17 -17.27
C THR A 531 28.59 -30.51 -17.73
N ASN A 532 28.93 -30.76 -18.99
CA ASN A 532 30.11 -30.13 -19.57
C ASN A 532 29.89 -28.63 -19.74
N LEU A 533 30.97 -27.87 -19.64
CA LEU A 533 30.91 -26.42 -19.75
C LEU A 533 31.40 -25.97 -21.11
N VAL A 534 30.93 -24.80 -21.54
CA VAL A 534 31.33 -24.21 -22.82
C VAL A 534 31.81 -22.79 -22.56
N LYS A 535 32.67 -22.30 -23.45
CA LYS A 535 33.30 -21.01 -23.30
C LYS A 535 33.13 -20.19 -24.57
N ASN A 536 33.29 -18.87 -24.41
CA ASN A 536 33.28 -17.90 -25.50
C ASN A 536 31.93 -17.79 -26.19
N LYS A 537 30.85 -18.26 -25.56
CA LYS A 537 29.51 -18.10 -26.09
C LYS A 537 28.59 -17.67 -24.95
N CYS A 538 27.59 -16.86 -25.29
CA CYS A 538 26.63 -16.38 -24.30
C CYS A 538 25.75 -17.56 -23.88
N VAL A 539 26.08 -18.16 -22.75
CA VAL A 539 25.41 -19.37 -22.27
C VAL A 539 24.98 -19.16 -20.83
N ASN A 540 23.78 -19.62 -20.50
CA ASN A 540 23.33 -19.63 -19.12
C ASN A 540 24.16 -20.63 -18.32
N PHE A 541 24.36 -20.32 -17.04
CA PHE A 541 25.12 -21.19 -16.17
C PHE A 541 24.49 -21.18 -14.78
N ASN A 542 24.79 -22.23 -14.01
CA ASN A 542 24.30 -22.35 -12.64
C ASN A 542 25.32 -23.18 -11.87
N PHE A 543 26.19 -22.50 -11.11
CA PHE A 543 27.14 -23.17 -10.25
C PHE A 543 26.46 -23.50 -8.93
N ASN A 544 27.25 -23.90 -7.93
CA ASN A 544 26.67 -24.33 -6.65
C ASN A 544 26.19 -23.14 -5.83
N GLY A 545 25.03 -22.59 -6.19
CA GLY A 545 24.42 -21.56 -5.38
C GLY A 545 24.08 -20.28 -6.13
N LEU A 546 24.93 -19.88 -7.07
CA LEU A 546 24.77 -18.64 -7.79
C LEU A 546 24.41 -18.92 -9.25
N THR A 547 23.51 -18.11 -9.79
CA THR A 547 23.02 -18.26 -11.16
C THR A 547 23.28 -16.97 -11.93
N GLY A 548 23.43 -17.11 -13.24
CA GLY A 548 23.64 -15.96 -14.10
C GLY A 548 23.88 -16.41 -15.52
N THR A 549 23.92 -15.42 -16.41
CA THR A 549 24.18 -15.63 -17.82
C THR A 549 25.35 -14.76 -18.26
N GLY A 550 26.19 -15.30 -19.13
CA GLY A 550 27.33 -14.55 -19.63
C GLY A 550 28.26 -15.45 -20.41
N VAL A 551 29.47 -14.93 -20.63
CA VAL A 551 30.49 -15.59 -21.42
C VAL A 551 31.62 -16.01 -20.50
N LEU A 552 31.94 -17.30 -20.50
CA LEU A 552 33.01 -17.84 -19.68
C LEU A 552 34.34 -17.75 -20.43
N THR A 553 35.31 -17.08 -19.83
CA THR A 553 36.62 -16.90 -20.43
C THR A 553 37.71 -17.30 -19.43
N GLU A 554 38.93 -17.43 -19.94
CA GLU A 554 40.06 -17.73 -19.07
C GLU A 554 40.44 -16.52 -18.25
N SER A 555 41.12 -16.77 -17.12
CA SER A 555 41.42 -15.74 -16.15
C SER A 555 42.91 -15.65 -15.88
N ASN A 556 43.35 -14.46 -15.47
CA ASN A 556 44.72 -14.22 -15.03
C ASN A 556 44.83 -14.03 -13.53
N LYS A 557 43.80 -13.52 -12.88
CA LYS A 557 43.82 -13.27 -11.45
C LYS A 557 43.88 -14.58 -10.68
N LYS A 558 44.54 -14.56 -9.53
CA LYS A 558 44.73 -15.73 -8.69
C LYS A 558 43.96 -15.55 -7.38
N PHE A 559 43.07 -16.48 -7.09
CA PHE A 559 42.32 -16.47 -5.85
C PHE A 559 43.14 -17.09 -4.72
N LEU A 560 42.79 -16.74 -3.50
CA LEU A 560 43.32 -17.45 -2.35
C LEU A 560 42.64 -18.82 -2.25
N PRO A 561 43.30 -19.81 -1.63
CA PRO A 561 42.78 -21.18 -1.68
C PRO A 561 41.40 -21.35 -1.06
N PHE A 562 40.96 -20.43 -0.20
CA PHE A 562 39.67 -20.55 0.46
C PHE A 562 38.57 -19.72 -0.20
N GLN A 563 38.87 -19.00 -1.27
CA GLN A 563 37.90 -18.12 -1.90
C GLN A 563 37.21 -18.85 -3.05
N GLN A 564 35.88 -18.76 -3.09
CA GLN A 564 35.08 -19.45 -4.09
C GLN A 564 34.90 -18.61 -5.34
N PHE A 565 34.30 -17.43 -5.20
CA PHE A 565 34.03 -16.55 -6.32
C PHE A 565 34.43 -15.14 -5.96
N GLY A 566 34.38 -14.25 -6.95
CA GLY A 566 34.80 -12.87 -6.74
C GLY A 566 33.82 -11.84 -7.24
N ARG A 567 33.70 -10.73 -6.53
CA ARG A 567 32.88 -9.60 -6.93
C ARG A 567 33.78 -8.39 -7.13
N ASP A 568 33.18 -7.31 -7.64
CA ASP A 568 33.91 -6.06 -7.85
C ASP A 568 33.11 -4.89 -7.27
N ILE A 569 33.53 -3.67 -7.60
CA ILE A 569 32.78 -2.49 -7.18
C ILE A 569 31.35 -2.60 -7.72
N ALA A 570 30.40 -2.06 -6.94
CA ALA A 570 28.96 -2.10 -7.19
C ALA A 570 28.37 -3.50 -6.99
N ASP A 571 29.13 -4.42 -6.40
CA ASP A 571 28.63 -5.75 -6.02
C ASP A 571 28.08 -6.51 -7.21
N THR A 572 28.96 -6.79 -8.18
CA THR A 572 28.60 -7.55 -9.37
C THR A 572 29.58 -8.71 -9.52
N THR A 573 29.04 -9.92 -9.61
CA THR A 573 29.89 -11.09 -9.78
C THR A 573 30.62 -11.02 -11.11
N ASP A 574 31.92 -11.31 -11.08
CA ASP A 574 32.73 -11.29 -12.29
C ASP A 574 33.74 -12.43 -12.41
N ALA A 575 33.77 -13.35 -11.46
CA ALA A 575 34.70 -14.48 -11.53
C ALA A 575 34.24 -15.58 -10.60
N VAL A 576 34.09 -16.78 -11.13
CA VAL A 576 33.70 -17.95 -10.35
C VAL A 576 34.71 -19.07 -10.59
N ARG A 577 35.20 -19.66 -9.53
CA ARG A 577 36.12 -20.79 -9.61
C ARG A 577 35.30 -22.07 -9.81
N ASP A 578 35.61 -22.82 -10.86
CA ASP A 578 34.88 -24.05 -11.12
C ASP A 578 35.20 -25.08 -10.03
N PRO A 579 34.18 -25.79 -9.54
CA PRO A 579 34.39 -26.72 -8.42
C PRO A 579 34.99 -28.07 -8.80
N GLN A 580 35.40 -28.28 -10.04
CA GLN A 580 35.98 -29.55 -10.46
C GLN A 580 37.44 -29.42 -10.84
N THR A 581 37.76 -28.54 -11.79
CA THR A 581 39.14 -28.38 -12.25
C THR A 581 39.92 -27.40 -11.38
N LEU A 582 39.23 -26.53 -10.65
CA LEU A 582 39.84 -25.48 -9.84
C LEU A 582 40.66 -24.52 -10.71
N GLU A 583 39.97 -23.90 -11.66
CA GLU A 583 40.54 -22.90 -12.54
C GLU A 583 39.62 -21.69 -12.60
N ILE A 584 40.20 -20.49 -12.47
CA ILE A 584 39.40 -19.28 -12.43
C ILE A 584 38.87 -18.95 -13.81
N LEU A 585 37.62 -18.51 -13.87
CA LEU A 585 37.00 -18.05 -15.11
C LEU A 585 36.31 -16.73 -14.85
N ASP A 586 36.23 -15.90 -15.89
CA ASP A 586 35.54 -14.62 -15.78
C ASP A 586 34.08 -14.77 -16.22
N ILE A 587 33.34 -13.67 -16.08
CA ILE A 587 31.96 -13.59 -16.53
C ILE A 587 31.79 -12.28 -17.27
N THR A 588 31.36 -12.35 -18.53
CA THR A 588 31.15 -11.17 -19.36
C THR A 588 29.75 -11.25 -19.93
N PRO A 589 28.89 -10.25 -19.71
CA PRO A 589 27.55 -10.29 -20.31
C PRO A 589 27.64 -10.29 -21.83
N CYS A 590 26.78 -11.07 -22.46
CA CYS A 590 26.78 -11.10 -23.91
C CYS A 590 26.21 -9.80 -24.48
N SER A 591 26.56 -9.53 -25.73
CA SER A 591 26.39 -8.19 -26.29
C SER A 591 24.93 -7.74 -26.29
N PHE A 592 24.74 -6.44 -26.05
CA PHE A 592 23.44 -5.82 -26.12
C PHE A 592 23.65 -4.36 -26.47
N GLY A 593 22.57 -3.71 -26.91
CA GLY A 593 22.67 -2.30 -27.29
C GLY A 593 21.39 -1.81 -27.95
N GLY A 594 21.55 -0.79 -28.78
CA GLY A 594 20.45 -0.21 -29.51
C GLY A 594 20.63 -0.36 -31.01
N VAL A 595 19.55 -0.06 -31.73
CA VAL A 595 19.54 -0.12 -33.19
C VAL A 595 19.08 1.24 -33.71
N SER A 596 19.85 1.82 -34.61
CA SER A 596 19.54 3.10 -35.20
C SER A 596 19.52 2.98 -36.71
N VAL A 597 18.66 3.78 -37.36
CA VAL A 597 18.48 3.76 -38.80
C VAL A 597 18.85 5.13 -39.36
N ILE A 598 19.74 5.13 -40.34
CA ILE A 598 20.17 6.36 -41.02
C ILE A 598 19.35 6.51 -42.29
N THR A 599 18.56 7.57 -42.37
CA THR A 599 17.64 7.77 -43.48
C THR A 599 18.06 8.98 -44.30
N PRO A 600 18.39 8.82 -45.59
CA PRO A 600 18.59 9.99 -46.44
C PRO A 600 17.38 10.92 -46.47
N GLY A 601 16.18 10.38 -46.37
CA GLY A 601 14.98 11.18 -46.33
C GLY A 601 13.81 10.40 -46.90
N THR A 602 12.69 11.10 -47.09
CA THR A 602 11.50 10.52 -47.69
C THR A 602 11.39 11.01 -49.12
N ASN A 603 11.22 10.07 -50.06
CA ASN A 603 11.12 10.32 -51.50
C ASN A 603 12.45 10.81 -52.08
N THR A 604 13.44 11.05 -51.21
CA THR A 604 14.80 11.21 -51.70
C THR A 604 15.41 9.87 -52.08
N SER A 605 15.20 8.86 -51.25
CA SER A 605 15.62 7.49 -51.49
C SER A 605 15.05 6.61 -50.38
N ASN A 606 14.76 5.36 -50.73
CA ASN A 606 14.26 4.40 -49.76
C ASN A 606 15.38 3.59 -49.11
N GLN A 607 16.62 3.82 -49.49
CA GLN A 607 17.74 3.10 -48.88
C GLN A 607 17.94 3.56 -47.44
N VAL A 608 18.34 2.63 -46.58
CA VAL A 608 18.61 2.90 -45.18
C VAL A 608 19.83 2.10 -44.75
N ALA A 609 20.60 2.67 -43.83
CA ALA A 609 21.69 1.97 -43.16
C ALA A 609 21.36 1.79 -41.69
N VAL A 610 21.81 0.68 -41.12
CA VAL A 610 21.45 0.29 -39.76
C VAL A 610 22.72 0.25 -38.92
N LEU A 611 22.66 0.85 -37.74
CA LEU A 611 23.80 0.95 -36.85
C LEU A 611 23.49 0.24 -35.53
N TYR A 612 24.39 -0.66 -35.13
CA TYR A 612 24.31 -1.31 -33.83
C TYR A 612 25.35 -0.68 -32.91
N GLN A 613 24.90 -0.20 -31.75
CA GLN A 613 25.72 0.65 -30.90
C GLN A 613 26.49 -0.18 -29.89
N ASP A 614 27.81 0.04 -29.82
CA ASP A 614 28.70 -0.64 -28.88
C ASP A 614 28.59 -2.15 -29.00
N VAL A 615 28.48 -2.65 -30.23
CA VAL A 615 28.33 -4.07 -30.49
C VAL A 615 29.32 -4.48 -31.56
N ASN A 616 30.18 -5.45 -31.24
CA ASN A 616 31.00 -6.09 -32.25
C ASN A 616 30.14 -7.10 -33.01
N CYS A 617 30.04 -6.91 -34.33
CA CYS A 617 29.10 -7.68 -35.13
C CYS A 617 29.77 -8.66 -36.09
N THR A 618 30.83 -9.33 -35.63
CA THR A 618 31.40 -10.44 -36.39
C THR A 618 30.55 -11.71 -36.28
N GLU A 619 29.52 -11.71 -35.43
CA GLU A 619 28.72 -12.89 -35.16
C GLU A 619 27.22 -12.66 -35.27
N VAL A 620 26.77 -11.42 -35.51
CA VAL A 620 25.34 -11.12 -35.46
C VAL A 620 24.53 -11.90 -36.48
N PRO A 621 24.86 -11.89 -37.78
CA PRO A 621 23.96 -12.53 -38.77
C PRO A 621 23.77 -14.02 -38.57
N VAL A 622 24.79 -14.74 -38.11
CA VAL A 622 24.74 -16.20 -38.09
C VAL A 622 23.74 -16.70 -37.06
N ALA A 623 23.74 -16.10 -35.87
CA ALA A 623 22.91 -16.61 -34.78
C ALA A 623 21.42 -16.50 -35.09
N ILE A 624 21.00 -15.39 -35.68
CA ILE A 624 19.59 -15.13 -35.94
C ILE A 624 19.12 -16.01 -37.09
N HIS A 625 17.83 -16.33 -37.07
CA HIS A 625 17.20 -17.17 -38.09
C HIS A 625 16.22 -16.34 -38.91
N ALA A 626 15.79 -16.90 -40.04
CA ALA A 626 14.92 -16.20 -40.97
C ALA A 626 13.46 -16.60 -40.87
N ASP A 627 13.03 -17.20 -39.75
CA ASP A 627 11.65 -17.62 -39.60
C ASP A 627 10.77 -16.48 -39.12
N GLN A 628 11.08 -15.92 -37.95
CA GLN A 628 10.27 -14.83 -37.40
C GLN A 628 10.47 -13.54 -38.19
N LEU A 629 11.70 -13.30 -38.67
CA LEU A 629 11.97 -12.12 -39.46
C LEU A 629 11.53 -12.33 -40.91
N THR A 630 11.34 -11.22 -41.61
CA THR A 630 10.94 -11.28 -43.00
C THR A 630 12.08 -11.80 -43.87
N PRO A 631 11.78 -12.43 -45.01
CA PRO A 631 12.85 -12.89 -45.90
C PRO A 631 13.66 -11.76 -46.50
N THR A 632 13.20 -10.52 -46.39
CA THR A 632 13.95 -9.39 -46.95
C THR A 632 15.26 -9.18 -46.20
N TRP A 633 15.35 -9.67 -44.97
CA TRP A 633 16.56 -9.50 -44.16
C TRP A 633 17.73 -10.31 -44.69
N ARG A 634 17.51 -11.23 -45.63
CA ARG A 634 18.61 -12.02 -46.18
C ARG A 634 19.63 -11.13 -46.90
N VAL A 635 19.17 -10.01 -47.46
CA VAL A 635 20.06 -9.13 -48.23
C VAL A 635 21.13 -8.48 -47.37
N TYR A 636 21.01 -8.54 -46.05
CA TYR A 636 22.01 -7.99 -45.13
C TYR A 636 22.88 -9.08 -44.51
N SER A 637 23.17 -10.14 -45.25
CA SER A 637 23.93 -11.28 -44.74
C SER A 637 25.39 -11.25 -45.15
N THR A 638 25.68 -11.09 -46.44
CA THR A 638 27.06 -11.11 -46.92
C THR A 638 27.27 -9.95 -47.88
N GLY A 639 28.51 -9.51 -47.97
CA GLY A 639 28.87 -8.40 -48.83
C GLY A 639 30.01 -7.61 -48.23
N SER A 640 30.55 -6.71 -49.06
CA SER A 640 31.65 -5.87 -48.62
C SER A 640 31.15 -4.66 -47.83
N ASN A 641 29.83 -4.49 -47.70
CA ASN A 641 29.25 -3.34 -47.01
C ASN A 641 28.96 -3.72 -45.57
N VAL A 642 30.02 -3.98 -44.82
CA VAL A 642 29.97 -4.15 -43.37
C VAL A 642 31.15 -3.39 -42.80
N PHE A 643 30.87 -2.29 -42.10
CA PHE A 643 31.89 -1.39 -41.58
C PHE A 643 31.86 -1.42 -40.07
N GLN A 644 33.02 -1.63 -39.46
CA GLN A 644 33.16 -1.63 -38.00
C GLN A 644 33.79 -0.32 -37.58
N THR A 645 33.05 0.46 -36.80
CA THR A 645 33.46 1.79 -36.38
C THR A 645 33.77 1.79 -34.88
N ARG A 646 34.10 2.97 -34.37
CA ARG A 646 34.36 3.11 -32.93
C ARG A 646 33.04 3.14 -32.14
N ALA A 647 31.99 3.73 -32.71
CA ALA A 647 30.71 3.82 -32.03
C ALA A 647 29.82 2.59 -32.25
N GLY A 648 30.27 1.63 -33.03
CA GLY A 648 29.47 0.46 -33.34
C GLY A 648 29.92 -0.13 -34.67
N CYS A 649 28.99 -0.80 -35.33
CA CYS A 649 29.25 -1.34 -36.67
C CYS A 649 28.10 -0.98 -37.59
N LEU A 650 28.43 -0.54 -38.79
CA LEU A 650 27.47 0.01 -39.75
C LEU A 650 27.24 -1.00 -40.87
N ILE A 651 25.97 -1.30 -41.14
CA ILE A 651 25.60 -2.24 -42.19
C ILE A 651 24.74 -1.52 -43.20
N GLY A 652 25.11 -1.65 -44.48
CA GLY A 652 24.41 -0.97 -45.56
C GLY A 652 25.10 0.26 -46.11
N ALA A 653 26.28 0.60 -45.58
CA ALA A 653 27.05 1.75 -46.05
C ALA A 653 28.52 1.37 -46.12
N GLU A 654 29.29 2.14 -46.87
CA GLU A 654 30.67 1.84 -47.14
C GLU A 654 31.58 3.00 -46.75
N HIS A 655 32.88 2.75 -46.81
CA HIS A 655 33.87 3.76 -46.44
C HIS A 655 34.44 4.43 -47.68
N VAL A 656 34.81 5.70 -47.54
CA VAL A 656 35.35 6.50 -48.63
C VAL A 656 36.47 7.38 -48.09
N ASN A 657 37.54 7.52 -48.88
CA ASN A 657 38.71 8.25 -48.41
C ASN A 657 38.46 9.75 -48.39
N ASN A 658 37.81 10.29 -49.42
CA ASN A 658 37.64 11.73 -49.53
C ASN A 658 36.72 12.24 -48.42
N SER A 659 37.28 13.04 -47.52
CA SER A 659 36.55 13.59 -46.39
C SER A 659 35.74 14.80 -46.84
N TYR A 660 34.45 14.77 -46.56
CA TYR A 660 33.54 15.86 -46.89
C TYR A 660 33.00 16.49 -45.61
N GLU A 661 32.13 17.49 -45.79
CA GLU A 661 31.43 18.08 -44.66
C GLU A 661 30.45 17.09 -44.07
N CYS A 662 30.29 17.15 -42.75
CA CYS A 662 29.39 16.23 -42.06
C CYS A 662 27.94 16.50 -42.41
N ASP A 663 27.19 15.42 -42.64
CA ASP A 663 25.77 15.51 -42.95
C ASP A 663 24.92 14.91 -41.84
N ILE A 664 25.16 13.65 -41.48
CA ILE A 664 24.45 12.98 -40.40
C ILE A 664 25.50 12.50 -39.40
N PRO A 665 25.52 13.03 -38.17
CA PRO A 665 26.57 12.66 -37.21
C PRO A 665 26.28 11.29 -36.60
N ILE A 666 27.20 10.35 -36.81
CA ILE A 666 27.06 9.00 -36.27
C ILE A 666 27.72 8.88 -34.91
N GLY A 667 28.95 9.32 -34.77
CA GLY A 667 29.68 9.29 -33.51
C GLY A 667 31.15 9.03 -33.71
N ALA A 668 31.96 9.61 -32.83
CA ALA A 668 33.42 9.44 -32.84
C ALA A 668 34.03 9.91 -34.15
N GLY A 669 33.57 11.05 -34.65
CA GLY A 669 34.15 11.63 -35.85
C GLY A 669 33.77 10.98 -37.15
N ILE A 670 32.66 10.26 -37.19
CA ILE A 670 32.21 9.55 -38.39
C ILE A 670 30.86 10.11 -38.79
N CYS A 671 30.69 10.42 -40.08
CA CYS A 671 29.43 10.94 -40.61
C CYS A 671 29.02 10.12 -41.83
N ALA A 672 27.74 10.20 -42.15
CA ALA A 672 27.18 9.49 -43.30
C ALA A 672 26.33 10.43 -44.12
N SER A 673 26.35 10.24 -45.43
CA SER A 673 25.59 11.09 -46.34
C SER A 673 25.18 10.29 -47.56
N TYR A 674 24.17 10.80 -48.26
CA TYR A 674 23.64 10.17 -49.46
C TYR A 674 24.15 10.96 -50.67
N GLN A 675 24.99 10.32 -51.48
CA GLN A 675 25.65 10.99 -52.60
C GLN A 675 25.00 10.69 -53.94
N THR A 676 23.72 10.29 -53.93
CA THR A 676 22.98 9.95 -55.14
C THR A 676 23.69 8.89 -55.97
N SER A 691 24.20 5.65 -53.45
CA SER A 691 24.49 4.84 -52.27
C SER A 691 24.68 5.70 -51.03
N ILE A 692 25.07 5.08 -49.93
CA ILE A 692 25.30 5.76 -48.66
C ILE A 692 26.76 5.52 -48.26
N ILE A 693 27.47 6.59 -47.94
CA ILE A 693 28.90 6.53 -47.65
C ILE A 693 29.14 7.00 -46.23
N ALA A 694 30.07 6.34 -45.54
CA ALA A 694 30.50 6.72 -44.21
C ALA A 694 31.94 7.17 -44.26
N TYR A 695 32.21 8.39 -43.80
CA TYR A 695 33.54 8.98 -43.86
C TYR A 695 33.86 9.64 -42.53
N THR A 696 35.03 10.25 -42.46
CA THR A 696 35.46 11.04 -41.31
C THR A 696 35.39 12.51 -41.69
N MET A 697 34.70 13.31 -40.88
CA MET A 697 34.41 14.69 -41.27
C MET A 697 35.69 15.52 -41.30
N SER A 698 35.68 16.51 -42.19
CA SER A 698 36.76 17.49 -42.29
C SER A 698 36.33 18.79 -41.63
N LEU A 699 37.24 19.39 -40.87
CA LEU A 699 36.87 20.57 -40.09
C LEU A 699 36.72 21.81 -40.97
N GLY A 700 37.52 21.92 -42.02
CA GLY A 700 37.40 23.05 -42.92
C GLY A 700 38.53 23.05 -43.93
N ALA A 701 38.50 24.07 -44.79
CA ALA A 701 39.52 24.23 -45.82
C ALA A 701 40.81 24.73 -45.19
N GLU A 702 41.92 24.06 -45.52
CA GLU A 702 43.21 24.47 -44.98
C GLU A 702 43.62 25.82 -45.56
N ASN A 703 44.02 26.73 -44.68
CA ASN A 703 44.40 28.08 -45.07
C ASN A 703 45.72 28.45 -44.42
N SER A 704 46.46 29.33 -45.09
CA SER A 704 47.73 29.80 -44.58
C SER A 704 47.88 31.28 -44.91
N VAL A 705 48.14 32.09 -43.89
CA VAL A 705 48.31 33.53 -44.04
C VAL A 705 49.78 33.82 -44.26
N ALA A 706 50.10 34.60 -45.29
CA ALA A 706 51.48 34.88 -45.66
C ALA A 706 52.06 35.86 -44.65
N TYR A 707 52.51 35.31 -43.53
CA TYR A 707 53.04 36.13 -42.44
C TYR A 707 54.48 36.55 -42.73
N SER A 708 54.71 37.86 -42.76
CA SER A 708 56.04 38.44 -42.85
C SER A 708 56.11 39.60 -41.87
N ASN A 709 57.32 39.97 -41.46
CA ASN A 709 57.48 40.97 -40.41
C ASN A 709 57.39 42.40 -40.92
N ASN A 710 57.27 42.60 -42.23
CA ASN A 710 57.01 43.95 -42.76
C ASN A 710 55.99 43.88 -43.89
N SER A 711 54.93 43.10 -43.70
CA SER A 711 53.87 42.97 -44.70
C SER A 711 52.52 43.12 -44.02
N ILE A 712 51.67 43.97 -44.58
CA ILE A 712 50.34 44.21 -44.05
C ILE A 712 49.33 44.17 -45.20
N ALA A 713 48.08 43.87 -44.87
CA ALA A 713 47.00 43.80 -45.83
C ALA A 713 45.87 44.71 -45.38
N ILE A 714 45.39 45.55 -46.29
CA ILE A 714 44.36 46.54 -45.97
C ILE A 714 43.22 46.44 -46.97
N PRO A 715 41.98 46.30 -46.53
CA PRO A 715 40.86 46.21 -47.47
C PRO A 715 40.66 47.50 -48.23
N THR A 716 40.15 47.37 -49.46
CA THR A 716 39.91 48.52 -50.33
C THR A 716 38.44 48.66 -50.72
N ASN A 717 37.55 47.91 -50.09
CA ASN A 717 36.12 47.97 -50.38
C ASN A 717 35.38 47.39 -49.19
N PHE A 718 34.05 47.39 -49.26
CA PHE A 718 33.25 46.86 -48.17
C PHE A 718 31.92 46.37 -48.70
N THR A 719 31.23 45.58 -47.87
CA THR A 719 29.89 45.09 -48.15
C THR A 719 29.02 45.29 -46.92
N ILE A 720 27.72 45.42 -47.14
CA ILE A 720 26.72 45.51 -46.09
C ILE A 720 25.91 44.22 -46.09
N SER A 721 25.85 43.55 -44.94
CA SER A 721 25.20 42.26 -44.83
C SER A 721 24.16 42.29 -43.71
N VAL A 722 23.09 41.52 -43.89
CA VAL A 722 21.99 41.46 -42.94
C VAL A 722 21.75 40.00 -42.58
N THR A 723 21.69 39.71 -41.29
CA THR A 723 21.46 38.36 -40.79
C THR A 723 20.34 38.39 -39.75
N THR A 724 19.72 37.24 -39.54
CA THR A 724 18.58 37.11 -38.64
C THR A 724 18.92 36.21 -37.47
N GLU A 725 18.30 36.51 -36.32
CA GLU A 725 18.47 35.73 -35.10
C GLU A 725 17.12 35.60 -34.42
N ILE A 726 16.75 34.37 -34.05
CA ILE A 726 15.43 34.05 -33.53
C ILE A 726 15.56 33.58 -32.10
N LEU A 727 14.77 34.16 -31.20
CA LEU A 727 14.84 33.85 -29.78
C LEU A 727 13.43 33.72 -29.21
N PRO A 728 13.11 32.59 -28.55
CA PRO A 728 11.81 32.47 -27.89
C PRO A 728 11.81 33.18 -26.54
N VAL A 729 10.69 33.85 -26.25
CA VAL A 729 10.57 34.63 -25.03
C VAL A 729 9.52 34.10 -24.07
N SER A 730 8.53 33.33 -24.52
CA SER A 730 7.50 32.83 -23.62
C SER A 730 6.83 31.63 -24.26
N MET A 731 6.17 30.84 -23.42
CA MET A 731 5.40 29.69 -23.86
C MET A 731 3.96 29.83 -23.38
N THR A 732 3.15 28.82 -23.67
CA THR A 732 1.74 28.85 -23.31
C THR A 732 1.56 28.67 -21.81
N LYS A 733 0.46 29.21 -21.30
CA LYS A 733 0.08 29.07 -19.89
C LYS A 733 -1.00 28.03 -19.76
N THR A 734 -0.85 27.11 -18.81
CA THR A 734 -1.82 26.04 -18.58
C THR A 734 -2.17 25.99 -17.11
N SER A 735 -3.44 25.71 -16.81
CA SER A 735 -3.93 25.52 -15.46
C SER A 735 -4.59 24.15 -15.36
N VAL A 736 -4.24 23.40 -14.31
CA VAL A 736 -4.70 22.03 -14.14
C VAL A 736 -5.43 21.92 -12.81
N ASP A 737 -6.62 21.31 -12.84
CA ASP A 737 -7.41 21.09 -11.64
C ASP A 737 -7.28 19.64 -11.21
N CYS A 738 -6.89 19.44 -9.94
CA CYS A 738 -6.71 18.08 -9.43
C CYS A 738 -8.02 17.30 -9.41
N THR A 739 -9.09 17.90 -8.89
CA THR A 739 -10.31 17.15 -8.65
C THR A 739 -10.86 16.57 -9.96
N MET A 740 -10.95 17.41 -10.99
CA MET A 740 -11.49 16.95 -12.27
C MET A 740 -10.56 15.96 -12.95
N TYR A 741 -9.25 16.17 -12.87
CA TYR A 741 -8.31 15.28 -13.55
C TYR A 741 -8.26 13.91 -12.89
N ILE A 742 -8.17 13.88 -11.56
CA ILE A 742 -7.97 12.64 -10.84
C ILE A 742 -9.30 11.94 -10.57
N CYS A 743 -10.20 12.61 -9.86
CA CYS A 743 -11.43 11.97 -9.40
C CYS A 743 -12.47 11.85 -10.51
N GLY A 744 -12.88 12.98 -11.07
CA GLY A 744 -13.93 12.97 -12.06
C GLY A 744 -15.32 13.01 -11.44
N ASP A 745 -15.56 14.06 -10.66
CA ASP A 745 -16.83 14.29 -9.94
C ASP A 745 -17.34 13.02 -9.27
N SER A 746 -16.46 12.41 -8.47
CA SER A 746 -16.80 11.23 -7.68
C SER A 746 -16.66 11.58 -6.22
N THR A 747 -17.75 11.45 -5.46
CA THR A 747 -17.73 11.81 -4.05
C THR A 747 -16.80 10.90 -3.25
N GLU A 748 -16.82 9.60 -3.53
CA GLU A 748 -15.95 8.68 -2.80
C GLU A 748 -14.49 8.97 -3.07
N CYS A 749 -14.13 9.23 -4.32
CA CYS A 749 -12.75 9.59 -4.64
C CYS A 749 -12.35 10.89 -3.97
N SER A 750 -13.23 11.90 -4.03
CA SER A 750 -12.89 13.20 -3.44
C SER A 750 -12.70 13.09 -1.94
N ASN A 751 -13.55 12.33 -1.26
CA ASN A 751 -13.38 12.13 0.18
C ASN A 751 -12.11 11.33 0.47
N LEU A 752 -11.82 10.31 -0.33
CA LEU A 752 -10.62 9.51 -0.11
C LEU A 752 -9.35 10.30 -0.43
N LEU A 753 -9.40 11.19 -1.42
CA LEU A 753 -8.24 11.98 -1.79
C LEU A 753 -7.85 12.99 -0.72
N LEU A 754 -8.79 13.37 0.15
CA LEU A 754 -8.55 14.41 1.14
C LEU A 754 -7.56 14.01 2.21
N GLN A 755 -7.20 12.72 2.31
CA GLN A 755 -6.30 12.25 3.36
C GLN A 755 -4.83 12.40 3.00
N TYR A 756 -4.51 12.84 1.78
CA TYR A 756 -3.12 12.93 1.34
C TYR A 756 -2.45 14.25 1.70
N GLY A 757 -3.18 15.18 2.30
CA GLY A 757 -2.60 16.44 2.72
C GLY A 757 -2.92 17.57 1.76
N SER A 758 -1.88 18.27 1.30
CA SER A 758 -2.02 19.46 0.47
C SER A 758 -1.07 19.41 -0.73
N PHE A 759 -1.03 18.25 -1.41
CA PHE A 759 -0.23 18.15 -2.62
C PHE A 759 -0.79 19.03 -3.73
N CYS A 760 -2.11 19.10 -3.84
CA CYS A 760 -2.72 19.81 -4.96
C CYS A 760 -2.67 21.32 -4.80
N THR A 761 -2.74 21.83 -3.57
CA THR A 761 -2.57 23.26 -3.36
C THR A 761 -1.21 23.72 -3.84
N GLN A 762 -0.16 22.99 -3.50
CA GLN A 762 1.17 23.37 -3.95
C GLN A 762 1.36 23.13 -5.45
N LEU A 763 0.71 22.10 -6.02
CA LEU A 763 0.76 21.94 -7.48
C LEU A 763 0.15 23.14 -8.19
N ASN A 764 -1.03 23.57 -7.74
CA ASN A 764 -1.68 24.74 -8.34
C ASN A 764 -0.84 26.00 -8.13
N ARG A 765 -0.22 26.12 -6.96
CA ARG A 765 0.63 27.28 -6.69
C ARG A 765 1.82 27.32 -7.66
N ALA A 766 2.45 26.17 -7.90
CA ALA A 766 3.58 26.12 -8.83
C ALA A 766 3.14 26.49 -10.24
N LEU A 767 2.01 25.94 -10.69
CA LEU A 767 1.53 26.26 -12.04
C LEU A 767 1.20 27.74 -12.17
N THR A 768 0.57 28.33 -11.15
CA THR A 768 0.26 29.75 -11.19
C THR A 768 1.53 30.60 -11.21
N GLY A 769 2.54 30.19 -10.44
CA GLY A 769 3.81 30.91 -10.49
C GLY A 769 4.44 30.87 -11.87
N ILE A 770 4.38 29.70 -12.53
CA ILE A 770 4.90 29.60 -13.89
C ILE A 770 4.15 30.53 -14.83
N ALA A 771 2.81 30.57 -14.70
CA ALA A 771 2.02 31.44 -15.57
C ALA A 771 2.35 32.91 -15.37
N VAL A 772 2.50 33.34 -14.12
CA VAL A 772 2.83 34.74 -13.85
C VAL A 772 4.22 35.07 -14.38
N GLU A 773 5.16 34.14 -14.24
CA GLU A 773 6.49 34.36 -14.80
C GLU A 773 6.44 34.51 -16.31
N GLN A 774 5.62 33.70 -16.98
CA GLN A 774 5.46 33.82 -18.43
C GLN A 774 4.87 35.18 -18.80
N ASP A 775 3.90 35.66 -18.02
CA ASP A 775 3.38 37.00 -18.28
C ASP A 775 4.45 38.07 -18.10
N LYS A 776 5.32 37.92 -17.11
CA LYS A 776 6.38 38.90 -16.88
C LYS A 776 7.44 38.86 -17.99
N ASN A 777 7.68 37.68 -18.58
CA ASN A 777 8.76 37.54 -19.55
C ASN A 777 8.59 38.46 -20.75
N THR A 778 7.38 38.56 -21.28
CA THR A 778 7.14 39.34 -22.49
C THR A 778 7.18 40.85 -22.25
N GLN A 779 6.97 41.28 -21.01
CA GLN A 779 6.95 42.71 -20.72
C GLN A 779 8.34 43.32 -20.69
N GLU A 780 9.35 42.56 -20.27
CA GLU A 780 10.69 43.11 -20.15
C GLU A 780 11.43 43.16 -21.48
N VAL A 781 10.90 42.54 -22.54
CA VAL A 781 11.55 42.56 -23.84
C VAL A 781 11.02 43.69 -24.70
N PHE A 782 9.70 43.81 -24.82
CA PHE A 782 9.08 44.78 -25.71
C PHE A 782 8.79 46.10 -25.01
N ALA A 783 8.18 46.05 -23.83
CA ALA A 783 7.75 47.26 -23.12
C ALA A 783 8.97 47.97 -22.52
N GLN A 784 9.76 48.58 -23.40
CA GLN A 784 10.92 49.35 -23.01
C GLN A 784 10.83 50.82 -23.39
N VAL A 785 9.76 51.23 -24.06
CA VAL A 785 9.52 52.62 -24.42
C VAL A 785 8.18 53.03 -23.85
N LYS A 786 8.18 54.12 -23.09
CA LYS A 786 6.95 54.64 -22.52
C LYS A 786 6.13 55.46 -23.50
N GLN A 787 6.68 55.73 -24.69
CA GLN A 787 6.05 56.60 -25.66
C GLN A 787 5.97 55.88 -27.01
N ILE A 788 4.95 56.21 -27.78
CA ILE A 788 4.68 55.55 -29.05
C ILE A 788 5.00 56.55 -30.16
N TYR A 789 6.12 56.33 -30.83
CA TYR A 789 6.54 57.19 -31.93
C TYR A 789 5.95 56.71 -33.25
N LYS A 790 5.94 57.61 -34.23
CA LYS A 790 5.53 57.29 -35.59
C LYS A 790 6.48 57.93 -36.59
N THR A 791 6.59 57.28 -37.76
CA THR A 791 7.37 57.82 -38.86
C THR A 791 6.59 58.92 -39.58
N PRO A 792 7.29 59.89 -40.16
CA PRO A 792 6.59 60.95 -40.88
C PRO A 792 5.85 60.40 -42.08
N PRO A 793 4.74 61.02 -42.48
CA PRO A 793 3.98 60.49 -43.63
C PRO A 793 4.77 60.45 -44.92
N ILE A 794 5.67 61.40 -45.13
CA ILE A 794 6.53 61.42 -46.31
C ILE A 794 7.86 60.78 -45.92
N LYS A 795 8.26 59.75 -46.66
CA LYS A 795 9.44 58.96 -46.35
C LYS A 795 10.51 59.21 -47.41
N ASP A 796 11.53 59.98 -47.03
CA ASP A 796 12.74 60.18 -47.83
C ASP A 796 13.94 60.13 -46.88
N PHE A 797 14.50 58.93 -46.74
CA PHE A 797 15.59 58.69 -45.80
C PHE A 797 16.95 58.66 -46.48
N GLY A 798 17.14 59.47 -47.52
CA GLY A 798 18.41 59.53 -48.21
C GLY A 798 18.67 58.41 -49.19
N GLY A 799 17.63 57.69 -49.60
CA GLY A 799 17.76 56.59 -50.53
C GLY A 799 17.55 55.21 -49.93
N PHE A 800 17.48 55.11 -48.61
CA PHE A 800 17.20 53.83 -47.97
C PHE A 800 15.71 53.54 -48.05
N ASN A 801 15.36 52.27 -48.26
CA ASN A 801 13.98 51.92 -48.56
C ASN A 801 13.12 51.81 -47.29
N PHE A 802 13.45 50.86 -46.43
CA PHE A 802 12.74 50.60 -45.17
C PHE A 802 11.28 50.19 -45.38
N SER A 803 10.87 49.87 -46.60
CA SER A 803 9.48 49.51 -46.83
C SER A 803 9.16 48.10 -46.38
N GLN A 804 10.18 47.24 -46.24
CA GLN A 804 9.95 45.85 -45.87
C GLN A 804 9.87 45.62 -44.38
N ILE A 805 10.09 46.66 -43.57
CA ILE A 805 10.05 46.51 -42.12
C ILE A 805 8.99 47.40 -41.47
N LEU A 806 8.61 48.52 -42.07
CA LEU A 806 7.60 49.38 -41.49
C LEU A 806 6.22 48.78 -41.69
N PRO A 807 5.27 49.08 -40.79
CA PRO A 807 3.92 48.55 -40.94
C PRO A 807 3.27 49.02 -42.24
N ASP A 808 2.46 48.14 -42.83
CA ASP A 808 1.82 48.39 -44.11
C ASP A 808 0.38 48.81 -43.88
N PRO A 809 -0.01 50.04 -44.25
CA PRO A 809 -1.42 50.43 -44.10
C PRO A 809 -2.37 49.62 -44.97
N SER A 810 -1.89 49.03 -46.07
CA SER A 810 -2.75 48.22 -46.91
C SER A 810 -3.25 46.98 -46.18
N LYS A 811 -2.37 46.31 -45.46
CA LYS A 811 -2.77 45.14 -44.69
C LYS A 811 -3.71 45.55 -43.56
N PRO A 812 -4.78 44.78 -43.30
CA PRO A 812 -5.71 45.15 -42.23
C PRO A 812 -5.16 44.88 -40.84
N SER A 813 -4.15 44.03 -40.71
CA SER A 813 -3.57 43.71 -39.40
C SER A 813 -2.47 44.68 -38.98
N LYS A 814 -2.07 45.59 -39.87
CA LYS A 814 -1.01 46.57 -39.60
C LYS A 814 0.29 45.88 -39.19
N ARG A 815 0.78 45.03 -40.09
CA ARG A 815 2.01 44.28 -39.87
C ARG A 815 2.89 44.37 -41.10
N SER A 816 4.20 44.34 -40.87
CA SER A 816 5.15 44.39 -41.96
C SER A 816 5.13 43.09 -42.76
N PRO A 817 5.56 43.14 -44.03
CA PRO A 817 5.58 41.89 -44.83
C PRO A 817 6.39 40.77 -44.22
N ILE A 818 7.54 41.10 -43.60
CA ILE A 818 8.34 40.07 -42.95
C ILE A 818 7.61 39.47 -41.77
N GLU A 819 6.92 40.31 -40.99
CA GLU A 819 6.13 39.79 -39.87
C GLU A 819 5.00 38.90 -40.37
N ASP A 820 4.36 39.29 -41.48
CA ASP A 820 3.31 38.45 -42.05
C ASP A 820 3.87 37.10 -42.49
N LEU A 821 5.03 37.09 -43.13
CA LEU A 821 5.65 35.83 -43.53
C LEU A 821 5.99 34.97 -42.31
N LEU A 822 6.51 35.59 -41.24
CA LEU A 822 6.84 34.84 -40.04
C LEU A 822 5.60 34.25 -39.40
N PHE A 823 4.51 35.01 -39.35
CA PHE A 823 3.29 34.50 -38.74
C PHE A 823 2.65 33.40 -39.58
N ASN A 824 2.75 33.50 -40.91
CA ASN A 824 2.23 32.43 -41.75
C ASN A 824 3.09 31.18 -41.67
N LYS A 825 4.40 31.33 -41.49
CA LYS A 825 5.30 30.18 -41.52
C LYS A 825 5.11 29.25 -40.33
N VAL A 826 4.79 29.79 -39.16
CA VAL A 826 4.56 29.01 -37.96
C VAL A 826 3.07 29.06 -37.63
N THR A 827 2.44 27.89 -37.59
CA THR A 827 1.02 27.79 -37.29
C THR A 827 0.81 26.74 -36.22
N LEU A 828 -0.19 26.96 -35.37
CA LEU A 828 -0.50 26.07 -34.27
C LEU A 828 -1.60 25.09 -34.65
N ALA A 852 -7.14 22.61 -31.12
CA ALA A 852 -7.08 22.75 -29.67
C ALA A 852 -8.24 22.02 -29.01
N GLN A 853 -8.03 21.56 -27.78
CA GLN A 853 -9.04 20.82 -27.04
C GLN A 853 -9.00 21.24 -25.58
N LYS A 854 -10.06 20.89 -24.85
CA LYS A 854 -10.16 21.21 -23.43
C LYS A 854 -10.97 20.09 -22.76
N PHE A 855 -10.27 19.23 -22.01
CA PHE A 855 -10.90 18.11 -21.34
C PHE A 855 -10.19 17.85 -20.02
N ASN A 856 -10.89 17.18 -19.12
CA ASN A 856 -10.31 16.63 -17.89
C ASN A 856 -9.70 17.73 -17.01
N GLY A 857 -10.36 18.87 -16.96
CA GLY A 857 -9.91 19.96 -16.09
C GLY A 857 -8.59 20.57 -16.47
N LEU A 858 -8.31 20.73 -17.76
CA LEU A 858 -7.10 21.38 -18.25
C LEU A 858 -7.51 22.60 -19.05
N THR A 859 -7.01 23.77 -18.67
CA THR A 859 -7.37 25.02 -19.30
C THR A 859 -6.12 25.77 -19.73
N VAL A 860 -6.30 26.64 -20.72
CA VAL A 860 -5.22 27.48 -21.24
C VAL A 860 -5.65 28.94 -21.06
N LEU A 861 -4.81 29.72 -20.41
CA LEU A 861 -5.15 31.12 -20.15
C LEU A 861 -4.60 32.01 -21.26
N PRO A 862 -5.39 32.98 -21.74
CA PRO A 862 -4.92 33.85 -22.81
C PRO A 862 -3.84 34.78 -22.30
N PRO A 863 -2.91 35.19 -23.17
CA PRO A 863 -1.87 36.13 -22.74
C PRO A 863 -2.43 37.51 -22.50
N LEU A 864 -1.73 38.27 -21.67
CA LEU A 864 -2.15 39.63 -21.36
C LEU A 864 -1.93 40.57 -22.54
N LEU A 865 -0.77 40.49 -23.19
CA LEU A 865 -0.47 41.32 -24.34
C LEU A 865 -0.90 40.60 -25.61
N THR A 866 -1.96 41.09 -26.25
CA THR A 866 -2.38 40.53 -27.52
C THR A 866 -1.32 40.86 -28.59
N ASP A 867 -1.37 40.10 -29.69
CA ASP A 867 -0.34 40.24 -30.72
C ASP A 867 -0.37 41.62 -31.38
N GLU A 868 -1.54 42.26 -31.40
CA GLU A 868 -1.60 43.63 -31.91
C GLU A 868 -0.75 44.58 -31.06
N MET A 869 -0.77 44.38 -29.75
CA MET A 869 0.04 45.23 -28.87
C MET A 869 1.53 45.00 -29.08
N ILE A 870 1.94 43.75 -29.30
CA ILE A 870 3.33 43.45 -29.58
C ILE A 870 3.76 44.10 -30.89
N ALA A 871 2.91 44.01 -31.92
CA ALA A 871 3.21 44.65 -33.19
C ALA A 871 3.33 46.16 -33.03
N GLN A 872 2.44 46.76 -32.23
CA GLN A 872 2.52 48.20 -31.99
C GLN A 872 3.80 48.57 -31.27
N TYR A 873 4.22 47.77 -30.29
CA TYR A 873 5.46 48.04 -29.58
C TYR A 873 6.66 47.99 -30.52
N THR A 874 6.73 46.96 -31.36
CA THR A 874 7.85 46.86 -32.29
C THR A 874 7.82 47.98 -33.33
N SER A 875 6.64 48.38 -33.78
CA SER A 875 6.53 49.51 -34.70
C SER A 875 7.03 50.80 -34.06
N ALA A 876 6.68 51.01 -32.77
CA ALA A 876 7.18 52.19 -32.07
C ALA A 876 8.70 52.16 -31.96
N LEU A 877 9.26 50.99 -31.65
CA LEU A 877 10.71 50.87 -31.55
C LEU A 877 11.38 51.21 -32.89
N LEU A 878 10.84 50.67 -33.99
CA LEU A 878 11.43 50.94 -35.30
C LEU A 878 11.31 52.41 -35.68
N ALA A 879 10.14 53.00 -35.48
CA ALA A 879 9.94 54.41 -35.83
C ALA A 879 10.72 55.34 -34.93
N GLY A 880 11.11 54.89 -33.74
CA GLY A 880 11.95 55.69 -32.89
C GLY A 880 13.41 55.58 -33.25
N THR A 881 13.87 54.38 -33.63
CA THR A 881 15.27 54.21 -33.97
C THR A 881 15.60 54.69 -35.38
N ILE A 882 14.60 54.87 -36.24
CA ILE A 882 14.87 55.35 -37.58
C ILE A 882 15.00 56.87 -37.63
N THR A 883 14.06 57.58 -37.00
CA THR A 883 13.99 59.04 -37.10
C THR A 883 14.68 59.76 -35.95
N SER A 884 15.26 59.04 -35.00
CA SER A 884 15.85 59.70 -33.83
C SER A 884 17.19 59.13 -33.39
N GLY A 885 17.76 58.17 -34.11
CA GLY A 885 19.02 57.61 -33.68
C GLY A 885 18.87 56.77 -32.42
N TRP A 886 19.92 56.78 -31.59
CA TRP A 886 19.90 56.08 -30.32
C TRP A 886 19.57 57.00 -29.15
N THR A 887 19.25 58.27 -29.42
CA THR A 887 19.04 59.23 -28.34
C THR A 887 17.74 59.01 -27.59
N PHE A 888 16.81 58.22 -28.13
CA PHE A 888 15.54 57.98 -27.47
C PHE A 888 15.60 56.90 -26.41
N GLY A 889 16.75 56.23 -26.27
CA GLY A 889 16.96 55.27 -25.20
C GLY A 889 17.66 55.81 -23.98
N ALA A 890 18.07 57.08 -24.00
CA ALA A 890 18.73 57.71 -22.87
C ALA A 890 17.89 58.83 -22.27
N GLY A 891 17.48 59.80 -23.09
CA GLY A 891 16.64 60.88 -22.64
C GLY A 891 15.51 61.15 -23.60
N PRO A 892 15.20 62.43 -23.82
CA PRO A 892 14.18 62.77 -24.81
C PRO A 892 14.64 62.46 -26.22
N ALA A 893 13.68 62.19 -27.09
CA ALA A 893 14.00 61.88 -28.48
C ALA A 893 14.39 63.15 -29.22
N LEU A 894 15.56 63.12 -29.87
CA LEU A 894 16.08 64.24 -30.64
C LEU A 894 16.26 63.77 -32.08
N GLN A 895 15.68 64.52 -33.02
CA GLN A 895 15.73 64.13 -34.41
C GLN A 895 17.11 64.38 -35.01
N ILE A 896 17.40 63.63 -36.07
CA ILE A 896 18.66 63.76 -36.82
C ILE A 896 18.47 63.08 -38.17
N PRO A 897 18.88 63.70 -39.27
CA PRO A 897 18.71 63.08 -40.59
C PRO A 897 19.42 61.74 -40.66
N PHE A 898 18.81 60.79 -41.35
CA PHE A 898 19.30 59.41 -41.33
C PHE A 898 20.72 59.27 -41.89
N PRO A 899 21.08 59.87 -43.02
CA PRO A 899 22.49 59.75 -43.46
C PRO A 899 23.49 60.25 -42.43
N MET A 900 23.16 61.30 -41.69
CA MET A 900 24.06 61.76 -40.63
C MET A 900 24.17 60.75 -39.50
N GLN A 901 23.06 60.09 -39.15
CA GLN A 901 23.13 59.04 -38.14
C GLN A 901 23.96 57.86 -38.62
N MET A 902 23.84 57.51 -39.89
CA MET A 902 24.68 56.45 -40.44
C MET A 902 26.15 56.84 -40.44
N ALA A 903 26.45 58.11 -40.71
CA ALA A 903 27.82 58.59 -40.60
C ALA A 903 28.33 58.53 -39.17
N TYR A 904 27.46 58.82 -38.20
CA TYR A 904 27.80 58.61 -36.79
C TYR A 904 28.17 57.15 -36.55
N ARG A 905 27.35 56.23 -37.04
CA ARG A 905 27.56 54.80 -36.79
C ARG A 905 28.78 54.26 -37.53
N PHE A 906 29.22 54.94 -38.60
CA PHE A 906 30.45 54.54 -39.26
C PHE A 906 31.67 54.93 -38.45
N ASN A 907 31.60 56.04 -37.72
CA ASN A 907 32.72 56.45 -36.87
C ASN A 907 32.92 55.49 -35.71
N GLY A 908 31.87 54.78 -35.30
CA GLY A 908 31.99 53.87 -34.17
C GLY A 908 32.90 52.69 -34.45
N ILE A 909 32.91 52.20 -35.69
CA ILE A 909 33.70 51.02 -36.03
C ILE A 909 35.06 51.43 -36.58
N GLY A 910 35.36 52.73 -36.52
CA GLY A 910 36.68 53.21 -36.89
C GLY A 910 36.86 53.60 -38.33
N VAL A 911 35.79 54.00 -39.03
CA VAL A 911 35.87 54.46 -40.40
C VAL A 911 35.38 55.90 -40.44
N THR A 912 36.15 56.77 -41.10
CA THR A 912 35.86 58.20 -41.07
C THR A 912 34.52 58.50 -41.72
N GLN A 913 34.06 59.74 -41.51
CA GLN A 913 32.74 60.16 -42.00
C GLN A 913 32.68 60.17 -43.52
N ASN A 914 33.72 60.66 -44.18
CA ASN A 914 33.68 60.88 -45.62
C ASN A 914 33.52 59.59 -46.42
N VAL A 915 33.79 58.43 -45.82
CA VAL A 915 33.61 57.17 -46.54
C VAL A 915 32.14 56.98 -46.90
N LEU A 916 31.23 57.32 -45.99
CA LEU A 916 29.81 57.16 -46.28
C LEU A 916 29.32 58.20 -47.29
N TYR A 917 29.70 59.46 -47.10
CA TYR A 917 29.14 60.53 -47.92
C TYR A 917 29.56 60.39 -49.38
N GLU A 918 30.80 59.98 -49.64
CA GLU A 918 31.23 59.77 -51.01
C GLU A 918 30.80 58.42 -51.58
N ASN A 919 30.16 57.57 -50.78
CA ASN A 919 29.66 56.28 -51.24
C ASN A 919 28.22 56.06 -50.77
N GLN A 920 27.41 57.11 -50.76
CA GLN A 920 26.07 57.01 -50.19
C GLN A 920 25.16 56.14 -51.03
N LYS A 921 25.17 56.35 -52.36
CA LYS A 921 24.28 55.59 -53.23
C LYS A 921 24.63 54.10 -53.23
N LEU A 922 25.92 53.78 -53.26
CA LEU A 922 26.33 52.38 -53.25
C LEU A 922 25.88 51.69 -51.97
N ILE A 923 26.07 52.35 -50.82
CA ILE A 923 25.68 51.76 -49.54
C ILE A 923 24.17 51.58 -49.49
N ALA A 924 23.41 52.58 -49.96
CA ALA A 924 21.95 52.45 -49.97
C ALA A 924 21.50 51.29 -50.84
N ASN A 925 22.11 51.13 -52.01
CA ASN A 925 21.75 50.02 -52.89
C ASN A 925 22.09 48.68 -52.26
N GLN A 926 23.25 48.57 -51.62
CA GLN A 926 23.62 47.32 -50.97
C GLN A 926 22.65 46.97 -49.84
N PHE A 927 22.28 47.96 -49.03
CA PHE A 927 21.34 47.71 -47.95
C PHE A 927 19.98 47.28 -48.50
N ASN A 928 19.50 47.94 -49.55
CA ASN A 928 18.22 47.57 -50.14
C ASN A 928 18.25 46.16 -50.69
N SER A 929 19.34 45.78 -51.35
CA SER A 929 19.46 44.43 -51.90
C SER A 929 19.48 43.39 -50.80
N ALA A 930 20.21 43.65 -49.71
CA ALA A 930 20.23 42.70 -48.60
C ALA A 930 18.86 42.56 -47.96
N ILE A 931 18.15 43.67 -47.77
CA ILE A 931 16.80 43.61 -47.22
C ILE A 931 15.89 42.80 -48.13
N GLY A 932 16.02 43.00 -49.45
CA GLY A 932 15.21 42.23 -50.38
C GLY A 932 15.51 40.74 -50.33
N LYS A 933 16.79 40.37 -50.26
CA LYS A 933 17.15 38.97 -50.21
C LYS A 933 16.80 38.29 -48.89
N ILE A 934 16.61 39.06 -47.82
CA ILE A 934 16.27 38.46 -46.52
C ILE A 934 14.96 37.70 -46.61
N GLN A 935 13.96 38.27 -47.28
CA GLN A 935 12.66 37.62 -47.38
C GLN A 935 12.75 36.30 -48.13
N ASP A 936 13.47 36.28 -49.25
CA ASP A 936 13.62 35.04 -50.00
C ASP A 936 14.40 34.00 -49.22
N SER A 937 15.44 34.42 -48.49
CA SER A 937 16.19 33.47 -47.68
C SER A 937 15.33 32.87 -46.58
N LEU A 938 14.51 33.70 -45.92
CA LEU A 938 13.66 33.18 -44.85
C LEU A 938 12.56 32.28 -45.37
N SER A 939 11.93 32.64 -46.49
CA SER A 939 10.78 31.90 -46.99
C SER A 939 11.15 30.57 -47.62
N SER A 940 12.32 30.45 -48.22
CA SER A 940 12.71 29.26 -48.98
C SER A 940 13.43 28.23 -48.14
N THR A 941 13.63 28.46 -46.84
CA THR A 941 14.26 27.49 -45.97
C THR A 941 13.23 26.94 -44.99
N PRO A 942 12.96 25.63 -45.03
CA PRO A 942 11.89 25.07 -44.18
C PRO A 942 12.28 24.87 -42.72
N SER A 943 13.53 25.13 -42.34
CA SER A 943 13.98 24.94 -40.98
C SER A 943 14.59 26.19 -40.37
N ALA A 944 14.37 27.36 -40.97
CA ALA A 944 14.93 28.59 -40.43
C ALA A 944 14.31 28.94 -39.08
N LEU A 945 13.00 28.75 -38.94
CA LEU A 945 12.27 29.11 -37.73
C LEU A 945 12.03 27.93 -36.81
N GLY A 946 12.96 26.99 -36.74
CA GLY A 946 12.81 25.80 -35.92
C GLY A 946 13.07 25.97 -34.45
N LYS A 947 13.45 27.16 -34.01
CA LYS A 947 13.71 27.38 -32.59
C LYS A 947 12.43 27.62 -31.79
N LEU A 948 11.31 27.90 -32.45
CA LEU A 948 10.02 28.13 -31.80
C LEU A 948 9.08 26.95 -31.96
N GLN A 949 9.06 26.34 -33.14
CA GLN A 949 8.27 25.14 -33.36
C GLN A 949 8.72 24.03 -32.42
N ASP A 950 10.00 24.02 -32.05
CA ASP A 950 10.49 23.05 -31.09
C ASP A 950 9.77 23.23 -29.75
N VAL A 951 9.64 24.48 -29.31
CA VAL A 951 8.94 24.76 -28.05
C VAL A 951 7.47 24.35 -28.15
N VAL A 952 6.82 24.71 -29.26
CA VAL A 952 5.40 24.39 -29.42
C VAL A 952 5.19 22.88 -29.40
N ASN A 953 6.02 22.14 -30.14
CA ASN A 953 5.88 20.69 -30.20
C ASN A 953 6.16 20.06 -28.84
N GLN A 954 7.16 20.57 -28.11
CA GLN A 954 7.47 20.01 -26.80
C GLN A 954 6.30 20.20 -25.83
N ASN A 955 5.72 21.39 -25.81
CA ASN A 955 4.57 21.62 -24.93
C ASN A 955 3.39 20.74 -25.32
N ALA A 956 3.12 20.63 -26.62
CA ALA A 956 2.01 19.80 -27.08
C ALA A 956 2.22 18.33 -26.71
N GLN A 957 3.45 17.82 -26.89
CA GLN A 957 3.75 16.44 -26.53
C GLN A 957 3.59 16.21 -25.03
N ALA A 958 4.05 17.15 -24.21
CA ALA A 958 3.87 17.00 -22.76
C ALA A 958 2.40 16.93 -22.39
N LEU A 959 1.59 17.85 -22.92
CA LEU A 959 0.16 17.85 -22.60
C LEU A 959 -0.52 16.58 -23.10
N ASN A 960 -0.13 16.10 -24.29
CA ASN A 960 -0.72 14.88 -24.81
C ASN A 960 -0.34 13.67 -23.96
N THR A 961 0.90 13.61 -23.48
CA THR A 961 1.31 12.51 -22.63
C THR A 961 0.57 12.52 -21.30
N LEU A 962 0.33 13.71 -20.74
CA LEU A 962 -0.37 13.77 -19.45
C LEU A 962 -1.77 13.18 -19.55
N VAL A 963 -2.51 13.52 -20.62
CA VAL A 963 -3.87 13.04 -20.77
C VAL A 963 -3.89 11.54 -21.02
N LYS A 964 -2.91 11.03 -21.77
CA LYS A 964 -2.87 9.61 -22.10
C LYS A 964 -2.73 8.73 -20.86
N GLN A 965 -2.22 9.27 -19.75
CA GLN A 965 -2.05 8.51 -18.52
C GLN A 965 -3.37 8.23 -17.81
N LEU A 966 -4.47 8.84 -18.26
CA LEU A 966 -5.77 8.60 -17.64
C LEU A 966 -6.36 7.24 -17.98
N SER A 967 -5.76 6.52 -18.92
CA SER A 967 -6.27 5.22 -19.38
C SER A 967 -5.29 4.10 -19.04
N SER A 968 -4.75 4.14 -17.83
CA SER A 968 -3.82 3.12 -17.35
C SER A 968 -4.36 2.48 -16.08
N ASN A 969 -4.27 1.16 -16.01
CA ASN A 969 -4.81 0.45 -14.85
C ASN A 969 -3.99 0.68 -13.59
N PHE A 970 -2.67 0.81 -13.72
CA PHE A 970 -1.74 0.95 -12.61
C PHE A 970 -1.78 -0.23 -11.66
N GLY A 971 -2.43 -1.33 -12.03
CA GLY A 971 -2.62 -2.47 -11.17
C GLY A 971 -4.06 -2.70 -10.76
N ALA A 972 -4.95 -1.74 -11.02
CA ALA A 972 -6.36 -1.91 -10.70
C ALA A 972 -7.04 -2.76 -11.77
N ILE A 973 -8.33 -3.03 -11.56
CA ILE A 973 -9.06 -3.89 -12.50
C ILE A 973 -9.62 -3.12 -13.68
N SER A 974 -9.68 -1.80 -13.60
CA SER A 974 -10.18 -0.99 -14.72
C SER A 974 -9.65 0.42 -14.59
N SER A 975 -9.67 1.15 -15.70
CA SER A 975 -9.22 2.53 -15.75
C SER A 975 -10.36 3.52 -15.61
N VAL A 976 -11.58 3.05 -15.37
CA VAL A 976 -12.76 3.90 -15.22
C VAL A 976 -13.28 3.71 -13.80
N LEU A 977 -13.47 4.83 -13.09
CA LEU A 977 -13.93 4.75 -11.70
C LEU A 977 -15.32 4.15 -11.59
N ASN A 978 -16.21 4.50 -12.52
CA ASN A 978 -17.58 4.00 -12.46
C ASN A 978 -17.62 2.48 -12.66
N ASP A 979 -16.81 1.96 -13.59
CA ASP A 979 -16.77 0.52 -13.81
C ASP A 979 -16.22 -0.20 -12.58
N ILE A 980 -15.23 0.40 -11.91
CA ILE A 980 -14.71 -0.19 -10.68
C ILE A 980 -15.78 -0.20 -9.59
N LEU A 981 -16.50 0.91 -9.44
CA LEU A 981 -17.50 1.01 -8.37
C LEU A 981 -18.68 0.07 -8.61
N SER A 982 -19.15 -0.02 -9.85
CA SER A 982 -20.34 -0.81 -10.14
C SER A 982 -20.07 -2.31 -10.02
N ARG A 983 -18.89 -2.76 -10.41
CA ARG A 983 -18.55 -4.17 -10.46
C ARG A 983 -17.78 -4.64 -9.22
N LEU A 984 -17.89 -3.91 -8.11
CA LEU A 984 -17.21 -4.29 -6.88
C LEU A 984 -17.92 -3.62 -5.72
N ASP A 985 -17.70 -4.16 -4.52
CA ASP A 985 -18.31 -3.60 -3.33
C ASP A 985 -17.54 -2.35 -2.90
N PRO A 986 -18.19 -1.19 -2.84
CA PRO A 986 -17.46 0.06 -2.53
C PRO A 986 -16.76 0.01 -1.17
N PRO A 987 -17.33 -0.65 -0.14
CA PRO A 987 -16.55 -0.80 1.10
C PRO A 987 -15.19 -1.45 0.90
N GLU A 988 -15.08 -2.44 0.00
CA GLU A 988 -13.83 -3.14 -0.23
C GLU A 988 -13.16 -2.74 -1.54
N ALA A 989 -13.60 -1.65 -2.17
CA ALA A 989 -13.00 -1.16 -3.39
C ALA A 989 -11.93 -0.10 -3.15
N GLU A 990 -11.60 0.18 -1.89
CA GLU A 990 -10.64 1.23 -1.57
C GLU A 990 -9.24 0.94 -2.06
N VAL A 991 -8.86 -0.34 -2.22
CA VAL A 991 -7.51 -0.67 -2.66
C VAL A 991 -7.31 -0.20 -4.11
N GLN A 992 -8.25 -0.53 -4.98
CA GLN A 992 -8.15 -0.12 -6.38
C GLN A 992 -8.17 1.40 -6.51
N ILE A 993 -9.07 2.04 -5.75
CA ILE A 993 -9.16 3.50 -5.79
C ILE A 993 -7.85 4.13 -5.34
N ASP A 994 -7.27 3.62 -4.26
CA ASP A 994 -6.02 4.16 -3.76
C ASP A 994 -4.88 3.96 -4.76
N ARG A 995 -4.85 2.81 -5.43
CA ARG A 995 -3.83 2.58 -6.45
C ARG A 995 -3.96 3.58 -7.59
N LEU A 996 -5.19 3.80 -8.07
CA LEU A 996 -5.39 4.79 -9.13
C LEU A 996 -5.00 6.19 -8.67
N ILE A 997 -5.35 6.54 -7.42
CA ILE A 997 -5.01 7.86 -6.90
C ILE A 997 -3.49 8.04 -6.89
N THR A 998 -2.77 7.02 -6.41
CA THR A 998 -1.32 7.11 -6.35
C THR A 998 -0.72 7.29 -7.75
N GLY A 999 -1.19 6.51 -8.71
CA GLY A 999 -0.66 6.62 -10.06
C GLY A 999 -0.90 8.01 -10.67
N ARG A 1000 -2.13 8.51 -10.54
CA ARG A 1000 -2.45 9.80 -11.13
C ARG A 1000 -1.68 10.93 -10.44
N LEU A 1001 -1.53 10.85 -9.11
CA LEU A 1001 -0.77 11.86 -8.39
C LEU A 1001 0.69 11.86 -8.84
N GLN A 1002 1.28 10.68 -9.03
CA GLN A 1002 2.67 10.62 -9.49
C GLN A 1002 2.81 11.24 -10.88
N SER A 1003 1.85 10.93 -11.78
CA SER A 1003 1.90 11.52 -13.12
C SER A 1003 1.82 13.04 -13.07
N LEU A 1004 0.90 13.57 -12.25
CA LEU A 1004 0.78 15.02 -12.12
C LEU A 1004 2.06 15.65 -11.59
N GLN A 1005 2.67 15.04 -10.58
CA GLN A 1005 3.90 15.59 -10.03
C GLN A 1005 5.01 15.60 -11.06
N THR A 1006 5.13 14.52 -11.85
CA THR A 1006 6.16 14.49 -12.88
C THR A 1006 5.95 15.59 -13.91
N TYR A 1007 4.70 15.79 -14.33
CA TYR A 1007 4.40 16.83 -15.31
C TYR A 1007 4.77 18.21 -14.76
N VAL A 1008 4.41 18.48 -13.50
CA VAL A 1008 4.68 19.79 -12.92
C VAL A 1008 6.17 20.03 -12.80
N THR A 1009 6.94 19.01 -12.39
CA THR A 1009 8.38 19.19 -12.25
C THR A 1009 9.03 19.49 -13.60
N GLN A 1010 8.65 18.73 -14.64
CA GLN A 1010 9.25 19.00 -15.94
C GLN A 1010 8.84 20.35 -16.49
N GLN A 1011 7.63 20.81 -16.19
CA GLN A 1011 7.23 22.15 -16.60
C GLN A 1011 8.06 23.22 -15.90
N LEU A 1012 8.35 23.00 -14.60
CA LEU A 1012 9.20 23.96 -13.89
C LEU A 1012 10.58 24.05 -14.52
N ILE A 1013 11.17 22.90 -14.88
CA ILE A 1013 12.49 22.92 -15.50
C ILE A 1013 12.44 23.64 -16.85
N ARG A 1014 11.40 23.36 -17.64
CA ARG A 1014 11.28 24.00 -18.96
C ARG A 1014 11.12 25.51 -18.83
N ALA A 1015 10.32 25.97 -17.86
CA ALA A 1015 10.18 27.41 -17.65
C ALA A 1015 11.49 28.04 -17.22
N ALA A 1016 12.24 27.35 -16.36
CA ALA A 1016 13.54 27.86 -15.94
C ALA A 1016 14.48 28.01 -17.13
N GLU A 1017 14.41 27.11 -18.10
CA GLU A 1017 15.27 27.25 -19.29
C GLU A 1017 14.74 28.27 -20.29
N ILE A 1018 13.43 28.51 -20.33
CA ILE A 1018 12.88 29.55 -21.20
C ILE A 1018 13.24 30.94 -20.70
N ARG A 1019 13.24 31.12 -19.37
CA ARG A 1019 13.55 32.43 -18.82
C ARG A 1019 14.99 32.85 -19.14
N ALA A 1020 15.90 31.89 -19.28
CA ALA A 1020 17.29 32.21 -19.60
C ALA A 1020 17.45 32.81 -20.99
N SER A 1021 16.53 32.52 -21.91
CA SER A 1021 16.52 33.16 -23.22
C SER A 1021 15.64 34.41 -23.25
N ALA A 1022 14.58 34.46 -22.45
CA ALA A 1022 13.82 35.69 -22.30
C ALA A 1022 14.66 36.80 -21.69
N ASN A 1023 15.65 36.45 -20.86
CA ASN A 1023 16.56 37.43 -20.29
C ASN A 1023 17.70 37.79 -21.23
N LEU A 1024 17.91 37.03 -22.31
CA LEU A 1024 18.91 37.35 -23.31
C LEU A 1024 18.33 38.19 -24.43
N ALA A 1025 17.07 37.95 -24.80
CA ALA A 1025 16.42 38.77 -25.80
C ALA A 1025 16.29 40.22 -25.33
N ALA A 1026 16.00 40.43 -24.04
CA ALA A 1026 15.91 41.79 -23.51
C ALA A 1026 17.27 42.49 -23.56
N THR A 1027 18.34 41.77 -23.20
CA THR A 1027 19.69 42.35 -23.27
C THR A 1027 20.05 42.70 -24.70
N LYS A 1028 19.76 41.82 -25.64
CA LYS A 1028 20.05 42.11 -27.04
C LYS A 1028 19.24 43.31 -27.53
N MET A 1029 17.96 43.38 -27.17
CA MET A 1029 17.18 44.55 -27.53
C MET A 1029 17.83 45.82 -27.01
N SER A 1030 18.13 45.85 -25.72
CA SER A 1030 18.69 47.06 -25.10
C SER A 1030 20.00 47.47 -25.76
N GLU A 1031 20.88 46.51 -26.03
CA GLU A 1031 22.22 46.87 -26.47
C GLU A 1031 22.33 47.04 -27.99
N CYS A 1032 21.83 46.09 -28.77
CA CYS A 1032 21.91 46.21 -30.22
C CYS A 1032 20.92 47.23 -30.76
N VAL A 1033 19.69 47.25 -30.25
CA VAL A 1033 18.64 48.08 -30.84
C VAL A 1033 18.72 49.52 -30.35
N LEU A 1034 18.83 49.72 -29.03
CA LEU A 1034 18.81 51.07 -28.48
C LEU A 1034 20.18 51.75 -28.51
N GLY A 1035 21.20 51.08 -29.01
CA GLY A 1035 22.52 51.66 -29.10
C GLY A 1035 23.34 50.96 -30.15
N GLN A 1036 24.65 50.94 -29.95
CA GLN A 1036 25.57 50.24 -30.82
C GLN A 1036 26.52 49.40 -29.97
N SER A 1037 26.79 48.17 -30.43
CA SER A 1037 27.51 47.19 -29.65
C SER A 1037 28.96 47.11 -30.13
N LYS A 1038 29.90 47.27 -29.21
CA LYS A 1038 31.31 47.04 -29.48
C LYS A 1038 31.76 45.64 -29.11
N ARG A 1039 30.88 44.84 -28.54
CA ARG A 1039 31.20 43.46 -28.21
C ARG A 1039 31.21 42.61 -29.47
N VAL A 1040 32.16 41.68 -29.54
CA VAL A 1040 32.37 40.89 -30.74
C VAL A 1040 31.38 39.73 -30.78
N ASP A 1041 30.77 39.55 -31.95
CA ASP A 1041 29.84 38.45 -32.24
C ASP A 1041 28.66 38.45 -31.27
N PHE A 1042 28.23 39.63 -30.81
CA PHE A 1042 27.01 39.71 -30.02
C PHE A 1042 25.81 39.95 -30.92
N CYS A 1043 25.86 41.01 -31.71
CA CYS A 1043 24.80 41.32 -32.67
C CYS A 1043 25.36 41.06 -34.07
N GLY A 1044 25.26 39.81 -34.51
CA GLY A 1044 25.67 39.45 -35.85
C GLY A 1044 27.11 38.97 -35.94
N LYS A 1045 27.62 38.96 -37.16
CA LYS A 1045 29.00 38.55 -37.43
C LYS A 1045 29.65 39.62 -38.30
N GLY A 1046 30.58 40.39 -37.71
CA GLY A 1046 31.21 41.51 -38.36
C GLY A 1046 31.17 42.72 -37.45
N TYR A 1047 31.21 43.89 -38.05
CA TYR A 1047 31.16 45.15 -37.31
C TYR A 1047 29.71 45.64 -37.28
N HIS A 1048 29.17 45.78 -36.08
CA HIS A 1048 27.76 46.12 -35.92
C HIS A 1048 27.49 47.56 -36.34
N LEU A 1049 26.38 47.76 -37.05
CA LEU A 1049 25.90 49.09 -37.40
C LEU A 1049 24.55 49.39 -36.77
N MET A 1050 23.53 48.56 -37.01
CA MET A 1050 22.22 48.76 -36.42
C MET A 1050 21.45 47.44 -36.49
N SER A 1051 20.36 47.39 -35.72
CA SER A 1051 19.50 46.21 -35.69
C SER A 1051 18.04 46.66 -35.74
N PHE A 1052 17.19 45.78 -36.26
CA PHE A 1052 15.76 46.04 -36.36
C PHE A 1052 14.99 44.87 -35.77
N PRO A 1053 14.10 45.10 -34.81
CA PRO A 1053 13.33 43.99 -34.22
C PRO A 1053 12.06 43.68 -35.00
N GLN A 1054 11.73 42.40 -35.03
CA GLN A 1054 10.48 41.93 -35.62
C GLN A 1054 9.86 40.88 -34.70
N SER A 1055 8.55 40.93 -34.56
CA SER A 1055 7.86 40.01 -33.67
C SER A 1055 7.66 38.65 -34.34
N ALA A 1056 7.29 37.67 -33.53
CA ALA A 1056 7.10 36.31 -33.98
C ALA A 1056 5.97 35.71 -33.16
N PRO A 1057 5.47 34.52 -33.54
CA PRO A 1057 4.40 33.90 -32.75
C PRO A 1057 4.67 33.85 -31.25
N HIS A 1058 5.82 33.36 -30.82
CA HIS A 1058 6.17 33.34 -29.41
C HIS A 1058 7.64 33.70 -29.22
N GLY A 1059 8.14 34.62 -30.02
CA GLY A 1059 9.54 35.00 -29.94
C GLY A 1059 9.78 36.39 -30.49
N VAL A 1060 10.99 36.59 -31.01
CA VAL A 1060 11.39 37.87 -31.59
C VAL A 1060 12.50 37.60 -32.59
N VAL A 1061 12.52 38.36 -33.67
CA VAL A 1061 13.50 38.21 -34.74
C VAL A 1061 14.26 39.52 -34.89
N PHE A 1062 15.59 39.43 -34.88
CA PHE A 1062 16.47 40.59 -35.02
C PHE A 1062 17.12 40.55 -36.39
N LEU A 1063 17.12 41.67 -37.09
CA LEU A 1063 17.81 41.81 -38.37
C LEU A 1063 19.04 42.69 -38.14
N HIS A 1064 20.22 42.07 -38.10
CA HIS A 1064 21.45 42.74 -37.74
C HIS A 1064 22.15 43.24 -39.01
N VAL A 1065 22.23 44.55 -39.16
CA VAL A 1065 23.00 45.17 -40.23
C VAL A 1065 24.46 45.20 -39.82
N THR A 1066 25.36 44.91 -40.76
CA THR A 1066 26.74 44.63 -40.40
C THR A 1066 27.67 45.07 -41.53
N TYR A 1067 28.85 45.55 -41.16
CA TYR A 1067 29.86 46.00 -42.10
C TYR A 1067 30.91 44.91 -42.27
N VAL A 1068 31.15 44.49 -43.50
CA VAL A 1068 32.10 43.42 -43.80
C VAL A 1068 33.12 43.89 -44.83
N PRO A 1069 34.40 44.00 -44.47
CA PRO A 1069 35.40 44.45 -45.45
C PRO A 1069 35.72 43.39 -46.49
N ALA A 1070 36.27 43.85 -47.61
CA ALA A 1070 36.57 42.96 -48.72
C ALA A 1070 37.64 43.58 -49.61
N GLN A 1071 38.22 42.75 -50.48
CA GLN A 1071 39.17 43.17 -51.51
C GLN A 1071 40.41 43.84 -50.90
N GLU A 1072 41.16 43.02 -50.17
CA GLU A 1072 42.39 43.45 -49.53
C GLU A 1072 43.52 43.57 -50.55
N LYS A 1073 44.67 44.06 -50.08
CA LYS A 1073 45.85 44.21 -50.91
C LYS A 1073 47.08 44.28 -50.02
N ASN A 1074 48.14 43.59 -50.42
CA ASN A 1074 49.37 43.56 -49.63
C ASN A 1074 50.08 44.92 -49.69
N PHE A 1075 50.81 45.23 -48.62
CA PHE A 1075 51.60 46.44 -48.53
C PHE A 1075 52.83 46.19 -47.67
N THR A 1076 53.77 47.13 -47.72
CA THR A 1076 54.95 47.11 -46.87
C THR A 1076 54.83 48.20 -45.82
N THR A 1077 55.09 47.86 -44.57
CA THR A 1077 54.80 48.74 -43.45
C THR A 1077 56.05 48.96 -42.60
N ALA A 1078 56.03 50.07 -41.87
CA ALA A 1078 57.09 50.45 -40.96
C ALA A 1078 56.48 50.93 -39.65
N PRO A 1079 57.18 50.75 -38.53
CA PRO A 1079 56.64 51.22 -37.25
C PRO A 1079 56.85 52.72 -37.02
N ALA A 1080 57.89 53.28 -37.62
CA ALA A 1080 58.21 54.69 -37.41
C ALA A 1080 59.01 55.19 -38.59
N ILE A 1081 59.12 56.51 -38.68
CA ILE A 1081 59.83 57.19 -39.75
C ILE A 1081 60.91 58.06 -39.13
N CYS A 1082 62.13 57.95 -39.65
CA CYS A 1082 63.27 58.70 -39.14
C CYS A 1082 63.50 59.91 -40.03
N HIS A 1083 63.41 61.11 -39.45
CA HIS A 1083 63.65 62.35 -40.17
C HIS A 1083 64.41 63.29 -39.27
N ASP A 1084 65.59 63.73 -39.72
CA ASP A 1084 66.46 64.63 -38.95
C ASP A 1084 66.80 64.03 -37.59
N GLY A 1085 67.02 62.72 -37.56
CA GLY A 1085 67.35 62.03 -36.32
C GLY A 1085 66.23 62.04 -35.30
N LYS A 1086 64.98 61.96 -35.75
CA LYS A 1086 63.83 61.90 -34.86
C LYS A 1086 62.86 60.86 -35.38
N ALA A 1087 62.24 60.13 -34.45
CA ALA A 1087 61.31 59.07 -34.79
C ALA A 1087 59.89 59.63 -34.82
N HIS A 1088 59.18 59.38 -35.93
CA HIS A 1088 57.84 59.90 -36.14
C HIS A 1088 56.85 58.74 -36.13
N PHE A 1089 55.84 58.82 -35.28
CA PHE A 1089 54.84 57.77 -35.19
C PHE A 1089 53.51 58.27 -35.75
N PRO A 1090 52.72 57.41 -36.38
CA PRO A 1090 51.41 57.83 -36.87
C PRO A 1090 50.46 58.07 -35.72
N ARG A 1091 49.51 58.98 -35.94
CA ARG A 1091 48.54 59.30 -34.90
C ARG A 1091 47.41 58.27 -34.86
N GLU A 1092 46.72 58.08 -35.98
CA GLU A 1092 45.57 57.19 -36.03
C GLU A 1092 45.64 56.20 -37.19
N GLY A 1093 46.80 56.06 -37.82
CA GLY A 1093 46.90 55.17 -38.96
C GLY A 1093 48.17 54.34 -39.01
N VAL A 1094 48.56 53.91 -40.20
CA VAL A 1094 49.76 53.13 -40.42
C VAL A 1094 50.48 53.64 -41.65
N PHE A 1095 51.78 53.36 -41.73
CA PHE A 1095 52.57 53.70 -42.90
C PHE A 1095 52.57 52.54 -43.89
N VAL A 1096 52.35 52.84 -45.17
CA VAL A 1096 52.33 51.82 -46.21
C VAL A 1096 53.11 52.30 -47.41
N SER A 1097 53.61 51.35 -48.20
CA SER A 1097 54.42 51.61 -49.37
C SER A 1097 54.70 50.31 -50.11
N ASN A 1098 55.43 50.41 -51.23
CA ASN A 1098 56.16 49.27 -51.76
C ASN A 1098 57.53 49.66 -52.30
N GLY A 1099 58.11 50.74 -51.78
CA GLY A 1099 59.48 51.08 -52.11
C GLY A 1099 59.68 52.44 -52.73
N THR A 1100 58.55 53.06 -53.12
CA THR A 1100 58.65 54.35 -53.83
C THR A 1100 58.28 55.52 -52.90
N HIS A 1101 57.05 55.58 -52.40
CA HIS A 1101 56.59 56.63 -51.50
C HIS A 1101 55.82 56.04 -50.33
N TRP A 1102 55.78 56.80 -49.24
CA TRP A 1102 55.13 56.38 -48.00
C TRP A 1102 53.95 57.28 -47.71
N PHE A 1103 52.81 56.69 -47.36
CA PHE A 1103 51.62 57.42 -46.95
C PHE A 1103 51.07 56.84 -45.65
N VAL A 1104 50.14 57.59 -45.05
CA VAL A 1104 49.43 57.19 -43.85
C VAL A 1104 48.00 56.90 -44.23
N THR A 1105 47.49 55.74 -43.80
CA THR A 1105 46.14 55.33 -44.11
C THR A 1105 45.46 54.81 -42.86
N GLN A 1106 44.14 54.93 -42.81
CA GLN A 1106 43.38 54.33 -41.72
C GLN A 1106 43.48 52.81 -41.81
N ARG A 1107 43.33 52.16 -40.66
CA ARG A 1107 43.57 50.73 -40.56
C ARG A 1107 42.44 49.88 -41.09
N ASN A 1108 41.31 50.47 -41.47
CA ASN A 1108 40.15 49.70 -41.92
C ASN A 1108 39.72 50.02 -43.34
N PHE A 1109 40.44 50.90 -44.04
CA PHE A 1109 40.09 51.29 -45.40
C PHE A 1109 41.31 51.95 -46.02
N TYR A 1110 41.43 51.84 -47.34
CA TYR A 1110 42.58 52.37 -48.05
C TYR A 1110 42.31 53.81 -48.46
N GLU A 1111 42.95 54.75 -47.78
CA GLU A 1111 42.86 56.18 -48.11
C GLU A 1111 44.21 56.82 -47.85
N PRO A 1112 45.12 56.76 -48.82
CA PRO A 1112 46.47 57.26 -48.58
C PRO A 1112 46.51 58.78 -48.52
N GLN A 1113 47.33 59.30 -47.60
CA GLN A 1113 47.53 60.73 -47.44
C GLN A 1113 49.02 61.02 -47.35
N ILE A 1114 49.41 62.21 -47.80
CA ILE A 1114 50.80 62.63 -47.72
C ILE A 1114 51.21 62.73 -46.26
N ILE A 1115 52.38 62.19 -45.93
CA ILE A 1115 52.90 62.28 -44.57
C ILE A 1115 53.23 63.74 -44.26
N THR A 1116 52.75 64.22 -43.11
CA THR A 1116 52.96 65.59 -42.71
C THR A 1116 52.94 65.66 -41.19
N THR A 1117 53.37 66.80 -40.66
CA THR A 1117 53.46 66.96 -39.21
C THR A 1117 52.10 67.12 -38.55
N ASP A 1118 51.00 67.13 -39.31
CA ASP A 1118 49.67 67.27 -38.75
C ASP A 1118 49.02 65.94 -38.41
N ASN A 1119 49.46 64.85 -39.02
CA ASN A 1119 48.97 63.50 -38.72
C ASN A 1119 50.10 62.61 -38.25
N THR A 1120 50.97 63.14 -37.39
CA THR A 1120 52.18 62.45 -36.97
C THR A 1120 52.79 63.12 -35.74
N PHE A 1121 53.13 62.34 -34.72
CA PHE A 1121 53.76 62.87 -33.52
C PHE A 1121 55.12 62.23 -33.33
N VAL A 1122 56.06 63.02 -32.82
CA VAL A 1122 57.46 62.62 -32.66
C VAL A 1122 57.74 62.36 -31.19
N SER A 1123 58.43 61.25 -30.90
CA SER A 1123 58.79 60.91 -29.53
C SER A 1123 60.12 60.15 -29.55
N GLY A 1124 61.20 60.86 -29.27
CA GLY A 1124 62.50 60.21 -29.13
C GLY A 1124 63.42 60.41 -30.31
N ASN A 1125 64.34 59.46 -30.49
CA ASN A 1125 65.28 59.51 -31.61
C ASN A 1125 65.28 58.22 -32.39
N CYS A 1126 66.22 58.07 -33.33
CA CYS A 1126 66.25 56.95 -34.26
C CYS A 1126 67.17 55.83 -33.81
N ASP A 1127 67.29 55.60 -32.50
CA ASP A 1127 68.17 54.58 -31.98
C ASP A 1127 67.46 53.48 -31.18
N VAL A 1128 66.25 53.72 -30.70
CA VAL A 1128 65.58 52.77 -29.83
C VAL A 1128 64.68 51.81 -30.63
N VAL A 1129 63.96 52.33 -31.61
CA VAL A 1129 63.01 51.52 -32.37
C VAL A 1129 63.76 50.54 -33.25
N ILE A 1130 63.15 49.38 -33.49
CA ILE A 1130 63.70 48.36 -34.38
C ILE A 1130 62.80 48.28 -35.61
N GLY A 1131 63.38 48.48 -36.78
CA GLY A 1131 62.62 48.55 -38.01
C GLY A 1131 62.30 49.95 -38.51
N ILE A 1132 62.94 50.96 -37.95
CA ILE A 1132 62.65 52.34 -38.36
C ILE A 1132 63.28 52.61 -39.71
N VAL A 1133 62.51 53.20 -40.62
CA VAL A 1133 62.96 53.47 -41.98
C VAL A 1133 63.21 54.97 -42.14
N ASN A 1134 63.87 55.32 -43.24
CA ASN A 1134 64.26 56.70 -43.52
C ASN A 1134 63.36 57.27 -44.61
N ASN A 1135 62.82 58.46 -44.36
CA ASN A 1135 61.95 59.13 -45.32
C ASN A 1135 61.84 60.59 -44.92
N THR A 1136 61.16 61.37 -45.75
CA THR A 1136 60.95 62.80 -45.50
C THR A 1136 59.53 63.04 -44.99
N VAL A 1137 59.37 64.10 -44.21
CA VAL A 1137 58.09 64.50 -43.65
C VAL A 1137 57.80 65.92 -44.10
N TYR A 1138 56.66 66.10 -44.75
CA TYR A 1138 56.31 67.41 -45.31
C TYR A 1138 55.96 68.39 -44.19
N ASP A 1139 56.49 69.61 -44.29
CA ASP A 1139 56.15 70.68 -43.37
C ASP A 1139 55.26 71.68 -44.09
N PRO A 1140 54.00 71.84 -43.69
CA PRO A 1140 53.08 72.71 -44.46
C PRO A 1140 53.31 74.19 -44.24
N LEU A 1141 54.33 74.55 -43.45
CA LEU A 1141 54.61 75.95 -43.14
C LEU A 1141 55.69 76.54 -44.02
N GLN A 1142 56.67 75.74 -44.46
CA GLN A 1142 57.78 76.27 -45.24
C GLN A 1142 57.36 76.94 -46.54
N PRO A 1143 56.45 76.37 -47.36
CA PRO A 1143 56.06 77.09 -48.60
C PRO A 1143 55.48 78.46 -48.35
N GLU A 1144 54.80 78.68 -47.22
CA GLU A 1144 54.24 79.99 -46.92
C GLU A 1144 55.34 81.02 -46.68
N LEU A 1145 56.43 80.60 -46.03
CA LEU A 1145 57.51 81.53 -45.71
C LEU A 1145 58.20 82.05 -46.96
N ASP A 1146 58.42 81.19 -47.95
CA ASP A 1146 59.12 81.56 -49.18
C ASP A 1146 58.18 82.05 -50.27
N SER A 1147 56.89 82.17 -49.98
CA SER A 1147 55.95 82.67 -50.97
C SER A 1147 56.20 84.15 -51.27
N PHE A 1148 56.71 84.88 -50.28
CA PHE A 1148 56.92 86.32 -50.42
C PHE A 1148 58.38 86.68 -50.61
N LYS A 1149 59.29 86.01 -49.90
CA LYS A 1149 60.71 86.30 -50.01
C LYS A 1149 61.28 85.79 -51.33
N PRO B 26 48.72 -8.76 38.12
CA PRO B 26 48.00 -8.06 37.04
C PRO B 26 48.73 -8.13 35.70
N ALA B 27 49.23 -6.99 35.25
CA ALA B 27 50.00 -6.88 34.00
C ALA B 27 49.20 -7.42 32.81
N TYR B 28 47.99 -6.90 32.67
CA TYR B 28 47.16 -7.26 31.53
C TYR B 28 47.68 -6.55 30.27
N THR B 29 47.05 -6.87 29.14
CA THR B 29 47.47 -6.30 27.86
C THR B 29 46.23 -5.97 27.05
N ASN B 30 46.35 -4.95 26.21
CA ASN B 30 45.31 -4.56 25.27
C ASN B 30 45.76 -4.87 23.85
N SER B 31 44.80 -5.24 23.01
CA SER B 31 45.09 -5.74 21.66
C SER B 31 45.44 -4.57 20.75
N PHE B 32 46.62 -4.63 20.13
CA PHE B 32 47.06 -3.61 19.17
C PHE B 32 46.55 -3.98 17.79
N THR B 33 45.25 -3.75 17.58
CA THR B 33 44.58 -4.00 16.31
C THR B 33 44.72 -5.45 15.89
N ARG B 34 44.24 -6.35 16.76
CA ARG B 34 44.32 -7.79 16.54
C ARG B 34 42.92 -8.40 16.52
N GLY B 35 42.80 -9.55 15.88
CA GLY B 35 41.57 -10.31 15.88
C GLY B 35 40.61 -9.96 14.77
N VAL B 36 41.13 -9.78 13.55
CA VAL B 36 40.33 -9.48 12.38
C VAL B 36 40.49 -10.62 11.38
N TYR B 37 39.37 -11.12 10.86
CA TYR B 37 39.34 -12.27 9.98
C TYR B 37 38.68 -11.89 8.66
N TYR B 38 38.53 -12.90 7.79
CA TYR B 38 37.86 -12.69 6.50
C TYR B 38 36.37 -12.93 6.69
N PRO B 39 35.53 -11.90 6.53
CA PRO B 39 34.09 -12.10 6.78
C PRO B 39 33.43 -13.12 5.87
N ASP B 40 33.89 -13.27 4.63
CA ASP B 40 33.24 -14.18 3.69
C ASP B 40 34.29 -14.70 2.70
N LYS B 41 33.84 -15.55 1.79
CA LYS B 41 34.70 -16.17 0.79
C LYS B 41 34.68 -15.46 -0.55
N VAL B 42 34.48 -14.15 -0.55
CA VAL B 42 34.41 -13.35 -1.77
C VAL B 42 35.77 -12.69 -2.00
N PHE B 43 36.25 -12.73 -3.23
CA PHE B 43 37.52 -12.14 -3.60
C PHE B 43 37.30 -10.71 -4.10
N ARG B 44 38.02 -9.76 -3.51
CA ARG B 44 37.97 -8.37 -3.92
C ARG B 44 39.39 -7.83 -4.01
N SER B 45 39.63 -6.94 -4.98
CA SER B 45 40.95 -6.40 -5.24
C SER B 45 40.90 -4.88 -5.22
N SER B 46 41.82 -4.27 -4.47
CA SER B 46 41.96 -2.82 -4.38
C SER B 46 40.63 -2.14 -4.07
N VAL B 47 39.91 -2.69 -3.10
CA VAL B 47 38.58 -2.22 -2.73
C VAL B 47 38.55 -2.01 -1.22
N LEU B 48 38.10 -0.84 -0.79
CA LEU B 48 37.87 -0.55 0.63
C LEU B 48 36.42 -0.91 0.94
N HIS B 49 36.20 -2.08 1.53
CA HIS B 49 34.87 -2.61 1.77
C HIS B 49 34.46 -2.38 3.22
N SER B 50 33.21 -2.01 3.43
CA SER B 50 32.66 -1.79 4.75
C SER B 50 31.73 -2.96 5.09
N THR B 51 32.00 -3.62 6.22
CA THR B 51 31.24 -4.77 6.65
C THR B 51 30.92 -4.66 8.13
N GLN B 52 29.80 -5.27 8.53
CA GLN B 52 29.38 -5.31 9.93
C GLN B 52 29.24 -6.77 10.33
N ASP B 53 30.04 -7.19 11.32
CA ASP B 53 30.02 -8.55 11.81
C ASP B 53 30.43 -8.53 13.28
N LEU B 54 30.78 -9.69 13.81
CA LEU B 54 31.25 -9.81 15.20
C LEU B 54 32.77 -9.72 15.18
N PHE B 55 33.30 -8.54 15.49
CA PHE B 55 34.72 -8.27 15.48
C PHE B 55 35.19 -7.92 16.88
N LEU B 56 36.48 -8.13 17.13
CA LEU B 56 37.08 -7.76 18.40
C LEU B 56 37.47 -6.29 18.36
N PRO B 57 36.94 -5.45 19.24
CA PRO B 57 37.20 -4.01 19.14
C PRO B 57 38.67 -3.66 19.28
N PHE B 58 39.10 -2.64 18.55
CA PHE B 58 40.48 -2.20 18.60
C PHE B 58 40.80 -1.60 19.97
N PHE B 59 42.04 -1.85 20.43
CA PHE B 59 42.54 -1.32 21.69
C PHE B 59 41.71 -1.75 22.89
N SER B 60 40.89 -2.79 22.73
CA SER B 60 40.17 -3.36 23.86
C SER B 60 41.12 -4.14 24.75
N ASN B 61 40.93 -4.00 26.06
CA ASN B 61 41.81 -4.66 27.01
C ASN B 61 41.50 -6.15 27.09
N VAL B 62 42.56 -6.96 27.06
CA VAL B 62 42.42 -8.41 26.96
C VAL B 62 42.65 -9.02 28.33
N THR B 63 41.72 -9.86 28.77
CA THR B 63 41.79 -10.49 30.10
C THR B 63 42.76 -11.67 30.01
N TRP B 64 44.05 -11.33 29.97
CA TRP B 64 45.11 -12.33 30.05
C TRP B 64 44.85 -13.23 31.25
N PHE B 65 44.62 -14.52 31.00
CA PHE B 65 44.11 -15.40 32.04
C PHE B 65 45.06 -16.58 32.20
N HIS B 66 46.35 -16.30 32.35
CA HIS B 66 47.34 -17.32 32.64
C HIS B 66 47.03 -18.03 33.95
N PHE B 79 47.76 -23.43 35.61
CA PHE B 79 47.63 -23.50 37.06
C PHE B 79 46.20 -23.84 37.46
N ASP B 80 45.32 -22.84 37.43
CA ASP B 80 43.91 -22.99 37.74
C ASP B 80 43.16 -23.34 36.46
N ASN B 81 42.08 -24.11 36.61
CA ASN B 81 41.29 -24.52 35.46
C ASN B 81 39.93 -23.83 35.51
N PRO B 82 39.75 -22.72 34.80
CA PRO B 82 38.49 -21.97 34.91
C PRO B 82 37.47 -22.40 33.86
N VAL B 83 36.22 -22.01 34.11
CA VAL B 83 35.14 -22.15 33.16
C VAL B 83 34.78 -20.76 32.66
N LEU B 84 35.25 -20.42 31.45
CA LEU B 84 35.02 -19.10 30.87
C LEU B 84 33.76 -19.09 30.01
N PRO B 85 32.91 -18.07 30.14
CA PRO B 85 31.73 -17.99 29.28
C PRO B 85 32.12 -17.73 27.83
N PHE B 86 31.22 -18.12 26.93
CA PHE B 86 31.45 -17.92 25.49
C PHE B 86 31.06 -16.50 25.06
N ASN B 87 29.78 -16.16 25.19
CA ASN B 87 29.26 -14.83 24.90
C ASN B 87 29.61 -14.38 23.47
N ASP B 88 29.09 -15.14 22.50
CA ASP B 88 29.14 -14.78 21.09
C ASP B 88 30.58 -14.58 20.60
N GLY B 89 31.33 -15.66 20.64
CA GLY B 89 32.66 -15.65 20.05
C GLY B 89 33.75 -15.33 21.06
N VAL B 90 34.93 -15.88 20.79
CA VAL B 90 36.09 -15.71 21.66
C VAL B 90 37.36 -15.67 20.82
N TYR B 91 38.13 -14.61 20.95
CA TYR B 91 39.44 -14.51 20.28
C TYR B 91 40.46 -15.17 21.20
N PHE B 92 40.63 -16.47 21.07
CA PHE B 92 41.55 -17.22 21.92
C PHE B 92 42.92 -17.21 21.23
N ALA B 93 43.73 -16.20 21.54
CA ALA B 93 45.10 -16.17 21.06
C ALA B 93 45.96 -17.08 21.93
N SER B 94 47.24 -17.21 21.56
CA SER B 94 48.20 -17.97 22.35
C SER B 94 49.59 -17.71 21.81
N THR B 95 50.55 -17.54 22.74
CA THR B 95 51.94 -17.29 22.37
C THR B 95 52.89 -18.28 23.03
N GLU B 96 52.38 -19.38 23.58
CA GLU B 96 53.22 -20.34 24.28
C GLU B 96 54.25 -20.95 23.33
N LYS B 97 55.44 -21.23 23.88
CA LYS B 97 56.56 -21.75 23.12
C LYS B 97 57.02 -23.06 23.75
N SER B 98 57.27 -24.07 22.89
CA SER B 98 57.75 -25.38 23.29
C SER B 98 56.69 -26.15 24.08
N ASN B 99 55.54 -25.54 24.30
CA ASN B 99 54.44 -26.22 24.96
C ASN B 99 53.25 -26.34 24.00
N ILE B 100 52.36 -27.28 24.30
CA ILE B 100 51.14 -27.49 23.53
C ILE B 100 49.95 -27.32 24.46
N ILE B 101 49.00 -26.48 24.04
CA ILE B 101 47.79 -26.23 24.83
C ILE B 101 46.82 -27.39 24.60
N ARG B 102 47.17 -28.30 23.70
CA ARG B 102 46.36 -29.48 23.38
C ARG B 102 45.03 -28.99 22.84
N GLY B 103 43.89 -29.46 23.36
CA GLY B 103 42.60 -29.14 22.81
C GLY B 103 41.76 -28.26 23.72
N TRP B 104 40.51 -28.08 23.30
CA TRP B 104 39.55 -27.24 24.01
C TRP B 104 38.35 -28.09 24.44
N ILE B 105 37.49 -27.48 25.25
CA ILE B 105 36.23 -28.08 25.67
C ILE B 105 35.13 -27.06 25.49
N PHE B 106 34.00 -27.49 24.93
CA PHE B 106 32.84 -26.63 24.74
C PHE B 106 31.58 -27.34 25.21
N GLY B 107 30.56 -26.55 25.51
CA GLY B 107 29.29 -27.13 25.91
C GLY B 107 28.37 -26.06 26.49
N THR B 108 27.25 -26.53 27.03
CA THR B 108 26.28 -25.66 27.69
C THR B 108 26.30 -25.83 29.21
N THR B 109 26.24 -27.07 29.69
CA THR B 109 26.34 -27.34 31.12
C THR B 109 27.49 -28.29 31.47
N LEU B 110 28.09 -28.95 30.49
CA LEU B 110 29.21 -29.87 30.70
C LEU B 110 28.83 -30.98 31.69
N ASP B 111 27.73 -31.66 31.38
CA ASP B 111 27.22 -32.74 32.21
C ASP B 111 26.34 -33.63 31.35
N SER B 112 25.53 -34.46 32.02
CA SER B 112 24.65 -35.41 31.33
C SER B 112 23.54 -34.74 30.53
N LYS B 113 23.32 -33.43 30.72
CA LYS B 113 22.20 -32.78 30.03
C LYS B 113 22.48 -32.58 28.55
N THR B 114 23.61 -31.97 28.21
CA THR B 114 23.87 -31.56 26.83
C THR B 114 25.17 -32.16 26.33
N GLN B 115 25.28 -32.31 25.01
CA GLN B 115 26.50 -32.81 24.40
C GLN B 115 27.61 -31.77 24.51
N SER B 116 28.84 -32.27 24.60
CA SER B 116 30.02 -31.41 24.74
C SER B 116 30.90 -31.56 23.51
N LEU B 117 31.20 -30.44 22.86
CA LEU B 117 32.10 -30.41 21.71
C LEU B 117 33.53 -30.40 22.21
N LEU B 118 34.26 -31.47 21.93
CA LEU B 118 35.61 -31.67 22.48
C LEU B 118 36.60 -31.77 21.33
N ILE B 119 37.31 -30.68 21.06
CA ILE B 119 38.28 -30.63 19.96
C ILE B 119 39.62 -31.06 20.55
N VAL B 120 39.92 -32.35 20.46
CA VAL B 120 41.19 -32.89 20.94
C VAL B 120 42.17 -32.90 19.77
N ASN B 121 43.33 -32.30 19.96
CA ASN B 121 44.43 -32.35 19.01
C ASN B 121 45.57 -33.10 19.71
N ASN B 122 45.70 -34.40 19.41
CA ASN B 122 46.67 -35.23 20.11
C ASN B 122 48.05 -35.22 19.43
N ALA B 123 48.35 -34.16 18.69
CA ALA B 123 49.63 -33.85 18.05
C ALA B 123 49.87 -34.62 16.76
N THR B 124 48.86 -35.32 16.24
CA THR B 124 49.00 -35.95 14.94
C THR B 124 47.76 -35.67 14.08
N ASN B 125 46.63 -35.38 14.73
CA ASN B 125 45.45 -34.93 14.01
C ASN B 125 44.54 -34.18 14.97
N VAL B 126 43.63 -33.40 14.41
CA VAL B 126 42.59 -32.72 15.18
C VAL B 126 41.38 -33.67 15.20
N VAL B 127 41.40 -34.60 16.15
CA VAL B 127 40.31 -35.55 16.28
C VAL B 127 39.16 -34.88 17.02
N ILE B 128 38.19 -34.38 16.27
CA ILE B 128 37.06 -33.67 16.84
C ILE B 128 35.99 -34.67 17.28
N LYS B 129 36.01 -35.02 18.55
CA LYS B 129 35.01 -35.93 19.11
C LYS B 129 33.88 -35.12 19.74
N VAL B 130 32.66 -35.35 19.29
CA VAL B 130 31.48 -34.73 19.88
C VAL B 130 30.84 -35.65 20.92
N CYS B 131 31.58 -36.65 21.40
CA CYS B 131 31.05 -37.55 22.41
C CYS B 131 30.71 -36.79 23.69
N GLU B 132 29.55 -37.11 24.27
CA GLU B 132 29.08 -36.47 25.48
C GLU B 132 29.56 -37.23 26.71
N PHE B 133 30.01 -36.48 27.73
CA PHE B 133 30.45 -37.09 28.98
C PHE B 133 29.84 -36.33 30.14
N GLN B 134 29.78 -37.01 31.29
CA GLN B 134 29.21 -36.43 32.51
C GLN B 134 30.25 -35.54 33.19
N PHE B 135 29.97 -35.15 34.44
CA PHE B 135 30.86 -34.29 35.20
C PHE B 135 32.26 -34.88 35.29
N CYS B 136 33.22 -34.17 34.70
CA CYS B 136 34.62 -34.58 34.81
C CYS B 136 35.27 -33.84 35.99
N ASN B 137 35.87 -34.60 36.90
CA ASN B 137 36.54 -34.01 38.06
C ASN B 137 37.87 -33.43 37.61
N ASP B 138 37.93 -32.10 37.53
CA ASP B 138 39.10 -31.36 37.08
C ASP B 138 39.58 -31.87 35.73
N PRO B 139 38.86 -31.55 34.63
CA PRO B 139 39.28 -32.03 33.30
C PRO B 139 40.72 -31.70 32.96
N PHE B 140 41.53 -32.74 32.78
CA PHE B 140 42.93 -32.58 32.43
C PHE B 140 43.40 -33.87 31.79
N LEU B 141 44.02 -33.76 30.61
CA LEU B 141 44.44 -34.93 29.86
C LEU B 141 45.96 -34.99 29.71
N MET B 153 55.23 -44.34 31.06
CA MET B 153 55.59 -44.39 29.65
C MET B 153 54.41 -44.04 28.76
N GLU B 154 53.20 -44.26 29.28
CA GLU B 154 51.96 -43.97 28.56
C GLU B 154 51.36 -42.69 29.14
N SER B 155 51.03 -41.75 28.25
CA SER B 155 50.37 -40.50 28.65
C SER B 155 49.26 -40.12 27.69
N GLU B 156 48.91 -41.01 26.75
CA GLU B 156 47.86 -40.76 25.78
C GLU B 156 46.56 -41.51 26.11
N PHE B 157 46.22 -41.61 27.39
CA PHE B 157 45.04 -42.35 27.81
C PHE B 157 43.80 -41.46 27.74
N ARG B 158 42.69 -42.00 28.22
CA ARG B 158 41.42 -41.29 28.28
C ARG B 158 40.68 -41.70 29.54
N VAL B 159 39.88 -40.79 30.08
CA VAL B 159 39.15 -40.99 31.31
C VAL B 159 37.66 -40.97 31.02
N TYR B 160 36.92 -41.93 31.59
CA TYR B 160 35.49 -42.08 31.40
C TYR B 160 35.11 -42.10 29.92
N SER B 161 34.50 -41.02 29.43
CA SER B 161 34.05 -40.91 28.04
C SER B 161 33.09 -42.05 27.69
N SER B 162 31.92 -42.06 28.35
CA SER B 162 30.93 -43.09 28.10
C SER B 162 30.48 -43.12 26.65
N ALA B 163 30.55 -42.00 25.94
CA ALA B 163 30.23 -41.91 24.51
C ALA B 163 28.81 -42.42 24.24
N ASN B 164 27.84 -41.74 24.83
CA ASN B 164 26.45 -42.14 24.67
C ASN B 164 26.00 -42.02 23.22
N ASN B 165 26.30 -40.88 22.58
CA ASN B 165 25.87 -40.64 21.21
C ASN B 165 27.04 -40.52 20.24
N CYS B 166 27.89 -39.51 20.41
CA CYS B 166 29.08 -39.25 19.58
C CYS B 166 28.84 -39.60 18.11
N THR B 167 27.78 -39.01 17.57
CA THR B 167 27.38 -39.28 16.19
C THR B 167 28.09 -38.39 15.18
N PHE B 168 28.84 -37.39 15.62
CA PHE B 168 29.60 -36.54 14.71
C PHE B 168 31.07 -36.77 14.99
N GLU B 169 31.83 -37.09 13.94
CA GLU B 169 33.26 -37.30 14.05
C GLU B 169 33.94 -36.68 12.85
N TYR B 170 34.87 -35.76 13.10
CA TYR B 170 35.58 -35.05 12.04
C TYR B 170 37.08 -35.31 12.15
N VAL B 171 37.42 -36.59 12.29
CA VAL B 171 38.82 -36.99 12.28
C VAL B 171 39.43 -36.59 10.94
N SER B 172 40.40 -35.69 10.98
CA SER B 172 40.97 -35.15 9.75
C SER B 172 42.39 -34.69 10.02
N GLN B 173 43.14 -34.51 8.95
CA GLN B 173 44.52 -34.06 9.06
C GLN B 173 44.56 -32.60 9.49
N PRO B 174 45.44 -32.24 10.44
CA PRO B 174 45.54 -30.87 10.95
C PRO B 174 46.23 -29.92 9.96
N PHE B 186 59.13 -17.42 20.88
CA PHE B 186 59.68 -17.24 19.53
C PHE B 186 58.82 -17.97 18.52
N LYS B 187 58.06 -18.95 19.00
CA LYS B 187 57.15 -19.69 18.14
C LYS B 187 56.07 -18.77 17.59
N ASN B 188 55.58 -19.10 16.39
CA ASN B 188 54.57 -18.29 15.74
C ASN B 188 53.35 -18.13 16.64
N LEU B 189 52.88 -16.90 16.79
CA LEU B 189 51.75 -16.61 17.65
C LEU B 189 50.49 -17.22 17.06
N ARG B 190 49.93 -18.21 17.74
CA ARG B 190 48.73 -18.90 17.28
C ARG B 190 47.49 -18.13 17.72
N GLU B 191 46.77 -17.57 16.76
CA GLU B 191 45.55 -16.82 17.03
C GLU B 191 44.37 -17.59 16.48
N PHE B 192 43.35 -17.81 17.32
CA PHE B 192 42.16 -18.53 16.92
C PHE B 192 40.92 -17.72 17.27
N VAL B 193 39.94 -17.76 16.38
CA VAL B 193 38.64 -17.15 16.63
C VAL B 193 37.59 -18.25 16.52
N PHE B 194 36.86 -18.48 17.60
CA PHE B 194 35.84 -19.51 17.66
C PHE B 194 34.47 -18.84 17.68
N LYS B 195 33.65 -19.15 16.68
CA LYS B 195 32.32 -18.59 16.57
C LYS B 195 31.30 -19.70 16.43
N ASN B 196 30.11 -19.47 16.97
CA ASN B 196 29.02 -20.46 16.92
C ASN B 196 27.73 -19.67 16.70
N ILE B 197 27.35 -19.51 15.44
CA ILE B 197 26.17 -18.73 15.06
C ILE B 197 25.44 -19.44 13.93
N ASP B 198 24.12 -19.26 13.91
CA ASP B 198 23.25 -19.83 12.87
C ASP B 198 23.42 -21.33 12.72
N GLY B 199 23.63 -22.03 13.84
CA GLY B 199 23.76 -23.46 13.79
C GLY B 199 25.06 -23.98 13.22
N TYR B 200 26.07 -23.13 13.10
CA TYR B 200 27.35 -23.51 12.50
C TYR B 200 28.49 -23.10 13.43
N PHE B 201 29.52 -23.92 13.47
CA PHE B 201 30.72 -23.66 14.26
C PHE B 201 31.88 -23.38 13.32
N LYS B 202 32.49 -22.21 13.48
CA LYS B 202 33.54 -21.74 12.59
C LYS B 202 34.83 -21.49 13.37
N ILE B 203 35.97 -21.80 12.75
CA ILE B 203 37.28 -21.62 13.36
C ILE B 203 38.19 -20.95 12.34
N TYR B 204 38.80 -19.83 12.74
CA TYR B 204 39.81 -19.14 11.94
C TYR B 204 41.14 -19.19 12.67
N SER B 205 42.23 -19.20 11.90
CA SER B 205 43.54 -19.31 12.52
C SER B 205 44.60 -18.74 11.59
N LYS B 206 45.77 -18.44 12.17
CA LYS B 206 46.92 -17.89 11.46
C LYS B 206 48.13 -17.96 12.38
N HIS B 207 49.28 -18.31 11.81
CA HIS B 207 50.53 -18.39 12.56
C HIS B 207 51.44 -17.25 12.09
N THR B 208 51.88 -16.42 13.03
CA THR B 208 52.68 -15.25 12.71
C THR B 208 54.02 -15.31 13.45
N PRO B 209 55.14 -15.53 12.75
CA PRO B 209 56.43 -15.59 13.44
C PRO B 209 56.95 -14.22 13.89
N ILE B 210 56.87 -13.95 15.19
CA ILE B 210 57.45 -12.75 15.78
C ILE B 210 58.02 -13.12 17.15
N ASN B 211 59.28 -12.74 17.37
CA ASN B 211 59.97 -13.05 18.64
C ASN B 211 59.82 -11.86 19.57
N LEU B 212 58.83 -11.96 20.47
CA LEU B 212 58.58 -10.91 21.45
C LEU B 212 58.17 -11.57 22.76
N VAL B 213 58.31 -10.81 23.85
CA VAL B 213 58.07 -11.32 25.19
C VAL B 213 57.07 -10.42 25.90
N ARG B 214 56.10 -11.05 26.58
CA ARG B 214 55.19 -10.40 27.52
C ARG B 214 54.30 -9.35 26.88
N ASP B 215 54.41 -9.17 25.56
CA ASP B 215 53.60 -8.19 24.85
C ASP B 215 53.04 -8.80 23.57
N LEU B 216 51.79 -8.48 23.27
CA LEU B 216 51.21 -8.85 21.99
C LEU B 216 51.89 -8.06 20.87
N PRO B 217 52.43 -8.71 19.86
CA PRO B 217 53.11 -7.96 18.79
C PRO B 217 52.14 -7.07 18.03
N GLN B 218 52.65 -5.95 17.56
CA GLN B 218 51.86 -5.00 16.78
C GLN B 218 51.77 -5.51 15.34
N GLY B 219 51.27 -4.66 14.44
CA GLY B 219 51.11 -5.04 13.07
C GLY B 219 49.73 -5.59 12.77
N PHE B 220 49.56 -6.00 11.52
CA PHE B 220 48.28 -6.45 11.00
C PHE B 220 48.42 -7.85 10.45
N SER B 221 47.43 -8.70 10.74
CA SER B 221 47.41 -10.07 10.22
C SER B 221 45.98 -10.58 10.26
N ALA B 222 45.41 -10.82 9.08
CA ALA B 222 44.04 -11.33 8.98
C ALA B 222 44.04 -12.84 9.11
N LEU B 223 42.94 -13.36 9.65
CA LEU B 223 42.79 -14.79 9.92
C LEU B 223 41.99 -15.45 8.79
N GLU B 224 42.52 -16.55 8.26
CA GLU B 224 41.89 -17.28 7.17
C GLU B 224 41.03 -18.40 7.73
N PRO B 225 39.82 -18.63 7.20
CA PRO B 225 38.96 -19.69 7.73
C PRO B 225 39.60 -21.05 7.58
N LEU B 226 39.36 -21.92 8.55
CA LEU B 226 39.98 -23.24 8.59
C LEU B 226 38.96 -24.37 8.53
N VAL B 227 37.98 -24.40 9.43
CA VAL B 227 37.06 -25.52 9.56
C VAL B 227 35.66 -24.98 9.82
N ASP B 228 34.67 -25.56 9.16
CA ASP B 228 33.26 -25.25 9.40
C ASP B 228 32.56 -26.52 9.87
N LEU B 229 31.73 -26.39 10.91
CA LEU B 229 31.07 -27.53 11.52
C LEU B 229 29.56 -27.36 11.46
N PRO B 230 28.84 -28.30 10.87
CA PRO B 230 27.35 -28.31 10.95
C PRO B 230 26.88 -28.99 12.24
N ILE B 231 26.88 -28.23 13.33
CA ILE B 231 26.63 -28.75 14.66
C ILE B 231 25.24 -28.36 15.15
N GLY B 232 24.91 -27.07 15.13
CA GLY B 232 23.58 -26.60 15.45
C GLY B 232 23.09 -26.89 16.86
N ILE B 233 23.93 -26.65 17.87
CA ILE B 233 23.54 -26.86 19.26
C ILE B 233 23.68 -25.57 20.04
N ASN B 234 23.33 -25.60 21.33
CA ASN B 234 23.36 -24.45 22.20
C ASN B 234 24.68 -24.45 22.97
N ILE B 235 25.36 -23.30 22.99
CA ILE B 235 26.65 -23.17 23.65
C ILE B 235 26.63 -21.92 24.52
N THR B 236 27.15 -22.03 25.74
CA THR B 236 27.21 -20.89 26.64
C THR B 236 28.59 -20.71 27.28
N ARG B 237 29.29 -21.81 27.50
CA ARG B 237 30.57 -21.79 28.20
C ARG B 237 31.60 -22.62 27.44
N PHE B 238 32.86 -22.48 27.83
CA PHE B 238 33.92 -23.28 27.25
C PHE B 238 35.07 -23.39 28.26
N GLN B 239 36.04 -24.23 27.93
CA GLN B 239 37.15 -24.53 28.83
C GLN B 239 38.38 -24.82 27.98
N THR B 240 39.38 -25.46 28.56
CA THR B 240 40.60 -25.81 27.83
C THR B 240 41.16 -27.10 28.39
N LEU B 241 41.90 -27.84 27.56
CA LEU B 241 42.63 -29.02 28.00
C LEU B 241 44.06 -28.60 28.33
N LEU B 242 44.21 -27.91 29.46
CA LEU B 242 45.53 -27.45 29.87
C LEU B 242 46.44 -28.64 30.16
N ALA B 243 47.68 -28.53 29.67
CA ALA B 243 48.72 -29.53 29.96
C ALA B 243 49.28 -29.26 31.35
N LEU B 244 48.46 -29.58 32.35
CA LEU B 244 48.77 -29.28 33.75
C LEU B 244 49.72 -30.35 34.30
N HIS B 245 50.97 -30.26 33.87
CA HIS B 245 52.05 -31.11 34.38
C HIS B 245 52.88 -30.31 35.37
N ARG B 246 52.90 -30.77 36.61
CA ARG B 246 53.65 -30.08 37.66
C ARG B 246 55.11 -30.49 37.66
N ALA B 262 53.29 -18.35 30.06
CA ALA B 262 53.20 -18.80 28.67
C ALA B 262 51.75 -19.06 28.27
N ALA B 263 50.92 -19.30 29.27
CA ALA B 263 49.51 -19.64 29.05
C ALA B 263 48.76 -18.37 28.66
N ALA B 264 48.87 -18.02 27.38
CA ALA B 264 48.32 -16.77 26.86
C ALA B 264 46.84 -16.94 26.53
N TYR B 265 46.04 -17.00 27.60
CA TYR B 265 44.59 -17.14 27.47
C TYR B 265 44.00 -15.79 27.08
N TYR B 266 44.43 -15.27 25.94
CA TYR B 266 44.11 -13.90 25.56
C TYR B 266 42.67 -13.78 25.09
N VAL B 267 41.72 -14.15 25.96
CA VAL B 267 40.34 -14.32 25.55
C VAL B 267 39.61 -12.97 25.48
N GLY B 268 39.60 -12.36 24.30
CA GLY B 268 38.85 -11.15 24.06
C GLY B 268 37.52 -11.47 23.39
N TYR B 269 36.44 -11.17 24.09
CA TYR B 269 35.10 -11.47 23.60
C TYR B 269 34.76 -10.57 22.42
N LEU B 270 34.27 -11.17 21.34
CA LEU B 270 33.85 -10.40 20.17
C LEU B 270 32.58 -9.63 20.46
N GLN B 271 32.44 -8.47 19.83
CA GLN B 271 31.26 -7.64 19.95
C GLN B 271 30.78 -7.22 18.57
N PRO B 272 29.47 -6.98 18.41
CA PRO B 272 28.94 -6.61 17.09
C PRO B 272 29.22 -5.16 16.72
N ARG B 273 30.40 -4.89 16.18
CA ARG B 273 30.80 -3.55 15.77
C ARG B 273 31.02 -3.51 14.25
N THR B 274 31.11 -2.29 13.72
CA THR B 274 31.24 -2.05 12.29
C THR B 274 32.67 -1.64 11.96
N PHE B 275 33.23 -2.26 10.94
CA PHE B 275 34.62 -2.04 10.53
C PHE B 275 34.68 -1.52 9.11
N LEU B 276 35.90 -1.38 8.59
CA LEU B 276 36.13 -0.94 7.21
C LEU B 276 37.47 -1.54 6.78
N LEU B 277 37.43 -2.55 5.93
CA LEU B 277 38.62 -3.30 5.54
C LEU B 277 39.14 -2.82 4.20
N LYS B 278 40.44 -3.02 3.99
CA LYS B 278 41.09 -2.67 2.73
C LYS B 278 41.76 -3.92 2.16
N TYR B 279 41.53 -4.17 0.87
CA TYR B 279 42.08 -5.31 0.18
C TYR B 279 43.15 -4.85 -0.80
N ASN B 280 44.27 -5.57 -0.83
CA ASN B 280 45.35 -5.23 -1.76
C ASN B 280 45.09 -5.87 -3.12
N GLU B 281 46.10 -5.88 -3.98
CA GLU B 281 45.92 -6.38 -5.34
C GLU B 281 45.54 -7.85 -5.35
N ASN B 282 46.21 -8.65 -4.52
CA ASN B 282 46.01 -10.10 -4.52
C ASN B 282 44.89 -10.55 -3.60
N GLY B 283 44.00 -9.65 -3.20
CA GLY B 283 42.89 -10.03 -2.35
C GLY B 283 43.23 -10.34 -0.92
N THR B 284 44.32 -9.76 -0.41
CA THR B 284 44.73 -9.94 0.98
C THR B 284 44.43 -8.68 1.76
N ILE B 285 43.76 -8.84 2.91
CA ILE B 285 43.47 -7.70 3.77
C ILE B 285 44.76 -7.19 4.37
N THR B 286 45.00 -5.88 4.24
CA THR B 286 46.25 -5.29 4.71
C THR B 286 46.06 -4.15 5.71
N ASP B 287 44.85 -3.62 5.87
CA ASP B 287 44.60 -2.59 6.87
C ASP B 287 43.10 -2.52 7.13
N ALA B 288 42.75 -2.01 8.32
CA ALA B 288 41.35 -1.88 8.70
C ALA B 288 41.22 -0.82 9.78
N VAL B 289 40.09 -0.13 9.79
CA VAL B 289 39.76 0.86 10.80
C VAL B 289 38.36 0.59 11.32
N ASP B 290 38.08 1.14 12.50
CA ASP B 290 36.74 1.05 13.07
C ASP B 290 35.92 2.27 12.66
N CYS B 291 34.66 2.30 13.11
CA CYS B 291 33.81 3.46 12.92
C CYS B 291 33.34 4.07 14.23
N ALA B 292 33.82 3.57 15.36
CA ALA B 292 33.39 4.09 16.66
C ALA B 292 34.53 4.24 17.66
N LEU B 293 35.78 4.01 17.28
CA LEU B 293 36.88 4.19 18.21
C LEU B 293 37.14 5.67 18.48
N ASP B 294 37.22 6.47 17.42
CA ASP B 294 37.60 7.87 17.49
C ASP B 294 36.71 8.70 16.57
N PRO B 295 36.65 10.03 16.74
CA PRO B 295 35.99 10.85 15.72
C PRO B 295 36.68 10.74 14.36
N LEU B 296 38.00 10.66 14.34
CA LEU B 296 38.73 10.56 13.07
C LEU B 296 38.37 9.26 12.34
N SER B 297 38.25 8.16 13.07
CA SER B 297 37.84 6.91 12.45
C SER B 297 36.42 7.02 11.90
N GLU B 298 35.55 7.76 12.60
CA GLU B 298 34.20 7.97 12.10
C GLU B 298 34.22 8.76 10.79
N THR B 299 35.06 9.79 10.71
CA THR B 299 35.19 10.54 9.45
C THR B 299 35.72 9.65 8.35
N LYS B 300 36.69 8.79 8.66
CA LYS B 300 37.22 7.87 7.65
C LYS B 300 36.13 6.92 7.16
N CYS B 301 35.31 6.40 8.07
CA CYS B 301 34.22 5.51 7.68
C CYS B 301 33.20 6.23 6.80
N THR B 302 32.84 7.46 7.17
CA THR B 302 31.87 8.22 6.38
C THR B 302 32.42 8.54 4.99
N LEU B 303 33.69 8.92 4.91
CA LEU B 303 34.33 9.25 3.65
C LEU B 303 34.69 8.02 2.83
N LYS B 304 34.65 6.83 3.43
CA LYS B 304 35.03 5.58 2.76
C LYS B 304 36.44 5.66 2.18
N SER B 305 37.36 6.22 2.95
CA SER B 305 38.74 6.35 2.51
C SER B 305 39.64 6.38 3.74
N PHE B 306 40.93 6.16 3.52
CA PHE B 306 41.92 6.14 4.58
C PHE B 306 42.71 7.45 4.68
N THR B 307 42.51 8.38 3.76
CA THR B 307 43.17 9.68 3.79
C THR B 307 42.11 10.77 3.76
N VAL B 308 42.23 11.73 4.66
CA VAL B 308 41.25 12.81 4.80
C VAL B 308 41.95 14.13 4.56
N GLU B 309 41.37 14.95 3.67
CA GLU B 309 41.91 16.27 3.40
C GLU B 309 41.41 17.27 4.45
N LYS B 310 42.06 18.43 4.48
CA LYS B 310 41.70 19.46 5.44
C LYS B 310 40.28 19.96 5.17
N GLY B 311 39.49 20.08 6.22
CA GLY B 311 38.13 20.55 6.09
C GLY B 311 37.31 20.16 7.30
N ILE B 312 36.01 20.42 7.19
CA ILE B 312 35.04 20.07 8.23
C ILE B 312 34.00 19.15 7.62
N TYR B 313 33.77 18.00 8.27
CA TYR B 313 32.86 16.98 7.79
C TYR B 313 31.85 16.64 8.87
N GLN B 314 30.59 16.44 8.45
CA GLN B 314 29.52 16.07 9.37
C GLN B 314 29.41 14.55 9.40
N THR B 315 29.52 13.97 10.61
CA THR B 315 29.57 12.53 10.77
C THR B 315 28.24 11.94 11.22
N SER B 316 27.70 12.40 12.35
CA SER B 316 26.52 11.79 12.94
C SER B 316 25.67 12.87 13.61
N ASN B 317 24.58 12.42 14.24
CA ASN B 317 23.70 13.28 15.01
C ASN B 317 23.65 12.79 16.45
N PHE B 318 23.41 13.70 17.38
CA PHE B 318 23.32 13.37 18.79
C PHE B 318 22.02 13.91 19.36
N ARG B 319 21.48 13.18 20.33
CA ARG B 319 20.23 13.57 20.97
C ARG B 319 20.29 13.23 22.45
N VAL B 320 19.79 14.14 23.29
CA VAL B 320 19.70 13.86 24.71
C VAL B 320 18.54 12.90 24.97
N GLN B 321 18.67 12.10 26.03
CA GLN B 321 17.69 11.08 26.32
C GLN B 321 16.96 11.36 27.62
N PRO B 322 15.68 11.04 27.72
CA PRO B 322 14.94 11.26 28.97
C PRO B 322 15.44 10.36 30.10
N THR B 323 15.33 10.87 31.33
CA THR B 323 15.82 10.17 32.50
C THR B 323 14.75 9.89 33.53
N GLU B 324 13.94 10.89 33.91
CA GLU B 324 13.01 10.72 35.01
C GLU B 324 11.76 9.96 34.59
N SER B 325 11.14 10.35 33.48
CA SER B 325 9.92 9.72 32.97
C SER B 325 8.78 9.78 33.99
N ILE B 326 8.37 11.01 34.30
CA ILE B 326 7.31 11.22 35.28
C ILE B 326 5.95 11.06 34.60
N VAL B 327 4.94 10.74 35.42
CA VAL B 327 3.55 10.66 34.96
C VAL B 327 2.69 11.41 35.97
N ARG B 328 2.30 12.63 35.62
CA ARG B 328 1.52 13.48 36.51
C ARG B 328 0.05 13.37 36.10
N PHE B 329 -0.70 12.54 36.81
CA PHE B 329 -2.14 12.38 36.63
C PHE B 329 -2.82 12.50 37.98
N PRO B 330 -2.90 13.72 38.53
CA PRO B 330 -3.50 13.89 39.85
C PRO B 330 -5.01 14.15 39.79
N ASN B 331 -5.61 14.23 40.98
CA ASN B 331 -6.98 14.65 41.25
C ASN B 331 -7.92 13.45 41.28
N ILE B 332 -8.79 13.40 42.27
CA ILE B 332 -9.67 12.26 42.48
C ILE B 332 -11.07 12.59 41.96
N THR B 333 -11.92 11.57 41.86
CA THR B 333 -13.25 11.77 41.31
C THR B 333 -14.24 12.18 42.39
N ASN B 334 -14.19 11.53 43.54
CA ASN B 334 -15.12 11.82 44.63
C ASN B 334 -14.47 11.45 45.95
N LEU B 335 -15.22 11.60 47.04
CA LEU B 335 -14.75 11.31 48.37
C LEU B 335 -15.37 10.01 48.87
N CYS B 336 -14.77 9.47 49.92
CA CYS B 336 -15.20 8.22 50.52
C CYS B 336 -15.94 8.48 51.83
N PRO B 337 -16.83 7.56 52.25
CA PRO B 337 -17.63 7.81 53.46
C PRO B 337 -16.83 7.72 54.76
N PHE B 338 -16.13 8.80 55.07
CA PHE B 338 -15.38 8.94 56.32
C PHE B 338 -16.26 9.30 57.50
N GLY B 339 -17.57 9.42 57.29
CA GLY B 339 -18.47 9.76 58.37
C GLY B 339 -18.71 8.62 59.35
N GLU B 340 -18.31 7.39 58.99
CA GLU B 340 -18.49 6.25 59.87
C GLU B 340 -17.69 6.39 61.16
N VAL B 341 -16.70 7.27 61.19
CA VAL B 341 -15.85 7.41 62.37
C VAL B 341 -16.29 8.56 63.25
N PHE B 342 -16.59 9.73 62.66
CA PHE B 342 -16.80 10.94 63.45
C PHE B 342 -18.27 11.19 63.78
N ASN B 343 -19.11 11.34 62.76
CA ASN B 343 -20.46 11.86 62.95
C ASN B 343 -21.55 10.79 62.86
N ALA B 344 -21.20 9.55 62.51
CA ALA B 344 -22.20 8.50 62.47
C ALA B 344 -22.64 8.12 63.88
N THR B 345 -23.95 8.07 64.10
CA THR B 345 -24.47 7.71 65.42
C THR B 345 -24.08 6.28 65.77
N ARG B 346 -24.22 5.36 64.82
CA ARG B 346 -23.80 3.98 65.00
C ARG B 346 -23.59 3.34 63.65
N PHE B 347 -22.67 2.39 63.58
CA PHE B 347 -22.44 1.65 62.35
C PHE B 347 -23.63 0.76 62.04
N ALA B 348 -23.66 0.25 60.81
CA ALA B 348 -24.77 -0.59 60.38
C ALA B 348 -24.91 -1.81 61.30
N SER B 349 -26.00 -1.85 62.06
CA SER B 349 -26.21 -2.87 63.07
C SER B 349 -26.83 -4.12 62.46
N VAL B 350 -27.13 -5.10 63.31
CA VAL B 350 -27.72 -6.35 62.84
C VAL B 350 -29.12 -6.11 62.27
N TYR B 351 -29.93 -5.30 62.95
CA TYR B 351 -31.30 -5.05 62.50
C TYR B 351 -31.37 -3.95 61.44
N ALA B 352 -30.38 -3.07 61.39
CA ALA B 352 -30.42 -1.93 60.47
C ALA B 352 -29.29 -2.03 59.45
N TRP B 353 -29.06 -3.22 58.91
CA TRP B 353 -28.03 -3.38 57.89
C TRP B 353 -28.37 -2.54 56.67
N ASN B 354 -27.39 -1.79 56.18
CA ASN B 354 -27.58 -0.86 55.07
C ASN B 354 -27.12 -1.53 53.78
N ARG B 355 -27.96 -1.45 52.76
CA ARG B 355 -27.60 -1.94 51.43
C ARG B 355 -26.63 -0.92 50.85
N LYS B 356 -25.37 -1.02 51.27
CA LYS B 356 -24.37 0.01 51.01
C LYS B 356 -23.65 -0.34 49.71
N ARG B 357 -23.83 0.50 48.69
CA ARG B 357 -23.20 0.33 47.39
C ARG B 357 -21.86 1.07 47.39
N ILE B 358 -20.79 0.34 47.15
CA ILE B 358 -19.43 0.89 47.14
C ILE B 358 -19.07 1.25 45.70
N SER B 359 -18.62 2.49 45.51
CA SER B 359 -18.21 2.94 44.19
C SER B 359 -17.24 4.11 44.33
N ASN B 360 -16.51 4.38 43.25
CA ASN B 360 -15.63 5.55 43.09
C ASN B 360 -14.71 5.77 44.29
N CYS B 361 -14.20 4.70 44.89
CA CYS B 361 -13.24 4.83 45.97
C CYS B 361 -12.26 3.67 45.94
N VAL B 362 -11.08 3.92 46.49
CA VAL B 362 -10.01 2.93 46.63
C VAL B 362 -9.58 2.91 48.09
N ALA B 363 -9.28 1.72 48.60
CA ALA B 363 -8.89 1.57 49.99
C ALA B 363 -7.67 2.41 50.30
N ASP B 364 -7.81 3.30 51.29
CA ASP B 364 -6.74 4.23 51.68
C ASP B 364 -5.77 3.47 52.59
N TYR B 365 -4.67 3.02 52.00
CA TYR B 365 -3.65 2.26 52.70
C TYR B 365 -2.50 3.13 53.19
N SER B 366 -2.57 4.45 52.98
CA SER B 366 -1.44 5.32 53.27
C SER B 366 -1.27 5.64 54.76
N VAL B 367 -2.35 5.97 55.45
CA VAL B 367 -2.25 6.44 56.82
C VAL B 367 -2.90 5.49 57.82
N LEU B 368 -4.12 5.00 57.56
CA LEU B 368 -4.82 4.16 58.52
C LEU B 368 -4.18 2.78 58.65
N TYR B 369 -3.31 2.41 57.70
CA TYR B 369 -2.71 1.08 57.73
C TYR B 369 -1.73 0.92 58.90
N ASN B 370 -1.29 2.04 59.47
CA ASN B 370 -0.31 2.03 60.54
C ASN B 370 -0.95 1.89 61.92
N SER B 371 -2.28 1.76 61.99
CA SER B 371 -2.96 1.57 63.26
C SER B 371 -2.72 0.18 63.84
N ALA B 372 -2.21 -0.76 63.05
CA ALA B 372 -1.90 -2.12 63.45
C ALA B 372 -3.12 -2.92 63.89
N SER B 373 -4.32 -2.40 63.66
CA SER B 373 -5.55 -3.10 64.01
C SER B 373 -5.96 -4.14 62.97
N PHE B 374 -5.30 -4.17 61.82
CA PHE B 374 -5.60 -5.10 60.74
C PHE B 374 -4.43 -6.08 60.63
N SER B 375 -4.50 -7.16 61.41
CA SER B 375 -3.43 -8.15 61.39
C SER B 375 -3.72 -9.24 60.37
N THR B 376 -4.98 -9.66 60.28
CA THR B 376 -5.37 -10.77 59.41
C THR B 376 -5.62 -10.24 58.00
N PHE B 377 -4.56 -10.20 57.19
CA PHE B 377 -4.68 -9.89 55.77
C PHE B 377 -4.91 -11.17 54.97
N LYS B 378 -5.91 -11.93 55.39
CA LYS B 378 -6.21 -13.21 54.79
C LYS B 378 -7.16 -13.03 53.61
N CYS B 379 -6.61 -13.13 52.40
CA CYS B 379 -7.39 -12.97 51.17
C CYS B 379 -7.40 -14.29 50.43
N TYR B 380 -8.58 -14.75 50.06
CA TYR B 380 -8.75 -16.01 49.31
C TYR B 380 -8.57 -15.70 47.83
N GLY B 381 -7.37 -15.26 47.45
CA GLY B 381 -7.04 -14.97 46.07
C GLY B 381 -6.95 -13.50 45.72
N VAL B 382 -6.54 -12.65 46.66
CA VAL B 382 -6.42 -11.22 46.41
C VAL B 382 -5.07 -10.75 46.94
N SER B 383 -4.36 -9.96 46.13
CA SER B 383 -3.06 -9.42 46.50
C SER B 383 -3.04 -7.92 46.29
N PRO B 384 -2.24 -7.18 47.05
CA PRO B 384 -2.20 -5.71 46.89
C PRO B 384 -1.51 -5.26 45.60
N THR B 385 -1.12 -6.18 44.72
CA THR B 385 -0.51 -5.82 43.44
C THR B 385 -1.55 -5.53 42.36
N LYS B 386 -2.83 -5.65 42.69
CA LYS B 386 -3.92 -5.39 41.74
C LYS B 386 -4.65 -4.12 42.08
N LEU B 387 -3.96 -3.16 42.70
CA LEU B 387 -4.56 -1.89 43.09
C LEU B 387 -4.80 -0.96 41.91
N ASN B 388 -4.27 -1.27 40.73
CA ASN B 388 -4.38 -0.39 39.58
C ASN B 388 -5.31 -0.91 38.49
N ASP B 389 -5.93 -2.07 38.68
CA ASP B 389 -6.84 -2.61 37.68
C ASP B 389 -8.18 -3.06 38.24
N LEU B 390 -8.33 -3.13 39.58
CA LEU B 390 -9.58 -3.56 40.18
C LEU B 390 -10.61 -2.46 40.04
N CYS B 391 -11.76 -2.78 39.44
CA CYS B 391 -12.82 -1.80 39.23
C CYS B 391 -14.16 -2.53 39.20
N PHE B 392 -15.08 -2.08 40.04
CA PHE B 392 -16.46 -2.57 40.04
C PHE B 392 -17.38 -1.39 40.30
N THR B 393 -18.36 -1.20 39.42
CA THR B 393 -19.24 -0.04 39.54
C THR B 393 -20.53 -0.41 40.26
N ASN B 394 -20.95 -1.67 40.18
CA ASN B 394 -22.19 -2.12 40.80
C ASN B 394 -21.86 -3.24 41.79
N VAL B 395 -21.61 -2.86 43.05
CA VAL B 395 -21.30 -3.79 44.12
C VAL B 395 -22.28 -3.55 45.25
N TYR B 396 -22.88 -4.63 45.75
CA TYR B 396 -23.80 -4.59 46.89
C TYR B 396 -23.07 -5.21 48.08
N ALA B 397 -22.31 -4.38 48.80
CA ALA B 397 -21.51 -4.85 49.92
C ALA B 397 -22.40 -5.14 51.11
N ASP B 398 -22.51 -6.42 51.48
CA ASP B 398 -23.33 -6.83 52.61
C ASP B 398 -22.58 -6.50 53.90
N SER B 399 -22.91 -5.35 54.49
CA SER B 399 -22.34 -4.94 55.76
C SER B 399 -23.20 -5.49 56.89
N PHE B 400 -22.64 -6.41 57.67
CA PHE B 400 -23.38 -7.11 58.71
C PHE B 400 -22.50 -7.15 59.96
N VAL B 401 -23.14 -7.42 61.11
CA VAL B 401 -22.44 -7.57 62.38
C VAL B 401 -22.72 -8.97 62.89
N ILE B 402 -21.65 -9.72 63.19
CA ILE B 402 -21.77 -11.10 63.63
C ILE B 402 -21.24 -11.21 65.05
N ARG B 403 -21.41 -12.39 65.63
CA ARG B 403 -21.02 -12.67 67.01
C ARG B 403 -19.61 -13.24 67.05
N GLY B 404 -19.15 -13.54 68.27
CA GLY B 404 -17.78 -13.98 68.45
C GLY B 404 -17.57 -15.45 68.13
N ASP B 405 -18.53 -16.30 68.51
CA ASP B 405 -18.38 -17.73 68.28
C ASP B 405 -18.36 -18.07 66.80
N GLU B 406 -19.04 -17.27 65.98
CA GLU B 406 -19.07 -17.49 64.54
C GLU B 406 -17.81 -16.98 63.85
N VAL B 407 -16.95 -16.25 64.56
CA VAL B 407 -15.77 -15.65 63.93
C VAL B 407 -14.79 -16.72 63.47
N ARG B 408 -14.49 -17.70 64.32
CA ARG B 408 -13.45 -18.67 64.04
C ARG B 408 -13.92 -19.83 63.15
N GLN B 409 -15.22 -20.00 62.97
CA GLN B 409 -15.75 -21.14 62.22
C GLN B 409 -16.21 -20.78 60.81
N ILE B 410 -15.93 -19.58 60.33
CA ILE B 410 -16.37 -19.19 58.99
C ILE B 410 -15.52 -19.92 57.96
N ALA B 411 -16.18 -20.60 57.02
CA ALA B 411 -15.52 -21.37 55.98
C ALA B 411 -16.56 -21.76 54.95
N PRO B 412 -16.17 -21.93 53.68
CA PRO B 412 -17.14 -22.36 52.67
C PRO B 412 -17.67 -23.76 52.97
N GLY B 413 -18.97 -23.95 52.81
CA GLY B 413 -19.59 -25.23 53.08
C GLY B 413 -19.79 -25.56 54.54
N GLN B 414 -19.61 -24.58 55.43
CA GLN B 414 -19.76 -24.80 56.87
C GLN B 414 -21.08 -24.20 57.34
N THR B 415 -21.88 -25.00 58.03
CA THR B 415 -23.19 -24.58 58.50
C THR B 415 -23.05 -23.83 59.83
N GLY B 416 -24.20 -23.49 60.41
CA GLY B 416 -24.23 -22.75 61.66
C GLY B 416 -25.29 -21.68 61.68
N LYS B 417 -24.91 -20.46 62.07
CA LYS B 417 -25.84 -19.34 62.02
C LYS B 417 -26.14 -18.93 60.58
N ILE B 418 -25.28 -19.32 59.64
CA ILE B 418 -25.50 -18.98 58.23
C ILE B 418 -26.78 -19.65 57.71
N ALA B 419 -26.98 -20.91 58.05
CA ALA B 419 -28.17 -21.63 57.57
C ALA B 419 -29.43 -21.26 58.34
N ASP B 420 -29.32 -20.45 59.40
CA ASP B 420 -30.46 -20.10 60.23
C ASP B 420 -30.90 -18.66 60.07
N TYR B 421 -29.99 -17.70 60.25
CA TYR B 421 -30.32 -16.28 60.25
C TYR B 421 -29.55 -15.53 59.16
N ASN B 422 -29.49 -16.12 57.97
CA ASN B 422 -28.85 -15.47 56.84
C ASN B 422 -29.57 -15.87 55.56
N TYR B 423 -29.47 -15.01 54.55
CA TYR B 423 -30.04 -15.31 53.24
C TYR B 423 -29.20 -16.38 52.56
N LYS B 424 -29.81 -17.08 51.59
CA LYS B 424 -29.11 -18.12 50.84
C LYS B 424 -27.88 -17.52 50.19
N LEU B 425 -26.72 -18.13 50.44
CA LEU B 425 -25.45 -17.51 50.05
C LEU B 425 -25.31 -17.44 48.54
N PRO B 426 -25.04 -16.26 47.98
CA PRO B 426 -24.78 -16.16 46.54
C PRO B 426 -23.36 -16.64 46.22
N ASP B 427 -23.01 -16.51 44.94
CA ASP B 427 -21.69 -16.89 44.46
C ASP B 427 -20.60 -15.91 44.87
N ASP B 428 -20.96 -14.79 45.50
CA ASP B 428 -20.00 -13.75 45.87
C ASP B 428 -19.32 -14.02 47.21
N PHE B 429 -19.31 -15.28 47.66
CA PHE B 429 -18.65 -15.64 48.92
C PHE B 429 -17.14 -15.75 48.72
N THR B 430 -16.57 -14.68 48.18
CA THR B 430 -15.14 -14.57 47.94
C THR B 430 -14.70 -13.16 48.29
N GLY B 431 -13.76 -13.04 49.21
CA GLY B 431 -13.30 -11.73 49.65
C GLY B 431 -12.22 -11.87 50.70
N CYS B 432 -11.82 -10.72 51.23
CA CYS B 432 -10.77 -10.64 52.24
C CYS B 432 -11.40 -10.44 53.61
N VAL B 433 -11.02 -11.30 54.56
CA VAL B 433 -11.51 -11.19 55.93
C VAL B 433 -10.67 -10.15 56.66
N ILE B 434 -11.33 -9.13 57.21
CA ILE B 434 -10.68 -8.07 57.95
C ILE B 434 -11.43 -7.90 59.27
N ALA B 435 -10.70 -7.99 60.38
CA ALA B 435 -11.27 -7.87 61.71
C ALA B 435 -10.38 -6.98 62.57
N TRP B 436 -10.99 -6.03 63.26
CA TRP B 436 -10.29 -5.16 64.19
C TRP B 436 -11.06 -5.10 65.51
N ASN B 437 -10.34 -4.89 66.60
CA ASN B 437 -10.95 -4.89 67.92
C ASN B 437 -11.81 -3.65 68.12
N SER B 438 -13.06 -3.86 68.52
CA SER B 438 -14.00 -2.79 68.84
C SER B 438 -14.79 -3.15 70.09
N ASN B 439 -14.09 -3.67 71.10
CA ASN B 439 -14.76 -4.15 72.30
C ASN B 439 -15.41 -3.01 73.09
N ASN B 440 -14.63 -1.95 73.35
CA ASN B 440 -15.16 -0.84 74.14
C ASN B 440 -16.12 0.03 73.35
N LEU B 441 -15.92 0.11 72.02
CA LEU B 441 -16.79 0.94 71.20
C LEU B 441 -18.21 0.38 71.10
N ASP B 442 -18.37 -0.92 71.36
CA ASP B 442 -19.66 -1.60 71.23
C ASP B 442 -20.10 -2.19 72.57
N SER B 443 -19.96 -1.42 73.65
CA SER B 443 -20.33 -1.87 74.98
C SER B 443 -21.83 -1.68 75.17
N LYS B 444 -22.60 -2.48 74.46
CA LYS B 444 -24.05 -2.42 74.55
C LYS B 444 -24.52 -2.99 75.90
N VAL B 445 -25.41 -2.25 76.56
CA VAL B 445 -25.93 -2.65 77.87
C VAL B 445 -27.18 -3.49 77.62
N GLY B 446 -26.98 -4.79 77.42
CA GLY B 446 -28.07 -5.72 77.24
C GLY B 446 -28.58 -5.86 75.81
N GLY B 447 -28.18 -4.98 74.91
CA GLY B 447 -28.68 -5.04 73.55
C GLY B 447 -30.18 -4.83 73.50
N ASN B 448 -30.86 -5.70 72.75
CA ASN B 448 -32.32 -5.65 72.63
C ASN B 448 -32.88 -7.01 72.98
N TYR B 449 -33.83 -7.03 73.92
CA TYR B 449 -34.46 -8.27 74.36
C TYR B 449 -35.58 -8.74 73.44
N ASN B 450 -36.03 -7.88 72.52
CA ASN B 450 -37.11 -8.24 71.61
C ASN B 450 -36.71 -9.28 70.57
N TYR B 451 -35.46 -9.27 70.11
CA TYR B 451 -35.00 -10.27 69.16
C TYR B 451 -34.89 -11.63 69.84
N LEU B 452 -35.68 -12.58 69.37
CA LEU B 452 -35.76 -13.90 69.98
C LEU B 452 -35.18 -14.95 69.04
N TYR B 453 -34.46 -15.91 69.62
CA TYR B 453 -33.93 -17.03 68.86
C TYR B 453 -34.17 -18.32 69.64
N ARG B 454 -35.31 -18.95 69.38
CA ARG B 454 -35.63 -20.25 69.96
C ARG B 454 -35.52 -21.29 68.85
N LEU B 455 -34.70 -22.31 69.09
CA LEU B 455 -34.37 -23.29 68.07
C LEU B 455 -35.22 -24.56 68.16
N PHE B 456 -36.28 -24.56 68.96
CA PHE B 456 -37.10 -25.75 69.19
C PHE B 456 -38.57 -25.37 68.98
N ARG B 457 -39.08 -25.63 67.78
CA ARG B 457 -40.47 -25.36 67.46
C ARG B 457 -41.05 -26.57 66.76
N LYS B 458 -42.34 -26.81 67.00
CA LYS B 458 -43.03 -27.97 66.46
C LYS B 458 -43.60 -27.71 65.06
N SER B 459 -43.42 -26.51 64.52
CA SER B 459 -43.93 -26.17 63.20
C SER B 459 -42.86 -25.38 62.45
N ASN B 460 -43.21 -24.92 61.24
CA ASN B 460 -42.31 -24.12 60.43
C ASN B 460 -43.15 -23.26 59.49
N LEU B 461 -42.51 -22.21 58.97
CA LEU B 461 -43.18 -21.28 58.06
C LEU B 461 -42.16 -20.78 57.05
N LYS B 462 -42.60 -19.88 56.17
CA LYS B 462 -41.70 -19.31 55.18
C LYS B 462 -40.69 -18.38 55.85
N PRO B 463 -39.46 -18.33 55.34
CA PRO B 463 -38.46 -17.43 55.92
C PRO B 463 -38.70 -15.98 55.55
N PHE B 464 -37.89 -15.07 56.10
CA PHE B 464 -37.98 -13.64 55.83
C PHE B 464 -39.36 -13.11 56.18
N GLU B 465 -39.72 -13.25 57.47
CA GLU B 465 -41.02 -12.83 57.94
C GLU B 465 -40.91 -12.37 59.39
N ARG B 466 -41.88 -11.58 59.82
CA ARG B 466 -41.94 -11.05 61.18
C ARG B 466 -43.32 -11.31 61.76
N ASP B 467 -43.36 -11.61 63.06
CA ASP B 467 -44.60 -11.91 63.75
C ASP B 467 -44.80 -10.92 64.90
N ILE B 468 -46.02 -10.40 65.01
CA ILE B 468 -46.38 -9.47 66.08
C ILE B 468 -47.59 -10.01 66.83
N SER B 469 -47.74 -11.33 66.84
CA SER B 469 -48.88 -11.95 67.49
C SER B 469 -48.79 -11.81 69.00
N THR B 470 -49.96 -11.77 69.64
CA THR B 470 -50.07 -11.67 71.09
C THR B 470 -50.78 -12.91 71.65
N GLU B 471 -50.48 -14.07 71.10
CA GLU B 471 -51.11 -15.31 71.54
C GLU B 471 -50.49 -15.80 72.84
N ILE B 472 -51.22 -16.67 73.52
CA ILE B 472 -50.83 -17.19 74.83
C ILE B 472 -49.82 -18.31 74.65
N TYR B 473 -48.90 -18.44 75.60
CA TYR B 473 -47.86 -19.45 75.59
C TYR B 473 -48.24 -20.61 76.50
N GLN B 474 -47.83 -21.82 76.10
CA GLN B 474 -48.10 -23.04 76.84
C GLN B 474 -46.79 -23.75 77.14
N ALA B 475 -46.69 -24.28 78.36
CA ALA B 475 -45.46 -24.93 78.83
C ALA B 475 -45.56 -26.46 78.82
N GLY B 476 -46.53 -27.02 79.53
CA GLY B 476 -46.68 -28.46 79.59
C GLY B 476 -48.10 -28.91 79.82
N SER B 477 -48.26 -29.98 80.60
CA SER B 477 -49.58 -30.53 80.92
C SER B 477 -50.11 -30.04 82.27
N THR B 478 -49.33 -29.25 83.00
CA THR B 478 -49.76 -28.70 84.27
C THR B 478 -49.54 -27.19 84.28
N PRO B 479 -50.58 -26.39 84.50
CA PRO B 479 -50.40 -24.93 84.48
C PRO B 479 -49.53 -24.44 85.62
N CYS B 480 -48.78 -23.37 85.38
CA CYS B 480 -47.87 -22.81 86.37
C CYS B 480 -48.38 -21.48 86.94
N ASN B 481 -49.36 -20.87 86.27
CA ASN B 481 -50.08 -19.70 86.78
C ASN B 481 -49.17 -18.50 86.98
N GLY B 482 -48.04 -18.49 86.27
CA GLY B 482 -47.13 -17.35 86.30
C GLY B 482 -46.23 -17.28 87.51
N VAL B 483 -46.31 -18.25 88.42
CA VAL B 483 -45.47 -18.28 89.61
C VAL B 483 -44.17 -18.96 89.21
N GLU B 484 -43.12 -18.15 89.02
CA GLU B 484 -41.86 -18.67 88.52
C GLU B 484 -41.25 -19.68 89.48
N GLY B 485 -40.46 -20.59 88.93
CA GLY B 485 -39.94 -21.71 89.67
C GLY B 485 -40.06 -23.00 88.90
N PHE B 486 -40.80 -23.96 89.44
CA PHE B 486 -40.98 -25.25 88.77
C PHE B 486 -41.80 -25.07 87.50
N ASN B 487 -41.22 -25.45 86.37
CA ASN B 487 -41.87 -25.43 85.06
C ASN B 487 -42.26 -24.02 84.62
N CYS B 488 -41.54 -23.01 85.10
CA CYS B 488 -41.67 -21.66 84.58
C CYS B 488 -40.30 -21.04 84.36
N TYR B 489 -39.98 -20.82 83.09
CA TYR B 489 -38.77 -20.17 82.61
C TYR B 489 -39.17 -19.13 81.56
N PHE B 490 -38.18 -18.65 80.81
CA PHE B 490 -38.46 -17.70 79.75
C PHE B 490 -38.35 -18.38 78.39
N PRO B 491 -39.33 -18.18 77.51
CA PRO B 491 -39.27 -18.81 76.18
C PRO B 491 -38.32 -18.08 75.24
N LEU B 492 -38.00 -16.83 75.57
CA LEU B 492 -37.05 -16.06 74.79
C LEU B 492 -35.64 -16.23 75.35
N GLN B 493 -34.66 -15.73 74.60
CA GLN B 493 -33.26 -15.83 74.99
C GLN B 493 -32.57 -14.50 74.76
N SER B 494 -31.50 -14.25 75.52
CA SER B 494 -30.77 -13.00 75.46
C SER B 494 -29.32 -13.25 75.04
N TYR B 495 -28.53 -12.18 75.03
CA TYR B 495 -27.15 -12.23 74.58
C TYR B 495 -26.18 -12.40 75.74
N GLY B 496 -26.40 -11.70 76.85
CA GLY B 496 -25.54 -11.80 78.01
C GLY B 496 -24.15 -11.24 77.81
N PHE B 497 -24.06 -10.04 77.24
CA PHE B 497 -22.77 -9.39 77.05
C PHE B 497 -22.27 -8.82 78.36
N GLN B 498 -21.06 -9.20 78.75
CA GLN B 498 -20.44 -8.77 80.00
C GLN B 498 -18.99 -8.41 79.77
N PRO B 499 -18.45 -7.45 80.53
CA PRO B 499 -17.03 -7.14 80.41
C PRO B 499 -16.11 -8.30 80.76
N THR B 500 -16.47 -9.10 81.76
CA THR B 500 -15.68 -10.25 82.17
C THR B 500 -16.01 -11.51 81.38
N ASN B 501 -17.01 -11.46 80.52
CA ASN B 501 -17.38 -12.62 79.71
C ASN B 501 -16.24 -12.98 78.75
N GLY B 502 -16.33 -14.17 78.17
CA GLY B 502 -15.32 -14.66 77.26
C GLY B 502 -15.05 -13.71 76.11
N VAL B 503 -13.77 -13.41 75.86
CA VAL B 503 -13.39 -12.45 74.83
C VAL B 503 -13.74 -12.92 73.43
N GLY B 504 -14.04 -14.20 73.25
CA GLY B 504 -14.42 -14.71 71.95
C GLY B 504 -15.91 -14.64 71.70
N TYR B 505 -16.58 -13.64 72.29
CA TYR B 505 -18.01 -13.47 72.09
C TYR B 505 -18.39 -12.02 71.79
N GLN B 506 -17.45 -11.08 71.86
CA GLN B 506 -17.74 -9.71 71.48
C GLN B 506 -18.02 -9.63 69.98
N PRO B 507 -18.95 -8.78 69.56
CA PRO B 507 -19.30 -8.69 68.13
C PRO B 507 -18.19 -8.05 67.33
N TYR B 508 -17.46 -8.86 66.57
CA TYR B 508 -16.38 -8.38 65.72
C TYR B 508 -16.95 -7.85 64.41
N ARG B 509 -16.45 -6.70 63.98
CA ARG B 509 -16.95 -6.03 62.78
C ARG B 509 -16.23 -6.61 61.57
N VAL B 510 -16.54 -7.87 61.25
CA VAL B 510 -16.00 -8.53 60.06
C VAL B 510 -16.89 -8.14 58.89
N VAL B 511 -16.39 -7.24 58.04
CA VAL B 511 -17.15 -6.74 56.91
C VAL B 511 -16.90 -7.68 55.73
N VAL B 512 -17.96 -8.32 55.25
CA VAL B 512 -17.87 -9.19 54.08
C VAL B 512 -17.97 -8.30 52.85
N LEU B 513 -16.83 -7.81 52.36
CA LEU B 513 -16.78 -6.94 51.20
C LEU B 513 -17.04 -7.78 49.95
N SER B 514 -18.32 -8.00 49.68
CA SER B 514 -18.75 -8.83 48.55
C SER B 514 -18.51 -8.07 47.27
N PHE B 515 -17.34 -8.29 46.66
CA PHE B 515 -17.00 -7.66 45.38
C PHE B 515 -17.78 -8.36 44.28
N GLU B 516 -19.02 -7.89 44.08
CA GLU B 516 -19.89 -8.50 43.09
C GLU B 516 -19.32 -8.28 41.69
N LEU B 517 -18.81 -9.35 41.08
CA LEU B 517 -18.10 -9.25 39.80
C LEU B 517 -19.13 -9.12 38.68
N LEU B 518 -19.83 -7.99 38.67
CA LEU B 518 -20.77 -7.70 37.62
C LEU B 518 -20.03 -7.18 36.38
N HIS B 519 -20.70 -7.26 35.23
CA HIS B 519 -20.12 -6.79 33.96
C HIS B 519 -20.31 -5.29 33.84
N ALA B 520 -19.52 -4.56 34.61
CA ALA B 520 -19.53 -3.10 34.60
C ALA B 520 -18.17 -2.58 35.04
N PRO B 521 -17.16 -2.71 34.18
CA PRO B 521 -15.82 -2.24 34.54
C PRO B 521 -15.76 -0.72 34.57
N ALA B 522 -14.73 -0.19 35.23
CA ALA B 522 -14.47 1.24 35.30
C ALA B 522 -13.06 1.51 34.82
N THR B 523 -12.86 2.67 34.18
CA THR B 523 -11.54 3.00 33.65
C THR B 523 -10.58 3.45 34.75
N VAL B 524 -11.07 4.14 35.77
CA VAL B 524 -10.24 4.67 36.84
C VAL B 524 -10.17 3.64 37.95
N CYS B 525 -9.11 2.83 37.94
CA CYS B 525 -8.83 1.89 39.01
C CYS B 525 -7.65 2.31 39.87
N GLY B 526 -6.80 3.20 39.37
CA GLY B 526 -5.69 3.73 40.13
C GLY B 526 -5.38 5.15 39.72
N PRO B 527 -4.74 5.90 40.61
CA PRO B 527 -4.41 7.30 40.29
C PRO B 527 -3.29 7.45 39.27
N LYS B 528 -2.63 6.36 38.88
CA LYS B 528 -1.46 6.32 38.02
C LYS B 528 -0.28 7.04 38.66
N LYS B 529 -0.37 7.39 39.95
CA LYS B 529 0.66 8.14 40.67
C LYS B 529 0.87 9.54 40.09
N SER B 530 1.51 10.41 40.85
CA SER B 530 1.76 11.78 40.42
C SER B 530 3.23 12.16 40.44
N THR B 531 4.10 11.32 41.02
CA THR B 531 5.53 11.58 41.10
C THR B 531 5.81 12.96 41.67
N ASN B 532 6.84 13.63 41.14
CA ASN B 532 7.19 14.98 41.54
C ASN B 532 7.39 15.84 40.30
N LEU B 533 7.14 17.14 40.45
CA LEU B 533 7.24 18.08 39.35
C LEU B 533 8.70 18.45 39.13
N VAL B 534 9.32 17.88 38.12
CA VAL B 534 10.71 18.16 37.77
C VAL B 534 10.73 19.22 36.68
N LYS B 535 11.85 19.93 36.59
CA LYS B 535 12.00 21.02 35.64
C LYS B 535 13.42 21.09 35.12
N ASN B 536 13.58 21.74 33.97
CA ASN B 536 14.88 21.99 33.35
C ASN B 536 15.63 20.71 33.03
N LYS B 537 14.92 19.61 32.84
CA LYS B 537 15.52 18.34 32.45
C LYS B 537 14.66 17.69 31.38
N CYS B 538 15.30 17.13 30.37
CA CYS B 538 14.58 16.47 29.28
C CYS B 538 13.98 15.17 29.82
N VAL B 539 12.68 15.21 30.12
CA VAL B 539 11.96 14.04 30.62
C VAL B 539 10.71 13.86 29.77
N ASN B 540 10.35 12.60 29.52
CA ASN B 540 9.11 12.31 28.82
C ASN B 540 7.97 12.17 29.81
N PHE B 541 6.90 12.93 29.59
CA PHE B 541 5.79 13.03 30.52
C PHE B 541 4.53 12.45 29.90
N ASN B 542 3.65 11.95 30.77
CA ASN B 542 2.34 11.45 30.38
C ASN B 542 1.30 12.19 31.23
N PHE B 543 0.82 13.32 30.70
CA PHE B 543 -0.22 14.09 31.37
C PHE B 543 -1.56 13.42 31.10
N ASN B 544 -2.65 14.14 31.38
CA ASN B 544 -3.98 13.55 31.28
C ASN B 544 -4.38 13.32 29.83
N GLY B 545 -3.76 12.32 29.19
CA GLY B 545 -4.13 11.93 27.84
C GLY B 545 -3.05 12.14 26.80
N LEU B 546 -2.34 13.26 26.88
CA LEU B 546 -1.34 13.62 25.89
C LEU B 546 0.05 13.25 26.39
N THR B 547 0.87 12.71 25.49
CA THR B 547 2.22 12.27 25.81
C THR B 547 3.22 13.11 25.04
N GLY B 548 4.24 13.62 25.75
CA GLY B 548 5.26 14.43 25.13
C GLY B 548 6.63 14.12 25.71
N THR B 549 7.65 14.74 25.11
CA THR B 549 9.04 14.56 25.51
C THR B 549 9.75 15.90 25.39
N GLY B 550 9.98 16.55 26.53
CA GLY B 550 10.63 17.85 26.52
C GLY B 550 10.90 18.31 27.93
N VAL B 551 11.57 19.46 28.03
CA VAL B 551 11.94 20.05 29.30
C VAL B 551 10.79 20.92 29.79
N LEU B 552 10.62 20.99 31.11
CA LEU B 552 9.53 21.75 31.71
C LEU B 552 10.08 23.03 32.32
N THR B 553 9.49 24.16 31.96
CA THR B 553 9.97 25.45 32.42
C THR B 553 8.78 26.32 32.81
N GLU B 554 9.02 27.28 33.70
CA GLU B 554 8.00 28.23 34.09
C GLU B 554 7.61 29.12 32.92
N SER B 555 6.38 29.61 32.95
CA SER B 555 5.81 30.37 31.84
C SER B 555 5.28 31.71 32.32
N ASN B 556 5.18 32.65 31.39
CA ASN B 556 4.64 33.98 31.66
C ASN B 556 3.31 34.24 30.97
N LYS B 557 2.88 33.37 30.06
CA LYS B 557 1.63 33.57 29.35
C LYS B 557 0.43 33.27 30.25
N LYS B 558 -0.73 33.71 29.81
CA LYS B 558 -1.97 33.64 30.59
C LYS B 558 -2.95 32.69 29.92
N PHE B 559 -3.60 31.85 30.74
CA PHE B 559 -4.57 30.89 30.27
C PHE B 559 -5.96 31.34 30.72
N LEU B 560 -6.95 31.17 29.85
CA LEU B 560 -8.32 31.41 30.25
C LEU B 560 -8.80 30.26 31.14
N PRO B 561 -9.75 30.52 32.04
CA PRO B 561 -10.08 29.52 33.06
C PRO B 561 -10.58 28.19 32.51
N PHE B 562 -11.20 28.18 31.32
CA PHE B 562 -11.74 26.94 30.78
C PHE B 562 -10.79 26.21 29.84
N GLN B 563 -9.59 26.74 29.62
CA GLN B 563 -8.65 26.12 28.71
C GLN B 563 -7.75 25.13 29.45
N GLN B 564 -7.26 24.13 28.72
CA GLN B 564 -6.47 23.05 29.29
C GLN B 564 -5.00 23.12 28.87
N PHE B 565 -4.71 23.10 27.57
CA PHE B 565 -3.35 23.11 27.08
C PHE B 565 -3.23 24.06 25.89
N GLY B 566 -2.02 24.59 25.71
CA GLY B 566 -1.78 25.51 24.62
C GLY B 566 -1.36 24.83 23.33
N ARG B 567 -1.22 25.63 22.29
CA ARG B 567 -0.77 25.15 20.99
C ARG B 567 -0.15 26.30 20.21
N ASP B 568 0.61 25.95 19.19
CA ASP B 568 1.28 26.92 18.34
C ASP B 568 1.03 26.57 16.87
N ILE B 569 1.72 27.28 15.98
CA ILE B 569 1.57 27.03 14.55
C ILE B 569 2.11 25.63 14.23
N ALA B 570 1.53 25.03 13.19
CA ALA B 570 1.86 23.69 12.70
C ALA B 570 1.45 22.59 13.67
N ASP B 571 0.45 22.86 14.52
CA ASP B 571 -0.18 21.86 15.38
C ASP B 571 0.85 21.16 16.28
N THR B 572 1.51 21.97 17.11
CA THR B 572 2.46 21.47 18.09
C THR B 572 2.07 21.99 19.46
N THR B 573 2.36 21.20 20.49
CA THR B 573 2.03 21.59 21.86
C THR B 573 3.15 22.44 22.44
N ASP B 574 2.78 23.54 23.09
CA ASP B 574 3.74 24.48 23.64
C ASP B 574 3.58 24.71 25.13
N ALA B 575 2.37 24.74 25.65
CA ALA B 575 2.13 24.96 27.06
C ALA B 575 1.08 23.99 27.57
N VAL B 576 1.28 23.47 28.77
CA VAL B 576 0.33 22.58 29.43
C VAL B 576 0.13 23.07 30.86
N ARG B 577 -1.12 23.02 31.33
CA ARG B 577 -1.48 23.45 32.67
C ARG B 577 -1.52 22.24 33.59
N ASP B 578 -0.77 22.33 34.69
CA ASP B 578 -0.74 21.21 35.64
C ASP B 578 -2.06 21.13 36.41
N PRO B 579 -2.55 19.93 36.69
CA PRO B 579 -3.87 19.81 37.33
C PRO B 579 -3.87 20.12 38.82
N GLN B 580 -2.72 20.20 39.47
CA GLN B 580 -2.71 20.45 40.92
C GLN B 580 -2.87 21.94 41.24
N THR B 581 -1.88 22.74 40.86
CA THR B 581 -1.85 24.15 41.22
C THR B 581 -2.40 25.06 40.13
N LEU B 582 -2.89 24.48 39.03
CA LEU B 582 -3.42 25.25 37.89
C LEU B 582 -2.38 26.27 37.40
N GLU B 583 -1.15 25.79 37.23
CA GLU B 583 -0.05 26.61 36.76
C GLU B 583 0.36 26.16 35.36
N ILE B 584 0.79 27.12 34.55
CA ILE B 584 1.11 26.85 33.15
C ILE B 584 2.59 26.50 33.04
N LEU B 585 2.88 25.38 32.38
CA LEU B 585 4.24 24.92 32.18
C LEU B 585 4.52 24.81 30.69
N ASP B 586 5.61 25.45 30.25
CA ASP B 586 5.98 25.41 28.84
C ASP B 586 6.69 24.11 28.50
N ILE B 587 6.57 23.70 27.24
CA ILE B 587 7.20 22.48 26.74
C ILE B 587 8.16 22.87 25.63
N THR B 588 9.41 22.44 25.75
CA THR B 588 10.43 22.69 24.74
C THR B 588 11.23 21.41 24.54
N PRO B 589 11.41 20.94 23.30
CA PRO B 589 12.19 19.72 23.08
C PRO B 589 13.62 19.87 23.57
N CYS B 590 14.17 18.79 24.11
CA CYS B 590 15.54 18.85 24.59
C CYS B 590 16.52 18.88 23.43
N SER B 591 17.78 19.16 23.75
CA SER B 591 18.76 19.52 22.73
C SER B 591 19.02 18.39 21.75
N PHE B 592 19.20 18.76 20.48
CA PHE B 592 19.58 17.83 19.44
C PHE B 592 20.26 18.63 18.33
N GLY B 593 21.02 17.92 17.49
CA GLY B 593 21.74 18.56 16.41
C GLY B 593 22.68 17.58 15.76
N GLY B 594 23.60 18.14 14.96
CA GLY B 594 24.60 17.36 14.28
C GLY B 594 25.96 17.43 14.94
N VAL B 595 26.86 16.57 14.46
CA VAL B 595 28.23 16.52 14.94
C VAL B 595 29.17 16.65 13.75
N SER B 596 30.12 17.57 13.84
CA SER B 596 31.10 17.81 12.79
C SER B 596 32.51 17.68 13.35
N VAL B 597 33.43 17.23 12.51
CA VAL B 597 34.81 17.02 12.90
C VAL B 597 35.69 17.92 12.05
N ILE B 598 36.52 18.72 12.72
CA ILE B 598 37.43 19.65 12.05
C ILE B 598 38.81 19.03 12.08
N THR B 599 39.36 18.71 10.90
CA THR B 599 40.65 18.04 10.82
C THR B 599 41.56 18.78 9.86
N PRO B 600 42.86 18.82 10.15
CA PRO B 600 43.82 19.49 9.25
C PRO B 600 44.45 18.58 8.20
N GLY B 601 44.01 17.33 8.07
CA GLY B 601 44.62 16.42 7.10
C GLY B 601 45.34 15.31 7.85
N THR B 602 45.15 14.07 7.38
CA THR B 602 45.71 12.92 8.07
C THR B 602 47.24 12.93 8.04
N ASN B 603 47.83 13.33 6.91
CA ASN B 603 49.28 13.32 6.81
C ASN B 603 49.92 14.33 7.76
N THR B 604 49.32 15.52 7.88
CA THR B 604 49.91 16.55 8.73
C THR B 604 49.84 16.18 10.20
N SER B 605 48.66 15.77 10.67
CA SER B 605 48.48 15.44 12.07
C SER B 605 47.24 14.58 12.24
N ASN B 606 47.14 13.92 13.38
CA ASN B 606 45.99 13.10 13.72
C ASN B 606 45.10 13.75 14.77
N GLN B 607 45.32 15.03 15.08
CA GLN B 607 44.53 15.73 16.08
C GLN B 607 43.35 16.42 15.41
N VAL B 608 42.16 16.26 16.00
CA VAL B 608 40.93 16.81 15.44
C VAL B 608 40.18 17.56 16.53
N ALA B 609 39.19 18.34 16.10
CA ALA B 609 38.26 19.01 17.00
C ALA B 609 36.84 18.67 16.58
N VAL B 610 35.93 18.65 17.55
CA VAL B 610 34.55 18.22 17.34
C VAL B 610 33.63 19.37 17.68
N LEU B 611 32.71 19.68 16.76
CA LEU B 611 31.76 20.78 16.91
C LEU B 611 30.36 20.20 17.03
N TYR B 612 29.68 20.52 18.13
CA TYR B 612 28.30 20.13 18.34
C TYR B 612 27.40 21.28 17.90
N GLN B 613 26.62 21.05 16.84
CA GLN B 613 25.90 22.11 16.17
C GLN B 613 24.60 22.46 16.90
N ASP B 614 24.32 23.76 16.99
CA ASP B 614 23.04 24.27 17.50
C ASP B 614 22.72 23.76 18.90
N VAL B 615 23.75 23.70 19.75
CA VAL B 615 23.58 23.32 21.13
C VAL B 615 24.71 23.92 21.95
N ASN B 616 24.37 24.46 23.11
CA ASN B 616 25.38 24.95 24.04
C ASN B 616 25.75 23.86 25.04
N CYS B 617 26.99 23.90 25.51
CA CYS B 617 27.51 22.78 26.29
C CYS B 617 27.98 23.22 27.68
N THR B 618 27.18 24.03 28.35
CA THR B 618 27.42 24.31 29.76
C THR B 618 26.80 23.26 30.67
N GLU B 619 25.88 22.45 30.15
CA GLU B 619 25.22 21.42 30.96
C GLU B 619 25.22 20.07 30.24
N VAL B 620 25.08 20.09 28.91
CA VAL B 620 24.85 18.89 28.12
C VAL B 620 26.05 17.95 27.99
N PRO B 621 27.32 18.42 27.94
CA PRO B 621 28.40 17.49 27.60
C PRO B 621 28.61 16.38 28.62
N VAL B 622 28.13 16.55 29.86
CA VAL B 622 28.36 15.57 30.91
C VAL B 622 27.21 14.57 31.05
N ALA B 623 26.24 14.59 30.14
CA ALA B 623 25.08 13.70 30.17
C ALA B 623 24.91 13.01 28.84
N ILE B 624 26.00 12.41 28.34
CA ILE B 624 26.02 11.79 27.01
C ILE B 624 26.32 10.30 27.06
N HIS B 625 26.33 9.68 28.25
CA HIS B 625 26.62 8.26 28.42
C HIS B 625 28.01 7.91 27.87
N ALA B 626 29.03 8.51 28.49
CA ALA B 626 30.40 8.27 28.06
C ALA B 626 30.84 6.84 28.36
N ASP B 627 30.22 6.19 29.35
CA ASP B 627 30.64 4.85 29.73
C ASP B 627 30.42 3.85 28.60
N GLN B 628 29.28 3.92 27.92
CA GLN B 628 29.04 3.03 26.80
C GLN B 628 30.01 3.29 25.66
N LEU B 629 30.32 4.55 25.39
CA LEU B 629 31.29 4.89 24.38
C LEU B 629 32.70 4.52 24.85
N THR B 630 33.63 4.47 23.91
CA THR B 630 34.98 4.04 24.22
C THR B 630 35.67 5.04 25.13
N PRO B 631 36.56 4.58 26.01
CA PRO B 631 37.31 5.51 26.88
C PRO B 631 38.29 6.38 26.12
N THR B 632 38.57 6.07 24.85
CA THR B 632 39.59 6.81 24.11
C THR B 632 39.22 8.27 23.93
N TRP B 633 37.93 8.57 23.74
CA TRP B 633 37.47 9.94 23.51
C TRP B 633 36.62 10.44 24.67
N ARG B 634 37.03 10.13 25.91
CA ARG B 634 36.41 10.73 27.08
C ARG B 634 36.75 12.22 27.17
N VAL B 635 37.98 12.59 26.78
CA VAL B 635 38.39 13.99 26.82
C VAL B 635 37.61 14.82 25.81
N TYR B 636 37.06 14.20 24.76
CA TYR B 636 36.27 14.92 23.76
C TYR B 636 34.81 15.04 24.15
N SER B 637 34.46 14.68 25.38
CA SER B 637 33.15 14.97 25.94
C SER B 637 33.15 16.19 26.84
N THR B 638 34.00 16.22 27.87
CA THR B 638 34.14 17.38 28.72
C THR B 638 35.62 17.61 28.99
N GLY B 639 35.95 18.87 29.30
CA GLY B 639 37.34 19.22 29.58
C GLY B 639 37.47 20.70 29.85
N SER B 640 38.72 21.12 30.06
CA SER B 640 38.99 22.52 30.33
C SER B 640 39.02 23.37 29.07
N ASN B 641 39.07 22.75 27.89
CA ASN B 641 39.10 23.45 26.61
C ASN B 641 37.73 23.30 25.97
N VAL B 642 36.81 24.20 26.31
CA VAL B 642 35.48 24.24 25.75
C VAL B 642 35.18 25.66 25.30
N PHE B 643 34.86 25.82 24.02
CA PHE B 643 34.53 27.12 23.44
C PHE B 643 33.09 27.12 22.99
N GLN B 644 32.42 28.25 23.16
CA GLN B 644 31.03 28.42 22.77
C GLN B 644 30.92 29.50 21.71
N THR B 645 30.31 29.15 20.58
CA THR B 645 30.17 30.05 19.44
C THR B 645 28.69 30.25 19.12
N ARG B 646 28.43 30.99 18.04
CA ARG B 646 27.07 31.20 17.58
C ARG B 646 26.56 30.04 16.72
N ALA B 647 27.44 29.14 16.31
CA ALA B 647 27.06 27.98 15.52
C ALA B 647 27.06 26.69 16.35
N GLY B 648 27.11 26.79 17.67
CA GLY B 648 27.19 25.63 18.53
C GLY B 648 28.33 25.76 19.51
N CYS B 649 28.96 24.65 19.86
CA CYS B 649 30.15 24.68 20.71
C CYS B 649 31.08 23.55 20.30
N LEU B 650 32.38 23.81 20.36
CA LEU B 650 33.39 22.86 19.90
C LEU B 650 34.39 22.57 21.01
N ILE B 651 34.87 21.34 21.05
CA ILE B 651 35.80 20.86 22.07
C ILE B 651 37.08 20.43 21.38
N GLY B 652 38.22 20.91 21.89
CA GLY B 652 39.52 20.52 21.39
C GLY B 652 40.29 21.62 20.69
N ALA B 653 39.72 22.82 20.56
CA ALA B 653 40.40 23.93 19.91
C ALA B 653 40.37 25.13 20.85
N GLU B 654 41.53 25.76 21.02
CA GLU B 654 41.66 26.90 21.92
C GLU B 654 41.39 28.21 21.19
N HIS B 655 40.94 29.21 21.93
CA HIS B 655 40.60 30.51 21.38
C HIS B 655 41.82 31.44 21.44
N VAL B 656 42.10 32.08 20.31
CA VAL B 656 43.21 33.03 20.21
C VAL B 656 42.62 34.43 20.04
N ASN B 657 43.41 35.41 20.44
CA ASN B 657 42.98 36.81 20.45
C ASN B 657 43.38 37.55 19.17
N ASN B 658 44.20 36.93 18.32
CA ASN B 658 44.62 37.55 17.08
C ASN B 658 43.59 37.32 15.99
N SER B 659 43.94 37.63 14.74
CA SER B 659 43.06 37.41 13.60
C SER B 659 43.91 37.21 12.36
N TYR B 660 43.73 36.07 11.70
CA TYR B 660 44.50 35.71 10.51
C TYR B 660 43.55 35.45 9.35
N GLU B 661 44.12 35.19 8.18
CA GLU B 661 43.33 34.72 7.06
C GLU B 661 42.83 33.31 7.35
N CYS B 662 41.52 33.18 7.54
CA CYS B 662 40.99 31.98 8.17
C CYS B 662 41.00 30.80 7.21
N ASP B 663 41.16 29.60 7.77
CA ASP B 663 41.46 28.40 6.99
C ASP B 663 40.23 27.51 6.78
N ILE B 664 39.60 27.06 7.85
CA ILE B 664 38.45 26.16 7.79
C ILE B 664 37.23 26.91 8.32
N PRO B 665 36.19 27.13 7.52
CA PRO B 665 35.06 27.94 7.96
C PRO B 665 34.17 27.19 8.94
N ILE B 666 34.06 27.70 10.16
CA ILE B 666 33.19 27.09 11.16
C ILE B 666 31.77 27.64 11.03
N GLY B 667 31.64 28.96 11.01
CA GLY B 667 30.35 29.61 10.88
C GLY B 667 30.22 30.85 11.74
N ALA B 668 29.43 31.80 11.26
CA ALA B 668 29.13 33.04 11.99
C ALA B 668 30.39 33.83 12.32
N GLY B 669 31.33 33.89 11.37
CA GLY B 669 32.52 34.69 11.53
C GLY B 669 33.67 34.01 12.24
N ILE B 670 33.66 32.68 12.34
CA ILE B 670 34.70 31.93 13.02
C ILE B 670 35.33 30.95 12.04
N CYS B 671 36.65 30.82 12.09
CA CYS B 671 37.38 29.82 11.34
C CYS B 671 38.44 29.20 12.24
N ALA B 672 38.89 28.01 11.87
CA ALA B 672 39.91 27.29 12.62
C ALA B 672 41.08 26.94 11.71
N SER B 673 42.25 26.78 12.32
CA SER B 673 43.46 26.47 11.58
C SER B 673 44.42 25.70 12.49
N TYR B 674 45.44 25.11 11.86
CA TYR B 674 46.46 24.34 12.57
C TYR B 674 47.66 25.23 12.82
N GLN B 675 47.90 25.54 14.10
CA GLN B 675 49.03 26.40 14.48
C GLN B 675 50.29 25.57 14.69
N GLN B 690 51.43 23.34 16.79
CA GLN B 690 51.24 22.02 17.41
C GLN B 690 49.87 21.92 18.08
N SER B 691 48.94 22.77 17.65
CA SER B 691 47.60 22.78 18.21
C SER B 691 46.64 23.34 17.17
N ILE B 692 45.35 23.08 17.41
CA ILE B 692 44.27 23.58 16.56
C ILE B 692 43.63 24.76 17.26
N ILE B 693 43.52 25.88 16.55
CA ILE B 693 43.09 27.14 17.15
C ILE B 693 41.86 27.66 16.42
N ALA B 694 41.07 28.46 17.13
CA ALA B 694 39.87 29.08 16.58
C ALA B 694 39.93 30.57 16.83
N TYR B 695 39.67 31.36 15.79
CA TYR B 695 39.76 32.82 15.87
C TYR B 695 38.62 33.42 15.06
N THR B 696 38.73 34.71 14.79
CA THR B 696 37.77 35.43 13.96
C THR B 696 38.45 35.89 12.67
N MET B 697 37.65 36.10 11.63
CA MET B 697 38.20 36.47 10.34
C MET B 697 38.88 37.83 10.36
N SER B 698 39.95 37.94 9.58
CA SER B 698 40.54 39.22 9.21
C SER B 698 40.24 39.43 7.74
N LEU B 699 39.44 40.47 7.43
CA LEU B 699 39.00 40.67 6.05
C LEU B 699 40.17 40.98 5.13
N GLY B 700 41.09 41.81 5.57
CA GLY B 700 42.24 42.14 4.76
C GLY B 700 43.12 43.15 5.45
N ALA B 701 44.19 43.53 4.75
CA ALA B 701 45.13 44.50 5.29
C ALA B 701 44.47 45.87 5.42
N GLU B 702 44.75 46.55 6.52
CA GLU B 702 44.21 47.88 6.78
C GLU B 702 45.17 48.93 6.23
N ASN B 703 44.72 49.67 5.22
CA ASN B 703 45.54 50.72 4.61
C ASN B 703 44.64 51.85 4.15
N SER B 704 45.18 53.06 4.17
CA SER B 704 44.46 54.27 3.79
C SER B 704 45.23 54.98 2.70
N VAL B 705 44.49 55.51 1.72
CA VAL B 705 45.09 56.24 0.61
C VAL B 705 45.22 57.71 1.00
N ALA B 706 46.41 58.27 0.79
CA ALA B 706 46.69 59.65 1.19
C ALA B 706 45.97 60.60 0.22
N TYR B 707 44.68 60.81 0.50
CA TYR B 707 43.86 61.62 -0.37
C TYR B 707 44.05 63.10 -0.06
N SER B 708 44.35 63.88 -1.10
CA SER B 708 44.40 65.34 -1.01
C SER B 708 43.77 65.91 -2.27
N ASN B 709 43.34 67.17 -2.17
CA ASN B 709 42.64 67.81 -3.27
C ASN B 709 43.58 68.41 -4.31
N ASN B 710 44.90 68.27 -4.16
CA ASN B 710 45.85 68.87 -5.09
C ASN B 710 46.98 67.89 -5.41
N SER B 711 46.73 66.59 -5.23
CA SER B 711 47.77 65.59 -5.44
C SER B 711 47.24 64.43 -6.27
N ILE B 712 48.15 63.84 -7.04
CA ILE B 712 47.84 62.73 -7.92
C ILE B 712 49.00 61.74 -7.90
N ALA B 713 48.71 60.50 -8.32
CA ALA B 713 49.72 59.45 -8.38
C ALA B 713 49.70 58.84 -9.76
N ILE B 714 50.87 58.73 -10.39
CA ILE B 714 50.99 58.23 -11.75
C ILE B 714 52.06 57.14 -11.82
N PRO B 715 51.75 55.97 -12.34
CA PRO B 715 52.76 54.90 -12.43
C PRO B 715 53.88 55.26 -13.39
N THR B 716 55.06 54.73 -13.10
CA THR B 716 56.24 54.95 -13.94
C THR B 716 56.77 53.66 -14.55
N ASN B 717 56.09 52.53 -14.35
CA ASN B 717 56.53 51.23 -14.82
C ASN B 717 55.31 50.33 -14.92
N PHE B 718 55.52 49.12 -15.45
CA PHE B 718 54.41 48.20 -15.61
C PHE B 718 54.91 46.77 -15.58
N THR B 719 54.00 45.85 -15.35
CA THR B 719 54.27 44.41 -15.41
C THR B 719 53.23 43.75 -16.28
N ILE B 720 53.60 42.61 -16.84
CA ILE B 720 52.72 41.81 -17.68
C ILE B 720 52.50 40.46 -17.00
N SER B 721 51.25 40.13 -16.75
CA SER B 721 50.90 38.93 -15.99
C SER B 721 49.95 38.06 -16.81
N VAL B 722 50.10 36.75 -16.65
CA VAL B 722 49.27 35.76 -17.33
C VAL B 722 48.53 34.94 -16.27
N THR B 723 47.21 34.87 -16.40
CA THR B 723 46.37 34.12 -15.49
C THR B 723 45.62 33.04 -16.25
N THR B 724 45.17 32.02 -15.53
CA THR B 724 44.44 30.90 -16.11
C THR B 724 43.04 30.83 -15.52
N GLU B 725 42.11 30.30 -16.30
CA GLU B 725 40.74 30.10 -15.86
C GLU B 725 40.20 28.83 -16.49
N ILE B 726 39.54 27.99 -15.69
CA ILE B 726 39.05 26.69 -16.11
C ILE B 726 37.53 26.72 -16.12
N LEU B 727 36.92 26.27 -17.22
CA LEU B 727 35.48 26.26 -17.37
C LEU B 727 35.04 24.92 -17.94
N PRO B 728 34.05 24.26 -17.34
CA PRO B 728 33.51 23.03 -17.92
C PRO B 728 32.40 23.31 -18.93
N VAL B 729 32.46 22.60 -20.06
CA VAL B 729 31.55 22.87 -21.16
C VAL B 729 30.61 21.71 -21.47
N SER B 730 30.90 20.49 -21.05
CA SER B 730 30.04 19.36 -21.37
C SER B 730 30.31 18.23 -20.37
N MET B 731 29.39 17.27 -20.35
CA MET B 731 29.53 16.11 -19.47
C MET B 731 29.34 14.81 -20.25
N THR B 732 29.25 13.70 -19.53
CA THR B 732 29.21 12.38 -20.15
C THR B 732 27.78 12.01 -20.52
N LYS B 733 27.60 11.50 -21.74
CA LYS B 733 26.29 11.03 -22.18
C LYS B 733 26.01 9.64 -21.63
N THR B 734 24.73 9.37 -21.36
CA THR B 734 24.33 8.14 -20.71
C THR B 734 22.89 7.84 -21.04
N SER B 735 22.60 6.57 -21.34
CA SER B 735 21.25 6.10 -21.59
C SER B 735 20.94 4.90 -20.70
N VAL B 736 19.70 4.82 -20.24
CA VAL B 736 19.24 3.75 -19.36
C VAL B 736 17.99 3.13 -19.95
N ASP B 737 17.92 1.80 -19.93
CA ASP B 737 16.82 1.05 -20.53
C ASP B 737 15.94 0.47 -19.43
N CYS B 738 14.64 0.74 -19.49
CA CYS B 738 13.72 0.21 -18.49
C CYS B 738 13.63 -1.31 -18.53
N THR B 739 13.37 -1.87 -19.71
CA THR B 739 13.07 -3.29 -19.81
C THR B 739 14.25 -4.18 -19.43
N MET B 740 15.43 -3.60 -19.19
CA MET B 740 16.57 -4.34 -18.68
C MET B 740 16.95 -3.94 -17.27
N TYR B 741 16.87 -2.66 -16.93
CA TYR B 741 17.21 -2.24 -15.58
C TYR B 741 16.16 -2.70 -14.57
N ILE B 742 14.89 -2.48 -14.88
CA ILE B 742 13.83 -2.71 -13.90
C ILE B 742 13.61 -4.20 -13.68
N CYS B 743 13.25 -4.92 -14.74
CA CYS B 743 12.91 -6.34 -14.60
C CYS B 743 14.15 -7.20 -14.86
N GLY B 744 14.67 -7.15 -16.08
CA GLY B 744 15.92 -7.82 -16.39
C GLY B 744 15.72 -9.24 -16.90
N ASP B 745 15.82 -9.42 -18.21
CA ASP B 745 15.73 -10.73 -18.87
C ASP B 745 14.66 -11.64 -18.26
N SER B 746 13.51 -11.08 -17.91
CA SER B 746 12.42 -11.82 -17.28
C SER B 746 11.14 -11.64 -18.08
N THR B 747 10.52 -12.75 -18.47
CA THR B 747 9.30 -12.68 -19.25
C THR B 747 8.11 -12.24 -18.40
N GLU B 748 7.97 -12.81 -17.19
CA GLU B 748 6.82 -12.52 -16.36
C GLU B 748 6.77 -11.06 -15.93
N CYS B 749 7.93 -10.49 -15.58
CA CYS B 749 7.97 -9.11 -15.14
C CYS B 749 7.69 -8.12 -16.28
N SER B 750 7.97 -8.50 -17.52
CA SER B 750 7.80 -7.58 -18.64
C SER B 750 6.34 -7.18 -18.84
N ASN B 751 5.43 -8.16 -18.77
CA ASN B 751 4.02 -7.84 -19.01
C ASN B 751 3.37 -7.12 -17.84
N LEU B 752 3.96 -7.19 -16.65
CA LEU B 752 3.42 -6.46 -15.50
C LEU B 752 3.81 -4.99 -15.51
N LEU B 753 4.78 -4.61 -16.34
CA LEU B 753 5.26 -3.23 -16.37
C LEU B 753 4.48 -2.37 -17.37
N LEU B 754 4.03 -2.96 -18.48
CA LEU B 754 3.32 -2.19 -19.49
C LEU B 754 1.94 -1.74 -19.04
N GLN B 755 1.44 -2.23 -17.90
CA GLN B 755 0.18 -1.76 -17.35
C GLN B 755 0.37 -0.52 -16.48
N TYR B 756 1.60 -0.05 -16.32
CA TYR B 756 1.88 1.18 -15.58
C TYR B 756 1.80 2.42 -16.47
N GLY B 757 1.55 2.26 -17.76
CA GLY B 757 1.41 3.39 -18.65
C GLY B 757 2.63 3.68 -19.48
N SER B 758 2.83 4.95 -19.83
CA SER B 758 3.98 5.40 -20.62
C SER B 758 5.09 5.94 -19.73
N PHE B 759 5.25 5.36 -18.54
CA PHE B 759 6.25 5.82 -17.60
C PHE B 759 7.68 5.51 -18.03
N CYS B 760 7.87 4.71 -19.08
CA CYS B 760 9.21 4.33 -19.51
C CYS B 760 9.53 4.71 -20.95
N THR B 761 8.86 5.71 -21.51
CA THR B 761 9.36 6.39 -22.70
C THR B 761 9.76 7.83 -22.42
N GLN B 762 9.17 8.44 -21.39
CA GLN B 762 9.54 9.79 -21.00
C GLN B 762 10.99 9.85 -20.53
N LEU B 763 11.42 8.85 -19.76
CA LEU B 763 12.80 8.82 -19.28
C LEU B 763 13.78 8.73 -20.43
N ASN B 764 13.50 7.84 -21.39
CA ASN B 764 14.37 7.71 -22.56
C ASN B 764 14.39 9.00 -23.37
N ARG B 765 13.24 9.64 -23.52
CA ARG B 765 13.19 10.90 -24.26
C ARG B 765 14.04 11.97 -23.58
N ALA B 766 13.94 12.08 -22.26
CA ALA B 766 14.71 13.09 -21.54
C ALA B 766 16.22 12.83 -21.64
N LEU B 767 16.62 11.56 -21.47
CA LEU B 767 18.04 11.23 -21.56
C LEU B 767 18.57 11.50 -22.96
N THR B 768 17.78 11.18 -23.99
CA THR B 768 18.19 11.48 -25.35
C THR B 768 18.33 12.98 -25.57
N GLY B 769 17.41 13.77 -25.00
CA GLY B 769 17.53 15.22 -25.11
C GLY B 769 18.81 15.74 -24.51
N ILE B 770 19.17 15.25 -23.32
CA ILE B 770 20.42 15.67 -22.68
C ILE B 770 21.61 15.30 -23.55
N ALA B 771 21.62 14.06 -24.05
CA ALA B 771 22.75 13.59 -24.85
C ALA B 771 22.90 14.41 -26.12
N VAL B 772 21.78 14.81 -26.73
CA VAL B 772 21.83 15.64 -27.93
C VAL B 772 22.34 17.04 -27.58
N GLU B 773 21.91 17.58 -26.44
CA GLU B 773 22.31 18.93 -26.06
C GLU B 773 23.81 19.04 -25.80
N GLN B 774 24.43 17.96 -25.31
CA GLN B 774 25.86 18.02 -25.02
C GLN B 774 26.69 18.34 -26.28
N ASP B 775 26.36 17.70 -27.40
CA ASP B 775 27.10 17.95 -28.64
C ASP B 775 26.93 19.39 -29.10
N LYS B 776 25.71 19.94 -28.96
CA LYS B 776 25.49 21.33 -29.30
C LYS B 776 26.33 22.25 -28.43
N ASN B 777 26.44 21.94 -27.13
CA ASN B 777 27.29 22.73 -26.25
C ASN B 777 28.72 22.78 -26.77
N THR B 778 29.29 21.60 -27.04
CA THR B 778 30.69 21.55 -27.47
C THR B 778 30.88 22.27 -28.81
N GLN B 779 29.97 22.03 -29.76
CA GLN B 779 30.10 22.67 -31.07
C GLN B 779 30.00 24.19 -30.97
N GLU B 780 29.05 24.69 -30.16
CA GLU B 780 28.90 26.13 -30.01
C GLU B 780 30.15 26.74 -29.37
N VAL B 781 30.74 26.06 -28.38
CA VAL B 781 31.91 26.63 -27.72
C VAL B 781 33.11 26.66 -28.67
N PHE B 782 33.37 25.56 -29.37
CA PHE B 782 34.65 25.46 -30.07
C PHE B 782 34.61 25.88 -31.53
N ALA B 783 33.54 25.56 -32.25
CA ALA B 783 33.47 25.83 -33.69
C ALA B 783 33.08 27.29 -33.93
N GLN B 784 34.09 28.16 -33.91
CA GLN B 784 33.90 29.57 -34.18
C GLN B 784 34.70 30.07 -35.39
N VAL B 785 35.42 29.19 -36.07
CA VAL B 785 36.25 29.56 -37.21
C VAL B 785 35.79 28.77 -38.43
N LYS B 786 35.75 29.43 -39.57
CA LYS B 786 35.32 28.76 -40.80
C LYS B 786 36.44 27.91 -41.40
N GLN B 787 37.68 28.40 -41.37
CA GLN B 787 38.80 27.72 -41.97
C GLN B 787 39.75 27.21 -40.88
N ILE B 788 40.80 26.52 -41.32
CA ILE B 788 41.80 25.94 -40.44
C ILE B 788 43.13 26.62 -40.78
N TYR B 789 43.48 27.64 -40.01
CA TYR B 789 44.73 28.36 -40.22
C TYR B 789 45.90 27.58 -39.66
N LYS B 790 47.08 27.80 -40.24
CA LYS B 790 48.31 27.18 -39.78
C LYS B 790 49.39 28.24 -39.63
N THR B 791 50.24 28.06 -38.63
CA THR B 791 51.30 29.03 -38.37
C THR B 791 52.44 28.82 -39.37
N PRO B 792 53.14 29.90 -39.75
CA PRO B 792 54.24 29.75 -40.69
C PRO B 792 55.38 28.95 -40.07
N PRO B 793 56.15 28.23 -40.88
CA PRO B 793 57.26 27.43 -40.32
C PRO B 793 58.35 28.27 -39.66
N ILE B 794 58.44 29.56 -39.98
CA ILE B 794 59.47 30.44 -39.43
C ILE B 794 58.84 31.28 -38.33
N LYS B 795 59.45 31.23 -37.14
CA LYS B 795 58.93 31.92 -35.96
C LYS B 795 59.77 33.17 -35.70
N ASP B 796 59.34 34.30 -36.24
CA ASP B 796 59.97 35.59 -35.98
C ASP B 796 58.89 36.58 -35.54
N PHE B 797 58.60 36.58 -34.24
CA PHE B 797 57.57 37.42 -33.66
C PHE B 797 58.14 38.59 -32.86
N GLY B 798 59.39 38.96 -33.09
CA GLY B 798 59.98 40.08 -32.38
C GLY B 798 60.45 39.77 -30.99
N GLY B 799 60.77 38.52 -30.69
CA GLY B 799 61.26 38.13 -29.39
C GLY B 799 60.27 37.38 -28.53
N PHE B 800 59.00 37.32 -28.92
CA PHE B 800 58.02 36.57 -28.17
C PHE B 800 58.15 35.08 -28.46
N ASN B 801 57.95 34.26 -27.43
CA ASN B 801 58.10 32.81 -27.54
C ASN B 801 56.76 32.15 -27.29
N PHE B 802 56.21 31.50 -28.31
CA PHE B 802 54.94 30.79 -28.21
C PHE B 802 55.12 29.28 -28.20
N SER B 803 56.33 28.80 -27.94
CA SER B 803 56.60 27.36 -28.00
C SER B 803 55.87 26.59 -26.91
N GLN B 804 55.40 27.25 -25.86
CA GLN B 804 54.68 26.58 -24.80
C GLN B 804 53.21 26.38 -25.10
N ILE B 805 52.68 27.01 -26.15
CA ILE B 805 51.27 26.84 -26.51
C ILE B 805 51.07 26.36 -27.94
N LEU B 806 52.01 26.59 -28.85
CA LEU B 806 51.88 26.03 -30.19
C LEU B 806 52.08 24.52 -30.14
N PRO B 807 51.37 23.76 -30.98
CA PRO B 807 51.42 22.30 -30.88
C PRO B 807 52.79 21.75 -31.25
N ASP B 808 53.16 20.66 -30.58
CA ASP B 808 54.46 20.04 -30.77
C ASP B 808 54.32 18.88 -31.76
N PRO B 809 54.91 18.97 -32.96
CA PRO B 809 54.80 17.86 -33.91
C PRO B 809 55.60 16.63 -33.53
N SER B 810 56.53 16.75 -32.56
CA SER B 810 57.35 15.60 -32.20
C SER B 810 56.52 14.50 -31.56
N LYS B 811 55.68 14.84 -30.59
CA LYS B 811 54.87 13.86 -29.91
C LYS B 811 53.77 13.35 -30.84
N PRO B 812 53.40 12.07 -30.73
CA PRO B 812 52.33 11.54 -31.60
C PRO B 812 50.97 12.17 -31.34
N SER B 813 50.75 12.73 -30.15
CA SER B 813 49.44 13.29 -29.82
C SER B 813 49.18 14.61 -30.53
N LYS B 814 50.23 15.31 -30.96
CA LYS B 814 50.11 16.61 -31.62
C LYS B 814 49.37 17.61 -30.73
N ARG B 815 49.88 17.76 -29.51
CA ARG B 815 49.29 18.65 -28.52
C ARG B 815 50.39 19.47 -27.86
N SER B 816 50.03 20.67 -27.43
CA SER B 816 50.98 21.59 -26.83
C SER B 816 51.43 21.06 -25.46
N PRO B 817 52.60 21.50 -24.98
CA PRO B 817 53.06 21.03 -23.67
C PRO B 817 52.07 21.31 -22.53
N ILE B 818 51.43 22.48 -22.54
CA ILE B 818 50.45 22.77 -21.50
C ILE B 818 49.24 21.85 -21.62
N GLU B 819 48.81 21.56 -22.84
CA GLU B 819 47.71 20.62 -23.04
C GLU B 819 48.09 19.23 -22.55
N ASP B 820 49.33 18.79 -22.82
CA ASP B 820 49.77 17.50 -22.32
C ASP B 820 49.79 17.47 -20.80
N LEU B 821 50.25 18.56 -20.17
CA LEU B 821 50.24 18.63 -18.72
C LEU B 821 48.82 18.55 -18.18
N LEU B 822 47.88 19.24 -18.81
CA LEU B 822 46.49 19.20 -18.37
C LEU B 822 45.90 17.80 -18.52
N PHE B 823 46.18 17.14 -19.64
CA PHE B 823 45.65 15.79 -19.85
C PHE B 823 46.25 14.79 -18.87
N ASN B 824 47.54 14.91 -18.57
CA ASN B 824 48.14 13.99 -17.61
C ASN B 824 47.67 14.27 -16.19
N LYS B 825 47.40 15.54 -15.85
CA LYS B 825 47.00 15.88 -14.50
C LYS B 825 45.66 15.28 -14.13
N VAL B 826 44.69 15.33 -15.05
CA VAL B 826 43.36 14.78 -14.81
C VAL B 826 43.25 13.49 -15.61
N THR B 827 43.15 12.36 -14.91
CA THR B 827 43.11 11.04 -15.54
C THR B 827 41.98 10.23 -14.95
N LEU B 828 41.35 9.40 -15.78
CA LEU B 828 40.34 8.47 -15.32
C LEU B 828 40.65 7.06 -15.79
N ALA B 852 32.71 -5.46 -22.14
CA ALA B 852 32.91 -4.12 -21.60
C ALA B 852 31.58 -3.47 -21.26
N GLN B 853 30.49 -4.14 -21.64
CA GLN B 853 29.15 -3.59 -21.42
C GLN B 853 28.83 -3.56 -19.93
N LYS B 854 28.16 -2.49 -19.51
CA LYS B 854 27.72 -2.37 -18.13
C LYS B 854 26.41 -3.12 -17.93
N PHE B 855 26.19 -3.58 -16.69
CA PHE B 855 25.00 -4.36 -16.38
C PHE B 855 23.76 -3.49 -16.39
N ASN B 856 22.60 -4.15 -16.46
CA ASN B 856 21.30 -3.54 -16.24
C ASN B 856 21.02 -2.41 -17.23
N GLY B 857 21.41 -2.61 -18.49
CA GLY B 857 21.01 -1.69 -19.54
C GLY B 857 21.53 -0.27 -19.39
N LEU B 858 22.79 -0.12 -19.00
CA LEU B 858 23.44 1.18 -18.91
C LEU B 858 24.53 1.27 -19.95
N THR B 859 24.55 2.37 -20.70
CA THR B 859 25.50 2.54 -21.79
C THR B 859 26.07 3.96 -21.75
N VAL B 860 27.23 4.12 -22.36
CA VAL B 860 27.92 5.41 -22.46
C VAL B 860 28.21 5.66 -23.92
N LEU B 861 27.50 6.61 -24.52
CA LEU B 861 27.71 6.95 -25.92
C LEU B 861 29.00 7.76 -26.09
N PRO B 862 29.69 7.58 -27.21
CA PRO B 862 30.93 8.32 -27.43
C PRO B 862 30.64 9.75 -27.89
N PRO B 863 31.48 10.70 -27.51
CA PRO B 863 31.30 12.07 -27.99
C PRO B 863 31.48 12.16 -29.50
N LEU B 864 30.74 13.08 -30.11
CA LEU B 864 30.83 13.25 -31.57
C LEU B 864 32.17 13.82 -31.99
N LEU B 865 32.73 14.75 -31.20
CA LEU B 865 33.99 15.41 -31.52
C LEU B 865 35.09 14.74 -30.71
N THR B 866 36.01 14.07 -31.41
CA THR B 866 37.16 13.46 -30.74
C THR B 866 38.12 14.54 -30.26
N ASP B 867 39.03 14.13 -29.36
CA ASP B 867 39.95 15.09 -28.75
C ASP B 867 40.93 15.66 -29.77
N GLU B 868 41.33 14.85 -30.75
CA GLU B 868 42.25 15.34 -31.77
C GLU B 868 41.63 16.48 -32.58
N MET B 869 40.34 16.37 -32.88
CA MET B 869 39.69 17.39 -33.70
C MET B 869 39.45 18.68 -32.90
N ILE B 870 39.16 18.54 -31.60
CA ILE B 870 39.08 19.72 -30.74
C ILE B 870 40.44 20.39 -30.63
N ALA B 871 41.51 19.61 -30.52
CA ALA B 871 42.85 20.18 -30.49
C ALA B 871 43.15 20.91 -31.81
N GLN B 872 42.71 20.34 -32.93
CA GLN B 872 42.88 21.03 -34.20
C GLN B 872 42.12 22.35 -34.23
N TYR B 873 40.92 22.38 -33.66
CA TYR B 873 40.15 23.61 -33.59
C TYR B 873 40.90 24.68 -32.79
N THR B 874 41.39 24.31 -31.61
CA THR B 874 42.11 25.29 -30.80
C THR B 874 43.41 25.74 -31.45
N SER B 875 44.10 24.83 -32.15
CA SER B 875 45.31 25.22 -32.88
C SER B 875 44.97 26.20 -33.99
N ALA B 876 43.84 25.98 -34.67
CA ALA B 876 43.42 26.93 -35.70
C ALA B 876 43.14 28.30 -35.11
N LEU B 877 42.47 28.34 -33.96
CA LEU B 877 42.21 29.62 -33.31
C LEU B 877 43.51 30.33 -32.92
N LEU B 878 44.46 29.58 -32.35
CA LEU B 878 45.72 30.18 -31.93
C LEU B 878 46.51 30.71 -33.13
N ALA B 879 46.61 29.92 -34.19
CA ALA B 879 47.35 30.37 -35.37
C ALA B 879 46.65 31.54 -36.05
N GLY B 880 45.32 31.60 -35.99
CA GLY B 880 44.63 32.75 -36.53
C GLY B 880 44.90 34.02 -35.75
N THR B 881 44.86 33.93 -34.41
CA THR B 881 45.02 35.13 -33.61
C THR B 881 46.47 35.60 -33.55
N ILE B 882 47.44 34.70 -33.71
CA ILE B 882 48.83 35.12 -33.66
C ILE B 882 49.19 35.91 -34.92
N THR B 883 48.70 35.49 -36.08
CA THR B 883 49.13 36.05 -37.35
C THR B 883 48.21 37.15 -37.88
N SER B 884 46.92 37.13 -37.55
CA SER B 884 45.96 38.09 -38.07
C SER B 884 45.50 39.11 -37.04
N GLY B 885 45.22 38.67 -35.81
CA GLY B 885 44.71 39.58 -34.80
C GLY B 885 43.24 39.36 -34.53
N TRP B 886 42.46 40.44 -34.58
CA TRP B 886 41.01 40.34 -34.46
C TRP B 886 40.30 40.40 -35.80
N THR B 887 41.04 40.50 -36.90
CA THR B 887 40.42 40.67 -38.20
C THR B 887 39.80 39.38 -38.71
N PHE B 888 40.31 38.23 -38.29
CA PHE B 888 39.82 36.95 -38.79
C PHE B 888 38.48 36.56 -38.20
N GLY B 889 38.05 37.20 -37.12
CA GLY B 889 36.75 36.96 -36.52
C GLY B 889 35.64 37.85 -37.03
N ALA B 890 35.91 38.69 -38.03
CA ALA B 890 34.92 39.62 -38.56
C ALA B 890 34.98 39.70 -40.08
N GLY B 891 35.35 38.60 -40.75
CA GLY B 891 35.49 38.59 -42.17
C GLY B 891 36.73 37.87 -42.62
N PRO B 892 37.32 38.31 -43.73
CA PRO B 892 38.56 37.69 -44.20
C PRO B 892 39.73 38.02 -43.28
N ALA B 893 40.71 37.12 -43.25
CA ALA B 893 41.88 37.30 -42.41
C ALA B 893 42.91 38.14 -43.12
N LEU B 894 43.38 39.20 -42.45
CA LEU B 894 44.41 40.09 -42.97
C LEU B 894 45.64 40.01 -42.08
N GLN B 895 46.79 39.75 -42.68
CA GLN B 895 48.01 39.60 -41.90
C GLN B 895 48.48 40.94 -41.36
N ILE B 896 49.25 40.87 -40.28
CA ILE B 896 49.84 42.06 -39.64
C ILE B 896 50.99 41.58 -38.75
N PRO B 897 52.14 42.25 -38.76
CA PRO B 897 53.25 41.83 -37.90
C PRO B 897 52.85 41.86 -36.44
N PHE B 898 53.37 40.89 -35.67
CA PHE B 898 52.96 40.77 -34.28
C PHE B 898 53.31 41.98 -33.42
N PRO B 899 54.52 42.55 -33.50
CA PRO B 899 54.78 43.77 -32.70
C PRO B 899 53.83 44.90 -33.03
N MET B 900 53.44 45.06 -34.29
CA MET B 900 52.49 46.11 -34.63
C MET B 900 51.10 45.79 -34.08
N GLN B 901 50.72 44.52 -34.03
CA GLN B 901 49.46 44.15 -33.41
C GLN B 901 49.49 44.43 -31.90
N MET B 902 50.64 44.18 -31.26
CA MET B 902 50.76 44.51 -29.84
C MET B 902 50.71 46.01 -29.62
N ALA B 903 51.29 46.79 -30.54
CA ALA B 903 51.17 48.25 -30.45
C ALA B 903 49.72 48.69 -30.60
N TYR B 904 48.97 48.02 -31.47
CA TYR B 904 47.53 48.26 -31.56
C TYR B 904 46.85 47.98 -30.22
N ARG B 905 47.17 46.85 -29.61
CA ARG B 905 46.48 46.44 -28.39
C ARG B 905 46.84 47.34 -27.21
N PHE B 906 48.06 47.92 -27.21
CA PHE B 906 48.41 48.88 -26.18
C PHE B 906 47.60 50.15 -26.31
N ASN B 907 47.28 50.56 -27.54
CA ASN B 907 46.49 51.77 -27.77
C ASN B 907 45.08 51.63 -27.22
N GLY B 908 44.57 50.40 -27.13
CA GLY B 908 43.21 50.19 -26.68
C GLY B 908 42.99 50.36 -25.20
N ILE B 909 44.05 50.42 -24.41
CA ILE B 909 43.95 50.62 -22.97
C ILE B 909 44.42 52.01 -22.55
N GLY B 910 44.49 52.94 -23.51
CA GLY B 910 44.82 54.32 -23.20
C GLY B 910 46.30 54.63 -23.10
N VAL B 911 47.16 53.81 -23.69
CA VAL B 911 48.60 54.01 -23.63
C VAL B 911 49.13 54.12 -25.05
N THR B 912 50.00 55.10 -25.29
CA THR B 912 50.46 55.41 -26.64
C THR B 912 51.31 54.28 -27.20
N GLN B 913 51.67 54.42 -28.48
CA GLN B 913 52.43 53.39 -29.18
C GLN B 913 53.90 53.40 -28.78
N ASN B 914 54.48 54.57 -28.56
CA ASN B 914 55.92 54.68 -28.36
C ASN B 914 56.40 54.05 -27.06
N VAL B 915 55.50 53.68 -26.15
CA VAL B 915 55.95 53.00 -24.93
C VAL B 915 56.21 51.52 -25.15
N LEU B 916 55.79 50.97 -26.28
CA LEU B 916 56.09 49.58 -26.61
C LEU B 916 57.37 49.45 -27.42
N TYR B 917 57.51 50.28 -28.46
CA TYR B 917 58.70 50.19 -29.30
C TYR B 917 59.96 50.58 -28.52
N GLU B 918 59.84 51.45 -27.54
CA GLU B 918 60.95 51.82 -26.68
C GLU B 918 61.19 50.80 -25.57
N ASN B 919 60.27 49.85 -25.37
CA ASN B 919 60.42 48.83 -24.34
C ASN B 919 60.05 47.45 -24.87
N GLN B 920 60.39 47.17 -26.12
CA GLN B 920 59.95 45.92 -26.76
C GLN B 920 60.60 44.70 -26.12
N LYS B 921 61.91 44.77 -25.86
CA LYS B 921 62.62 43.60 -25.36
C LYS B 921 62.21 43.27 -23.93
N LEU B 922 62.04 44.29 -23.09
CA LEU B 922 61.59 44.05 -21.72
C LEU B 922 60.20 43.42 -21.69
N ILE B 923 59.30 43.91 -22.54
CA ILE B 923 57.96 43.34 -22.61
C ILE B 923 58.00 41.89 -23.08
N ALA B 924 58.83 41.61 -24.09
CA ALA B 924 58.97 40.23 -24.56
C ALA B 924 59.51 39.33 -23.46
N ASN B 925 60.50 39.80 -22.71
CA ASN B 925 61.07 39.00 -21.63
C ASN B 925 60.04 38.73 -20.54
N GLN B 926 59.24 39.74 -20.18
CA GLN B 926 58.19 39.52 -19.18
C GLN B 926 57.16 38.51 -19.66
N PHE B 927 56.76 38.61 -20.94
CA PHE B 927 55.81 37.66 -21.48
C PHE B 927 56.36 36.24 -21.43
N ASN B 928 57.63 36.07 -21.83
CA ASN B 928 58.24 34.75 -21.81
C ASN B 928 58.33 34.20 -20.39
N SER B 929 58.71 35.05 -19.43
CA SER B 929 58.82 34.60 -18.04
C SER B 929 57.47 34.17 -17.50
N ALA B 930 56.41 34.94 -17.79
CA ALA B 930 55.09 34.56 -17.31
C ALA B 930 54.61 33.26 -17.93
N ILE B 931 54.80 33.10 -19.25
CA ILE B 931 54.35 31.88 -19.90
C ILE B 931 55.16 30.68 -19.40
N GLY B 932 56.42 30.89 -19.01
CA GLY B 932 57.18 29.82 -18.39
C GLY B 932 56.67 29.46 -17.01
N LYS B 933 56.35 30.47 -16.19
CA LYS B 933 55.85 30.22 -14.85
C LYS B 933 54.47 29.56 -14.85
N ILE B 934 53.73 29.69 -15.95
CA ILE B 934 52.39 29.11 -16.00
C ILE B 934 52.43 27.60 -15.78
N GLN B 935 53.38 26.92 -16.41
CA GLN B 935 53.46 25.47 -16.29
C GLN B 935 53.70 25.04 -14.85
N ASP B 936 54.65 25.68 -14.17
CA ASP B 936 54.93 25.34 -12.79
C ASP B 936 53.75 25.67 -11.87
N SER B 937 53.06 26.79 -12.15
CA SER B 937 51.89 27.14 -11.36
C SER B 937 50.81 26.08 -11.51
N LEU B 938 50.58 25.59 -12.74
CA LEU B 938 49.58 24.54 -12.94
C LEU B 938 50.00 23.24 -12.28
N SER B 939 51.29 22.88 -12.38
CA SER B 939 51.73 21.57 -11.91
C SER B 939 51.79 21.50 -10.39
N SER B 940 52.19 22.60 -9.74
CA SER B 940 52.37 22.58 -8.30
C SER B 940 51.04 22.40 -7.57
N THR B 941 50.04 23.20 -7.92
CA THR B 941 48.77 23.17 -7.22
C THR B 941 47.96 21.95 -7.65
N PRO B 942 47.56 21.08 -6.72
CA PRO B 942 46.73 19.92 -7.09
C PRO B 942 45.26 20.26 -7.28
N SER B 943 44.80 21.42 -6.83
CA SER B 943 43.41 21.84 -6.93
C SER B 943 43.17 22.81 -8.08
N ALA B 944 44.08 22.87 -9.05
CA ALA B 944 43.91 23.79 -10.17
C ALA B 944 42.70 23.43 -11.01
N LEU B 945 42.49 22.14 -11.25
CA LEU B 945 41.39 21.65 -12.09
C LEU B 945 40.26 21.05 -11.28
N GLY B 946 39.93 21.64 -10.13
CA GLY B 946 38.83 21.12 -9.33
C GLY B 946 37.48 21.25 -10.01
N LYS B 947 37.29 22.30 -10.80
CA LYS B 947 36.01 22.50 -11.49
C LYS B 947 35.71 21.37 -12.45
N LEU B 948 36.73 20.86 -13.14
CA LEU B 948 36.53 19.76 -14.08
C LEU B 948 36.36 18.43 -13.37
N GLN B 949 37.04 18.22 -12.25
CA GLN B 949 36.93 16.96 -11.52
C GLN B 949 35.61 16.84 -10.77
N ASP B 950 35.03 17.97 -10.37
CA ASP B 950 33.80 17.93 -9.59
C ASP B 950 32.65 17.29 -10.37
N VAL B 951 32.52 17.64 -11.65
CA VAL B 951 31.42 17.11 -12.45
C VAL B 951 31.62 15.61 -12.69
N VAL B 952 32.85 15.18 -12.89
CA VAL B 952 33.13 13.76 -13.09
C VAL B 952 32.78 12.98 -11.82
N ASN B 953 33.19 13.50 -10.66
CA ASN B 953 32.86 12.82 -9.41
C ASN B 953 31.36 12.78 -9.17
N GLN B 954 30.65 13.87 -9.51
CA GLN B 954 29.20 13.89 -9.34
C GLN B 954 28.52 12.85 -10.21
N ASN B 955 28.92 12.75 -11.48
CA ASN B 955 28.32 11.77 -12.37
C ASN B 955 28.62 10.35 -11.91
N ALA B 956 29.86 10.09 -11.49
CA ALA B 956 30.21 8.75 -11.01
C ALA B 956 29.42 8.38 -9.78
N GLN B 957 29.28 9.32 -8.83
CA GLN B 957 28.50 9.04 -7.63
C GLN B 957 27.04 8.77 -7.97
N ALA B 958 26.48 9.54 -8.90
CA ALA B 958 25.08 9.32 -9.29
C ALA B 958 24.88 7.93 -9.88
N LEU B 959 25.77 7.52 -10.79
CA LEU B 959 25.64 6.20 -11.40
C LEU B 959 25.84 5.09 -10.36
N ASN B 960 26.82 5.26 -9.47
CA ASN B 960 27.06 4.25 -8.45
C ASN B 960 25.86 4.09 -7.52
N THR B 961 25.25 5.22 -7.13
CA THR B 961 24.04 5.14 -6.31
C THR B 961 22.91 4.46 -7.06
N LEU B 962 22.76 4.77 -8.35
CA LEU B 962 21.67 4.15 -9.12
C LEU B 962 21.85 2.64 -9.22
N VAL B 963 23.08 2.18 -9.45
CA VAL B 963 23.31 0.75 -9.60
C VAL B 963 23.07 0.03 -8.28
N LYS B 964 23.56 0.59 -7.17
CA LYS B 964 23.47 -0.08 -5.88
C LYS B 964 22.04 -0.19 -5.37
N GLN B 965 21.10 0.59 -5.93
CA GLN B 965 19.72 0.52 -5.51
C GLN B 965 19.01 -0.75 -5.98
N LEU B 966 19.66 -1.54 -6.83
CA LEU B 966 19.07 -2.79 -7.30
C LEU B 966 19.10 -3.90 -6.26
N SER B 967 19.79 -3.69 -5.14
CA SER B 967 19.94 -4.71 -4.10
C SER B 967 19.14 -4.34 -2.85
N SER B 968 17.94 -3.81 -3.02
CA SER B 968 17.09 -3.40 -1.92
C SER B 968 15.79 -4.18 -1.93
N ASN B 969 15.27 -4.46 -0.75
CA ASN B 969 14.05 -5.26 -0.64
C ASN B 969 12.82 -4.46 -1.04
N PHE B 970 12.74 -3.21 -0.60
CA PHE B 970 11.57 -2.34 -0.84
C PHE B 970 10.29 -2.96 -0.29
N GLY B 971 10.40 -3.72 0.80
CA GLY B 971 9.26 -4.38 1.40
C GLY B 971 8.98 -5.79 0.89
N ALA B 972 9.73 -6.27 -0.10
CA ALA B 972 9.56 -7.62 -0.60
C ALA B 972 10.41 -8.60 0.22
N ILE B 973 10.11 -9.89 0.04
CA ILE B 973 10.82 -10.91 0.79
C ILE B 973 12.27 -11.03 0.31
N SER B 974 12.49 -10.89 -1.00
CA SER B 974 13.83 -10.97 -1.56
C SER B 974 13.97 -9.93 -2.67
N SER B 975 15.22 -9.58 -2.97
CA SER B 975 15.54 -8.55 -3.94
C SER B 975 15.93 -9.11 -5.30
N VAL B 976 15.69 -10.40 -5.54
CA VAL B 976 16.00 -11.04 -6.82
C VAL B 976 14.72 -11.64 -7.38
N LEU B 977 14.47 -11.38 -8.68
CA LEU B 977 13.24 -11.83 -9.30
C LEU B 977 13.16 -13.34 -9.41
N ASN B 978 14.29 -13.99 -9.72
CA ASN B 978 14.28 -15.43 -9.95
C ASN B 978 13.86 -16.19 -8.69
N ASP B 979 14.44 -15.82 -7.54
CA ASP B 979 14.10 -16.50 -6.30
C ASP B 979 12.65 -16.22 -5.90
N ILE B 980 12.22 -14.96 -6.05
CA ILE B 980 10.86 -14.60 -5.66
C ILE B 980 9.84 -15.26 -6.58
N LEU B 981 10.25 -15.66 -7.78
CA LEU B 981 9.35 -16.37 -8.68
C LEU B 981 9.35 -17.87 -8.40
N SER B 982 10.52 -18.44 -8.13
CA SER B 982 10.62 -19.89 -7.93
C SER B 982 10.06 -20.31 -6.58
N ARG B 983 10.34 -19.54 -5.53
CA ARG B 983 9.93 -19.97 -4.19
C ARG B 983 8.43 -19.84 -3.98
N LEU B 984 7.84 -18.71 -4.39
CA LEU B 984 6.47 -18.38 -4.05
C LEU B 984 5.51 -18.82 -5.16
N ASP B 985 4.22 -18.67 -4.88
CA ASP B 985 3.17 -19.02 -5.84
C ASP B 985 2.96 -17.86 -6.80
N PRO B 986 3.02 -18.09 -8.11
CA PRO B 986 2.92 -16.98 -9.08
C PRO B 986 1.67 -16.16 -8.92
N PRO B 987 0.49 -16.76 -8.63
CA PRO B 987 -0.68 -15.91 -8.36
C PRO B 987 -0.51 -14.99 -7.17
N GLU B 988 0.21 -15.43 -6.13
CA GLU B 988 0.39 -14.67 -4.91
C GLU B 988 1.59 -13.72 -4.96
N ALA B 989 2.50 -13.90 -5.92
CA ALA B 989 3.74 -13.15 -5.95
C ALA B 989 3.64 -11.83 -6.72
N GLU B 990 2.44 -11.47 -7.19
CA GLU B 990 2.32 -10.27 -8.01
C GLU B 990 2.53 -8.99 -7.19
N VAL B 991 2.08 -9.01 -5.94
CA VAL B 991 2.29 -7.84 -5.07
C VAL B 991 3.78 -7.68 -4.76
N GLN B 992 4.47 -8.79 -4.54
CA GLN B 992 5.90 -8.73 -4.28
C GLN B 992 6.66 -8.16 -5.47
N ILE B 993 6.26 -8.55 -6.69
CA ILE B 993 6.86 -7.97 -7.88
C ILE B 993 6.51 -6.49 -8.00
N ASP B 994 5.28 -6.13 -7.64
CA ASP B 994 4.84 -4.75 -7.74
C ASP B 994 5.67 -3.83 -6.86
N ARG B 995 6.00 -4.29 -5.65
CA ARG B 995 6.81 -3.46 -4.75
C ARG B 995 8.18 -3.16 -5.36
N LEU B 996 8.83 -4.18 -5.91
CA LEU B 996 10.14 -3.99 -6.54
C LEU B 996 10.04 -3.07 -7.74
N ILE B 997 8.99 -3.25 -8.55
CA ILE B 997 8.82 -2.42 -9.74
C ILE B 997 8.65 -0.96 -9.34
N THR B 998 7.83 -0.70 -8.33
CA THR B 998 7.62 0.68 -7.87
C THR B 998 8.91 1.29 -7.35
N GLY B 999 9.68 0.52 -6.56
CA GLY B 999 10.93 1.05 -6.04
C GLY B 999 11.91 1.41 -7.15
N ARG B 1000 12.07 0.53 -8.13
CA ARG B 1000 13.01 0.80 -9.21
C ARG B 1000 12.54 1.96 -10.09
N LEU B 1001 11.22 2.07 -10.29
CA LEU B 1001 10.68 3.22 -11.00
C LEU B 1001 11.01 4.52 -10.28
N GLN B 1002 10.85 4.55 -8.97
CA GLN B 1002 11.16 5.75 -8.19
C GLN B 1002 12.63 6.11 -8.31
N SER B 1003 13.51 5.11 -8.21
CA SER B 1003 14.94 5.38 -8.33
C SER B 1003 15.28 5.97 -9.69
N LEU B 1004 14.73 5.39 -10.76
CA LEU B 1004 15.01 5.90 -12.10
C LEU B 1004 14.52 7.33 -12.27
N GLN B 1005 13.32 7.62 -11.75
CA GLN B 1005 12.78 8.99 -11.87
C GLN B 1005 13.65 10.00 -11.14
N THR B 1006 14.11 9.65 -9.93
CA THR B 1006 14.98 10.55 -9.19
C THR B 1006 16.27 10.82 -9.95
N TYR B 1007 16.87 9.76 -10.51
CA TYR B 1007 18.10 9.91 -11.26
C TYR B 1007 17.89 10.83 -12.45
N VAL B 1008 16.79 10.65 -13.19
CA VAL B 1008 16.55 11.45 -14.39
C VAL B 1008 16.37 12.93 -14.02
N THR B 1009 15.62 13.21 -12.95
CA THR B 1009 15.40 14.61 -12.59
C THR B 1009 16.71 15.29 -12.18
N GLN B 1010 17.52 14.62 -11.36
CA GLN B 1010 18.77 15.24 -10.96
C GLN B 1010 19.72 15.42 -12.14
N GLN B 1011 19.69 14.49 -13.11
CA GLN B 1011 20.48 14.68 -14.32
C GLN B 1011 20.01 15.89 -15.10
N LEU B 1012 18.70 16.12 -15.17
CA LEU B 1012 18.19 17.30 -15.87
C LEU B 1012 18.71 18.59 -15.24
N ILE B 1013 18.67 18.66 -13.90
CA ILE B 1013 19.17 19.88 -13.24
C ILE B 1013 20.65 20.08 -13.50
N ARG B 1014 21.44 19.00 -13.39
CA ARG B 1014 22.88 19.11 -13.61
C ARG B 1014 23.18 19.53 -15.05
N ALA B 1015 22.43 19.01 -16.02
CA ALA B 1015 22.63 19.39 -17.41
C ALA B 1015 22.32 20.87 -17.62
N ALA B 1016 21.29 21.38 -16.93
CA ALA B 1016 20.98 22.81 -17.05
C ALA B 1016 22.15 23.67 -16.55
N GLU B 1017 22.72 23.31 -15.40
CA GLU B 1017 23.85 24.11 -14.89
C GLU B 1017 25.06 24.00 -15.83
N ILE B 1018 25.29 22.83 -16.40
CA ILE B 1018 26.40 22.66 -17.34
C ILE B 1018 26.18 23.51 -18.58
N ARG B 1019 24.94 23.60 -19.05
CA ARG B 1019 24.64 24.43 -20.21
C ARG B 1019 24.90 25.91 -19.91
N ALA B 1020 24.54 26.36 -18.71
CA ALA B 1020 24.86 27.74 -18.35
C ALA B 1020 26.36 28.00 -18.38
N SER B 1021 27.14 27.07 -17.83
CA SER B 1021 28.60 27.23 -17.86
C SER B 1021 29.13 27.24 -19.29
N ALA B 1022 28.59 26.38 -20.16
CA ALA B 1022 29.03 26.35 -21.55
C ALA B 1022 28.70 27.64 -22.29
N ASN B 1023 27.53 28.23 -22.01
CA ASN B 1023 27.20 29.51 -22.61
C ASN B 1023 28.18 30.59 -22.17
N LEU B 1024 28.52 30.60 -20.88
CA LEU B 1024 29.52 31.56 -20.41
C LEU B 1024 30.86 31.36 -21.10
N ALA B 1025 31.28 30.09 -21.28
CA ALA B 1025 32.55 29.83 -21.93
C ALA B 1025 32.54 30.28 -23.39
N ALA B 1026 31.43 30.06 -24.09
CA ALA B 1026 31.33 30.51 -25.48
C ALA B 1026 31.42 32.02 -25.58
N THR B 1027 30.72 32.73 -24.69
CA THR B 1027 30.81 34.19 -24.69
C THR B 1027 32.23 34.67 -24.40
N LYS B 1028 32.89 34.04 -23.43
CA LYS B 1028 34.27 34.42 -23.10
C LYS B 1028 35.19 34.21 -24.30
N MET B 1029 35.08 33.06 -24.96
CA MET B 1029 35.89 32.82 -26.15
C MET B 1029 35.66 33.90 -27.19
N SER B 1030 34.39 34.16 -27.52
CA SER B 1030 34.08 35.10 -28.60
C SER B 1030 34.57 36.51 -28.29
N GLU B 1031 34.43 36.95 -27.03
CA GLU B 1031 34.70 38.34 -26.71
C GLU B 1031 36.07 38.60 -26.11
N CYS B 1032 36.87 37.58 -25.81
CA CYS B 1032 38.22 37.79 -25.34
C CYS B 1032 39.29 37.19 -26.23
N VAL B 1033 39.01 36.10 -26.94
CA VAL B 1033 40.00 35.52 -27.85
C VAL B 1033 39.95 36.17 -29.22
N LEU B 1034 38.75 36.37 -29.76
CA LEU B 1034 38.57 36.92 -31.10
C LEU B 1034 38.59 38.44 -31.13
N GLY B 1035 38.76 39.09 -29.99
CA GLY B 1035 38.85 40.53 -29.96
C GLY B 1035 39.52 40.99 -28.68
N GLN B 1036 39.24 42.24 -28.33
CA GLN B 1036 39.70 42.82 -27.07
C GLN B 1036 38.50 43.36 -26.31
N SER B 1037 38.47 43.11 -25.00
CA SER B 1037 37.32 43.44 -24.18
C SER B 1037 37.61 44.65 -23.32
N LYS B 1038 36.71 45.64 -23.37
CA LYS B 1038 36.78 46.81 -22.50
C LYS B 1038 36.08 46.58 -21.16
N ARG B 1039 35.35 45.48 -21.01
CA ARG B 1039 34.69 45.19 -19.76
C ARG B 1039 35.72 44.81 -18.70
N VAL B 1040 35.58 45.39 -17.51
CA VAL B 1040 36.54 45.18 -16.44
C VAL B 1040 36.24 43.87 -15.72
N ASP B 1041 37.27 43.07 -15.49
CA ASP B 1041 37.27 41.85 -14.69
C ASP B 1041 36.54 40.74 -15.45
N PHE B 1042 36.11 40.98 -16.69
CA PHE B 1042 35.47 39.92 -17.46
C PHE B 1042 36.46 38.80 -17.77
N CYS B 1043 37.63 39.14 -18.32
CA CYS B 1043 38.68 38.15 -18.57
C CYS B 1043 40.01 38.78 -18.16
N GLY B 1044 40.39 38.56 -16.91
CA GLY B 1044 41.67 38.98 -16.39
C GLY B 1044 41.53 39.79 -15.11
N LYS B 1045 42.68 40.24 -14.61
CA LYS B 1045 42.78 41.13 -13.45
C LYS B 1045 43.74 42.24 -13.85
N GLY B 1046 43.21 43.31 -14.42
CA GLY B 1046 44.01 44.37 -14.99
C GLY B 1046 43.41 44.85 -16.29
N TYR B 1047 44.24 45.32 -17.22
CA TYR B 1047 43.79 45.77 -18.52
C TYR B 1047 44.06 44.67 -19.54
N HIS B 1048 43.02 44.19 -20.19
CA HIS B 1048 43.14 43.05 -21.10
C HIS B 1048 43.98 43.41 -22.32
N LEU B 1049 44.86 42.49 -22.71
CA LEU B 1049 45.62 42.61 -23.95
C LEU B 1049 45.25 41.52 -24.94
N MET B 1050 45.38 40.25 -24.55
CA MET B 1050 45.03 39.13 -25.42
C MET B 1050 44.83 37.90 -24.54
N SER B 1051 44.37 36.81 -25.17
CA SER B 1051 44.22 35.55 -24.45
C SER B 1051 44.34 34.42 -25.45
N PHE B 1052 44.67 33.23 -24.94
CA PHE B 1052 44.90 32.05 -25.75
C PHE B 1052 44.12 30.88 -25.18
N PRO B 1053 43.33 30.17 -25.99
CA PRO B 1053 42.56 29.04 -25.49
C PRO B 1053 43.32 27.73 -25.55
N GLN B 1054 43.06 26.88 -24.56
CA GLN B 1054 43.60 25.53 -24.52
C GLN B 1054 42.49 24.56 -24.17
N SER B 1055 42.61 23.33 -24.64
CA SER B 1055 41.60 22.32 -24.40
C SER B 1055 41.84 21.64 -23.04
N ALA B 1056 40.97 20.71 -22.70
CA ALA B 1056 41.00 20.04 -21.40
C ALA B 1056 40.18 18.76 -21.51
N PRO B 1057 40.24 17.88 -20.49
CA PRO B 1057 39.40 16.67 -20.50
C PRO B 1057 37.95 16.91 -20.88
N HIS B 1058 37.26 17.79 -20.17
CA HIS B 1058 35.87 18.10 -20.48
C HIS B 1058 35.61 19.59 -20.33
N GLY B 1059 36.55 20.42 -20.77
CA GLY B 1059 36.42 21.84 -20.60
C GLY B 1059 37.39 22.60 -21.47
N VAL B 1060 37.58 23.88 -21.12
CA VAL B 1060 38.46 24.77 -21.85
C VAL B 1060 39.23 25.62 -20.85
N VAL B 1061 40.45 25.99 -21.21
CA VAL B 1061 41.34 26.76 -20.35
C VAL B 1061 41.76 28.02 -21.10
N PHE B 1062 41.61 29.17 -20.45
CA PHE B 1062 41.97 30.46 -21.03
C PHE B 1062 43.18 31.01 -20.30
N LEU B 1063 44.16 31.47 -21.05
CA LEU B 1063 45.35 32.13 -20.50
C LEU B 1063 45.26 33.61 -20.82
N HIS B 1064 44.75 34.38 -19.87
CA HIS B 1064 44.50 35.81 -20.07
C HIS B 1064 45.79 36.59 -19.82
N VAL B 1065 46.20 37.39 -20.81
CA VAL B 1065 47.35 38.27 -20.70
C VAL B 1065 46.86 39.67 -20.38
N THR B 1066 47.38 40.26 -19.30
CA THR B 1066 46.90 41.54 -18.81
C THR B 1066 48.07 42.47 -18.53
N TYR B 1067 47.76 43.75 -18.46
CA TYR B 1067 48.73 44.81 -18.20
C TYR B 1067 48.46 45.39 -16.83
N VAL B 1068 49.49 45.44 -15.98
CA VAL B 1068 49.35 45.88 -14.61
C VAL B 1068 50.38 46.97 -14.33
N PRO B 1069 49.98 48.16 -13.91
CA PRO B 1069 50.95 49.21 -13.60
C PRO B 1069 51.64 48.98 -12.27
N ALA B 1070 52.75 49.68 -12.08
CA ALA B 1070 53.53 49.55 -10.86
C ALA B 1070 54.45 50.76 -10.70
N GLN B 1071 55.00 50.90 -9.50
CA GLN B 1071 56.01 51.92 -9.18
C GLN B 1071 55.47 53.34 -9.43
N GLU B 1072 54.46 53.68 -8.63
CA GLU B 1072 53.83 54.99 -8.75
C GLU B 1072 54.65 56.07 -8.07
N LYS B 1073 54.26 57.32 -8.30
CA LYS B 1073 54.93 58.47 -7.72
C LYS B 1073 53.93 59.58 -7.47
N ASN B 1074 54.21 60.41 -6.48
CA ASN B 1074 53.33 61.53 -6.14
C ASN B 1074 53.62 62.74 -7.01
N PHE B 1075 52.57 63.53 -7.26
CA PHE B 1075 52.70 64.75 -8.04
C PHE B 1075 51.64 65.74 -7.58
N THR B 1076 51.81 66.99 -7.98
CA THR B 1076 50.83 68.04 -7.73
C THR B 1076 50.13 68.39 -9.04
N THR B 1077 48.80 68.43 -8.99
CA THR B 1077 47.99 68.57 -10.19
C THR B 1077 47.11 69.82 -10.11
N ALA B 1078 46.68 70.29 -11.27
CA ALA B 1078 45.80 71.43 -11.40
C ALA B 1078 44.76 71.12 -12.49
N PRO B 1079 43.56 71.69 -12.37
CA PRO B 1079 42.53 71.43 -13.39
C PRO B 1079 42.74 72.22 -14.67
N ALA B 1080 43.28 73.44 -14.56
CA ALA B 1080 43.46 74.30 -15.72
C ALA B 1080 44.60 75.26 -15.45
N ILE B 1081 45.07 75.90 -16.52
CA ILE B 1081 46.18 76.84 -16.46
C ILE B 1081 45.72 78.15 -17.10
N CYS B 1082 45.87 79.26 -16.39
CA CYS B 1082 45.48 80.57 -16.90
C CYS B 1082 46.68 81.25 -17.54
N HIS B 1083 46.53 81.63 -18.81
CA HIS B 1083 47.59 82.29 -19.54
C HIS B 1083 46.96 83.38 -20.41
N ASP B 1084 47.43 84.62 -20.22
CA ASP B 1084 46.90 85.78 -20.95
C ASP B 1084 45.40 85.95 -20.72
N GLY B 1085 44.93 85.64 -19.51
CA GLY B 1085 43.53 85.82 -19.18
C GLY B 1085 42.59 84.76 -19.69
N LYS B 1086 43.10 83.64 -20.18
CA LYS B 1086 42.28 82.56 -20.69
C LYS B 1086 42.63 81.25 -19.98
N ALA B 1087 41.65 80.37 -19.87
CA ALA B 1087 41.83 79.09 -19.20
C ALA B 1087 42.20 78.02 -20.23
N HIS B 1088 43.24 77.26 -19.92
CA HIS B 1088 43.76 76.23 -20.81
C HIS B 1088 43.59 74.86 -20.17
N PHE B 1089 42.93 73.96 -20.89
CA PHE B 1089 42.70 72.61 -20.41
C PHE B 1089 43.50 71.60 -21.23
N PRO B 1090 43.88 70.47 -20.63
CA PRO B 1090 44.64 69.47 -21.40
C PRO B 1090 43.76 68.78 -22.43
N ARG B 1091 44.32 68.58 -23.63
CA ARG B 1091 43.58 67.91 -24.69
C ARG B 1091 43.33 66.45 -24.34
N GLU B 1092 44.37 65.73 -23.94
CA GLU B 1092 44.25 64.33 -23.52
C GLU B 1092 45.42 64.05 -22.58
N GLY B 1093 45.15 64.06 -21.29
CA GLY B 1093 46.19 63.89 -20.29
C GLY B 1093 45.83 64.67 -19.04
N VAL B 1094 46.85 64.93 -18.22
CA VAL B 1094 46.66 65.61 -16.94
C VAL B 1094 47.88 66.46 -16.67
N PHE B 1095 47.65 67.67 -16.13
CA PHE B 1095 48.74 68.55 -15.73
C PHE B 1095 49.36 68.04 -14.43
N VAL B 1096 50.68 67.94 -14.40
CA VAL B 1096 51.41 67.52 -13.21
C VAL B 1096 52.56 68.49 -12.96
N SER B 1097 53.04 68.50 -11.72
CA SER B 1097 54.16 69.35 -11.32
C SER B 1097 55.16 68.53 -10.52
N ASN B 1098 56.44 68.72 -10.81
CA ASN B 1098 57.51 68.06 -10.06
C ASN B 1098 58.17 68.99 -9.06
N GLY B 1099 57.50 70.10 -8.71
CA GLY B 1099 58.02 71.03 -7.74
C GLY B 1099 58.23 72.43 -8.27
N THR B 1100 58.76 72.54 -9.48
CA THR B 1100 59.04 73.83 -10.09
C THR B 1100 58.38 74.01 -11.44
N HIS B 1101 58.36 72.97 -12.28
CA HIS B 1101 57.83 73.07 -13.62
C HIS B 1101 56.52 72.30 -13.75
N TRP B 1102 55.75 72.66 -14.77
CA TRP B 1102 54.48 72.03 -15.07
C TRP B 1102 54.57 71.30 -16.41
N PHE B 1103 54.02 70.09 -16.46
CA PHE B 1103 54.09 69.25 -17.64
C PHE B 1103 52.72 68.68 -17.95
N VAL B 1104 52.61 68.10 -19.14
CA VAL B 1104 51.41 67.37 -19.56
C VAL B 1104 51.81 65.92 -19.79
N THR B 1105 51.13 65.00 -19.13
CA THR B 1105 51.44 63.59 -19.22
C THR B 1105 50.15 62.79 -19.38
N GLN B 1106 50.29 61.62 -20.02
CA GLN B 1106 49.16 60.70 -20.10
C GLN B 1106 48.86 60.13 -18.72
N ARG B 1107 47.60 59.71 -18.54
CA ARG B 1107 47.13 59.32 -17.21
C ARG B 1107 47.61 57.95 -16.79
N ASN B 1108 48.05 57.10 -17.72
CA ASN B 1108 48.38 55.71 -17.42
C ASN B 1108 49.88 55.43 -17.42
N PHE B 1109 50.72 56.45 -17.62
CA PHE B 1109 52.16 56.23 -17.71
C PHE B 1109 52.83 57.60 -17.62
N TYR B 1110 53.92 57.66 -16.87
CA TYR B 1110 54.62 58.93 -16.67
C TYR B 1110 55.48 59.21 -17.90
N GLU B 1111 55.09 60.23 -18.67
CA GLU B 1111 55.84 60.65 -19.85
C GLU B 1111 55.61 62.14 -20.05
N PRO B 1112 56.32 62.98 -19.28
CA PRO B 1112 56.01 64.41 -19.29
C PRO B 1112 56.40 65.09 -20.59
N GLN B 1113 55.65 66.14 -20.92
CA GLN B 1113 55.91 66.94 -22.11
C GLN B 1113 55.74 68.41 -21.75
N ILE B 1114 56.31 69.27 -22.59
CA ILE B 1114 56.20 70.71 -22.40
C ILE B 1114 54.82 71.17 -22.85
N ILE B 1115 54.21 72.07 -22.09
CA ILE B 1115 52.85 72.55 -22.36
C ILE B 1115 52.92 73.51 -23.54
N THR B 1116 52.33 73.13 -24.66
CA THR B 1116 52.20 73.98 -25.84
C THR B 1116 50.73 74.09 -26.23
N THR B 1117 50.47 74.85 -27.29
CA THR B 1117 49.11 74.96 -27.82
C THR B 1117 48.71 73.77 -28.67
N ASP B 1118 49.66 72.88 -28.96
CA ASP B 1118 49.34 71.67 -29.72
C ASP B 1118 48.43 70.75 -28.89
N ASN B 1119 48.74 70.56 -27.61
CA ASN B 1119 48.06 69.61 -26.75
C ASN B 1119 47.25 70.31 -25.66
N THR B 1120 46.54 71.38 -26.03
CA THR B 1120 45.80 72.17 -25.05
C THR B 1120 44.78 73.03 -25.79
N PHE B 1121 43.54 73.02 -25.33
CA PHE B 1121 42.47 73.82 -25.91
C PHE B 1121 41.96 74.83 -24.90
N VAL B 1122 41.48 75.97 -25.41
CA VAL B 1122 41.08 77.11 -24.60
C VAL B 1122 39.56 77.10 -24.45
N SER B 1123 39.07 77.64 -23.32
CA SER B 1123 37.63 77.79 -23.11
C SER B 1123 37.41 78.94 -22.13
N GLY B 1124 37.05 80.11 -22.65
CA GLY B 1124 36.64 81.22 -21.82
C GLY B 1124 37.76 81.84 -21.00
N ASN B 1125 37.35 82.67 -20.06
CA ASN B 1125 38.27 83.32 -19.14
C ASN B 1125 38.63 82.38 -17.99
N CYS B 1126 39.67 82.75 -17.25
CA CYS B 1126 40.22 81.90 -16.19
C CYS B 1126 39.72 82.32 -14.81
N ASP B 1127 38.47 82.75 -14.72
CA ASP B 1127 37.86 83.16 -13.46
C ASP B 1127 36.94 82.11 -12.87
N VAL B 1128 36.20 81.38 -13.70
CA VAL B 1128 35.17 80.47 -13.21
C VAL B 1128 35.78 79.28 -12.49
N VAL B 1129 36.84 78.71 -13.05
CA VAL B 1129 37.39 77.46 -12.52
C VAL B 1129 37.99 77.68 -11.14
N ILE B 1130 37.93 76.63 -10.31
CA ILE B 1130 38.48 76.64 -8.96
C ILE B 1130 39.72 75.76 -8.96
N GLY B 1131 40.84 76.33 -8.55
CA GLY B 1131 42.12 75.63 -8.59
C GLY B 1131 42.98 75.96 -9.78
N ILE B 1132 42.60 76.93 -10.61
CA ILE B 1132 43.37 77.29 -11.79
C ILE B 1132 44.64 78.02 -11.35
N VAL B 1133 45.77 77.62 -11.91
CA VAL B 1133 47.08 78.15 -11.52
C VAL B 1133 47.66 78.94 -12.68
N ASN B 1134 48.40 79.99 -12.36
CA ASN B 1134 49.09 80.77 -13.39
C ASN B 1134 50.33 80.04 -13.88
N ASN B 1135 50.59 80.15 -15.17
CA ASN B 1135 51.78 79.59 -15.80
C ASN B 1135 51.88 80.17 -17.20
N THR B 1136 52.91 79.72 -17.93
CA THR B 1136 53.10 80.12 -19.32
C THR B 1136 52.86 78.92 -20.23
N VAL B 1137 52.34 79.21 -21.42
CA VAL B 1137 52.04 78.21 -22.43
C VAL B 1137 52.90 78.50 -23.65
N TYR B 1138 53.70 77.51 -24.05
CA TYR B 1138 54.65 77.72 -25.13
C TYR B 1138 53.94 77.85 -26.46
N ASP B 1139 54.34 78.85 -27.24
CA ASP B 1139 53.86 79.01 -28.61
C ASP B 1139 54.88 78.41 -29.57
N PRO B 1140 54.52 77.39 -30.35
CA PRO B 1140 55.51 76.73 -31.20
C PRO B 1140 55.82 77.46 -32.50
N LEU B 1141 55.17 78.60 -32.77
CA LEU B 1141 55.36 79.30 -34.03
C LEU B 1141 56.14 80.60 -33.90
N GLN B 1142 55.88 81.40 -32.87
CA GLN B 1142 56.55 82.69 -32.77
C GLN B 1142 58.07 82.59 -32.64
N PRO B 1143 58.64 81.65 -31.87
CA PRO B 1143 60.10 81.46 -31.91
C PRO B 1143 60.65 81.34 -33.32
N GLU B 1144 60.01 80.55 -34.17
CA GLU B 1144 60.46 80.42 -35.55
C GLU B 1144 60.18 81.70 -36.34
N LEU B 1145 59.05 82.35 -36.08
CA LEU B 1145 58.66 83.53 -36.84
C LEU B 1145 59.64 84.68 -36.62
N ASP B 1146 60.07 84.89 -35.38
CA ASP B 1146 60.95 86.01 -35.05
C ASP B 1146 62.42 85.65 -35.19
N SER B 1147 62.74 84.46 -35.69
CA SER B 1147 64.13 84.08 -35.88
C SER B 1147 64.80 84.96 -36.93
N PHE B 1148 64.10 85.27 -38.02
CA PHE B 1148 64.66 86.08 -39.09
C PHE B 1148 63.53 86.83 -39.78
N LYS B 1149 63.92 87.85 -40.55
CA LYS B 1149 62.97 88.65 -41.31
C LYS B 1149 62.36 87.83 -42.45
N PRO C 26 -43.13 34.53 13.75
CA PRO C 26 -43.24 35.74 12.94
C PRO C 26 -42.27 36.82 13.37
N ALA C 27 -42.32 37.98 12.70
CA ALA C 27 -41.44 39.10 13.00
C ALA C 27 -39.97 38.68 13.01
N TYR C 28 -39.55 38.10 11.89
CA TYR C 28 -38.19 37.58 11.77
C TYR C 28 -37.18 38.71 11.89
N THR C 29 -36.05 38.40 12.54
CA THR C 29 -34.98 39.36 12.74
C THR C 29 -33.68 38.80 12.17
N ASN C 30 -32.65 39.64 12.18
CA ASN C 30 -31.37 39.34 11.55
C ASN C 30 -30.31 39.16 12.62
N SER C 31 -29.60 38.04 12.58
CA SER C 31 -28.48 37.77 13.47
C SER C 31 -27.21 38.24 12.77
N PHE C 32 -26.72 39.42 13.14
CA PHE C 32 -25.63 40.03 12.41
C PHE C 32 -24.30 39.31 12.68
N THR C 33 -23.82 39.37 13.92
CA THR C 33 -22.52 38.83 14.29
C THR C 33 -22.60 38.07 15.60
N ARG C 34 -23.61 37.21 15.73
CA ARG C 34 -23.86 36.49 16.97
C ARG C 34 -23.83 34.99 16.72
N GLY C 35 -23.52 34.24 17.78
CA GLY C 35 -23.53 32.80 17.72
C GLY C 35 -22.20 32.14 17.46
N VAL C 36 -21.10 32.77 17.84
CA VAL C 36 -19.75 32.22 17.64
C VAL C 36 -19.19 31.87 19.00
N TYR C 37 -18.73 30.62 19.15
CA TYR C 37 -18.24 30.11 20.41
C TYR C 37 -16.83 29.54 20.24
N TYR C 38 -16.20 29.19 21.35
CA TYR C 38 -14.89 28.56 21.32
C TYR C 38 -15.04 27.08 20.96
N PRO C 39 -14.45 26.62 19.85
CA PRO C 39 -14.67 25.23 19.43
C PRO C 39 -13.77 24.21 20.11
N ASP C 40 -12.83 24.62 20.95
CA ASP C 40 -11.93 23.68 21.60
C ASP C 40 -11.36 24.31 22.87
N LYS C 41 -10.74 23.46 23.69
CA LYS C 41 -10.14 23.89 24.95
C LYS C 41 -8.70 24.38 24.78
N VAL C 42 -8.15 24.31 23.57
CA VAL C 42 -6.76 24.70 23.37
C VAL C 42 -6.60 26.20 23.49
N PHE C 43 -5.36 26.64 23.61
CA PHE C 43 -5.01 28.05 23.75
C PHE C 43 -4.18 28.48 22.54
N ARG C 44 -4.53 29.62 21.97
CA ARG C 44 -3.82 30.15 20.80
C ARG C 44 -3.67 31.65 20.97
N SER C 45 -2.50 32.17 20.60
CA SER C 45 -2.18 33.58 20.75
C SER C 45 -1.75 34.16 19.42
N SER C 46 -2.48 35.17 18.94
CA SER C 46 -2.16 35.90 17.71
C SER C 46 -2.00 34.95 16.52
N VAL C 47 -3.05 34.19 16.26
CA VAL C 47 -3.08 33.25 15.15
C VAL C 47 -4.45 33.34 14.47
N LEU C 48 -4.50 32.89 13.22
CA LEU C 48 -5.73 32.84 12.44
C LEU C 48 -6.03 31.38 12.15
N HIS C 49 -6.93 30.79 12.94
CA HIS C 49 -7.26 29.38 12.83
C HIS C 49 -8.60 29.22 12.11
N SER C 50 -8.63 28.32 11.13
CA SER C 50 -9.85 28.03 10.38
C SER C 50 -10.40 26.69 10.82
N THR C 51 -11.64 26.67 11.29
CA THR C 51 -12.29 25.48 11.81
C THR C 51 -13.48 25.11 10.93
N GLN C 52 -14.00 23.91 11.16
CA GLN C 52 -15.20 23.43 10.50
C GLN C 52 -16.10 22.80 11.56
N ASP C 53 -17.17 23.51 11.91
CA ASP C 53 -18.05 23.07 12.98
C ASP C 53 -19.42 23.72 12.78
N LEU C 54 -20.43 23.15 13.42
CA LEU C 54 -21.80 23.64 13.30
C LEU C 54 -21.87 25.05 13.89
N PHE C 55 -21.94 26.05 13.02
CA PHE C 55 -21.96 27.45 13.41
C PHE C 55 -23.25 28.10 12.94
N LEU C 56 -23.55 29.27 13.50
CA LEU C 56 -24.69 30.06 13.06
C LEU C 56 -24.27 30.93 11.90
N PRO C 57 -24.93 30.83 10.74
CA PRO C 57 -24.51 31.63 9.59
C PRO C 57 -24.63 33.13 9.85
N PHE C 58 -23.74 33.90 9.24
CA PHE C 58 -23.79 35.34 9.35
C PHE C 58 -24.95 35.90 8.55
N PHE C 59 -25.70 36.82 9.17
CA PHE C 59 -26.82 37.51 8.53
C PHE C 59 -27.86 36.50 8.04
N SER C 60 -28.45 35.81 9.00
CA SER C 60 -29.43 34.76 8.73
C SER C 60 -30.72 35.03 9.48
N ASN C 61 -31.81 34.46 8.97
CA ASN C 61 -33.10 34.55 9.65
C ASN C 61 -33.07 33.85 11.00
N VAL C 62 -33.63 34.50 12.01
CA VAL C 62 -33.92 33.87 13.29
C VAL C 62 -35.39 34.09 13.60
N THR C 63 -36.07 33.02 14.03
CA THR C 63 -37.51 33.06 14.26
C THR C 63 -37.77 33.50 15.70
N TRP C 64 -38.19 34.75 15.87
CA TRP C 64 -38.40 35.32 17.19
C TRP C 64 -39.88 35.22 17.55
N PHE C 65 -40.17 34.53 18.66
CA PHE C 65 -41.53 34.37 19.15
C PHE C 65 -41.79 35.37 20.28
N HIS C 66 -42.97 35.99 20.25
CA HIS C 66 -43.35 36.94 21.29
C HIS C 66 -44.86 36.86 21.55
N PHE C 79 -52.93 24.50 18.45
CA PHE C 79 -53.44 25.80 18.05
C PHE C 79 -52.46 26.91 18.42
N ASP C 80 -52.30 27.15 19.72
CA ASP C 80 -51.37 28.15 20.24
C ASP C 80 -50.50 27.46 21.30
N ASN C 81 -49.43 26.82 20.84
CA ASN C 81 -48.50 26.13 21.73
C ASN C 81 -47.15 25.98 21.02
N PRO C 82 -46.07 26.49 21.62
CA PRO C 82 -44.76 26.42 20.96
C PRO C 82 -44.03 25.11 21.21
N VAL C 83 -43.84 24.35 20.13
CA VAL C 83 -43.01 23.16 20.13
C VAL C 83 -42.18 23.16 18.85
N LEU C 84 -40.87 22.97 18.99
CA LEU C 84 -39.96 23.05 17.86
C LEU C 84 -39.05 21.84 17.85
N PRO C 85 -38.54 21.47 16.66
CA PRO C 85 -37.49 20.45 16.61
C PRO C 85 -36.15 21.00 17.07
N PHE C 86 -35.14 20.15 17.20
CA PHE C 86 -33.81 20.57 17.61
C PHE C 86 -32.94 20.92 16.40
N ASN C 87 -32.75 19.97 15.50
CA ASN C 87 -32.05 20.18 14.23
C ASN C 87 -30.63 20.71 14.46
N ASP C 88 -29.82 19.87 15.10
CA ASP C 88 -28.38 20.10 15.26
C ASP C 88 -28.10 21.43 15.97
N GLY C 89 -28.78 21.66 17.07
CA GLY C 89 -28.44 22.81 17.89
C GLY C 89 -29.47 23.92 17.77
N VAL C 90 -29.56 24.73 18.81
CA VAL C 90 -30.45 25.88 18.87
C VAL C 90 -29.68 27.04 19.49
N TYR C 91 -29.67 28.17 18.81
CA TYR C 91 -29.09 29.40 19.37
C TYR C 91 -30.20 30.12 20.11
N PHE C 92 -30.50 29.63 21.32
CA PHE C 92 -31.53 30.22 22.17
C PHE C 92 -30.96 31.46 22.85
N ALA C 93 -31.32 32.64 22.35
CA ALA C 93 -30.92 33.90 22.94
C ALA C 93 -32.15 34.53 23.59
N SER C 94 -32.08 34.78 24.89
CA SER C 94 -33.18 35.37 25.64
C SER C 94 -32.76 36.70 26.25
N THR C 95 -33.76 37.47 26.66
CA THR C 95 -33.52 38.81 27.20
C THR C 95 -33.52 38.76 28.73
N GLU C 96 -33.46 39.93 29.35
CA GLU C 96 -33.40 40.05 30.81
C GLU C 96 -34.74 39.64 31.43
N LYS C 97 -34.77 39.66 32.77
CA LYS C 97 -35.92 39.26 33.56
C LYS C 97 -36.33 37.82 33.21
N SER C 98 -35.38 36.90 33.43
CA SER C 98 -35.55 35.51 33.09
C SER C 98 -36.28 34.70 34.16
N ASN C 99 -37.00 35.38 35.06
CA ASN C 99 -37.81 34.67 36.04
C ASN C 99 -38.94 33.89 35.38
N ILE C 100 -39.43 34.35 34.23
CA ILE C 100 -40.49 33.63 33.53
C ILE C 100 -39.96 32.34 32.91
N ILE C 101 -38.75 32.38 32.37
CA ILE C 101 -38.21 31.27 31.60
C ILE C 101 -37.52 30.26 32.52
N ARG C 102 -38.31 29.33 33.06
CA ARG C 102 -37.78 28.22 33.84
C ARG C 102 -38.51 26.94 33.43
N GLY C 103 -37.74 25.89 33.16
CA GLY C 103 -38.28 24.60 32.78
C GLY C 103 -38.25 24.39 31.28
N TRP C 104 -37.24 23.64 30.80
CA TRP C 104 -36.98 23.47 29.38
C TRP C 104 -36.98 21.98 29.06
N ILE C 105 -38.16 21.45 28.72
CA ILE C 105 -38.27 20.02 28.38
C ILE C 105 -37.49 19.74 27.11
N PHE C 106 -36.76 18.62 27.10
CA PHE C 106 -35.98 18.18 25.94
C PHE C 106 -36.37 16.75 25.65
N GLY C 107 -37.44 16.57 24.88
CA GLY C 107 -37.96 15.26 24.56
C GLY C 107 -37.59 14.84 23.15
N THR C 108 -37.93 13.60 22.81
CA THR C 108 -37.63 13.06 21.48
C THR C 108 -38.91 12.70 20.71
N THR C 109 -39.78 11.90 21.32
CA THR C 109 -41.00 11.44 20.66
C THR C 109 -42.25 11.55 21.53
N LEU C 110 -42.17 12.21 22.68
CA LEU C 110 -43.29 12.32 23.62
C LEU C 110 -43.82 10.94 24.01
N ASP C 111 -42.90 10.05 24.35
CA ASP C 111 -43.23 8.68 24.72
C ASP C 111 -42.49 8.34 26.02
N SER C 112 -43.08 7.42 26.79
CA SER C 112 -42.54 7.08 28.09
C SER C 112 -41.18 6.38 28.01
N LYS C 113 -40.79 5.92 26.82
CA LYS C 113 -39.50 5.23 26.70
C LYS C 113 -38.33 6.20 26.80
N THR C 114 -38.25 7.15 25.88
CA THR C 114 -37.16 8.12 25.85
C THR C 114 -37.26 9.05 27.05
N GLN C 115 -36.13 9.28 27.71
CA GLN C 115 -36.09 10.08 28.92
C GLN C 115 -36.01 11.56 28.57
N SER C 116 -37.03 12.32 28.96
CA SER C 116 -37.05 13.76 28.73
C SER C 116 -36.04 14.43 29.65
N LEU C 117 -35.11 15.18 29.06
CA LEU C 117 -34.09 15.90 29.82
C LEU C 117 -34.74 17.12 30.47
N LEU C 118 -35.37 16.89 31.62
CA LEU C 118 -36.04 17.97 32.36
C LEU C 118 -34.96 18.83 33.00
N ILE C 119 -34.33 19.66 32.18
CA ILE C 119 -33.25 20.54 32.65
C ILE C 119 -33.92 21.83 33.09
N VAL C 120 -34.40 21.82 34.33
CA VAL C 120 -35.05 23.00 34.91
C VAL C 120 -33.94 23.87 35.49
N ASN C 121 -33.55 24.90 34.75
CA ASN C 121 -32.41 25.74 35.14
C ASN C 121 -32.89 26.97 35.92
N ASN C 122 -33.55 26.70 37.05
CA ASN C 122 -34.04 27.76 37.91
C ASN C 122 -32.93 28.51 38.62
N ALA C 123 -31.69 27.99 38.58
CA ALA C 123 -30.48 28.65 39.08
C ALA C 123 -30.44 28.73 40.60
N THR C 124 -31.51 28.30 41.26
CA THR C 124 -31.53 28.21 42.72
C THR C 124 -31.22 26.79 43.20
N ASN C 125 -32.02 25.81 42.79
CA ASN C 125 -31.75 24.40 43.00
C ASN C 125 -31.91 23.71 41.65
N VAL C 126 -30.82 23.63 40.88
CA VAL C 126 -30.87 23.16 39.50
C VAL C 126 -31.15 21.66 39.51
N VAL C 127 -32.37 21.29 39.16
CA VAL C 127 -32.81 19.90 39.15
C VAL C 127 -32.70 19.41 37.72
N ILE C 128 -31.58 18.77 37.39
CA ILE C 128 -31.40 18.16 36.06
C ILE C 128 -31.92 16.74 36.17
N LYS C 129 -33.23 16.60 36.01
CA LYS C 129 -33.91 15.31 36.10
C LYS C 129 -33.77 14.61 34.75
N VAL C 130 -32.97 13.53 34.72
CA VAL C 130 -32.77 12.77 33.49
C VAL C 130 -33.76 11.61 33.38
N CYS C 131 -34.64 11.43 34.36
CA CYS C 131 -35.68 10.41 34.24
C CYS C 131 -36.81 10.91 33.34
N GLU C 132 -37.89 10.14 33.31
CA GLU C 132 -39.02 10.38 32.42
C GLU C 132 -40.31 10.19 33.21
N PHE C 133 -41.10 11.25 33.32
CA PHE C 133 -42.41 11.22 33.97
C PHE C 133 -43.50 11.51 32.94
N GLN C 134 -44.75 11.29 33.35
CA GLN C 134 -45.90 11.42 32.46
C GLN C 134 -46.20 12.90 32.27
N PHE C 135 -45.38 13.56 31.44
CA PHE C 135 -45.54 14.92 30.96
C PHE C 135 -45.38 15.97 32.04
N CYS C 136 -45.24 15.59 33.31
CA CYS C 136 -45.04 16.52 34.42
C CYS C 136 -46.09 17.62 34.46
N ASN C 137 -47.35 17.27 34.20
CA ASN C 137 -48.45 18.23 34.26
C ASN C 137 -49.65 17.57 34.91
N ASP C 138 -50.49 18.40 35.53
CA ASP C 138 -51.70 17.89 36.16
C ASP C 138 -52.71 17.49 35.10
N PRO C 139 -53.47 16.40 35.30
CA PRO C 139 -54.48 15.94 34.34
C PRO C 139 -55.64 16.92 34.20
N MET C 153 -47.85 28.47 41.63
CA MET C 153 -46.53 28.98 41.29
C MET C 153 -45.47 27.88 41.27
N GLU C 154 -45.61 26.91 42.17
CA GLU C 154 -44.62 25.86 42.31
C GLU C 154 -44.61 24.95 41.08
N SER C 155 -43.42 24.63 40.57
CA SER C 155 -43.32 23.63 39.46
C SER C 155 -42.91 22.31 40.12
N GLU C 156 -43.23 22.16 41.40
CA GLU C 156 -42.85 20.99 42.18
C GLU C 156 -43.51 19.70 41.69
N PHE C 157 -44.41 19.78 40.72
CA PHE C 157 -45.11 18.59 40.23
C PHE C 157 -44.10 17.52 39.80
N ARG C 158 -44.12 16.40 40.52
CA ARG C 158 -43.22 15.29 40.25
C ARG C 158 -43.93 13.99 40.60
N VAL C 159 -43.93 13.06 39.65
CA VAL C 159 -44.60 11.78 39.78
C VAL C 159 -43.54 10.69 39.75
N TYR C 160 -43.14 10.22 40.93
CA TYR C 160 -42.13 9.17 41.02
C TYR C 160 -42.81 7.82 40.82
N SER C 161 -43.09 7.47 39.57
CA SER C 161 -43.67 6.17 39.23
C SER C 161 -42.70 5.03 39.52
N SER C 162 -41.42 5.25 39.26
CA SER C 162 -40.35 4.28 39.54
C SER C 162 -40.55 2.95 38.81
N ALA C 163 -41.23 2.99 37.65
CA ALA C 163 -41.35 1.79 36.84
C ALA C 163 -40.00 1.32 36.33
N ASN C 164 -39.17 2.25 35.88
CA ASN C 164 -37.80 1.95 35.46
C ASN C 164 -36.78 2.71 36.30
N ASN C 165 -37.13 3.06 37.54
CA ASN C 165 -36.24 3.72 38.50
C ASN C 165 -35.88 5.14 38.10
N CYS C 166 -35.51 5.96 39.09
CA CYS C 166 -35.09 7.33 38.88
C CYS C 166 -33.81 7.65 39.65
N THR C 167 -33.11 6.63 40.13
CA THR C 167 -31.88 6.83 40.90
C THR C 167 -30.70 7.10 39.98
N PHE C 168 -30.87 8.02 39.04
CA PHE C 168 -29.80 8.45 38.14
C PHE C 168 -29.11 9.70 38.71
N GLU C 169 -28.58 9.53 39.91
CA GLU C 169 -28.02 10.65 40.69
C GLU C 169 -26.60 10.99 40.28
N TYR C 170 -26.11 10.41 39.19
CA TYR C 170 -24.79 10.75 38.65
C TYR C 170 -24.90 11.90 37.65
N VAL C 171 -25.47 13.01 38.10
CA VAL C 171 -25.73 14.17 37.26
C VAL C 171 -25.16 15.42 37.92
N SER C 172 -25.40 16.59 37.33
CA SER C 172 -24.88 17.83 37.87
C SER C 172 -25.63 18.30 39.12
N GLN C 173 -26.54 17.50 39.69
CA GLN C 173 -27.21 17.92 40.91
C GLN C 173 -26.25 17.97 42.10
N PRO C 174 -25.55 16.85 42.48
CA PRO C 174 -24.54 16.93 43.56
C PRO C 174 -23.15 17.27 43.01
N PHE C 175 -23.08 18.31 42.18
CA PHE C 175 -21.82 18.69 41.56
C PHE C 175 -21.48 20.14 41.91
N LEU C 176 -22.51 20.95 42.15
CA LEU C 176 -22.33 22.36 42.48
C LEU C 176 -22.08 22.57 43.98
N MET C 177 -22.10 21.51 44.77
CA MET C 177 -21.87 21.63 46.21
C MET C 177 -21.26 20.34 46.76
N ASN C 188 -27.15 40.95 29.65
CA ASN C 188 -28.56 40.59 29.78
C ASN C 188 -28.95 39.54 28.75
N LEU C 189 -28.31 39.59 27.58
CA LEU C 189 -28.58 38.60 26.54
C LEU C 189 -27.95 37.27 26.90
N ARG C 190 -28.77 36.37 27.43
CA ARG C 190 -28.30 35.04 27.85
C ARG C 190 -28.28 34.13 26.62
N GLU C 191 -27.23 34.31 25.81
CA GLU C 191 -27.09 33.62 24.53
C GLU C 191 -26.52 32.22 24.77
N PHE C 192 -27.38 31.22 24.72
CA PHE C 192 -26.97 29.82 24.84
C PHE C 192 -26.87 29.15 23.48
N VAL C 193 -25.81 28.38 23.28
CA VAL C 193 -25.69 27.49 22.13
C VAL C 193 -25.87 26.06 22.60
N PHE C 194 -26.96 25.42 22.19
CA PHE C 194 -27.24 24.04 22.61
C PHE C 194 -26.60 23.09 21.61
N LYS C 195 -25.27 23.03 21.64
CA LYS C 195 -24.49 22.15 20.78
C LYS C 195 -24.62 20.72 21.29
N ASN C 196 -25.51 19.94 20.68
CA ASN C 196 -25.63 18.51 20.97
C ASN C 196 -24.87 17.76 19.89
N ILE C 197 -23.55 17.77 19.97
CA ILE C 197 -22.68 17.08 19.02
C ILE C 197 -22.32 15.74 19.63
N ASP C 198 -22.65 14.65 18.92
CA ASP C 198 -22.35 13.29 19.35
C ASP C 198 -22.97 12.98 20.72
N GLY C 199 -24.14 13.57 20.99
CA GLY C 199 -24.86 13.33 22.23
C GLY C 199 -24.35 14.10 23.43
N TYR C 200 -23.08 14.49 23.45
CA TYR C 200 -22.53 15.26 24.57
C TYR C 200 -23.19 16.63 24.62
N PHE C 201 -23.79 16.97 25.76
CA PHE C 201 -24.57 18.20 25.90
C PHE C 201 -23.65 19.31 26.38
N LYS C 202 -23.27 20.21 25.47
CA LYS C 202 -22.48 21.38 25.81
C LYS C 202 -23.38 22.61 25.80
N ILE C 203 -23.56 23.21 26.97
CA ILE C 203 -24.37 24.42 27.11
C ILE C 203 -23.40 25.60 27.18
N TYR C 204 -23.10 26.18 26.03
CA TYR C 204 -22.33 27.41 26.00
C TYR C 204 -23.20 28.58 26.46
N SER C 205 -22.54 29.59 27.02
CA SER C 205 -23.27 30.76 27.49
C SER C 205 -22.31 31.93 27.71
N LYS C 206 -22.87 33.13 27.73
CA LYS C 206 -22.17 34.35 28.08
C LYS C 206 -23.18 35.46 28.29
N HIS C 207 -23.01 36.21 29.37
CA HIS C 207 -23.91 37.30 29.72
C HIS C 207 -23.16 38.62 29.62
N THR C 208 -23.78 39.60 28.97
CA THR C 208 -23.21 40.94 28.85
C THR C 208 -24.32 41.97 28.75
N PRO C 209 -24.24 43.07 29.50
CA PRO C 209 -25.25 44.13 29.37
C PRO C 209 -24.86 45.16 28.31
N ILE C 210 -25.76 45.42 27.37
CA ILE C 210 -25.54 46.40 26.32
C ILE C 210 -26.78 47.29 26.22
N ASN C 211 -26.55 48.58 25.97
CA ASN C 211 -27.65 49.52 25.80
C ASN C 211 -28.43 49.19 24.54
N LEU C 212 -29.62 49.81 24.42
CA LEU C 212 -30.55 49.55 23.32
C LEU C 212 -30.94 48.06 23.29
N VAL C 213 -31.62 47.65 24.36
CA VAL C 213 -31.99 46.25 24.53
C VAL C 213 -32.81 45.75 23.35
N ARG C 214 -33.72 46.59 22.84
CA ARG C 214 -34.49 46.23 21.66
C ARG C 214 -33.56 46.00 20.48
N ASP C 215 -33.87 44.97 19.68
CA ASP C 215 -33.08 44.52 18.54
C ASP C 215 -31.77 43.89 19.01
N LEU C 216 -31.21 43.00 18.20
CA LEU C 216 -30.01 42.26 18.60
C LEU C 216 -28.78 43.16 18.44
N PRO C 217 -27.96 43.29 19.49
CA PRO C 217 -26.73 44.07 19.36
C PRO C 217 -25.82 43.50 18.28
N GLN C 218 -25.06 44.39 17.63
CA GLN C 218 -24.18 44.02 16.54
C GLN C 218 -22.76 43.70 17.00
N GLY C 219 -22.48 43.76 18.29
CA GLY C 219 -21.14 43.46 18.77
C GLY C 219 -20.81 41.99 18.65
N PHE C 220 -19.52 41.69 18.77
CA PHE C 220 -19.02 40.32 18.65
C PHE C 220 -18.62 39.82 20.03
N SER C 221 -19.34 38.81 20.51
CA SER C 221 -19.05 38.17 21.79
C SER C 221 -18.98 36.66 21.60
N ALA C 222 -17.92 36.06 22.11
CA ALA C 222 -17.74 34.62 22.06
C ALA C 222 -18.35 33.98 23.30
N LEU C 223 -18.92 32.79 23.11
CA LEU C 223 -19.65 32.09 24.17
C LEU C 223 -18.80 30.91 24.65
N GLU C 224 -18.24 31.03 25.86
CA GLU C 224 -17.39 29.98 26.40
C GLU C 224 -18.24 28.80 26.88
N PRO C 225 -17.72 27.57 26.78
CA PRO C 225 -18.41 26.42 27.39
C PRO C 225 -18.62 26.64 28.88
N LEU C 226 -19.84 26.40 29.36
CA LEU C 226 -20.19 26.68 30.74
C LEU C 226 -20.53 25.42 31.53
N VAL C 227 -21.40 24.55 31.00
CA VAL C 227 -21.71 23.27 31.61
C VAL C 227 -21.75 22.21 30.52
N ASP C 228 -21.09 21.08 30.76
CA ASP C 228 -21.12 19.93 29.87
C ASP C 228 -21.57 18.71 30.66
N LEU C 229 -22.43 17.90 30.04
CA LEU C 229 -22.94 16.69 30.70
C LEU C 229 -23.14 15.57 29.69
N PRO C 230 -22.54 14.40 29.92
CA PRO C 230 -22.72 13.27 29.00
C PRO C 230 -24.03 12.55 29.28
N ILE C 231 -24.85 12.40 28.24
CA ILE C 231 -26.13 11.71 28.33
C ILE C 231 -26.19 10.65 27.24
N GLY C 232 -26.71 9.47 27.60
CA GLY C 232 -26.76 8.39 26.63
C GLY C 232 -27.88 8.52 25.62
N ILE C 233 -28.87 9.36 25.91
CA ILE C 233 -30.02 9.55 25.04
C ILE C 233 -29.86 10.84 24.26
N ASN C 234 -30.53 10.93 23.11
CA ASN C 234 -30.46 12.09 22.24
C ASN C 234 -31.70 12.97 22.42
N ILE C 235 -31.73 14.10 21.73
CA ILE C 235 -32.86 15.03 21.77
C ILE C 235 -33.31 15.30 20.35
N THR C 236 -34.63 15.30 20.13
CA THR C 236 -35.22 15.61 18.83
C THR C 236 -36.10 16.84 18.87
N ARG C 237 -36.99 16.95 19.86
CA ARG C 237 -37.91 18.07 19.98
C ARG C 237 -37.47 18.99 21.11
N PHE C 238 -37.43 20.29 20.82
CA PHE C 238 -37.06 21.31 21.79
C PHE C 238 -38.29 22.13 22.14
N GLN C 239 -38.59 22.23 23.43
CA GLN C 239 -39.72 23.03 23.89
C GLN C 239 -39.37 23.65 25.24
N THR C 240 -40.17 24.63 25.64
CA THR C 240 -40.00 25.31 26.91
C THR C 240 -41.35 25.36 27.63
N LEU C 241 -41.32 25.12 28.94
CA LEU C 241 -42.54 24.97 29.72
C LEU C 241 -42.64 26.03 30.81
N LEU C 242 -42.44 27.29 30.42
CA LEU C 242 -42.54 28.42 31.34
C LEU C 242 -43.78 28.31 32.22
N ALA C 243 -43.56 28.17 33.52
CA ALA C 243 -44.66 28.09 34.47
C ALA C 243 -45.17 29.49 34.76
N LEU C 244 -46.29 29.86 34.15
CA LEU C 244 -46.83 31.20 34.32
C LEU C 244 -47.33 31.40 35.75
N HIS C 245 -47.14 32.61 36.26
CA HIS C 245 -47.42 32.94 37.65
C HIS C 245 -48.93 33.11 37.83
N ARG C 246 -49.57 32.10 38.39
CA ARG C 246 -51.02 32.11 38.59
C ARG C 246 -51.37 32.74 39.94
N ALA C 263 -41.17 37.21 25.99
CA ALA C 263 -40.03 38.12 26.10
C ALA C 263 -39.13 38.03 24.87
N ALA C 264 -38.11 37.19 24.94
CA ALA C 264 -37.17 36.98 23.84
C ALA C 264 -37.03 35.48 23.63
N TYR C 265 -37.67 34.97 22.58
CA TYR C 265 -37.65 33.55 22.26
C TYR C 265 -36.91 33.28 20.95
N TYR C 266 -35.81 33.99 20.71
CA TYR C 266 -35.03 33.80 19.50
C TYR C 266 -34.54 32.35 19.42
N VAL C 267 -34.78 31.71 18.29
CA VAL C 267 -34.32 30.34 18.09
C VAL C 267 -33.57 30.25 16.76
N GLY C 268 -32.25 30.40 16.83
CA GLY C 268 -31.42 30.27 15.65
C GLY C 268 -30.90 28.86 15.44
N TYR C 269 -31.10 28.32 14.24
CA TYR C 269 -30.68 26.96 13.93
C TYR C 269 -29.27 26.98 13.36
N LEU C 270 -28.38 26.20 13.94
CA LEU C 270 -27.00 26.13 13.48
C LEU C 270 -26.86 25.17 12.30
N GLN C 271 -25.92 25.46 11.42
CA GLN C 271 -25.66 24.69 10.22
C GLN C 271 -24.17 24.40 10.12
N PRO C 272 -23.78 23.30 9.46
CA PRO C 272 -22.36 22.97 9.30
C PRO C 272 -21.69 23.87 8.27
N ARG C 273 -20.85 24.78 8.76
CA ARG C 273 -20.15 25.73 7.90
C ARG C 273 -18.70 25.84 8.34
N THR C 274 -17.85 26.27 7.41
CA THR C 274 -16.45 26.55 7.68
C THR C 274 -16.28 28.03 8.02
N PHE C 275 -15.48 28.31 9.03
CA PHE C 275 -15.22 29.67 9.48
C PHE C 275 -13.71 29.94 9.43
N LEU C 276 -13.34 31.12 9.89
CA LEU C 276 -11.93 31.50 10.03
C LEU C 276 -11.84 32.49 11.19
N LEU C 277 -11.47 31.99 12.37
CA LEU C 277 -11.47 32.78 13.59
C LEU C 277 -10.07 33.32 13.86
N LYS C 278 -10.02 34.49 14.49
CA LYS C 278 -8.77 35.15 14.85
C LYS C 278 -8.71 35.30 16.36
N TYR C 279 -7.62 34.82 16.95
CA TYR C 279 -7.38 34.96 18.39
C TYR C 279 -6.45 36.14 18.61
N ASN C 280 -6.81 37.01 19.54
CA ASN C 280 -6.06 38.24 19.77
C ASN C 280 -4.81 37.91 20.59
N GLU C 281 -4.13 38.94 21.08
CA GLU C 281 -2.97 38.74 21.93
C GLU C 281 -3.35 38.17 23.29
N ASN C 282 -4.62 38.22 23.69
CA ASN C 282 -5.05 37.76 25.01
C ASN C 282 -6.11 36.67 24.80
N GLY C 283 -5.65 35.47 24.48
CA GLY C 283 -6.42 34.23 24.60
C GLY C 283 -7.88 34.20 24.17
N THR C 284 -8.32 35.11 23.31
CA THR C 284 -9.74 35.23 23.00
C THR C 284 -9.98 35.41 21.50
N ILE C 285 -11.16 35.00 21.05
CA ILE C 285 -11.58 35.25 19.66
C ILE C 285 -12.16 36.65 19.59
N THR C 286 -11.47 37.55 18.90
CA THR C 286 -11.91 38.93 18.77
C THR C 286 -12.68 39.20 17.48
N ASP C 287 -12.49 38.40 16.44
CA ASP C 287 -13.19 38.61 15.18
C ASP C 287 -13.14 37.33 14.36
N ALA C 288 -14.14 37.16 13.50
CA ALA C 288 -14.20 36.00 12.62
C ALA C 288 -14.94 36.38 11.35
N VAL C 289 -14.71 35.62 10.29
CA VAL C 289 -15.35 35.83 9.00
C VAL C 289 -16.00 34.53 8.55
N ASP C 290 -17.16 34.63 7.91
CA ASP C 290 -17.79 33.48 7.29
C ASP C 290 -17.09 33.15 5.99
N CYS C 291 -17.03 31.86 5.66
CA CYS C 291 -16.29 31.42 4.49
C CYS C 291 -17.15 31.24 3.25
N ALA C 292 -18.47 31.34 3.37
CA ALA C 292 -19.37 31.15 2.23
C ALA C 292 -20.48 32.18 2.25
N LEU C 293 -20.14 33.43 2.54
CA LEU C 293 -21.11 34.53 2.56
C LEU C 293 -20.96 35.49 1.39
N ASP C 294 -19.76 35.98 1.16
CA ASP C 294 -19.48 36.95 0.11
C ASP C 294 -18.23 36.52 -0.64
N PRO C 295 -18.08 36.92 -1.91
CA PRO C 295 -16.84 36.61 -2.62
C PRO C 295 -15.60 37.15 -1.92
N LEU C 296 -15.68 38.36 -1.35
CA LEU C 296 -14.56 38.91 -0.61
C LEU C 296 -14.23 38.04 0.60
N SER C 297 -15.25 37.46 1.24
CA SER C 297 -15.02 36.53 2.33
C SER C 297 -14.30 35.28 1.83
N GLU C 298 -14.64 34.81 0.63
CA GLU C 298 -13.92 33.67 0.06
C GLU C 298 -12.45 34.01 -0.19
N THR C 299 -12.19 35.21 -0.69
CA THR C 299 -10.79 35.63 -0.88
C THR C 299 -10.05 35.71 0.45
N LYS C 300 -10.72 36.23 1.49
CA LYS C 300 -10.10 36.30 2.80
C LYS C 300 -9.80 34.91 3.35
N CYS C 301 -10.72 33.95 3.13
CA CYS C 301 -10.48 32.57 3.51
C CYS C 301 -9.26 32.00 2.79
N THR C 302 -9.22 32.18 1.46
CA THR C 302 -8.15 31.58 0.67
C THR C 302 -6.79 32.18 1.04
N LEU C 303 -6.73 33.50 1.21
CA LEU C 303 -5.49 34.16 1.58
C LEU C 303 -5.10 33.95 3.03
N LYS C 304 -6.01 33.40 3.85
CA LYS C 304 -5.76 33.19 5.28
C LYS C 304 -5.37 34.49 5.97
N SER C 305 -6.01 35.59 5.60
CA SER C 305 -5.73 36.89 6.18
C SER C 305 -7.00 37.72 6.21
N PHE C 306 -7.06 38.66 7.14
CA PHE C 306 -8.22 39.52 7.28
C PHE C 306 -8.20 40.72 6.36
N THR C 307 -7.08 40.98 5.67
CA THR C 307 -6.97 42.07 4.72
C THR C 307 -6.34 41.55 3.44
N VAL C 308 -6.70 42.18 2.32
CA VAL C 308 -6.23 41.76 1.01
C VAL C 308 -5.69 42.99 0.27
N GLU C 309 -4.75 42.73 -0.64
CA GLU C 309 -4.13 43.78 -1.44
C GLU C 309 -4.76 43.83 -2.82
N LYS C 310 -4.56 44.95 -3.50
CA LYS C 310 -5.11 45.13 -4.83
C LYS C 310 -4.55 44.08 -5.79
N GLY C 311 -5.44 43.44 -6.54
CA GLY C 311 -5.02 42.40 -7.45
C GLY C 311 -6.20 41.49 -7.78
N ILE C 312 -5.87 40.39 -8.44
CA ILE C 312 -6.86 39.39 -8.84
C ILE C 312 -6.44 38.05 -8.26
N TYR C 313 -7.35 37.41 -7.51
CA TYR C 313 -7.08 36.15 -6.83
C TYR C 313 -8.04 35.08 -7.33
N GLN C 314 -7.52 33.89 -7.56
CA GLN C 314 -8.32 32.75 -7.97
C GLN C 314 -8.83 32.03 -6.72
N THR C 315 -10.14 32.07 -6.50
CA THR C 315 -10.72 31.57 -5.26
C THR C 315 -11.20 30.13 -5.38
N SER C 316 -12.13 29.86 -6.28
CA SER C 316 -12.78 28.55 -6.35
C SER C 316 -13.00 28.19 -7.81
N ASN C 317 -13.70 27.07 -8.02
CA ASN C 317 -14.05 26.59 -9.35
C ASN C 317 -15.55 26.33 -9.41
N PHE C 318 -16.12 26.45 -10.59
CA PHE C 318 -17.53 26.19 -10.81
C PHE C 318 -17.69 25.19 -11.95
N ARG C 319 -18.76 24.41 -11.89
CA ARG C 319 -19.03 23.39 -12.90
C ARG C 319 -20.52 23.19 -13.03
N VAL C 320 -21.00 23.12 -14.27
CA VAL C 320 -22.42 22.89 -14.54
C VAL C 320 -22.72 21.41 -14.35
N GLN C 321 -23.81 21.12 -13.62
CA GLN C 321 -24.21 19.76 -13.30
C GLN C 321 -25.26 19.26 -14.29
N PRO C 322 -25.32 17.95 -14.54
CA PRO C 322 -26.30 17.43 -15.50
C PRO C 322 -27.73 17.64 -15.01
N THR C 323 -28.64 17.73 -15.97
CA THR C 323 -30.05 18.00 -15.69
C THR C 323 -30.88 16.71 -15.58
N GLU C 324 -30.90 15.91 -16.64
CA GLU C 324 -31.75 14.73 -16.70
C GLU C 324 -30.95 13.56 -17.29
N SER C 325 -31.65 12.47 -17.61
CA SER C 325 -31.05 11.31 -18.22
C SER C 325 -31.80 10.98 -19.51
N ILE C 326 -31.05 10.69 -20.58
CA ILE C 326 -31.61 10.58 -21.92
C ILE C 326 -31.26 9.18 -22.45
N VAL C 327 -31.27 8.18 -21.58
CA VAL C 327 -30.98 6.81 -21.98
C VAL C 327 -31.86 6.40 -23.15
N ARG C 328 -31.24 6.07 -24.28
CA ARG C 328 -31.95 5.79 -25.53
C ARG C 328 -31.40 4.51 -26.15
N PHE C 329 -32.31 3.71 -26.69
CA PHE C 329 -32.02 2.46 -27.38
C PHE C 329 -32.74 2.44 -28.71
N PRO C 330 -32.24 1.70 -29.69
CA PRO C 330 -32.85 1.70 -31.03
C PRO C 330 -34.18 0.97 -31.04
N ASN C 331 -34.87 1.10 -32.17
CA ASN C 331 -36.17 0.47 -32.34
C ASN C 331 -36.04 -1.05 -32.36
N ILE C 332 -37.13 -1.73 -32.00
CA ILE C 332 -37.17 -3.19 -31.98
C ILE C 332 -37.72 -3.64 -33.32
N THR C 333 -36.86 -4.26 -34.13
CA THR C 333 -37.25 -4.79 -35.44
C THR C 333 -37.61 -6.27 -35.39
N ASN C 334 -37.55 -6.90 -34.22
CA ASN C 334 -37.85 -8.32 -34.06
C ASN C 334 -38.96 -8.46 -33.02
N LEU C 335 -40.00 -9.22 -33.36
CA LEU C 335 -41.13 -9.46 -32.48
C LEU C 335 -41.57 -10.91 -32.60
N CYS C 336 -42.01 -11.47 -31.48
CA CYS C 336 -42.58 -12.81 -31.51
C CYS C 336 -43.87 -12.81 -32.32
N PRO C 337 -44.12 -13.85 -33.13
CA PRO C 337 -45.35 -13.90 -33.94
C PRO C 337 -46.57 -14.33 -33.11
N PHE C 338 -47.07 -13.39 -32.31
CA PHE C 338 -48.18 -13.67 -31.42
C PHE C 338 -49.53 -13.63 -32.11
N GLY C 339 -49.63 -13.06 -33.31
CA GLY C 339 -50.89 -12.98 -34.01
C GLY C 339 -51.31 -14.24 -34.74
N GLU C 340 -50.42 -15.23 -34.82
CA GLU C 340 -50.73 -16.46 -35.53
C GLU C 340 -51.47 -17.48 -34.67
N VAL C 341 -51.31 -17.43 -33.35
CA VAL C 341 -51.90 -18.43 -32.47
C VAL C 341 -53.09 -17.83 -31.72
N PHE C 342 -52.87 -16.71 -31.03
CA PHE C 342 -53.92 -16.14 -30.19
C PHE C 342 -54.99 -15.44 -31.01
N ASN C 343 -54.73 -15.19 -32.30
CA ASN C 343 -55.70 -14.55 -33.18
C ASN C 343 -56.10 -15.45 -34.34
N ALA C 344 -56.12 -16.76 -34.14
CA ALA C 344 -56.56 -17.70 -35.16
C ALA C 344 -57.99 -18.13 -34.88
N THR C 345 -58.82 -18.11 -35.94
CA THR C 345 -60.22 -18.45 -35.78
C THR C 345 -60.39 -19.92 -35.38
N ARG C 346 -59.89 -20.84 -36.20
CA ARG C 346 -59.94 -22.27 -35.91
C ARG C 346 -58.78 -22.57 -34.96
N PHE C 347 -59.00 -22.32 -33.67
CA PHE C 347 -57.95 -22.50 -32.68
C PHE C 347 -57.59 -23.97 -32.54
N ALA C 348 -56.28 -24.23 -32.41
CA ALA C 348 -55.82 -25.58 -32.11
C ALA C 348 -56.42 -26.07 -30.80
N SER C 349 -57.03 -27.24 -30.83
CA SER C 349 -57.78 -27.75 -29.69
C SER C 349 -56.82 -28.16 -28.57
N VAL C 350 -57.39 -28.67 -27.47
CA VAL C 350 -56.58 -29.03 -26.31
C VAL C 350 -55.65 -30.19 -26.63
N TYR C 351 -56.03 -31.03 -27.59
CA TYR C 351 -55.19 -32.16 -27.99
C TYR C 351 -54.22 -31.81 -29.11
N ALA C 352 -54.22 -30.56 -29.58
CA ALA C 352 -53.32 -30.10 -30.63
C ALA C 352 -52.58 -28.84 -30.22
N TRP C 353 -52.32 -28.70 -28.92
CA TRP C 353 -51.57 -27.54 -28.44
C TRP C 353 -50.12 -27.63 -28.85
N ASN C 354 -49.46 -26.48 -28.97
CA ASN C 354 -48.07 -26.41 -29.42
C ASN C 354 -47.23 -25.67 -28.39
N ARG C 355 -46.03 -26.17 -28.13
CA ARG C 355 -45.08 -25.52 -27.25
C ARG C 355 -44.19 -24.60 -28.08
N LYS C 356 -44.06 -23.35 -27.64
CA LYS C 356 -43.28 -22.34 -28.36
C LYS C 356 -41.97 -22.10 -27.59
N ARG C 357 -40.86 -22.25 -28.29
CA ARG C 357 -39.54 -21.98 -27.71
C ARG C 357 -39.17 -20.52 -27.99
N ILE C 358 -39.06 -19.71 -26.94
CA ILE C 358 -38.82 -18.29 -27.06
C ILE C 358 -37.36 -18.00 -26.75
N SER C 359 -36.64 -17.45 -27.74
CA SER C 359 -35.24 -17.10 -27.58
C SER C 359 -35.00 -15.69 -28.11
N ASN C 360 -34.32 -14.89 -27.29
CA ASN C 360 -33.93 -13.51 -27.64
C ASN C 360 -35.14 -12.63 -27.97
N CYS C 361 -36.33 -13.06 -27.55
CA CYS C 361 -37.56 -12.34 -27.81
C CYS C 361 -38.17 -11.87 -26.50
N VAL C 362 -38.48 -10.58 -26.43
CA VAL C 362 -39.06 -9.96 -25.24
C VAL C 362 -40.57 -9.87 -25.45
N ALA C 363 -41.31 -10.70 -24.72
CA ALA C 363 -42.76 -10.70 -24.80
C ALA C 363 -43.33 -9.38 -24.31
N ASP C 364 -44.28 -8.84 -25.06
CA ASP C 364 -44.90 -7.55 -24.73
C ASP C 364 -46.03 -7.79 -23.73
N TYR C 365 -45.64 -7.95 -22.47
CA TYR C 365 -46.62 -8.12 -21.40
C TYR C 365 -47.46 -6.87 -21.19
N SER C 366 -46.91 -5.69 -21.49
CA SER C 366 -47.64 -4.45 -21.28
C SER C 366 -48.82 -4.29 -22.23
N VAL C 367 -48.91 -5.14 -23.26
CA VAL C 367 -50.04 -5.07 -24.18
C VAL C 367 -51.19 -5.94 -23.70
N LEU C 368 -50.92 -7.21 -23.44
CA LEU C 368 -51.96 -8.14 -22.99
C LEU C 368 -52.41 -7.82 -21.57
N TYR C 369 -51.46 -7.52 -20.67
CA TYR C 369 -51.81 -7.28 -19.28
C TYR C 369 -52.62 -5.99 -19.12
N ASN C 370 -52.46 -5.04 -20.04
CA ASN C 370 -53.20 -3.78 -20.00
C ASN C 370 -54.30 -3.72 -21.05
N SER C 371 -54.63 -4.85 -21.68
CA SER C 371 -55.68 -4.86 -22.69
C SER C 371 -57.05 -4.58 -22.08
N ALA C 372 -57.27 -5.05 -20.85
CA ALA C 372 -58.50 -4.85 -20.09
C ALA C 372 -59.71 -5.46 -20.78
N SER C 373 -59.50 -6.39 -21.72
CA SER C 373 -60.62 -7.09 -22.34
C SER C 373 -61.22 -8.11 -21.40
N PHE C 374 -60.43 -8.63 -20.46
CA PHE C 374 -60.88 -9.62 -19.50
C PHE C 374 -60.96 -8.97 -18.12
N SER C 375 -62.18 -8.92 -17.57
CA SER C 375 -62.39 -8.28 -16.28
C SER C 375 -61.66 -9.02 -15.16
N THR C 376 -61.71 -10.35 -15.18
CA THR C 376 -61.13 -11.16 -14.12
C THR C 376 -59.63 -11.30 -14.37
N PHE C 377 -58.86 -10.30 -13.93
CA PHE C 377 -57.40 -10.33 -14.02
C PHE C 377 -56.84 -10.72 -12.66
N LYS C 378 -56.94 -12.02 -12.35
CA LYS C 378 -56.36 -12.57 -11.12
C LYS C 378 -54.92 -13.00 -11.35
N CYS C 379 -54.13 -12.07 -11.88
CA CYS C 379 -52.73 -12.29 -12.19
C CYS C 379 -51.86 -11.54 -11.19
N TYR C 380 -51.21 -12.28 -10.30
CA TYR C 380 -50.37 -11.71 -9.26
C TYR C 380 -48.95 -12.21 -9.41
N GLY C 381 -47.98 -11.30 -9.38
CA GLY C 381 -46.59 -11.68 -9.48
C GLY C 381 -45.73 -10.72 -10.29
N VAL C 382 -46.36 -9.86 -11.07
CA VAL C 382 -45.65 -8.91 -11.91
C VAL C 382 -45.66 -7.54 -11.23
N SER C 383 -44.55 -6.82 -11.38
CA SER C 383 -44.39 -5.50 -10.81
C SER C 383 -43.65 -4.61 -11.81
N PRO C 384 -43.99 -3.32 -11.87
CA PRO C 384 -43.30 -2.42 -12.81
C PRO C 384 -41.82 -2.25 -12.52
N THR C 385 -41.41 -2.30 -11.26
CA THR C 385 -40.00 -2.11 -10.91
C THR C 385 -39.16 -3.36 -11.11
N LYS C 386 -39.79 -4.53 -11.27
CA LYS C 386 -39.08 -5.78 -11.50
C LYS C 386 -39.44 -6.37 -12.86
N LEU C 387 -40.16 -5.59 -13.69
CA LEU C 387 -40.58 -6.06 -15.00
C LEU C 387 -39.42 -6.26 -15.97
N ASN C 388 -38.41 -5.39 -15.94
CA ASN C 388 -37.29 -5.46 -16.87
C ASN C 388 -36.33 -6.60 -16.59
N ASP C 389 -36.32 -7.13 -15.36
CA ASP C 389 -35.41 -8.20 -14.99
C ASP C 389 -36.00 -9.58 -15.20
N LEU C 390 -37.22 -9.67 -15.76
CA LEU C 390 -37.86 -10.96 -16.00
C LEU C 390 -37.39 -11.53 -17.34
N CYS C 391 -36.08 -11.59 -17.48
CA CYS C 391 -35.41 -12.08 -18.68
C CYS C 391 -34.92 -13.51 -18.42
N PHE C 392 -35.85 -14.46 -18.45
CA PHE C 392 -35.53 -15.87 -18.27
C PHE C 392 -34.76 -16.34 -19.51
N THR C 393 -33.51 -16.75 -19.31
CA THR C 393 -32.70 -17.20 -20.44
C THR C 393 -33.29 -18.44 -21.09
N ASN C 394 -33.76 -19.40 -20.28
CA ASN C 394 -34.41 -20.61 -20.77
C ASN C 394 -35.78 -20.70 -20.09
N VAL C 395 -36.83 -20.36 -20.84
CA VAL C 395 -38.17 -20.35 -20.28
C VAL C 395 -38.67 -21.79 -20.15
N TYR C 396 -38.75 -22.28 -18.91
CA TYR C 396 -39.28 -23.61 -18.62
C TYR C 396 -40.66 -23.44 -17.99
N ALA C 397 -41.67 -23.38 -18.85
CA ALA C 397 -43.05 -23.19 -18.43
C ALA C 397 -43.80 -24.51 -18.60
N ASP C 398 -44.59 -24.87 -17.59
CA ASP C 398 -45.37 -26.10 -17.59
C ASP C 398 -46.85 -25.77 -17.70
N SER C 399 -47.59 -26.63 -18.39
CA SER C 399 -49.02 -26.44 -18.63
C SER C 399 -49.79 -27.66 -18.15
N PHE C 400 -50.99 -27.41 -17.63
CA PHE C 400 -51.87 -28.49 -17.18
C PHE C 400 -53.31 -28.12 -17.53
N VAL C 401 -54.23 -29.05 -17.25
CA VAL C 401 -55.63 -28.89 -17.61
C VAL C 401 -56.49 -29.06 -16.36
N ILE C 402 -57.45 -28.17 -16.19
CA ILE C 402 -58.41 -28.26 -15.11
C ILE C 402 -59.74 -27.71 -15.61
N ARG C 403 -60.84 -28.20 -15.04
CA ARG C 403 -62.16 -27.74 -15.44
C ARG C 403 -62.42 -26.33 -14.93
N GLY C 404 -63.33 -25.62 -15.61
CA GLY C 404 -63.60 -24.24 -15.26
C GLY C 404 -64.21 -24.09 -13.89
N ASP C 405 -65.14 -24.98 -13.53
CA ASP C 405 -65.83 -24.89 -12.25
C ASP C 405 -65.01 -25.40 -11.07
N GLU C 406 -63.89 -26.10 -11.33
CA GLU C 406 -63.05 -26.63 -10.28
C GLU C 406 -61.81 -25.79 -10.02
N VAL C 407 -61.63 -24.67 -10.73
CA VAL C 407 -60.43 -23.86 -10.52
C VAL C 407 -60.45 -23.20 -9.16
N ARG C 408 -61.62 -22.81 -8.67
CA ARG C 408 -61.73 -22.15 -7.37
C ARG C 408 -61.94 -23.13 -6.23
N GLN C 409 -61.96 -24.43 -6.50
CA GLN C 409 -62.14 -25.45 -5.47
C GLN C 409 -60.81 -26.04 -5.00
N ILE C 410 -59.71 -25.33 -5.18
CA ILE C 410 -58.39 -25.80 -4.79
C ILE C 410 -58.10 -25.30 -3.37
N ALA C 411 -57.84 -26.24 -2.47
CA ALA C 411 -57.49 -25.96 -1.09
C ALA C 411 -56.36 -26.88 -0.65
N PRO C 412 -55.52 -26.44 0.29
CA PRO C 412 -54.44 -27.30 0.77
C PRO C 412 -54.98 -28.53 1.49
N GLY C 413 -54.21 -29.61 1.41
CA GLY C 413 -54.62 -30.86 2.01
C GLY C 413 -55.67 -31.63 1.25
N GLN C 414 -55.82 -31.36 -0.05
CA GLN C 414 -56.79 -32.06 -0.88
C GLN C 414 -56.09 -32.66 -2.08
N THR C 415 -56.58 -33.82 -2.52
CA THR C 415 -55.98 -34.58 -3.61
C THR C 415 -57.06 -35.02 -4.58
N GLY C 416 -56.64 -35.31 -5.80
CA GLY C 416 -57.56 -35.76 -6.82
C GLY C 416 -56.80 -36.40 -7.97
N LYS C 417 -57.55 -37.16 -8.77
CA LYS C 417 -56.95 -37.88 -9.89
C LYS C 417 -56.64 -36.96 -11.06
N ILE C 418 -57.36 -35.84 -11.21
CA ILE C 418 -57.08 -34.92 -12.30
C ILE C 418 -55.69 -34.30 -12.13
N ALA C 419 -55.36 -33.90 -10.90
CA ALA C 419 -54.04 -33.33 -10.65
C ALA C 419 -52.97 -34.41 -10.67
N ASP C 420 -53.29 -35.61 -10.20
CA ASP C 420 -52.32 -36.69 -10.14
C ASP C 420 -52.08 -37.35 -11.49
N TYR C 421 -52.93 -37.09 -12.49
CA TYR C 421 -52.79 -37.71 -13.79
C TYR C 421 -52.17 -36.81 -14.86
N ASN C 422 -52.09 -35.50 -14.61
CA ASN C 422 -51.51 -34.58 -15.58
C ASN C 422 -50.25 -33.90 -15.04
N TYR C 423 -50.35 -33.24 -13.89
CA TYR C 423 -49.22 -32.56 -13.26
C TYR C 423 -49.59 -32.22 -11.83
N LYS C 424 -48.71 -32.59 -10.91
CA LYS C 424 -48.90 -32.27 -9.50
C LYS C 424 -48.82 -30.77 -9.26
N LEU C 425 -49.77 -30.27 -8.48
CA LEU C 425 -49.86 -28.85 -8.17
C LEU C 425 -49.22 -28.56 -6.83
N PRO C 426 -48.09 -27.84 -6.77
CA PRO C 426 -47.50 -27.51 -5.48
C PRO C 426 -48.17 -26.30 -4.82
N ASP C 427 -47.62 -25.84 -3.70
CA ASP C 427 -48.17 -24.69 -2.99
C ASP C 427 -47.84 -23.37 -3.66
N ASP C 428 -47.21 -23.39 -4.83
CA ASP C 428 -46.86 -22.18 -5.58
C ASP C 428 -47.86 -21.90 -6.69
N PHE C 429 -49.14 -22.17 -6.45
CA PHE C 429 -50.19 -21.98 -7.45
C PHE C 429 -50.42 -20.50 -7.78
N THR C 430 -49.86 -19.58 -7.00
CA THR C 430 -49.99 -18.16 -7.28
C THR C 430 -49.27 -17.84 -8.59
N GLY C 431 -50.00 -17.24 -9.53
CA GLY C 431 -49.43 -16.89 -10.82
C GLY C 431 -50.45 -16.29 -11.76
N CYS C 432 -49.98 -15.79 -12.90
CA CYS C 432 -50.89 -15.20 -13.87
C CYS C 432 -51.77 -16.27 -14.52
N VAL C 433 -53.06 -16.02 -14.53
CA VAL C 433 -54.04 -16.91 -15.16
C VAL C 433 -54.14 -16.50 -16.61
N ILE C 434 -53.39 -17.17 -17.48
CA ILE C 434 -53.39 -16.89 -18.91
C ILE C 434 -54.52 -17.70 -19.53
N ALA C 435 -55.72 -17.15 -19.48
CA ALA C 435 -56.91 -17.81 -20.01
C ALA C 435 -57.48 -17.01 -21.17
N TRP C 436 -57.63 -17.65 -22.31
CA TRP C 436 -58.21 -17.04 -23.50
C TRP C 436 -59.63 -17.55 -23.70
N ASN C 437 -60.50 -16.69 -24.21
CA ASN C 437 -61.90 -17.01 -24.45
C ASN C 437 -62.08 -17.20 -25.96
N SER C 438 -61.90 -18.44 -26.41
CA SER C 438 -62.06 -18.80 -27.82
C SER C 438 -63.32 -19.61 -28.08
N ASN C 439 -64.13 -19.85 -27.05
CA ASN C 439 -65.36 -20.61 -27.24
C ASN C 439 -66.35 -19.88 -28.13
N ASN C 440 -66.45 -18.55 -27.96
CA ASN C 440 -67.39 -17.76 -28.77
C ASN C 440 -66.93 -17.62 -30.23
N LEU C 441 -65.64 -17.83 -30.52
CA LEU C 441 -65.13 -17.69 -31.87
C LEU C 441 -65.15 -18.99 -32.64
N ASP C 442 -65.67 -20.07 -32.08
CA ASP C 442 -65.74 -21.37 -32.73
C ASP C 442 -67.19 -21.83 -32.89
N SER C 443 -68.07 -20.90 -33.27
CA SER C 443 -69.46 -21.22 -33.51
C SER C 443 -69.70 -21.42 -35.01
N LYS C 444 -70.37 -22.50 -35.36
CA LYS C 444 -70.63 -22.85 -36.75
C LYS C 444 -72.09 -23.26 -36.91
N VAL C 445 -72.60 -23.08 -38.13
CA VAL C 445 -73.97 -23.46 -38.43
C VAL C 445 -74.09 -24.98 -38.49
N GLY C 446 -75.18 -25.51 -37.95
CA GLY C 446 -75.41 -26.94 -37.95
C GLY C 446 -74.88 -27.68 -36.74
N GLY C 447 -74.29 -26.98 -35.78
CA GLY C 447 -73.80 -27.63 -34.57
C GLY C 447 -72.33 -27.99 -34.65
N ASN C 448 -71.70 -28.06 -33.49
CA ASN C 448 -70.28 -28.38 -33.35
C ASN C 448 -70.16 -29.78 -32.77
N TYR C 449 -70.09 -30.78 -33.65
CA TYR C 449 -69.96 -32.17 -33.22
C TYR C 449 -68.60 -32.78 -33.53
N ASN C 450 -67.67 -32.03 -34.11
CA ASN C 450 -66.35 -32.57 -34.40
C ASN C 450 -65.36 -32.29 -33.29
N TYR C 451 -65.61 -31.27 -32.47
CA TYR C 451 -64.73 -30.92 -31.36
C TYR C 451 -64.90 -31.95 -30.24
N LEU C 452 -63.93 -32.83 -30.09
CA LEU C 452 -63.95 -33.86 -29.06
C LEU C 452 -62.73 -33.70 -28.17
N TYR C 453 -62.96 -33.20 -26.95
CA TYR C 453 -61.87 -32.98 -26.00
C TYR C 453 -61.43 -34.28 -25.35
N ARG C 454 -60.18 -34.31 -24.90
CA ARG C 454 -59.62 -35.45 -24.20
C ARG C 454 -59.15 -34.99 -22.82
N LEU C 455 -59.95 -35.27 -21.80
CA LEU C 455 -59.66 -34.83 -20.44
C LEU C 455 -58.55 -35.66 -19.79
N PHE C 456 -58.39 -36.92 -20.16
CA PHE C 456 -57.45 -37.83 -19.53
C PHE C 456 -56.38 -38.24 -20.53
N ARG C 457 -55.12 -38.19 -20.10
CA ARG C 457 -53.98 -38.61 -20.90
C ARG C 457 -53.27 -39.78 -20.24
N LYS C 458 -52.64 -40.62 -21.06
CA LYS C 458 -51.97 -41.81 -20.56
C LYS C 458 -50.80 -41.45 -19.63
N SER C 459 -49.99 -40.47 -20.02
CA SER C 459 -48.81 -40.10 -19.26
C SER C 459 -48.79 -38.59 -19.09
N ASN C 460 -47.69 -38.08 -18.53
CA ASN C 460 -47.52 -36.66 -18.27
C ASN C 460 -46.47 -36.08 -19.20
N LEU C 461 -46.37 -34.75 -19.20
CA LEU C 461 -45.36 -34.05 -19.99
C LEU C 461 -44.00 -34.24 -19.31
N LYS C 462 -43.27 -35.26 -19.73
CA LYS C 462 -42.03 -35.64 -19.06
C LYS C 462 -40.96 -34.57 -19.26
N PRO C 463 -40.14 -34.31 -18.24
CA PRO C 463 -39.07 -33.33 -18.37
C PRO C 463 -38.00 -33.79 -19.35
N PHE C 464 -37.33 -32.80 -19.95
CA PHE C 464 -36.20 -33.04 -20.86
C PHE C 464 -36.62 -33.88 -22.06
N GLU C 465 -37.89 -33.77 -22.44
CA GLU C 465 -38.41 -34.51 -23.58
C GLU C 465 -39.63 -33.79 -24.14
N ARG C 466 -39.83 -33.92 -25.45
CA ARG C 466 -40.94 -33.29 -26.16
C ARG C 466 -41.88 -34.37 -26.66
N ASP C 467 -43.18 -34.16 -26.50
CA ASP C 467 -44.17 -35.12 -26.95
C ASP C 467 -45.46 -34.38 -27.30
N ILE C 468 -45.89 -34.50 -28.55
CA ILE C 468 -47.15 -33.93 -29.01
C ILE C 468 -47.97 -35.04 -29.67
N SER C 469 -47.77 -36.27 -29.20
CA SER C 469 -48.45 -37.42 -29.78
C SER C 469 -49.94 -37.37 -29.50
N THR C 470 -50.68 -38.19 -30.22
CA THR C 470 -52.14 -38.24 -30.17
C THR C 470 -52.63 -39.64 -29.83
N GLU C 471 -52.01 -40.26 -28.83
CA GLU C 471 -52.40 -41.59 -28.41
C GLU C 471 -53.81 -41.57 -27.81
N ILE C 472 -54.52 -42.68 -27.98
CA ILE C 472 -55.89 -42.83 -27.53
C ILE C 472 -55.95 -43.89 -26.45
N TYR C 473 -56.58 -43.55 -25.33
CA TYR C 473 -56.78 -44.49 -24.23
C TYR C 473 -58.25 -44.85 -24.13
N GLN C 474 -58.53 -46.15 -24.10
CA GLN C 474 -59.89 -46.66 -24.01
C GLN C 474 -60.19 -47.07 -22.58
N ALA C 475 -61.46 -46.97 -22.19
CA ALA C 475 -61.90 -47.27 -20.84
C ALA C 475 -62.37 -48.71 -20.68
N GLY C 476 -62.27 -49.52 -21.72
CA GLY C 476 -62.71 -50.91 -21.64
C GLY C 476 -61.72 -51.82 -22.32
N SER C 477 -61.64 -53.06 -21.84
CA SER C 477 -60.71 -54.02 -22.42
C SER C 477 -61.28 -54.66 -23.68
N THR C 478 -62.41 -55.35 -23.55
CA THR C 478 -63.04 -55.98 -24.70
C THR C 478 -63.83 -54.95 -25.49
N PRO C 479 -63.52 -54.72 -26.77
CA PRO C 479 -64.26 -53.73 -27.55
C PRO C 479 -65.50 -54.34 -28.19
N CYS C 480 -66.60 -53.59 -28.16
CA CYS C 480 -67.81 -53.94 -28.88
C CYS C 480 -67.97 -53.18 -30.19
N ASN C 481 -67.24 -52.07 -30.35
CA ASN C 481 -67.21 -51.29 -31.58
C ASN C 481 -68.61 -50.83 -32.00
N GLY C 482 -69.35 -50.30 -31.03
CA GLY C 482 -70.65 -49.71 -31.28
C GLY C 482 -71.81 -50.70 -31.31
N VAL C 483 -71.52 -52.00 -31.32
CA VAL C 483 -72.58 -53.01 -31.31
C VAL C 483 -73.22 -53.02 -29.92
N GLU C 484 -74.55 -52.98 -29.90
CA GLU C 484 -75.28 -53.00 -28.63
C GLU C 484 -74.97 -54.28 -27.86
N GLY C 485 -74.36 -54.11 -26.69
CA GLY C 485 -73.95 -55.25 -25.89
C GLY C 485 -73.50 -54.80 -24.52
N PHE C 486 -72.83 -55.71 -23.83
CA PHE C 486 -72.40 -55.47 -22.46
C PHE C 486 -70.91 -55.17 -22.41
N ASN C 487 -70.49 -54.59 -21.28
CA ASN C 487 -69.07 -54.37 -20.97
C ASN C 487 -68.41 -53.41 -21.97
N CYS C 488 -69.15 -52.41 -22.41
CA CYS C 488 -68.61 -51.34 -23.24
C CYS C 488 -69.27 -50.02 -22.86
N TYR C 489 -68.53 -48.93 -22.96
CA TYR C 489 -69.01 -47.60 -22.66
C TYR C 489 -68.56 -46.64 -23.75
N PHE C 490 -69.03 -45.40 -23.67
CA PHE C 490 -68.64 -44.36 -24.62
C PHE C 490 -67.85 -43.27 -23.90
N PRO C 491 -66.58 -43.06 -24.25
CA PRO C 491 -65.82 -41.95 -23.64
C PRO C 491 -66.06 -40.62 -24.30
N LEU C 492 -66.62 -40.58 -25.51
CA LEU C 492 -66.87 -39.34 -26.23
C LEU C 492 -68.17 -38.74 -25.72
N GLN C 493 -68.06 -37.83 -24.76
CA GLN C 493 -69.23 -37.21 -24.17
C GLN C 493 -69.79 -36.14 -25.11
N SER C 494 -71.12 -36.08 -25.18
CA SER C 494 -71.78 -35.07 -25.99
C SER C 494 -71.50 -33.68 -25.43
N TYR C 495 -71.18 -32.73 -26.31
CA TYR C 495 -70.81 -31.39 -25.89
C TYR C 495 -71.98 -30.63 -25.30
N GLY C 496 -73.21 -30.94 -25.71
CA GLY C 496 -74.37 -30.19 -25.23
C GLY C 496 -74.33 -28.73 -25.63
N PHE C 497 -73.96 -28.46 -26.88
CA PHE C 497 -73.78 -27.09 -27.36
C PHE C 497 -75.09 -26.44 -27.77
N GLN C 498 -75.98 -26.25 -26.80
CA GLN C 498 -77.25 -25.58 -27.07
C GLN C 498 -77.02 -24.09 -27.28
N PRO C 499 -77.79 -23.46 -28.18
CA PRO C 499 -77.62 -22.02 -28.41
C PRO C 499 -77.91 -21.15 -27.19
N THR C 500 -78.77 -21.60 -26.29
CA THR C 500 -79.15 -20.83 -25.10
C THR C 500 -78.56 -21.45 -23.83
N ASN C 501 -77.48 -22.21 -23.97
CA ASN C 501 -76.84 -22.84 -22.84
C ASN C 501 -76.03 -21.80 -22.03
N GLY C 502 -75.63 -22.20 -20.83
CA GLY C 502 -74.89 -21.32 -19.95
C GLY C 502 -73.49 -21.02 -20.46
N VAL C 503 -72.97 -19.88 -20.00
CA VAL C 503 -71.63 -19.44 -20.39
C VAL C 503 -70.59 -19.71 -19.31
N GLY C 504 -70.93 -20.45 -18.26
CA GLY C 504 -70.04 -20.68 -17.13
C GLY C 504 -69.03 -21.79 -17.30
N TYR C 505 -68.87 -22.33 -18.51
CA TYR C 505 -67.92 -23.41 -18.77
C TYR C 505 -66.62 -22.89 -19.37
N GLN C 506 -66.19 -21.71 -18.96
CA GLN C 506 -64.97 -21.13 -19.50
C GLN C 506 -63.75 -21.77 -18.85
N PRO C 507 -62.84 -22.37 -19.61
CA PRO C 507 -61.66 -22.98 -19.02
C PRO C 507 -60.63 -21.93 -18.58
N TYR C 508 -59.74 -22.36 -17.69
CA TYR C 508 -58.65 -21.53 -17.20
C TYR C 508 -57.38 -22.37 -17.11
N ARG C 509 -56.24 -21.77 -17.41
CA ARG C 509 -54.94 -22.41 -17.27
C ARG C 509 -53.95 -21.42 -16.67
N VAL C 510 -53.09 -21.91 -15.77
CA VAL C 510 -52.10 -21.11 -15.09
C VAL C 510 -50.73 -21.74 -15.34
N VAL C 511 -49.73 -20.92 -15.62
CA VAL C 511 -48.37 -21.38 -15.89
C VAL C 511 -47.48 -20.96 -14.73
N VAL C 512 -46.31 -21.59 -14.64
CA VAL C 512 -45.37 -21.35 -13.55
C VAL C 512 -44.11 -20.75 -14.16
N LEU C 513 -43.64 -19.64 -13.60
CA LEU C 513 -42.44 -18.95 -14.07
C LEU C 513 -41.49 -18.73 -12.90
N SER C 514 -40.42 -19.50 -12.88
CA SER C 514 -39.39 -19.40 -11.86
C SER C 514 -38.04 -19.08 -12.51
N PHE C 515 -37.28 -18.21 -11.84
CA PHE C 515 -36.00 -17.75 -12.37
C PHE C 515 -34.86 -18.54 -11.75
N GLU C 516 -33.93 -19.00 -12.60
CA GLU C 516 -32.74 -19.71 -12.16
C GLU C 516 -31.53 -19.02 -12.78
N LEU C 517 -30.46 -18.89 -11.98
CA LEU C 517 -29.21 -18.28 -12.43
C LEU C 517 -28.18 -19.40 -12.56
N LEU C 518 -28.14 -20.04 -13.73
CA LEU C 518 -27.20 -21.11 -13.98
C LEU C 518 -25.96 -20.54 -14.68
N HIS C 519 -25.06 -21.43 -15.11
CA HIS C 519 -23.82 -21.02 -15.78
C HIS C 519 -24.09 -20.96 -17.28
N ALA C 520 -24.72 -19.86 -17.70
CA ALA C 520 -25.07 -19.64 -19.09
C ALA C 520 -25.10 -18.14 -19.34
N PRO C 521 -24.64 -17.68 -20.51
CA PRO C 521 -24.58 -16.25 -20.77
C PRO C 521 -25.93 -15.68 -21.17
N ALA C 522 -25.96 -14.35 -21.34
CA ALA C 522 -27.14 -13.64 -21.80
C ALA C 522 -26.68 -12.38 -22.53
N THR C 523 -27.56 -11.87 -23.40
CA THR C 523 -27.24 -10.69 -24.20
C THR C 523 -28.25 -9.55 -24.05
N VAL C 524 -29.54 -9.84 -23.99
CA VAL C 524 -30.57 -8.82 -23.84
C VAL C 524 -31.49 -9.24 -22.69
N CYS C 525 -32.02 -8.25 -21.98
CA CYS C 525 -32.95 -8.53 -20.90
C CYS C 525 -34.22 -7.70 -21.04
N GLY C 526 -34.10 -6.56 -21.72
CA GLY C 526 -35.24 -5.72 -22.01
C GLY C 526 -34.83 -4.42 -22.68
N PRO C 527 -35.72 -3.85 -23.48
CA PRO C 527 -35.43 -2.57 -24.13
C PRO C 527 -35.81 -1.40 -23.25
N LYS C 528 -35.54 -0.20 -23.76
CA LYS C 528 -35.89 1.05 -23.10
C LYS C 528 -36.58 1.97 -24.08
N LYS C 529 -37.50 2.79 -23.56
CA LYS C 529 -38.30 3.69 -24.38
C LYS C 529 -37.50 4.98 -24.59
N SER C 530 -37.36 5.39 -25.85
CA SER C 530 -36.62 6.60 -26.16
C SER C 530 -37.31 7.83 -25.58
N THR C 531 -36.52 8.71 -24.98
CA THR C 531 -37.07 9.89 -24.33
C THR C 531 -37.46 10.95 -25.35
N ASN C 532 -37.84 12.12 -24.84
CA ASN C 532 -38.20 13.24 -25.71
C ASN C 532 -36.97 13.92 -26.30
N LEU C 533 -35.78 13.56 -25.80
CA LEU C 533 -34.50 14.10 -26.23
C LEU C 533 -34.32 15.56 -25.83
N VAL C 534 -33.08 15.95 -25.56
CA VAL C 534 -32.75 17.32 -25.18
C VAL C 534 -31.53 17.77 -25.99
N LYS C 535 -31.58 19.02 -26.43
CA LYS C 535 -30.48 19.63 -27.18
C LYS C 535 -30.06 20.92 -26.50
N ASN C 536 -28.76 21.23 -26.62
CA ASN C 536 -28.17 22.45 -26.10
C ASN C 536 -28.25 22.52 -24.58
N LYS C 537 -28.47 21.38 -23.92
CA LYS C 537 -28.50 21.31 -22.47
C LYS C 537 -27.54 20.21 -22.00
N CYS C 538 -26.88 20.48 -20.88
CA CYS C 538 -25.92 19.54 -20.31
C CYS C 538 -26.66 18.35 -19.71
N VAL C 539 -26.32 17.14 -20.16
CA VAL C 539 -27.04 15.93 -19.78
C VAL C 539 -26.11 14.74 -19.93
N ASN C 540 -26.23 13.78 -19.02
CA ASN C 540 -25.50 12.52 -19.10
C ASN C 540 -26.36 11.48 -19.77
N PHE C 541 -25.81 10.83 -20.80
CA PHE C 541 -26.56 9.93 -21.66
C PHE C 541 -26.08 8.49 -21.46
N ASN C 542 -26.70 7.58 -22.21
CA ASN C 542 -26.31 6.17 -22.20
C ASN C 542 -26.75 5.58 -23.53
N PHE C 543 -25.80 5.44 -24.46
CA PHE C 543 -26.06 4.90 -25.79
C PHE C 543 -25.42 3.52 -25.89
N ASN C 544 -26.22 2.48 -25.63
CA ASN C 544 -25.77 1.10 -25.72
C ASN C 544 -24.53 0.85 -24.88
N GLY C 545 -24.54 1.38 -23.66
CA GLY C 545 -23.42 1.25 -22.75
C GLY C 545 -22.38 2.35 -22.86
N LEU C 546 -22.54 3.29 -23.79
CA LEU C 546 -21.62 4.42 -23.93
C LEU C 546 -22.11 5.53 -23.00
N THR C 547 -21.42 5.68 -21.87
CA THR C 547 -21.83 6.62 -20.82
C THR C 547 -20.99 7.88 -20.90
N GLY C 548 -21.65 9.03 -20.74
CA GLY C 548 -20.96 10.31 -20.74
C GLY C 548 -21.89 11.49 -20.66
N THR C 549 -21.38 12.62 -20.17
CA THR C 549 -22.14 13.86 -20.06
C THR C 549 -21.67 14.85 -21.11
N GLY C 550 -22.61 15.65 -21.61
CA GLY C 550 -22.24 16.67 -22.57
C GLY C 550 -23.47 17.28 -23.21
N VAL C 551 -23.23 18.02 -24.30
CA VAL C 551 -24.26 18.73 -25.05
C VAL C 551 -24.43 18.05 -26.39
N LEU C 552 -25.66 17.64 -26.70
CA LEU C 552 -25.95 16.90 -27.93
C LEU C 552 -26.38 17.86 -29.02
N THR C 553 -25.40 18.61 -29.52
CA THR C 553 -25.65 19.54 -30.61
C THR C 553 -25.66 18.80 -31.95
N GLU C 554 -26.21 19.47 -32.97
CA GLU C 554 -26.21 18.94 -34.31
C GLU C 554 -24.80 19.00 -34.91
N SER C 555 -24.50 18.01 -35.75
CA SER C 555 -23.19 17.89 -36.38
C SER C 555 -23.34 17.71 -37.88
N ASN C 556 -22.21 17.79 -38.58
CA ASN C 556 -22.21 17.67 -40.04
C ASN C 556 -21.25 16.62 -40.58
N LYS C 557 -20.46 15.96 -39.73
CA LYS C 557 -19.54 14.94 -40.22
C LYS C 557 -20.30 13.73 -40.75
N LYS C 558 -19.81 13.18 -41.86
CA LYS C 558 -20.45 12.05 -42.53
C LYS C 558 -19.81 10.76 -42.06
N PHE C 559 -20.63 9.85 -41.54
CA PHE C 559 -20.17 8.54 -41.10
C PHE C 559 -20.19 7.55 -42.26
N LEU C 560 -19.86 6.31 -41.96
CA LEU C 560 -20.01 5.19 -42.87
C LEU C 560 -21.07 4.24 -42.34
N PRO C 561 -21.74 3.48 -43.21
CA PRO C 561 -22.89 2.68 -42.74
C PRO C 561 -22.56 1.71 -41.62
N PHE C 562 -21.37 1.12 -41.62
CA PHE C 562 -21.01 0.17 -40.57
C PHE C 562 -20.46 0.82 -39.31
N GLN C 563 -20.14 2.12 -39.35
CA GLN C 563 -19.57 2.78 -38.20
C GLN C 563 -20.66 3.21 -37.23
N GLN C 564 -20.41 3.01 -35.93
CA GLN C 564 -21.39 3.35 -34.90
C GLN C 564 -21.17 4.77 -34.36
N PHE C 565 -20.00 5.01 -33.77
CA PHE C 565 -19.72 6.33 -33.22
C PHE C 565 -18.36 6.83 -33.68
N GLY C 566 -17.92 7.98 -33.18
CA GLY C 566 -16.67 8.56 -33.60
C GLY C 566 -15.77 8.87 -32.42
N ARG C 567 -14.50 9.06 -32.74
CA ARG C 567 -13.49 9.42 -31.75
C ARG C 567 -12.49 10.39 -32.37
N ASP C 568 -11.73 11.05 -31.51
CA ASP C 568 -10.68 11.97 -31.94
C ASP C 568 -9.38 11.56 -31.25
N ILE C 569 -8.36 12.43 -31.37
CA ILE C 569 -7.09 12.16 -30.71
C ILE C 569 -7.29 12.11 -29.20
N ALA C 570 -6.40 11.40 -28.52
CA ALA C 570 -6.44 11.10 -27.08
C ALA C 570 -7.59 10.19 -26.71
N ASP C 571 -8.27 9.59 -27.69
CA ASP C 571 -9.31 8.59 -27.47
C ASP C 571 -10.44 9.11 -26.58
N THR C 572 -11.13 10.12 -27.09
CA THR C 572 -12.29 10.69 -26.43
C THR C 572 -13.48 10.64 -27.39
N THR C 573 -14.65 10.29 -26.85
CA THR C 573 -15.84 10.20 -27.68
C THR C 573 -16.24 11.57 -28.20
N ASP C 574 -16.45 11.68 -29.51
CA ASP C 574 -16.73 12.94 -30.16
C ASP C 574 -18.14 12.99 -30.74
N ALA C 575 -18.50 12.04 -31.59
CA ALA C 575 -19.81 12.02 -32.22
C ALA C 575 -20.41 10.63 -32.10
N VAL C 576 -21.73 10.58 -31.88
CA VAL C 576 -22.48 9.34 -31.77
C VAL C 576 -23.68 9.41 -32.70
N ARG C 577 -23.88 8.37 -33.50
CA ARG C 577 -25.01 8.34 -34.41
C ARG C 577 -26.30 8.07 -33.64
N ASP C 578 -27.39 8.65 -34.12
CA ASP C 578 -28.70 8.40 -33.52
C ASP C 578 -29.16 7.00 -33.89
N PRO C 579 -29.42 6.12 -32.92
CA PRO C 579 -29.83 4.75 -33.27
C PRO C 579 -31.16 4.67 -34.02
N GLN C 580 -32.06 5.64 -33.82
CA GLN C 580 -33.40 5.58 -34.40
C GLN C 580 -33.53 6.44 -35.66
N THR C 581 -33.23 7.73 -35.56
CA THR C 581 -33.38 8.63 -36.70
C THR C 581 -32.19 8.60 -37.65
N LEU C 582 -31.14 7.84 -37.33
CA LEU C 582 -29.96 7.70 -38.18
C LEU C 582 -29.31 9.07 -38.44
N GLU C 583 -29.03 9.80 -37.37
CA GLU C 583 -28.40 11.11 -37.46
C GLU C 583 -27.19 11.14 -36.54
N ILE C 584 -26.20 11.94 -36.90
CA ILE C 584 -24.95 12.04 -36.16
C ILE C 584 -25.00 13.27 -35.28
N LEU C 585 -24.82 13.08 -33.97
CA LEU C 585 -24.87 14.17 -33.00
C LEU C 585 -23.49 14.34 -32.37
N ASP C 586 -22.97 15.57 -32.44
CA ASP C 586 -21.68 15.88 -31.84
C ASP C 586 -21.85 16.04 -30.34
N ILE C 587 -20.80 15.70 -29.59
CA ILE C 587 -20.80 15.77 -28.14
C ILE C 587 -19.73 16.76 -27.71
N THR C 588 -20.11 17.71 -26.86
CA THR C 588 -19.20 18.73 -26.35
C THR C 588 -19.22 18.72 -24.82
N PRO C 589 -18.11 19.05 -24.17
CA PRO C 589 -18.07 19.04 -22.71
C PRO C 589 -18.98 20.09 -22.11
N CYS C 590 -19.48 19.81 -20.91
CA CYS C 590 -20.28 20.77 -20.19
C CYS C 590 -19.39 21.88 -19.63
N SER C 591 -20.00 23.05 -19.42
CA SER C 591 -19.23 24.23 -19.06
C SER C 591 -18.55 24.07 -17.70
N PHE C 592 -17.30 24.51 -17.63
CA PHE C 592 -16.53 24.47 -16.39
C PHE C 592 -15.37 25.45 -16.51
N GLY C 593 -14.94 25.97 -15.37
CA GLY C 593 -13.83 26.90 -15.34
C GLY C 593 -13.64 27.48 -13.96
N GLY C 594 -12.54 28.21 -13.81
CA GLY C 594 -12.21 28.83 -12.54
C GLY C 594 -12.95 30.14 -12.32
N VAL C 595 -12.86 30.62 -11.08
CA VAL C 595 -13.50 31.86 -10.67
C VAL C 595 -12.46 32.73 -9.99
N SER C 596 -12.36 33.99 -10.41
CA SER C 596 -11.43 34.94 -9.84
C SER C 596 -12.18 36.18 -9.35
N VAL C 597 -11.66 36.78 -8.29
CA VAL C 597 -12.29 37.95 -7.67
C VAL C 597 -11.32 39.12 -7.77
N ILE C 598 -11.77 40.21 -8.37
CA ILE C 598 -10.96 41.40 -8.57
C ILE C 598 -11.32 42.39 -7.46
N THR C 599 -10.34 42.72 -6.62
CA THR C 599 -10.57 43.63 -5.51
C THR C 599 -9.49 44.70 -5.47
N PRO C 600 -9.87 45.97 -5.25
CA PRO C 600 -8.86 47.02 -5.12
C PRO C 600 -8.22 47.10 -3.74
N GLY C 601 -8.67 46.29 -2.80
CA GLY C 601 -8.13 46.31 -1.45
C GLY C 601 -9.27 46.22 -0.45
N THR C 602 -8.90 46.30 0.82
CA THR C 602 -9.87 46.33 1.91
C THR C 602 -10.03 47.71 2.52
N ASN C 603 -8.94 48.44 2.68
CA ASN C 603 -9.02 49.79 3.24
C ASN C 603 -9.65 50.76 2.25
N THR C 604 -9.54 50.50 0.95
CA THR C 604 -10.11 51.39 -0.04
C THR C 604 -11.63 51.24 -0.11
N SER C 605 -12.11 50.04 -0.44
CA SER C 605 -13.53 49.79 -0.54
C SER C 605 -13.77 48.29 -0.46
N ASN C 606 -15.02 47.92 -0.18
CA ASN C 606 -15.43 46.52 -0.10
C ASN C 606 -16.08 46.02 -1.38
N GLN C 607 -16.04 46.82 -2.45
CA GLN C 607 -16.61 46.41 -3.73
C GLN C 607 -15.65 45.48 -4.45
N VAL C 608 -16.18 44.39 -5.00
CA VAL C 608 -15.41 43.42 -5.76
C VAL C 608 -16.16 43.09 -7.05
N ALA C 609 -15.42 42.51 -7.99
CA ALA C 609 -15.98 42.01 -9.23
C ALA C 609 -15.54 40.57 -9.44
N VAL C 610 -16.36 39.80 -10.14
CA VAL C 610 -16.15 38.37 -10.32
C VAL C 610 -15.91 38.10 -11.79
N LEU C 611 -14.88 37.31 -12.09
CA LEU C 611 -14.54 36.90 -13.45
C LEU C 611 -14.66 35.39 -13.55
N TYR C 612 -15.47 34.91 -14.48
CA TYR C 612 -15.61 33.49 -14.76
C TYR C 612 -14.71 33.17 -15.96
N GLN C 613 -13.75 32.26 -15.76
CA GLN C 613 -12.65 32.11 -16.69
C GLN C 613 -13.03 31.21 -17.86
N ASP C 614 -12.99 31.76 -19.06
CA ASP C 614 -13.12 31.01 -20.31
C ASP C 614 -14.44 30.23 -20.38
N VAL C 615 -15.50 30.82 -19.85
CA VAL C 615 -16.85 30.28 -19.97
C VAL C 615 -17.76 31.38 -20.50
N ASN C 616 -18.70 30.99 -21.36
CA ASN C 616 -19.68 31.92 -21.90
C ASN C 616 -20.83 32.02 -20.91
N CYS C 617 -20.80 33.03 -20.05
CA CYS C 617 -21.71 33.12 -18.91
C CYS C 617 -22.94 33.96 -19.21
N THR C 618 -23.15 34.34 -20.47
CA THR C 618 -24.39 35.02 -20.86
C THR C 618 -25.61 34.11 -20.73
N GLU C 619 -25.41 32.83 -20.44
CA GLU C 619 -26.51 31.87 -20.35
C GLU C 619 -26.55 31.05 -19.07
N VAL C 620 -25.50 31.09 -18.24
CA VAL C 620 -25.43 30.19 -17.08
C VAL C 620 -26.54 30.41 -16.06
N PRO C 621 -26.88 31.64 -15.65
CA PRO C 621 -27.67 31.79 -14.41
C PRO C 621 -29.12 31.31 -14.52
N VAL C 622 -29.65 31.12 -15.73
CA VAL C 622 -31.06 30.78 -15.89
C VAL C 622 -31.27 29.27 -15.97
N ALA C 623 -30.51 28.60 -16.85
CA ALA C 623 -30.72 27.18 -17.06
C ALA C 623 -30.36 26.36 -15.82
N ILE C 624 -29.27 26.72 -15.14
CA ILE C 624 -28.82 25.93 -14.00
C ILE C 624 -29.73 26.15 -12.81
N HIS C 625 -29.65 25.23 -11.86
CA HIS C 625 -30.43 25.30 -10.62
C HIS C 625 -29.59 26.02 -9.57
N ALA C 626 -30.01 27.24 -9.23
CA ALA C 626 -29.34 28.04 -8.20
C ALA C 626 -30.15 28.14 -6.92
N ASP C 627 -31.02 27.15 -6.65
CA ASP C 627 -31.86 27.22 -5.46
C ASP C 627 -31.05 27.05 -4.18
N GLN C 628 -30.07 26.14 -4.20
CA GLN C 628 -29.29 25.87 -3.00
C GLN C 628 -28.46 27.09 -2.59
N LEU C 629 -27.88 27.80 -3.55
CA LEU C 629 -27.11 28.99 -3.24
C LEU C 629 -27.99 30.06 -2.63
N THR C 630 -27.48 30.72 -1.59
CA THR C 630 -28.24 31.76 -0.93
C THR C 630 -28.37 32.99 -1.83
N PRO C 631 -29.40 33.80 -1.64
CA PRO C 631 -29.53 35.03 -2.43
C PRO C 631 -28.37 36.00 -2.24
N THR C 632 -27.61 35.88 -1.15
CA THR C 632 -26.46 36.76 -0.94
C THR C 632 -25.45 36.62 -2.08
N TRP C 633 -25.20 35.38 -2.52
CA TRP C 633 -24.37 35.16 -3.70
C TRP C 633 -25.12 35.47 -4.99
N ARG C 634 -26.44 35.33 -5.00
CA ARG C 634 -27.22 35.61 -6.20
C ARG C 634 -27.19 37.07 -6.57
N VAL C 635 -27.18 37.97 -5.58
CA VAL C 635 -27.17 39.41 -5.88
C VAL C 635 -25.95 39.79 -6.68
N TYR C 636 -24.78 39.29 -6.27
CA TYR C 636 -23.54 39.57 -6.97
C TYR C 636 -23.24 38.57 -8.09
N SER C 637 -24.11 37.58 -8.29
CA SER C 637 -23.95 36.63 -9.39
C SER C 637 -24.82 36.97 -10.60
N THR C 638 -25.50 38.12 -10.59
CA THR C 638 -26.33 38.53 -11.70
C THR C 638 -26.54 40.05 -11.60
N GLY C 639 -27.23 40.60 -12.58
CA GLY C 639 -27.52 42.01 -12.62
C GLY C 639 -27.63 42.49 -14.06
N SER C 640 -27.68 43.81 -14.19
CA SER C 640 -27.72 44.44 -15.50
C SER C 640 -26.33 44.73 -16.08
N ASN C 641 -25.28 44.52 -15.29
CA ASN C 641 -23.90 44.81 -15.71
C ASN C 641 -23.17 43.48 -15.88
N VAL C 642 -23.27 42.91 -17.08
CA VAL C 642 -22.55 41.71 -17.46
C VAL C 642 -21.72 42.04 -18.69
N PHE C 643 -20.41 41.89 -18.58
CA PHE C 643 -19.48 42.24 -19.65
C PHE C 643 -18.79 40.98 -20.13
N GLN C 644 -18.89 40.72 -21.43
CA GLN C 644 -18.31 39.52 -22.03
C GLN C 644 -17.00 39.90 -22.72
N THR C 645 -15.90 39.32 -22.24
CA THR C 645 -14.57 39.57 -22.78
C THR C 645 -14.05 38.30 -23.43
N ARG C 646 -12.81 38.38 -23.93
CA ARG C 646 -12.17 37.22 -24.55
C ARG C 646 -11.49 36.32 -23.54
N ALA C 647 -11.40 36.73 -22.27
CA ALA C 647 -10.87 35.90 -21.20
C ALA C 647 -11.96 35.25 -20.36
N GLY C 648 -13.22 35.43 -20.75
CA GLY C 648 -14.33 34.91 -19.97
C GLY C 648 -15.48 35.89 -19.93
N CYS C 649 -16.04 36.12 -18.75
CA CYS C 649 -17.06 37.14 -18.57
C CYS C 649 -16.84 37.83 -17.23
N LEU C 650 -17.20 39.10 -17.17
CA LEU C 650 -16.96 39.93 -16.00
C LEU C 650 -18.29 40.45 -15.47
N ILE C 651 -18.56 40.23 -14.19
CA ILE C 651 -19.81 40.61 -13.55
C ILE C 651 -19.48 41.58 -12.43
N GLY C 652 -20.08 42.77 -12.47
CA GLY C 652 -19.88 43.77 -11.46
C GLY C 652 -18.98 44.93 -11.84
N ALA C 653 -18.56 45.03 -13.11
CA ALA C 653 -17.72 46.11 -13.56
C ALA C 653 -18.24 46.63 -14.90
N GLU C 654 -18.29 47.95 -15.03
CA GLU C 654 -18.80 48.60 -16.22
C GLU C 654 -17.69 48.89 -17.21
N HIS C 655 -18.07 48.97 -18.49
CA HIS C 655 -17.12 49.14 -19.58
C HIS C 655 -17.09 50.63 -19.97
N VAL C 656 -15.89 51.21 -19.96
CA VAL C 656 -15.69 52.60 -20.33
C VAL C 656 -15.00 52.67 -21.69
N ASN C 657 -15.07 53.84 -22.32
CA ASN C 657 -14.50 54.05 -23.64
C ASN C 657 -13.16 54.79 -23.60
N ASN C 658 -12.63 55.02 -22.40
CA ASN C 658 -11.37 55.73 -22.23
C ASN C 658 -10.30 54.74 -21.78
N SER C 659 -9.12 54.84 -22.40
CA SER C 659 -8.01 53.95 -22.12
C SER C 659 -6.95 54.66 -21.29
N TYR C 660 -6.58 54.05 -20.17
CA TYR C 660 -5.53 54.57 -19.29
C TYR C 660 -4.47 53.50 -19.12
N GLU C 661 -3.42 53.84 -18.38
CA GLU C 661 -2.49 52.82 -17.91
C GLU C 661 -3.21 51.95 -16.90
N CYS C 662 -3.12 50.63 -17.08
CA CYS C 662 -3.98 49.72 -16.33
C CYS C 662 -3.28 49.17 -15.10
N ASP C 663 -4.08 48.81 -14.10
CA ASP C 663 -3.60 48.40 -12.79
C ASP C 663 -3.70 46.91 -12.56
N ILE C 664 -4.88 46.32 -12.72
CA ILE C 664 -5.12 44.90 -12.51
C ILE C 664 -5.24 44.23 -13.87
N PRO C 665 -4.30 43.37 -14.26
CA PRO C 665 -4.36 42.72 -15.57
C PRO C 665 -5.36 41.57 -15.57
N ILE C 666 -6.40 41.70 -16.39
CA ILE C 666 -7.41 40.65 -16.48
C ILE C 666 -6.99 39.60 -17.50
N GLY C 667 -6.68 40.03 -18.71
CA GLY C 667 -6.27 39.11 -19.77
C GLY C 667 -6.80 39.55 -21.12
N ALA C 668 -6.06 39.19 -22.17
CA ALA C 668 -6.43 39.49 -23.55
C ALA C 668 -6.56 41.00 -23.78
N GLY C 669 -5.69 41.77 -23.14
CA GLY C 669 -5.66 43.20 -23.34
C GLY C 669 -6.63 44.00 -22.51
N ILE C 670 -7.34 43.38 -21.57
CA ILE C 670 -8.33 44.05 -20.75
C ILE C 670 -7.77 44.18 -19.34
N CYS C 671 -7.97 45.35 -18.73
CA CYS C 671 -7.57 45.60 -17.36
C CYS C 671 -8.72 46.25 -16.61
N ALA C 672 -8.58 46.32 -15.28
CA ALA C 672 -9.61 46.88 -14.42
C ALA C 672 -8.97 47.83 -13.41
N SER C 673 -9.78 48.75 -12.90
CA SER C 673 -9.32 49.72 -11.92
C SER C 673 -10.51 50.22 -11.11
N TYR C 674 -10.22 50.85 -9.98
CA TYR C 674 -11.22 51.41 -9.10
C TYR C 674 -11.31 52.91 -9.37
N GLN C 675 -12.37 53.33 -10.05
CA GLN C 675 -12.55 54.74 -10.40
C GLN C 675 -13.90 55.26 -9.92
N GLN C 690 -17.52 56.50 -8.27
CA GLN C 690 -16.91 55.54 -7.37
C GLN C 690 -17.41 54.13 -7.66
N SER C 691 -16.67 53.41 -8.50
CA SER C 691 -17.05 52.06 -8.90
C SER C 691 -15.80 51.37 -9.44
N ILE C 692 -16.01 50.20 -10.06
CA ILE C 692 -14.95 49.44 -10.71
C ILE C 692 -15.22 49.43 -12.20
N ILE C 693 -14.20 49.77 -13.00
CA ILE C 693 -14.35 49.90 -14.44
C ILE C 693 -13.43 48.91 -15.13
N ALA C 694 -13.77 48.58 -16.36
CA ALA C 694 -12.99 47.66 -17.19
C ALA C 694 -12.78 48.28 -18.55
N TYR C 695 -11.52 48.53 -18.91
CA TYR C 695 -11.16 49.20 -20.15
C TYR C 695 -10.10 48.39 -20.88
N THR C 696 -9.74 48.86 -22.08
CA THR C 696 -8.67 48.26 -22.85
C THR C 696 -7.39 49.04 -22.61
N MET C 697 -6.27 48.32 -22.54
CA MET C 697 -5.00 48.93 -22.14
C MET C 697 -4.56 49.99 -23.14
N SER C 698 -3.93 51.04 -22.61
CA SER C 698 -3.29 52.07 -23.40
C SER C 698 -1.79 51.87 -23.33
N LEU C 699 -1.14 51.79 -24.49
CA LEU C 699 0.27 51.42 -24.54
C LEU C 699 1.16 52.52 -23.95
N GLY C 700 0.73 53.76 -24.06
CA GLY C 700 1.49 54.86 -23.48
C GLY C 700 1.19 56.16 -24.21
N ALA C 701 1.94 57.19 -23.81
CA ALA C 701 1.83 58.48 -24.45
C ALA C 701 2.25 58.38 -25.91
N GLU C 702 1.68 59.23 -26.74
CA GLU C 702 1.87 59.16 -28.19
C GLU C 702 2.37 60.49 -28.71
N ASN C 703 3.43 60.45 -29.52
CA ASN C 703 3.95 61.65 -30.15
C ASN C 703 4.65 61.28 -31.45
N SER C 704 4.93 62.29 -32.26
CA SER C 704 5.65 62.11 -33.51
C SER C 704 6.82 63.09 -33.54
N VAL C 705 7.99 62.59 -33.94
CA VAL C 705 9.18 63.43 -34.00
C VAL C 705 9.15 64.24 -35.28
N ALA C 706 9.48 65.52 -35.19
CA ALA C 706 9.45 66.43 -36.34
C ALA C 706 10.67 66.17 -37.23
N TYR C 707 10.62 65.03 -37.91
CA TYR C 707 11.74 64.62 -38.76
C TYR C 707 11.80 65.46 -40.02
N SER C 708 13.01 65.92 -40.34
CA SER C 708 13.29 66.62 -41.59
C SER C 708 14.72 66.28 -42.00
N ASN C 709 15.03 66.50 -43.27
CA ASN C 709 16.31 66.05 -43.79
C ASN C 709 17.45 67.01 -43.53
N ASN C 710 17.18 68.21 -43.01
CA ASN C 710 18.24 69.14 -42.63
C ASN C 710 17.92 69.81 -41.30
N SER C 711 17.43 69.04 -40.33
CA SER C 711 17.09 69.57 -39.02
C SER C 711 17.66 68.67 -37.94
N ILE C 712 18.24 69.27 -36.90
CA ILE C 712 18.85 68.54 -35.80
C ILE C 712 18.54 69.26 -34.51
N ALA C 713 18.42 68.50 -33.42
CA ALA C 713 18.13 69.03 -32.09
C ALA C 713 19.28 68.68 -31.16
N ILE C 714 19.78 69.67 -30.43
CA ILE C 714 20.92 69.52 -29.55
C ILE C 714 20.54 70.03 -28.16
N PRO C 715 20.68 69.23 -27.10
CA PRO C 715 20.33 69.71 -25.77
C PRO C 715 21.27 70.80 -25.29
N THR C 716 20.72 71.70 -24.46
CA THR C 716 21.47 72.83 -23.92
C THR C 716 21.63 72.76 -22.41
N ASN C 717 21.25 71.65 -21.79
CA ASN C 717 21.35 71.49 -20.34
C ASN C 717 21.39 70.00 -20.02
N PHE C 718 21.45 69.69 -18.73
CA PHE C 718 21.48 68.31 -18.29
C PHE C 718 20.94 68.21 -16.87
N THR C 719 20.61 66.99 -16.48
CA THR C 719 20.20 66.70 -15.11
C THR C 719 20.88 65.42 -14.66
N ILE C 720 21.19 65.36 -13.36
CA ILE C 720 21.87 64.21 -12.77
C ILE C 720 20.84 63.45 -11.94
N SER C 721 20.63 62.19 -12.29
CA SER C 721 19.60 61.36 -11.66
C SER C 721 20.23 60.16 -10.97
N VAL C 722 19.57 59.69 -9.92
CA VAL C 722 20.03 58.54 -9.14
C VAL C 722 18.94 57.49 -9.15
N THR C 723 19.30 56.26 -9.48
CA THR C 723 18.38 55.14 -9.61
C THR C 723 18.66 54.11 -8.53
N THR C 724 17.76 53.14 -8.40
CA THR C 724 17.90 52.06 -7.44
C THR C 724 17.76 50.72 -8.15
N GLU C 725 18.49 49.72 -7.70
CA GLU C 725 18.37 48.39 -8.26
C GLU C 725 18.69 47.36 -7.19
N ILE C 726 17.75 46.46 -6.95
CA ILE C 726 17.81 45.51 -5.85
C ILE C 726 17.93 44.10 -6.40
N LEU C 727 18.89 43.34 -5.88
CA LEU C 727 19.16 42.00 -6.38
C LEU C 727 19.42 41.04 -5.23
N PRO C 728 18.66 39.96 -5.11
CA PRO C 728 18.96 38.95 -4.10
C PRO C 728 20.16 38.09 -4.50
N VAL C 729 21.02 37.80 -3.52
CA VAL C 729 22.25 37.08 -3.79
C VAL C 729 22.33 35.74 -3.07
N SER C 730 21.51 35.48 -2.06
CA SER C 730 21.58 34.21 -1.34
C SER C 730 20.26 33.98 -0.63
N MET C 731 20.05 32.74 -0.21
CA MET C 731 18.87 32.32 0.53
C MET C 731 19.32 31.54 1.76
N THR C 732 18.36 31.20 2.62
CA THR C 732 18.70 30.59 3.90
C THR C 732 19.17 29.16 3.71
N LYS C 733 20.00 28.70 4.64
CA LYS C 733 20.54 27.35 4.62
C LYS C 733 19.81 26.48 5.63
N THR C 734 19.45 25.26 5.22
CA THR C 734 18.69 24.36 6.06
C THR C 734 19.21 22.94 5.88
N SER C 735 18.95 22.11 6.88
CA SER C 735 19.36 20.71 6.86
C SER C 735 18.28 19.87 7.51
N VAL C 736 17.97 18.73 6.91
CA VAL C 736 16.93 17.83 7.37
C VAL C 736 17.49 16.41 7.45
N ASP C 737 17.07 15.69 8.49
CA ASP C 737 17.44 14.29 8.67
C ASP C 737 16.18 13.45 8.73
N CYS C 738 16.14 12.37 7.96
CA CYS C 738 14.93 11.54 7.90
C CYS C 738 14.68 10.80 9.21
N THR C 739 15.75 10.35 9.86
CA THR C 739 15.59 9.52 11.05
C THR C 739 14.82 10.24 12.15
N MET C 740 14.78 11.57 12.13
CA MET C 740 13.94 12.34 13.03
C MET C 740 12.68 12.88 12.37
N TYR C 741 12.67 13.07 11.06
CA TYR C 741 11.50 13.63 10.39
C TYR C 741 10.43 12.56 10.14
N ILE C 742 10.83 11.40 9.64
CA ILE C 742 9.86 10.39 9.25
C ILE C 742 9.11 9.86 10.47
N CYS C 743 9.83 9.21 11.38
CA CYS C 743 9.24 8.76 12.63
C CYS C 743 9.87 9.40 13.85
N GLY C 744 11.18 9.27 14.03
CA GLY C 744 11.82 9.88 15.18
C GLY C 744 11.63 9.10 16.46
N ASP C 745 12.71 8.92 17.22
CA ASP C 745 12.72 8.24 18.52
C ASP C 745 11.90 6.96 18.54
N SER C 746 11.88 6.24 17.41
CA SER C 746 11.17 4.98 17.29
C SER C 746 12.10 3.94 16.69
N THR C 747 12.07 2.72 17.25
CA THR C 747 12.98 1.67 16.82
C THR C 747 12.39 0.79 15.74
N GLU C 748 11.10 0.48 15.83
CA GLU C 748 10.46 -0.36 14.83
C GLU C 748 10.49 0.32 13.45
N CYS C 749 10.18 1.61 13.41
CA CYS C 749 10.28 2.36 12.16
C CYS C 749 11.70 2.39 11.63
N SER C 750 12.67 2.65 12.51
CA SER C 750 14.06 2.72 12.07
C SER C 750 14.53 1.40 11.49
N ASN C 751 14.13 0.28 12.11
CA ASN C 751 14.43 -1.02 11.53
C ASN C 751 13.74 -1.18 10.18
N LEU C 752 12.46 -0.80 10.10
CA LEU C 752 11.72 -0.91 8.85
C LEU C 752 12.30 0.03 7.79
N LEU C 753 12.68 1.24 8.18
CA LEU C 753 13.20 2.22 7.23
C LEU C 753 14.50 1.79 6.58
N LEU C 754 15.26 0.90 7.22
CA LEU C 754 16.53 0.44 6.67
C LEU C 754 16.36 -0.40 5.41
N GLN C 755 15.14 -0.83 5.09
CA GLN C 755 14.92 -1.69 3.93
C GLN C 755 14.77 -0.92 2.63
N TYR C 756 14.70 0.41 2.68
CA TYR C 756 14.57 1.22 1.49
C TYR C 756 15.92 1.55 0.84
N GLY C 757 17.01 1.10 1.43
CA GLY C 757 18.33 1.27 0.83
C GLY C 757 18.97 2.60 1.25
N SER C 758 19.42 3.36 0.28
CA SER C 758 20.13 4.61 0.55
C SER C 758 19.30 5.80 0.07
N PHE C 759 17.99 5.76 0.31
CA PHE C 759 17.11 6.81 -0.14
C PHE C 759 17.27 8.09 0.67
N CYS C 760 18.00 8.05 1.79
CA CYS C 760 18.20 9.20 2.64
C CYS C 760 19.65 9.61 2.81
N THR C 761 20.60 8.87 2.23
CA THR C 761 21.96 9.35 2.19
C THR C 761 22.19 10.32 1.02
N GLN C 762 21.26 10.34 0.07
CA GLN C 762 21.33 11.22 -1.09
C GLN C 762 20.49 12.49 -0.92
N LEU C 763 19.84 12.68 0.22
CA LEU C 763 19.11 13.91 0.49
C LEU C 763 19.97 14.91 1.25
N ASN C 764 20.68 14.44 2.28
CA ASN C 764 21.64 15.29 2.97
C ASN C 764 22.72 15.78 2.02
N ARG C 765 23.10 14.95 1.05
CA ARG C 765 24.11 15.36 0.08
C ARG C 765 23.64 16.56 -0.73
N ALA C 766 22.40 16.49 -1.23
CA ALA C 766 21.85 17.60 -2.01
C ALA C 766 21.69 18.86 -1.15
N LEU C 767 21.22 18.69 0.08
CA LEU C 767 21.01 19.85 0.95
C LEU C 767 22.35 20.52 1.28
N THR C 768 23.39 19.74 1.55
CA THR C 768 24.70 20.34 1.81
C THR C 768 25.29 20.96 0.54
N GLY C 769 24.98 20.40 -0.63
CA GLY C 769 25.42 21.02 -1.87
C GLY C 769 24.79 22.39 -2.06
N ILE C 770 23.52 22.53 -1.69
CA ILE C 770 22.88 23.85 -1.73
C ILE C 770 23.50 24.78 -0.68
N ALA C 771 23.75 24.26 0.51
CA ALA C 771 24.26 25.09 1.60
C ALA C 771 25.64 25.67 1.28
N VAL C 772 26.52 24.87 0.67
CA VAL C 772 27.84 25.39 0.33
C VAL C 772 27.75 26.44 -0.77
N GLU C 773 26.86 26.24 -1.74
CA GLU C 773 26.69 27.21 -2.81
C GLU C 773 26.20 28.55 -2.27
N GLN C 774 25.30 28.51 -1.27
CA GLN C 774 24.82 29.76 -0.68
C GLN C 774 25.95 30.53 -0.01
N ASP C 775 26.96 29.83 0.53
CA ASP C 775 28.10 30.54 1.08
C ASP C 775 29.05 31.04 0.00
N LYS C 776 29.15 30.30 -1.12
CA LYS C 776 30.02 30.73 -2.21
C LYS C 776 29.48 31.99 -2.90
N ASN C 777 28.16 32.14 -2.96
CA ASN C 777 27.56 33.28 -3.67
C ASN C 777 28.00 34.60 -3.08
N THR C 778 27.88 34.75 -1.75
CA THR C 778 28.22 36.01 -1.11
C THR C 778 29.69 36.34 -1.26
N GLN C 779 30.56 35.33 -1.16
CA GLN C 779 31.99 35.57 -1.31
C GLN C 779 32.33 35.96 -2.74
N GLU C 780 31.64 35.40 -3.73
CA GLU C 780 31.91 35.81 -5.10
C GLU C 780 31.33 37.18 -5.42
N VAL C 781 30.31 37.62 -4.68
CA VAL C 781 29.72 38.93 -4.97
C VAL C 781 30.45 40.05 -4.25
N PHE C 782 30.69 39.93 -2.95
CA PHE C 782 31.19 41.05 -2.16
C PHE C 782 32.71 41.09 -2.08
N ALA C 783 33.37 39.94 -1.95
CA ALA C 783 34.82 39.89 -1.80
C ALA C 783 35.49 40.16 -3.15
N GLN C 784 35.47 41.44 -3.54
CA GLN C 784 36.12 41.89 -4.76
C GLN C 784 37.37 42.73 -4.50
N VAL C 785 37.65 43.07 -3.25
CA VAL C 785 38.78 43.90 -2.89
C VAL C 785 39.68 43.14 -1.93
N LYS C 786 40.99 43.25 -2.14
CA LYS C 786 41.94 42.54 -1.28
C LYS C 786 42.14 43.28 0.04
N GLN C 787 42.33 44.59 -0.01
CA GLN C 787 42.61 45.39 1.17
C GLN C 787 41.36 46.13 1.63
N ILE C 788 41.45 46.71 2.82
CA ILE C 788 40.36 47.48 3.42
C ILE C 788 40.78 48.94 3.39
N TYR C 789 40.16 49.73 2.52
CA TYR C 789 40.48 51.13 2.39
C TYR C 789 39.66 51.95 3.38
N LYS C 790 40.20 53.10 3.77
CA LYS C 790 39.57 53.98 4.74
C LYS C 790 39.43 55.38 4.15
N THR C 791 38.28 56.01 4.40
CA THR C 791 38.03 57.37 3.96
C THR C 791 38.79 58.36 4.85
N PRO C 792 39.25 59.49 4.28
CA PRO C 792 40.01 60.44 5.08
C PRO C 792 39.14 61.05 6.17
N PRO C 793 39.72 61.43 7.30
CA PRO C 793 38.92 62.05 8.38
C PRO C 793 38.27 63.36 7.98
N ILE C 794 38.87 64.13 7.08
CA ILE C 794 38.31 65.40 6.62
C ILE C 794 37.64 65.16 5.28
N LYS C 795 36.35 65.48 5.21
CA LYS C 795 35.53 65.23 4.02
C LYS C 795 35.42 66.53 3.23
N ASP C 796 36.32 66.71 2.26
CA ASP C 796 36.31 67.86 1.35
C ASP C 796 36.41 67.32 -0.08
N PHE C 797 35.26 67.02 -0.66
CA PHE C 797 35.19 66.42 -2.00
C PHE C 797 34.69 67.41 -3.05
N GLY C 798 34.98 68.69 -2.86
CA GLY C 798 34.62 69.69 -3.85
C GLY C 798 33.17 70.12 -3.83
N GLY C 799 32.45 69.86 -2.73
CA GLY C 799 31.05 70.23 -2.61
C GLY C 799 30.11 69.04 -2.59
N PHE C 800 30.57 67.86 -2.96
CA PHE C 800 29.71 66.67 -2.98
C PHE C 800 29.60 66.16 -1.54
N ASN C 801 28.41 65.74 -1.13
CA ASN C 801 28.15 65.33 0.28
C ASN C 801 27.64 63.89 0.27
N PHE C 802 28.53 62.97 0.63
CA PHE C 802 28.25 61.53 0.68
C PHE C 802 28.02 61.15 2.13
N SER C 803 27.32 61.98 2.90
CA SER C 803 26.98 61.65 4.27
C SER C 803 25.93 60.55 4.35
N GLN C 804 25.13 60.39 3.30
CA GLN C 804 24.03 59.43 3.33
C GLN C 804 24.43 58.04 2.86
N ILE C 805 25.68 57.83 2.45
CA ILE C 805 26.12 56.51 2.03
C ILE C 805 27.34 56.08 2.83
N LEU C 806 28.10 57.04 3.34
CA LEU C 806 29.26 56.72 4.14
C LEU C 806 28.83 56.23 5.53
N PRO C 807 29.56 55.27 6.10
CA PRO C 807 29.15 54.69 7.38
C PRO C 807 29.15 55.73 8.49
N ASP C 808 28.19 55.60 9.40
CA ASP C 808 28.07 56.47 10.56
C ASP C 808 28.73 55.81 11.75
N PRO C 809 29.75 56.40 12.36
CA PRO C 809 30.42 55.78 13.51
C PRO C 809 29.75 56.04 14.85
N SER C 810 28.79 56.96 14.93
CA SER C 810 28.08 57.19 16.18
C SER C 810 27.26 55.97 16.58
N LYS C 811 26.56 55.35 15.63
CA LYS C 811 25.78 54.17 15.95
C LYS C 811 26.69 52.97 16.17
N PRO C 812 26.36 52.08 17.12
CA PRO C 812 27.21 50.90 17.34
C PRO C 812 27.27 49.97 16.15
N SER C 813 26.24 49.93 15.31
CA SER C 813 26.21 49.00 14.19
C SER C 813 27.14 49.41 13.04
N LYS C 814 27.54 50.67 12.98
CA LYS C 814 28.42 51.19 11.93
C LYS C 814 27.82 50.96 10.55
N ARG C 815 26.69 51.61 10.31
CA ARG C 815 25.98 51.50 9.04
C ARG C 815 25.58 52.89 8.56
N SER C 816 25.45 53.03 7.24
CA SER C 816 24.98 54.26 6.66
C SER C 816 23.48 54.42 6.92
N PRO C 817 22.96 55.65 6.84
CA PRO C 817 21.51 55.83 7.01
C PRO C 817 20.67 55.02 6.04
N ILE C 818 21.11 54.90 4.79
CA ILE C 818 20.33 54.13 3.81
C ILE C 818 20.35 52.65 4.16
N GLU C 819 21.52 52.13 4.58
CA GLU C 819 21.59 50.74 4.98
C GLU C 819 20.71 50.48 6.20
N ASP C 820 20.71 51.41 7.17
CA ASP C 820 19.86 51.26 8.34
C ASP C 820 18.38 51.25 7.96
N LEU C 821 17.98 52.15 7.06
CA LEU C 821 16.60 52.18 6.61
C LEU C 821 16.21 50.88 5.91
N LEU C 822 17.11 50.36 5.06
CA LEU C 822 16.83 49.12 4.36
C LEU C 822 16.72 47.95 5.33
N PHE C 823 17.60 47.89 6.33
CA PHE C 823 17.56 46.79 7.28
C PHE C 823 16.32 46.85 8.15
N ASN C 824 15.95 48.04 8.63
CA ASN C 824 14.77 48.16 9.47
C ASN C 824 13.47 47.96 8.69
N LYS C 825 13.47 48.28 7.39
CA LYS C 825 12.25 48.15 6.62
C LYS C 825 11.87 46.70 6.38
N VAL C 826 12.87 45.84 6.10
CA VAL C 826 12.63 44.42 5.85
C VAL C 826 12.44 43.74 7.20
N THR C 827 11.22 43.31 7.48
CA THR C 827 10.87 42.71 8.76
C THR C 827 10.60 41.22 8.57
N LEU C 828 11.01 40.43 9.57
CA LEU C 828 10.84 38.98 9.57
C LEU C 828 11.48 38.33 8.35
N ALA C 852 13.21 32.48 12.98
CA ALA C 852 13.88 31.21 12.73
C ALA C 852 13.92 30.36 13.98
N GLN C 853 13.29 29.18 13.92
CA GLN C 853 13.27 28.25 15.04
C GLN C 853 13.57 26.85 14.53
N LYS C 854 14.16 26.04 15.40
CA LYS C 854 14.59 24.69 15.06
C LYS C 854 13.78 23.68 15.86
N PHE C 855 13.17 22.72 15.17
CA PHE C 855 12.29 21.74 15.79
C PHE C 855 12.02 20.62 14.82
N ASN C 856 11.70 19.44 15.37
CA ASN C 856 11.17 18.32 14.59
C ASN C 856 12.17 17.86 13.52
N GLY C 857 13.45 17.91 13.86
CA GLY C 857 14.49 17.45 12.96
C GLY C 857 14.87 18.41 11.86
N LEU C 858 14.49 19.68 11.97
CA LEU C 858 14.83 20.70 10.99
C LEU C 858 15.70 21.75 11.65
N THR C 859 16.82 22.08 11.02
CA THR C 859 17.78 23.02 11.56
C THR C 859 18.15 24.05 10.52
N VAL C 860 18.53 25.24 10.98
CA VAL C 860 18.97 26.34 10.12
C VAL C 860 20.39 26.71 10.52
N LEU C 861 21.32 26.54 9.60
CA LEU C 861 22.71 26.86 9.86
C LEU C 861 22.95 28.38 9.74
N PRO C 862 23.87 28.92 10.52
CA PRO C 862 24.10 30.36 10.49
C PRO C 862 24.86 30.77 9.25
N PRO C 863 24.66 31.99 8.77
CA PRO C 863 25.42 32.46 7.60
C PRO C 863 26.90 32.56 7.92
N LEU C 864 27.72 32.30 6.90
CA LEU C 864 29.16 32.20 7.11
C LEU C 864 29.78 33.58 7.31
N LEU C 865 29.27 34.59 6.61
CA LEU C 865 29.70 35.97 6.80
C LEU C 865 28.62 36.71 7.57
N THR C 866 29.00 37.28 8.73
CA THR C 866 28.05 38.01 9.55
C THR C 866 27.63 39.30 8.84
N ASP C 867 26.57 39.91 9.37
CA ASP C 867 26.08 41.17 8.82
C ASP C 867 26.98 42.36 9.14
N GLU C 868 27.97 42.19 10.01
CA GLU C 868 28.93 43.24 10.31
C GLU C 868 30.20 43.15 9.47
N MET C 869 30.29 42.17 8.57
CA MET C 869 31.40 42.08 7.63
C MET C 869 31.02 42.45 6.21
N ILE C 870 29.77 42.20 5.81
CA ILE C 870 29.28 42.72 4.54
C ILE C 870 29.33 44.24 4.54
N ALA C 871 28.96 44.85 5.66
CA ALA C 871 29.03 46.31 5.77
C ALA C 871 30.46 46.79 5.64
N GLN C 872 31.41 46.07 6.23
CA GLN C 872 32.81 46.46 6.11
C GLN C 872 33.29 46.34 4.66
N TYR C 873 32.87 45.28 3.97
CA TYR C 873 33.25 45.12 2.56
C TYR C 873 32.71 46.26 1.71
N THR C 874 31.42 46.61 1.89
CA THR C 874 30.85 47.69 1.10
C THR C 874 31.46 49.04 1.46
N SER C 875 31.78 49.26 2.73
CA SER C 875 32.46 50.50 3.11
C SER C 875 33.83 50.59 2.47
N ALA C 876 34.56 49.48 2.41
CA ALA C 876 35.86 49.47 1.73
C ALA C 876 35.70 49.78 0.25
N LEU C 877 34.68 49.20 -0.39
CA LEU C 877 34.45 49.49 -1.81
C LEU C 877 34.14 50.96 -2.03
N LEU C 878 33.29 51.55 -1.19
CA LEU C 878 32.95 52.96 -1.33
C LEU C 878 34.15 53.86 -1.10
N ALA C 879 34.92 53.60 -0.04
CA ALA C 879 36.08 54.42 0.27
C ALA C 879 37.19 54.26 -0.76
N GLY C 880 37.23 53.12 -1.46
CA GLY C 880 38.19 52.97 -2.53
C GLY C 880 37.76 53.60 -3.84
N THR C 881 36.45 53.60 -4.11
CA THR C 881 35.96 54.19 -5.34
C THR C 881 35.78 55.69 -5.25
N ILE C 882 35.78 56.26 -4.05
CA ILE C 882 35.67 57.71 -3.90
C ILE C 882 37.04 58.38 -3.97
N THR C 883 38.03 57.84 -3.25
CA THR C 883 39.33 58.46 -3.13
C THR C 883 40.34 57.99 -4.18
N SER C 884 40.00 57.00 -5.01
CA SER C 884 40.98 56.49 -5.96
C SER C 884 40.41 56.20 -7.34
N GLY C 885 39.15 56.52 -7.62
CA GLY C 885 38.61 56.28 -8.94
C GLY C 885 38.37 54.80 -9.23
N TRP C 886 38.56 54.42 -10.48
CA TRP C 886 38.42 53.04 -10.92
C TRP C 886 39.73 52.29 -10.91
N THR C 887 40.81 52.91 -10.43
CA THR C 887 42.14 52.33 -10.53
C THR C 887 42.45 51.34 -9.43
N PHE C 888 41.59 51.20 -8.42
CA PHE C 888 41.85 50.24 -7.36
C PHE C 888 41.38 48.83 -7.68
N GLY C 889 40.59 48.67 -8.74
CA GLY C 889 40.17 47.36 -9.20
C GLY C 889 40.99 46.77 -10.32
N ALA C 890 42.11 47.41 -10.68
CA ALA C 890 42.95 46.95 -11.77
C ALA C 890 44.43 47.02 -11.41
N GLY C 891 44.76 46.92 -10.13
CA GLY C 891 46.12 47.03 -9.67
C GLY C 891 46.23 47.79 -8.38
N PRO C 892 47.36 48.46 -8.17
CA PRO C 892 47.51 49.31 -6.98
C PRO C 892 46.59 50.52 -7.05
N ALA C 893 46.19 51.00 -5.88
CA ALA C 893 45.29 52.14 -5.80
C ALA C 893 46.09 53.44 -5.90
N LEU C 894 45.67 54.32 -6.81
CA LEU C 894 46.31 55.61 -7.02
C LEU C 894 45.29 56.70 -6.73
N GLN C 895 45.65 57.65 -5.87
CA GLN C 895 44.72 58.70 -5.46
C GLN C 895 44.56 59.73 -6.57
N ILE C 896 43.43 60.43 -6.53
CA ILE C 896 43.09 61.46 -7.52
C ILE C 896 41.96 62.32 -6.95
N PRO C 897 42.02 63.64 -7.09
CA PRO C 897 40.93 64.48 -6.56
C PRO C 897 39.60 64.15 -7.21
N PHE C 898 38.53 64.25 -6.41
CA PHE C 898 37.21 63.83 -6.88
C PHE C 898 36.69 64.65 -8.05
N PRO C 899 36.75 65.99 -8.04
CA PRO C 899 36.33 66.72 -9.25
C PRO C 899 37.11 66.34 -10.49
N MET C 900 38.41 66.06 -10.36
CA MET C 900 39.19 65.60 -11.48
C MET C 900 38.85 64.17 -11.90
N GLN C 901 38.18 63.41 -11.04
CA GLN C 901 37.68 62.09 -11.41
C GLN C 901 36.33 62.18 -12.11
N MET C 902 35.47 63.10 -11.66
CA MET C 902 34.23 63.34 -12.40
C MET C 902 34.50 63.95 -13.76
N ALA C 903 35.58 64.73 -13.89
CA ALA C 903 35.97 65.23 -15.20
C ALA C 903 36.37 64.10 -16.13
N TYR C 904 37.08 63.10 -15.60
CA TYR C 904 37.42 61.92 -16.41
C TYR C 904 36.17 61.14 -16.79
N ARG C 905 35.23 61.03 -15.85
CA ARG C 905 34.01 60.26 -16.12
C ARG C 905 33.07 60.98 -17.09
N PHE C 906 33.16 62.30 -17.16
CA PHE C 906 32.38 63.04 -18.15
C PHE C 906 32.90 62.80 -19.56
N ASN C 907 34.22 62.65 -19.71
CA ASN C 907 34.80 62.38 -21.02
C ASN C 907 34.39 61.01 -21.58
N GLY C 908 33.96 60.10 -20.73
CA GLY C 908 33.55 58.78 -21.19
C GLY C 908 32.21 58.73 -21.87
N ILE C 909 31.37 59.75 -21.68
CA ILE C 909 30.05 59.81 -22.30
C ILE C 909 30.03 60.80 -23.46
N GLY C 910 31.17 61.34 -23.85
CA GLY C 910 31.26 62.19 -25.02
C GLY C 910 31.13 63.66 -24.77
N VAL C 911 31.24 64.11 -23.52
CA VAL C 911 31.16 65.53 -23.17
C VAL C 911 32.54 65.98 -22.71
N THR C 912 33.00 67.12 -23.22
CA THR C 912 34.33 67.60 -22.89
C THR C 912 34.40 67.97 -21.40
N GLN C 913 35.62 67.91 -20.86
CA GLN C 913 35.84 68.12 -19.44
C GLN C 913 35.75 69.59 -19.03
N ASN C 914 35.67 70.51 -19.98
CA ASN C 914 35.56 71.92 -19.66
C ASN C 914 34.16 72.34 -19.28
N VAL C 915 33.17 71.46 -19.40
CA VAL C 915 31.80 71.78 -19.03
C VAL C 915 31.46 71.35 -17.61
N LEU C 916 32.35 70.62 -16.93
CA LEU C 916 32.16 70.30 -15.52
C LEU C 916 32.73 71.39 -14.62
N TYR C 917 33.95 71.83 -14.90
CA TYR C 917 34.58 72.86 -14.07
C TYR C 917 33.81 74.17 -14.13
N GLU C 918 33.16 74.46 -15.26
CA GLU C 918 32.37 75.67 -15.35
C GLU C 918 31.05 75.55 -14.59
N ASN C 919 30.49 74.35 -14.51
CA ASN C 919 29.22 74.09 -13.84
C ASN C 919 29.39 73.14 -12.67
N GLN C 920 30.44 73.34 -11.87
CA GLN C 920 30.73 72.41 -10.79
C GLN C 920 29.72 72.55 -9.65
N LYS C 921 29.41 73.78 -9.26
CA LYS C 921 28.50 74.00 -8.13
C LYS C 921 27.11 73.48 -8.44
N LEU C 922 26.61 73.74 -9.65
CA LEU C 922 25.28 73.25 -10.02
C LEU C 922 25.22 71.74 -10.04
N ILE C 923 26.26 71.09 -10.56
CA ILE C 923 26.29 69.63 -10.60
C ILE C 923 26.36 69.06 -9.19
N ALA C 924 27.16 69.67 -8.31
CA ALA C 924 27.23 69.20 -6.93
C ALA C 924 25.88 69.35 -6.23
N ASN C 925 25.20 70.46 -6.45
CA ASN C 925 23.89 70.66 -5.85
C ASN C 925 22.87 69.66 -6.36
N GLN C 926 22.90 69.38 -7.67
CA GLN C 926 21.99 68.38 -8.24
C GLN C 926 22.25 67.01 -7.65
N PHE C 927 23.53 66.63 -7.53
CA PHE C 927 23.86 65.33 -6.93
C PHE C 927 23.39 65.25 -5.49
N ASN C 928 23.60 66.32 -4.71
CA ASN C 928 23.17 66.30 -3.32
C ASN C 928 21.65 66.19 -3.21
N SER C 929 20.91 66.93 -4.04
CA SER C 929 19.46 66.83 -3.99
C SER C 929 18.98 65.45 -4.41
N ALA C 930 19.60 64.87 -5.44
CA ALA C 930 19.19 63.54 -5.89
C ALA C 930 19.47 62.48 -4.84
N ILE C 931 20.61 62.59 -4.14
CA ILE C 931 20.90 61.61 -3.10
C ILE C 931 20.09 61.89 -1.84
N GLY C 932 19.53 63.09 -1.70
CA GLY C 932 18.59 63.34 -0.62
C GLY C 932 17.23 62.74 -0.91
N LYS C 933 16.80 62.78 -2.17
CA LYS C 933 15.48 62.27 -2.55
C LYS C 933 15.36 60.76 -2.37
N ILE C 934 16.47 60.02 -2.40
CA ILE C 934 16.40 58.57 -2.50
C ILE C 934 15.90 57.95 -1.19
N GLN C 935 16.32 58.51 -0.04
CA GLN C 935 15.83 58.01 1.23
C GLN C 935 14.32 58.19 1.35
N ASP C 936 13.82 59.36 0.94
CA ASP C 936 12.38 59.60 0.96
C ASP C 936 11.66 58.65 0.03
N SER C 937 12.22 58.41 -1.16
CA SER C 937 11.58 57.48 -2.10
C SER C 937 11.52 56.06 -1.53
N LEU C 938 12.59 55.61 -0.88
CA LEU C 938 12.60 54.29 -0.29
C LEU C 938 11.62 54.17 0.87
N SER C 939 11.58 55.20 1.73
CA SER C 939 10.77 55.09 2.95
C SER C 939 9.29 55.29 2.67
N SER C 940 8.93 56.40 2.01
CA SER C 940 7.51 56.71 1.81
C SER C 940 6.82 55.67 0.93
N THR C 941 7.46 55.24 -0.14
CA THR C 941 6.86 54.26 -1.02
C THR C 941 7.03 52.86 -0.43
N PRO C 942 5.96 52.13 -0.19
CA PRO C 942 6.08 50.76 0.31
C PRO C 942 6.25 49.75 -0.81
N SER C 943 6.62 48.52 -0.41
CA SER C 943 6.84 47.41 -1.34
C SER C 943 7.93 47.72 -2.35
N ALA C 944 8.94 48.51 -1.95
CA ALA C 944 10.09 48.74 -2.81
C ALA C 944 11.04 47.55 -2.83
N LEU C 945 11.09 46.79 -1.74
CA LEU C 945 11.97 45.63 -1.62
C LEU C 945 11.18 44.32 -1.74
N GLY C 946 10.19 44.28 -2.64
CA GLY C 946 9.42 43.07 -2.82
C GLY C 946 10.25 41.90 -3.30
N LYS C 947 11.27 42.18 -4.12
CA LYS C 947 12.11 41.10 -4.64
C LYS C 947 12.86 40.39 -3.52
N LEU C 948 13.33 41.15 -2.53
CA LEU C 948 14.06 40.54 -1.42
C LEU C 948 13.14 39.79 -0.47
N GLN C 949 11.87 40.18 -0.41
CA GLN C 949 10.92 39.55 0.52
C GLN C 949 10.23 38.33 -0.08
N ASP C 950 10.11 38.27 -1.40
CA ASP C 950 9.45 37.13 -2.04
C ASP C 950 10.19 35.83 -1.76
N VAL C 951 11.52 35.85 -1.80
CA VAL C 951 12.28 34.63 -1.56
C VAL C 951 12.11 34.16 -0.12
N VAL C 952 12.10 35.10 0.83
CA VAL C 952 11.88 34.74 2.23
C VAL C 952 10.50 34.13 2.42
N ASN C 953 9.49 34.74 1.79
CA ASN C 953 8.12 34.22 1.91
C ASN C 953 8.02 32.83 1.30
N GLN C 954 8.65 32.61 0.14
CA GLN C 954 8.60 31.30 -0.49
C GLN C 954 9.29 30.24 0.35
N ASN C 955 10.46 30.55 0.92
CA ASN C 955 11.15 29.59 1.77
C ASN C 955 10.31 29.25 3.00
N ALA C 956 9.71 30.27 3.62
CA ALA C 956 8.87 30.03 4.80
C ALA C 956 7.66 29.18 4.44
N GLN C 957 7.02 29.46 3.31
CA GLN C 957 5.86 28.68 2.90
C GLN C 957 6.24 27.23 2.64
N ALA C 958 7.37 26.99 1.97
CA ALA C 958 7.79 25.62 1.71
C ALA C 958 8.07 24.87 3.00
N LEU C 959 8.79 25.51 3.93
CA LEU C 959 9.09 24.83 5.18
C LEU C 959 7.82 24.55 5.99
N ASN C 960 6.90 25.52 6.03
CA ASN C 960 5.67 25.32 6.78
C ASN C 960 4.82 24.22 6.18
N THR C 961 4.77 24.14 4.84
CA THR C 961 4.07 23.04 4.20
C THR C 961 4.72 21.70 4.54
N LEU C 962 6.05 21.66 4.56
CA LEU C 962 6.74 20.42 4.92
C LEU C 962 6.39 19.99 6.34
N VAL C 963 6.38 20.93 7.28
CA VAL C 963 6.07 20.57 8.67
C VAL C 963 4.63 20.11 8.81
N LYS C 964 3.71 20.82 8.14
CA LYS C 964 2.28 20.50 8.28
C LYS C 964 1.94 19.12 7.72
N GLN C 965 2.74 18.62 6.79
CA GLN C 965 2.48 17.31 6.18
C GLN C 965 2.71 16.15 7.14
N LEU C 966 3.03 16.41 8.41
CA LEU C 966 3.20 15.35 9.40
C LEU C 966 1.92 14.98 10.12
N SER C 967 0.82 15.71 9.86
CA SER C 967 -0.46 15.41 10.47
C SER C 967 -1.36 14.56 9.59
N SER C 968 -0.89 14.17 8.40
CA SER C 968 -1.68 13.34 7.50
C SER C 968 -1.38 11.87 7.74
N ASN C 969 -2.37 11.02 7.42
CA ASN C 969 -2.26 9.59 7.65
C ASN C 969 -2.07 8.79 6.37
N PHE C 970 -2.38 9.36 5.21
CA PHE C 970 -2.22 8.70 3.92
C PHE C 970 -2.99 7.37 3.85
N GLY C 971 -4.12 7.30 4.53
CA GLY C 971 -4.94 6.12 4.56
C GLY C 971 -4.83 5.28 5.82
N ALA C 972 -3.81 5.52 6.64
CA ALA C 972 -3.67 4.79 7.89
C ALA C 972 -4.73 5.25 8.89
N ILE C 973 -4.94 4.41 9.92
CA ILE C 973 -5.97 4.71 10.91
C ILE C 973 -5.61 5.89 11.79
N SER C 974 -4.34 6.26 11.85
CA SER C 974 -3.90 7.38 12.68
C SER C 974 -2.62 7.96 12.10
N SER C 975 -2.34 9.20 12.46
CA SER C 975 -1.14 9.88 12.00
C SER C 975 0.04 9.66 12.92
N VAL C 976 -0.17 9.81 14.24
CA VAL C 976 0.92 9.61 15.20
C VAL C 976 1.24 8.14 15.31
N LEU C 977 2.54 7.83 15.39
CA LEU C 977 2.98 6.44 15.41
C LEU C 977 2.69 5.75 16.74
N ASN C 978 2.66 6.51 17.84
CA ASN C 978 2.52 5.91 19.16
C ASN C 978 1.23 5.10 19.27
N ASP C 979 0.10 5.71 18.90
CA ASP C 979 -1.17 5.00 18.98
C ASP C 979 -1.22 3.84 18.01
N ILE C 980 -0.64 3.99 16.82
CA ILE C 980 -0.65 2.90 15.85
C ILE C 980 0.07 1.68 16.41
N LEU C 981 1.24 1.90 17.01
CA LEU C 981 1.95 0.79 17.64
C LEU C 981 1.25 0.30 18.90
N SER C 982 0.47 1.15 19.57
CA SER C 982 -0.17 0.76 20.82
C SER C 982 -1.38 -0.14 20.58
N ARG C 983 -2.38 0.36 19.85
CA ARG C 983 -3.66 -0.33 19.72
C ARG C 983 -3.66 -1.43 18.67
N LEU C 984 -2.56 -1.61 17.93
CA LEU C 984 -2.50 -2.59 16.87
C LEU C 984 -1.34 -3.56 17.11
N ASP C 985 -1.55 -4.82 16.74
CA ASP C 985 -0.51 -5.83 16.83
C ASP C 985 0.55 -5.60 15.75
N PRO C 986 1.78 -6.01 15.99
CA PRO C 986 2.86 -5.79 15.00
C PRO C 986 2.54 -6.35 13.63
N PRO C 987 1.99 -7.58 13.51
CA PRO C 987 1.71 -8.09 12.15
C PRO C 987 0.76 -7.21 11.35
N GLU C 988 -0.20 -6.56 12.02
CA GLU C 988 -1.08 -5.61 11.35
C GLU C 988 -0.54 -4.18 11.42
N ALA C 989 0.62 -3.98 12.02
CA ALA C 989 1.24 -2.65 12.08
C ALA C 989 2.32 -2.44 11.04
N GLU C 990 2.95 -3.53 10.57
CA GLU C 990 3.99 -3.39 9.56
C GLU C 990 3.45 -2.91 8.22
N VAL C 991 2.13 -2.90 8.03
CA VAL C 991 1.54 -2.35 6.81
C VAL C 991 1.26 -0.86 6.96
N GLN C 992 0.63 -0.48 8.08
CA GLN C 992 0.34 0.93 8.32
C GLN C 992 1.63 1.75 8.43
N ILE C 993 2.63 1.22 9.14
CA ILE C 993 3.89 1.95 9.28
C ILE C 993 4.57 2.10 7.92
N ASP C 994 4.51 1.05 7.10
CA ASP C 994 5.12 1.13 5.77
C ASP C 994 4.41 2.16 4.90
N ARG C 995 3.09 2.22 4.96
CA ARG C 995 2.34 3.21 4.20
C ARG C 995 2.70 4.63 4.65
N LEU C 996 2.80 4.84 5.96
CA LEU C 996 3.18 6.16 6.47
C LEU C 996 4.59 6.54 6.04
N ILE C 997 5.51 5.57 6.05
CA ILE C 997 6.88 5.82 5.64
C ILE C 997 6.93 6.22 4.17
N THR C 998 6.17 5.51 3.33
CA THR C 998 6.12 5.84 1.91
C THR C 998 5.59 7.26 1.71
N GLY C 999 4.52 7.61 2.42
CA GLY C 999 3.96 8.95 2.28
C GLY C 999 4.94 10.03 2.69
N ARG C 1000 5.63 9.83 3.81
CA ARG C 1000 6.54 10.86 4.31
C ARG C 1000 7.77 10.99 3.42
N LEU C 1001 8.27 9.88 2.88
CA LEU C 1001 9.39 9.96 1.96
C LEU C 1001 9.01 10.70 0.68
N GLN C 1002 7.81 10.41 0.15
CA GLN C 1002 7.34 11.13 -1.02
C GLN C 1002 7.13 12.61 -0.71
N SER C 1003 6.78 12.94 0.53
CA SER C 1003 6.64 14.34 0.89
C SER C 1003 7.98 15.05 1.02
N LEU C 1004 9.03 14.33 1.43
CA LEU C 1004 10.35 14.94 1.54
C LEU C 1004 11.02 15.14 0.19
N GLN C 1005 10.81 14.20 -0.75
CA GLN C 1005 11.49 14.28 -2.04
C GLN C 1005 11.12 15.55 -2.79
N THR C 1006 9.83 15.90 -2.81
CA THR C 1006 9.39 17.08 -3.55
C THR C 1006 9.99 18.35 -2.96
N TYR C 1007 10.04 18.43 -1.63
CA TYR C 1007 10.66 19.59 -0.99
C TYR C 1007 12.11 19.73 -1.41
N VAL C 1008 12.85 18.61 -1.42
CA VAL C 1008 14.25 18.67 -1.82
C VAL C 1008 14.39 19.15 -3.27
N THR C 1009 13.54 18.63 -4.16
CA THR C 1009 13.64 19.01 -5.56
C THR C 1009 13.31 20.49 -5.78
N GLN C 1010 12.27 20.99 -5.11
CA GLN C 1010 11.93 22.40 -5.25
C GLN C 1010 13.03 23.30 -4.69
N GLN C 1011 13.66 22.87 -3.60
CA GLN C 1011 14.79 23.63 -3.08
C GLN C 1011 15.94 23.66 -4.08
N LEU C 1012 16.19 22.54 -4.77
CA LEU C 1012 17.23 22.52 -5.79
C LEU C 1012 16.93 23.52 -6.91
N ILE C 1013 15.67 23.54 -7.37
CA ILE C 1013 15.31 24.46 -8.46
C ILE C 1013 15.44 25.91 -8.01
N ARG C 1014 14.97 26.24 -6.80
CA ARG C 1014 15.08 27.60 -6.32
C ARG C 1014 16.53 28.03 -6.13
N ALA C 1015 17.38 27.12 -5.67
CA ALA C 1015 18.80 27.43 -5.56
C ALA C 1015 19.42 27.70 -6.93
N ALA C 1016 19.01 26.92 -7.93
CA ALA C 1016 19.50 27.15 -9.29
C ALA C 1016 19.08 28.51 -9.81
N GLU C 1017 17.89 28.97 -9.44
CA GLU C 1017 17.45 30.31 -9.83
C GLU C 1017 18.23 31.40 -9.11
N ILE C 1018 18.46 31.22 -7.80
CA ILE C 1018 19.17 32.22 -7.02
C ILE C 1018 20.62 32.35 -7.48
N ARG C 1019 21.25 31.24 -7.89
CA ARG C 1019 22.62 31.32 -8.39
C ARG C 1019 22.69 32.19 -9.65
N ALA C 1020 21.73 32.02 -10.55
CA ALA C 1020 21.69 32.85 -11.75
C ALA C 1020 21.40 34.31 -11.42
N SER C 1021 20.62 34.56 -10.37
CA SER C 1021 20.37 35.93 -9.95
C SER C 1021 21.55 36.56 -9.22
N ALA C 1022 22.46 35.75 -8.68
CA ALA C 1022 23.63 36.28 -7.98
C ALA C 1022 24.84 36.46 -8.91
N ASN C 1023 24.94 35.64 -9.97
CA ASN C 1023 25.99 35.88 -10.96
C ASN C 1023 25.83 37.24 -11.61
N LEU C 1024 24.59 37.64 -11.89
CA LEU C 1024 24.34 38.97 -12.45
C LEU C 1024 24.76 40.07 -11.47
N ALA C 1025 24.50 39.87 -10.18
CA ALA C 1025 24.91 40.86 -9.19
C ALA C 1025 26.43 41.00 -9.14
N ALA C 1026 27.14 39.87 -9.21
CA ALA C 1026 28.60 39.94 -9.24
C ALA C 1026 29.10 40.66 -10.49
N THR C 1027 28.50 40.36 -11.64
CA THR C 1027 28.88 41.03 -12.88
C THR C 1027 28.62 42.54 -12.79
N LYS C 1028 27.46 42.93 -12.27
CA LYS C 1028 27.12 44.34 -12.15
C LYS C 1028 28.09 45.06 -11.20
N MET C 1029 28.41 44.43 -10.07
CA MET C 1029 29.38 45.03 -9.17
C MET C 1029 30.71 45.26 -9.88
N SER C 1030 31.24 44.21 -10.53
CA SER C 1030 32.55 44.31 -11.16
C SER C 1030 32.56 45.36 -12.26
N GLU C 1031 31.53 45.39 -13.09
CA GLU C 1031 31.55 46.21 -14.30
C GLU C 1031 30.89 47.57 -14.14
N CYS C 1032 30.33 47.89 -12.98
CA CYS C 1032 29.74 49.20 -12.76
C CYS C 1032 30.29 49.93 -11.55
N VAL C 1033 30.78 49.22 -10.53
CA VAL C 1033 31.37 49.90 -9.38
C VAL C 1033 32.86 50.11 -9.55
N LEU C 1034 33.56 49.14 -10.14
CA LEU C 1034 35.00 49.23 -10.34
C LEU C 1034 35.37 49.86 -11.69
N GLY C 1035 34.40 50.30 -12.47
CA GLY C 1035 34.67 50.92 -13.75
C GLY C 1035 33.56 51.84 -14.21
N GLN C 1036 33.48 52.08 -15.51
CA GLN C 1036 32.39 52.86 -16.09
C GLN C 1036 31.82 52.07 -17.26
N SER C 1037 30.50 51.85 -17.24
CA SER C 1037 29.85 51.00 -18.21
C SER C 1037 29.52 51.75 -19.49
N LYS C 1038 29.81 51.13 -20.63
CA LYS C 1038 29.49 51.69 -21.93
C LYS C 1038 28.26 51.05 -22.57
N ARG C 1039 27.82 49.90 -22.08
CA ARG C 1039 26.65 49.24 -22.63
C ARG C 1039 25.38 49.92 -22.11
N VAL C 1040 24.47 50.22 -23.03
CA VAL C 1040 23.29 51.00 -22.71
C VAL C 1040 22.30 50.17 -21.90
N ASP C 1041 21.72 50.80 -20.87
CA ASP C 1041 20.68 50.26 -20.00
C ASP C 1041 21.17 49.09 -19.15
N PHE C 1042 22.48 48.87 -19.07
CA PHE C 1042 23.01 47.88 -18.14
C PHE C 1042 22.92 48.39 -16.71
N CYS C 1043 23.30 49.65 -16.49
CA CYS C 1043 23.31 50.27 -15.17
C CYS C 1043 22.57 51.60 -15.26
N GLY C 1044 21.25 51.56 -15.06
CA GLY C 1044 20.45 52.76 -15.02
C GLY C 1044 19.90 53.16 -16.37
N LYS C 1045 19.14 54.26 -16.36
CA LYS C 1045 18.54 54.83 -17.55
C LYS C 1045 19.19 56.18 -17.83
N GLY C 1046 20.04 56.24 -18.86
CA GLY C 1046 20.82 57.41 -19.18
C GLY C 1046 22.25 57.00 -19.49
N TYR C 1047 23.16 57.96 -19.39
CA TYR C 1047 24.58 57.71 -19.58
C TYR C 1047 25.23 57.48 -18.22
N HIS C 1048 25.86 56.32 -18.05
CA HIS C 1048 26.40 55.94 -16.76
C HIS C 1048 27.57 56.84 -16.36
N LEU C 1049 27.58 57.26 -15.10
CA LEU C 1049 28.69 57.99 -14.53
C LEU C 1049 29.40 57.19 -13.43
N MET C 1050 28.66 56.79 -12.40
CA MET C 1050 29.21 55.97 -11.32
C MET C 1050 28.05 55.36 -10.54
N SER C 1051 28.37 54.34 -9.74
CA SER C 1051 27.37 53.73 -8.88
C SER C 1051 28.02 53.33 -7.57
N PHE C 1052 27.19 53.20 -6.54
CA PHE C 1052 27.63 52.86 -5.20
C PHE C 1052 26.85 51.66 -4.69
N PRO C 1053 27.52 50.71 -4.02
CA PRO C 1053 26.81 49.55 -3.48
C PRO C 1053 26.38 49.75 -2.04
N GLN C 1054 25.25 49.12 -1.72
CA GLN C 1054 24.74 49.07 -0.35
C GLN C 1054 24.26 47.67 -0.05
N SER C 1055 24.42 47.25 1.20
CA SER C 1055 23.99 45.92 1.60
C SER C 1055 22.52 45.92 1.99
N ALA C 1056 21.95 44.73 1.99
CA ALA C 1056 20.54 44.51 2.32
C ALA C 1056 20.46 43.23 3.15
N PRO C 1057 19.30 42.92 3.75
CA PRO C 1057 19.24 41.69 4.57
C PRO C 1057 19.66 40.42 3.85
N HIS C 1058 19.28 40.27 2.57
CA HIS C 1058 19.69 39.08 1.83
C HIS C 1058 20.08 39.39 0.39
N GLY C 1059 20.46 40.63 0.09
CA GLY C 1059 20.79 41.03 -1.26
C GLY C 1059 21.72 42.21 -1.27
N VAL C 1060 21.68 42.98 -2.35
CA VAL C 1060 22.55 44.13 -2.53
C VAL C 1060 21.78 45.20 -3.29
N VAL C 1061 22.00 46.46 -2.92
CA VAL C 1061 21.30 47.60 -3.50
C VAL C 1061 22.32 48.51 -4.16
N PHE C 1062 22.10 48.81 -5.44
CA PHE C 1062 22.97 49.69 -6.20
C PHE C 1062 22.29 51.04 -6.40
N LEU C 1063 23.05 52.11 -6.24
CA LEU C 1063 22.58 53.47 -6.51
C LEU C 1063 23.33 53.97 -7.74
N HIS C 1064 22.68 53.88 -8.91
CA HIS C 1064 23.29 54.26 -10.16
C HIS C 1064 23.13 55.76 -10.39
N VAL C 1065 24.23 56.45 -10.61
CA VAL C 1065 24.23 57.87 -10.95
C VAL C 1065 24.39 57.99 -12.45
N THR C 1066 23.46 58.69 -13.10
CA THR C 1066 23.42 58.77 -14.55
C THR C 1066 23.33 60.22 -14.99
N TYR C 1067 23.39 60.42 -16.31
CA TYR C 1067 23.39 61.74 -16.92
C TYR C 1067 22.26 61.79 -17.94
N VAL C 1068 21.33 62.71 -17.75
CA VAL C 1068 20.15 62.83 -18.59
C VAL C 1068 20.14 64.23 -19.21
N PRO C 1069 20.17 64.35 -20.54
CA PRO C 1069 20.10 65.68 -21.15
C PRO C 1069 18.69 66.25 -21.10
N ALA C 1070 18.61 67.56 -21.23
CA ALA C 1070 17.33 68.26 -21.14
C ALA C 1070 17.45 69.61 -21.82
N GLN C 1071 16.29 70.25 -22.04
CA GLN C 1071 16.19 71.58 -22.62
C GLN C 1071 16.83 71.63 -24.01
N GLU C 1072 16.23 70.89 -24.93
CA GLU C 1072 16.74 70.80 -26.29
C GLU C 1072 16.15 71.88 -27.19
N LYS C 1073 16.94 72.28 -28.18
CA LYS C 1073 16.52 73.26 -29.18
C LYS C 1073 16.93 72.73 -30.55
N ASN C 1074 16.23 73.17 -31.59
CA ASN C 1074 16.43 72.63 -32.93
C ASN C 1074 17.10 73.65 -33.83
N PHE C 1075 18.03 73.18 -34.65
CA PHE C 1075 18.79 74.00 -35.60
C PHE C 1075 18.67 73.39 -37.00
N THR C 1076 19.46 73.91 -37.93
CA THR C 1076 19.59 73.35 -39.26
C THR C 1076 21.05 72.99 -39.51
N THR C 1077 21.27 71.86 -40.18
CA THR C 1077 22.59 71.26 -40.27
C THR C 1077 22.96 70.97 -41.71
N ALA C 1078 24.25 70.79 -41.93
CA ALA C 1078 24.82 70.43 -43.22
C ALA C 1078 25.89 69.37 -43.01
N PRO C 1079 26.06 68.45 -43.96
CA PRO C 1079 27.06 67.39 -43.79
C PRO C 1079 28.48 67.87 -44.04
N ALA C 1080 28.66 68.87 -44.89
CA ALA C 1080 29.98 69.33 -45.26
C ALA C 1080 29.92 70.80 -45.63
N ILE C 1081 31.10 71.42 -45.69
CA ILE C 1081 31.25 72.83 -46.02
C ILE C 1081 32.17 72.94 -47.23
N CYS C 1082 31.71 73.61 -48.28
CA CYS C 1082 32.52 73.83 -49.47
C CYS C 1082 33.21 75.18 -49.38
N HIS C 1083 34.52 75.18 -49.61
CA HIS C 1083 35.32 76.41 -49.56
C HIS C 1083 36.51 76.23 -50.48
N ASP C 1084 36.64 77.12 -51.47
CA ASP C 1084 37.77 77.10 -52.41
C ASP C 1084 37.86 75.75 -53.12
N GLY C 1085 36.70 75.20 -53.49
CA GLY C 1085 36.68 73.92 -54.17
C GLY C 1085 37.16 72.75 -53.32
N LYS C 1086 36.90 72.78 -52.02
CA LYS C 1086 37.28 71.70 -51.13
C LYS C 1086 36.15 71.49 -50.13
N ALA C 1087 35.97 70.22 -49.73
CA ALA C 1087 34.92 69.85 -48.78
C ALA C 1087 35.54 69.63 -47.41
N HIS C 1088 34.97 70.29 -46.40
CA HIS C 1088 35.47 70.24 -45.03
C HIS C 1088 34.46 69.53 -44.15
N PHE C 1089 34.92 68.48 -43.45
CA PHE C 1089 34.10 67.74 -42.52
C PHE C 1089 34.54 68.02 -41.08
N PRO C 1090 33.61 68.01 -40.13
CA PRO C 1090 34.00 68.23 -38.74
C PRO C 1090 34.80 67.05 -38.20
N ARG C 1091 35.68 67.34 -37.25
CA ARG C 1091 36.49 66.29 -36.64
C ARG C 1091 35.66 65.47 -35.66
N GLU C 1092 35.13 66.12 -34.62
CA GLU C 1092 34.38 65.44 -33.58
C GLU C 1092 33.15 66.25 -33.20
N GLY C 1093 32.45 66.79 -34.20
CA GLY C 1093 31.27 67.59 -33.93
C GLY C 1093 30.29 67.63 -35.08
N VAL C 1094 29.41 68.64 -35.08
CA VAL C 1094 28.44 68.85 -36.15
C VAL C 1094 28.45 70.32 -36.55
N PHE C 1095 27.95 70.57 -37.75
CA PHE C 1095 27.74 71.92 -38.24
C PHE C 1095 26.29 72.33 -37.97
N VAL C 1096 26.10 73.44 -37.27
CA VAL C 1096 24.78 73.95 -36.96
C VAL C 1096 24.68 75.39 -37.43
N SER C 1097 23.48 75.95 -37.33
CA SER C 1097 23.21 77.30 -37.78
C SER C 1097 22.09 77.91 -36.95
N ASN C 1098 22.29 79.16 -36.53
CA ASN C 1098 21.27 79.90 -35.80
C ASN C 1098 20.48 80.82 -36.72
N GLY C 1099 20.57 80.60 -38.03
CA GLY C 1099 19.77 81.32 -39.00
C GLY C 1099 20.57 81.91 -40.14
N THR C 1100 21.77 82.42 -39.84
CA THR C 1100 22.64 83.00 -40.86
C THR C 1100 24.06 82.46 -40.79
N HIS C 1101 24.59 82.24 -39.60
CA HIS C 1101 25.97 81.83 -39.40
C HIS C 1101 26.07 80.33 -39.22
N TRP C 1102 27.30 79.83 -39.24
CA TRP C 1102 27.58 78.41 -39.12
C TRP C 1102 28.62 78.18 -38.03
N PHE C 1103 28.42 77.15 -37.21
CA PHE C 1103 29.27 76.85 -36.08
C PHE C 1103 29.59 75.36 -36.06
N VAL C 1104 30.50 74.98 -35.17
CA VAL C 1104 30.83 73.59 -34.88
C VAL C 1104 30.58 73.36 -33.40
N THR C 1105 29.77 72.35 -33.08
CA THR C 1105 29.44 72.04 -31.70
C THR C 1105 29.52 70.55 -31.46
N GLN C 1106 29.78 70.17 -30.21
CA GLN C 1106 29.75 68.77 -29.84
C GLN C 1106 28.30 68.26 -29.86
N ARG C 1107 28.15 66.96 -30.09
CA ARG C 1107 26.82 66.40 -30.35
C ARG C 1107 25.98 66.30 -29.08
N ASN C 1108 26.62 66.16 -27.92
CA ASN C 1108 25.90 65.91 -26.67
C ASN C 1108 25.59 67.17 -25.88
N PHE C 1109 26.03 68.34 -26.34
CA PHE C 1109 25.89 69.57 -25.58
C PHE C 1109 26.13 70.74 -26.52
N TYR C 1110 25.37 71.82 -26.33
CA TYR C 1110 25.48 72.98 -27.22
C TYR C 1110 26.58 73.90 -26.73
N GLU C 1111 27.73 73.85 -27.39
CA GLU C 1111 28.83 74.78 -27.12
C GLU C 1111 29.45 75.16 -28.46
N PRO C 1112 28.90 76.18 -29.13
CA PRO C 1112 29.32 76.47 -30.49
C PRO C 1112 30.64 77.22 -30.57
N GLN C 1113 31.40 76.90 -31.61
CA GLN C 1113 32.68 77.54 -31.87
C GLN C 1113 32.75 77.94 -33.35
N ILE C 1114 33.60 78.93 -33.64
CA ILE C 1114 33.77 79.40 -35.00
C ILE C 1114 34.43 78.31 -35.83
N ILE C 1115 34.02 78.19 -37.10
CA ILE C 1115 34.59 77.18 -37.98
C ILE C 1115 36.01 77.59 -38.33
N THR C 1116 36.95 76.66 -38.20
CA THR C 1116 38.36 76.93 -38.36
C THR C 1116 39.00 75.70 -38.98
N THR C 1117 40.14 75.91 -39.66
CA THR C 1117 40.88 74.78 -40.22
C THR C 1117 41.51 73.90 -39.14
N ASP C 1118 41.24 74.16 -37.87
CA ASP C 1118 41.76 73.35 -36.77
C ASP C 1118 40.79 72.24 -36.37
N ASN C 1119 39.49 72.49 -36.40
CA ASN C 1119 38.49 71.49 -36.03
C ASN C 1119 37.80 70.88 -37.24
N THR C 1120 38.34 71.07 -38.44
CA THR C 1120 37.81 70.47 -39.66
C THR C 1120 38.95 69.89 -40.47
N PHE C 1121 38.64 68.89 -41.28
CA PHE C 1121 39.61 68.27 -42.17
C PHE C 1121 39.06 68.21 -43.59
N VAL C 1122 39.97 68.17 -44.56
CA VAL C 1122 39.63 68.25 -45.98
C VAL C 1122 39.74 66.88 -46.61
N SER C 1123 38.76 66.54 -47.46
CA SER C 1123 38.79 65.26 -48.16
C SER C 1123 37.97 65.40 -49.45
N GLY C 1124 38.67 65.54 -50.57
CA GLY C 1124 38.00 65.57 -51.86
C GLY C 1124 37.52 66.94 -52.30
N ASN C 1125 36.45 66.97 -53.07
CA ASN C 1125 35.87 68.21 -53.57
C ASN C 1125 34.36 68.26 -53.34
N CYS C 1126 33.69 69.29 -53.86
CA CYS C 1126 32.27 69.52 -53.58
C CYS C 1126 31.36 69.04 -54.69
N ASP C 1127 31.70 67.94 -55.36
CA ASP C 1127 30.82 67.38 -56.38
C ASP C 1127 30.19 66.06 -55.97
N VAL C 1128 30.94 65.17 -55.32
CA VAL C 1128 30.41 63.88 -54.93
C VAL C 1128 29.39 64.02 -53.81
N VAL C 1129 29.68 64.84 -52.81
CA VAL C 1129 28.80 64.97 -51.66
C VAL C 1129 27.53 65.71 -52.06
N ILE C 1130 26.40 65.24 -51.55
CA ILE C 1130 25.10 65.85 -51.79
C ILE C 1130 24.59 66.45 -50.49
N GLY C 1131 24.20 67.71 -50.54
CA GLY C 1131 23.81 68.46 -49.36
C GLY C 1131 24.85 69.43 -48.85
N ILE C 1132 25.98 69.56 -49.55
CA ILE C 1132 27.03 70.48 -49.11
C ILE C 1132 26.55 71.92 -49.28
N VAL C 1133 27.05 72.79 -48.41
CA VAL C 1133 26.68 74.21 -48.41
C VAL C 1133 27.93 75.06 -48.56
N ASN C 1134 27.72 76.37 -48.65
CA ASN C 1134 28.80 77.32 -48.84
C ASN C 1134 28.99 78.20 -47.61
N ASN C 1135 30.25 78.39 -47.22
CA ASN C 1135 30.62 79.24 -46.10
C ASN C 1135 32.11 79.52 -46.23
N THR C 1136 32.65 80.24 -45.24
CA THR C 1136 34.08 80.54 -45.18
C THR C 1136 34.69 79.88 -43.95
N VAL C 1137 35.92 79.41 -44.10
CA VAL C 1137 36.66 78.74 -43.02
C VAL C 1137 37.78 79.67 -42.60
N TYR C 1138 37.79 80.02 -41.31
CA TYR C 1138 38.80 80.93 -40.79
C TYR C 1138 40.18 80.27 -40.79
N ASP C 1139 41.19 81.04 -41.14
CA ASP C 1139 42.58 80.58 -41.15
C ASP C 1139 43.36 81.30 -40.07
N PRO C 1140 43.96 80.59 -39.12
CA PRO C 1140 44.70 81.28 -38.05
C PRO C 1140 45.93 82.05 -38.53
N LEU C 1141 46.42 81.78 -39.73
CA LEU C 1141 47.63 82.43 -40.23
C LEU C 1141 47.37 83.83 -40.78
N GLN C 1142 46.11 84.24 -40.94
CA GLN C 1142 45.83 85.55 -41.51
C GLN C 1142 46.33 86.71 -40.66
N PRO C 1143 46.01 86.81 -39.35
CA PRO C 1143 46.41 88.01 -38.61
C PRO C 1143 47.87 88.03 -38.21
N GLU C 1144 48.51 86.88 -38.06
CA GLU C 1144 49.93 86.86 -37.71
C GLU C 1144 50.79 87.44 -38.83
N LEU C 1145 50.36 87.29 -40.08
CA LEU C 1145 51.07 87.91 -41.20
C LEU C 1145 51.02 89.44 -41.10
N ASP C 1146 49.86 89.99 -40.77
CA ASP C 1146 49.72 91.44 -40.68
C ASP C 1146 50.41 92.00 -39.43
N SER C 1147 50.43 91.22 -38.34
CA SER C 1147 51.09 91.68 -37.12
C SER C 1147 52.59 91.88 -37.34
N PHE C 1148 53.24 90.98 -38.07
CA PHE C 1148 54.67 91.09 -38.36
C PHE C 1148 54.86 92.09 -39.50
N LYS C 1149 55.56 93.18 -39.22
CA LYS C 1149 55.81 94.21 -40.23
C LYS C 1149 56.71 93.68 -41.35
N THR D 8 -30.38 -25.93 13.73
CA THR D 8 -30.71 -25.38 15.05
C THR D 8 -30.25 -26.33 16.16
N PRO D 9 -29.58 -25.77 17.16
CA PRO D 9 -29.11 -26.61 18.28
C PRO D 9 -30.29 -27.19 19.07
N ILE D 10 -30.16 -28.47 19.41
CA ILE D 10 -31.19 -29.18 20.17
C ILE D 10 -30.52 -29.79 21.40
N LYS D 11 -31.14 -29.60 22.57
CA LYS D 11 -30.62 -30.11 23.82
C LYS D 11 -31.11 -31.55 24.05
N GLN D 12 -30.43 -32.25 24.96
CA GLN D 12 -30.86 -33.57 25.44
C GLN D 12 -30.83 -34.62 24.33
N ILE D 13 -29.91 -34.46 23.37
CA ILE D 13 -29.81 -35.43 22.28
C ILE D 13 -28.62 -36.36 22.49
N PHE D 14 -27.37 -35.78 22.63
CA PHE D 14 -26.18 -36.61 22.72
C PHE D 14 -25.86 -36.99 24.16
N PRO D 15 -25.84 -38.28 24.46
CA PRO D 15 -25.34 -38.72 25.78
C PRO D 15 -23.83 -38.69 25.87
N ASP D 16 -23.14 -38.91 24.76
CA ASP D 16 -21.67 -38.98 24.77
C ASP D 16 -21.08 -37.60 24.55
N ASP D 17 -20.26 -37.15 25.50
CA ASP D 17 -19.54 -35.88 25.33
C ASP D 17 -18.15 -36.12 24.75
N ALA D 18 -17.38 -37.03 25.37
CA ALA D 18 -16.02 -37.29 24.92
C ALA D 18 -16.01 -37.89 23.51
N PHE D 19 -16.92 -38.81 23.23
CA PHE D 19 -16.94 -39.46 21.92
C PHE D 19 -17.28 -38.47 20.82
N ALA D 20 -18.31 -37.63 21.02
CA ALA D 20 -18.65 -36.62 20.03
C ALA D 20 -17.53 -35.60 19.87
N GLU D 21 -16.91 -35.20 20.99
CA GLU D 21 -15.81 -34.25 20.92
C GLU D 21 -14.64 -34.80 20.11
N THR D 22 -14.28 -36.06 20.34
CA THR D 22 -13.18 -36.65 19.60
C THR D 22 -13.55 -36.89 18.14
N ILE D 23 -14.83 -37.18 17.86
CA ILE D 23 -15.27 -37.32 16.47
C ILE D 23 -15.13 -36.00 15.74
N LYS D 24 -15.53 -34.90 16.36
CA LYS D 24 -15.47 -33.60 15.70
C LYS D 24 -14.06 -32.99 15.74
N ALA D 25 -13.17 -33.53 16.58
CA ALA D 25 -11.83 -32.97 16.70
C ALA D 25 -10.77 -33.72 15.91
N ASN D 26 -10.80 -35.05 15.91
CA ASN D 26 -9.74 -35.81 15.25
C ASN D 26 -9.77 -35.64 13.73
N LEU D 27 -10.96 -35.46 13.15
CA LEU D 27 -11.07 -35.31 11.71
C LEU D 27 -10.50 -34.00 11.20
N LYS D 28 -10.49 -32.96 12.04
CA LYS D 28 -9.97 -31.64 11.69
C LYS D 28 -10.70 -31.08 10.47
N LYS D 29 -12.00 -30.84 10.64
CA LYS D 29 -12.83 -30.34 9.56
C LYS D 29 -12.41 -28.93 9.16
N LYS D 30 -12.94 -28.49 8.01
CA LYS D 30 -12.58 -27.18 7.48
C LYS D 30 -13.12 -26.06 8.37
N SER D 31 -14.39 -26.14 8.74
CA SER D 31 -15.02 -25.10 9.56
C SER D 31 -16.25 -25.70 10.23
N VAL D 32 -16.98 -24.84 10.96
CA VAL D 32 -18.17 -25.27 11.67
C VAL D 32 -19.44 -25.07 10.84
N THR D 33 -19.39 -24.21 9.82
CA THR D 33 -20.56 -23.83 9.06
C THR D 33 -20.99 -24.88 8.03
N ASP D 34 -20.50 -26.10 8.14
CA ASP D 34 -20.88 -27.17 7.23
C ASP D 34 -22.09 -27.93 7.78
N ALA D 35 -22.76 -28.67 6.89
CA ALA D 35 -23.94 -29.41 7.28
C ALA D 35 -23.56 -30.78 7.83
N VAL D 36 -24.55 -31.47 8.40
CA VAL D 36 -24.36 -32.78 8.98
C VAL D 36 -25.40 -33.74 8.42
N THR D 37 -25.03 -35.02 8.38
CA THR D 37 -25.91 -36.09 7.91
C THR D 37 -25.53 -37.35 8.66
N GLN D 38 -26.08 -38.48 8.22
CA GLN D 38 -25.80 -39.77 8.84
C GLN D 38 -25.01 -40.71 7.94
N ASN D 39 -25.30 -40.74 6.63
CA ASN D 39 -24.57 -41.62 5.72
C ASN D 39 -23.11 -41.19 5.62
N GLU D 40 -22.84 -39.89 5.53
CA GLU D 40 -21.47 -39.42 5.42
C GLU D 40 -20.74 -39.52 6.76
N LEU D 41 -21.46 -39.37 7.86
CA LEU D 41 -20.82 -39.48 9.18
C LEU D 41 -20.48 -40.92 9.51
N ASN D 42 -21.32 -41.86 9.07
CA ASN D 42 -21.14 -43.26 9.43
C ASN D 42 -20.27 -44.03 8.44
N SER D 43 -19.44 -43.33 7.67
CA SER D 43 -18.52 -44.02 6.76
C SER D 43 -17.48 -44.84 7.50
N ILE D 44 -17.24 -44.56 8.78
CA ILE D 44 -16.31 -45.32 9.59
C ILE D 44 -17.03 -46.56 10.13
N ASP D 45 -16.48 -47.73 9.83
CA ASP D 45 -17.02 -48.99 10.31
C ASP D 45 -16.20 -49.60 11.44
N GLN D 46 -14.91 -49.26 11.52
CA GLN D 46 -14.05 -49.73 12.59
C GLN D 46 -13.64 -48.52 13.44
N ILE D 47 -14.23 -48.42 14.62
CA ILE D 47 -13.95 -47.33 15.55
C ILE D 47 -12.59 -47.55 16.18
N TYR D 48 -11.73 -46.52 16.11
CA TYR D 48 -10.40 -46.56 16.73
C TYR D 48 -10.33 -45.41 17.73
N ALA D 49 -10.84 -45.66 18.94
CA ALA D 49 -10.82 -44.68 20.02
C ALA D 49 -10.28 -45.34 21.27
N PRO D 50 -9.14 -44.90 21.79
CA PRO D 50 -8.54 -45.58 22.95
C PRO D 50 -9.44 -45.48 24.17
N ASP D 51 -9.61 -46.62 24.85
CA ASP D 51 -10.46 -46.72 26.05
C ASP D 51 -11.87 -46.22 25.77
N SER D 52 -12.43 -46.69 24.66
CA SER D 52 -13.79 -46.35 24.27
C SER D 52 -14.78 -47.20 25.05
N ASP D 53 -15.55 -46.55 25.92
CA ASP D 53 -16.45 -47.23 26.85
C ASP D 53 -17.91 -46.93 26.53
N ILE D 54 -18.27 -46.98 25.25
CA ILE D 54 -19.66 -46.78 24.84
C ILE D 54 -20.47 -48.01 25.23
N LYS D 55 -21.47 -47.80 26.09
CA LYS D 55 -22.29 -48.89 26.61
C LYS D 55 -23.64 -48.97 25.90
N SER D 56 -24.29 -47.83 25.69
CA SER D 56 -25.62 -47.81 25.11
C SER D 56 -25.55 -48.14 23.62
N VAL D 57 -26.01 -49.35 23.27
CA VAL D 57 -25.98 -49.82 21.89
C VAL D 57 -27.40 -50.24 21.53
N GLN D 58 -28.35 -49.92 22.39
CA GLN D 58 -29.74 -50.28 22.12
C GLN D 58 -30.25 -49.52 20.90
N GLY D 59 -31.09 -50.19 20.12
CA GLY D 59 -31.65 -49.57 18.93
C GLY D 59 -30.64 -49.38 17.82
N ILE D 60 -29.58 -50.20 17.82
CA ILE D 60 -28.51 -50.09 16.84
C ILE D 60 -28.93 -50.61 15.46
N GLN D 61 -30.18 -51.04 15.31
CA GLN D 61 -30.64 -51.58 14.04
C GLN D 61 -30.59 -50.55 12.90
N TYR D 62 -30.47 -49.26 13.23
CA TYR D 62 -30.37 -48.21 12.22
C TYR D 62 -28.93 -47.94 11.81
N LEU D 63 -27.97 -48.69 12.36
CA LEU D 63 -26.55 -48.52 12.05
C LEU D 63 -25.94 -49.89 11.81
N PRO D 64 -26.17 -50.47 10.63
CA PRO D 64 -25.68 -51.83 10.38
C PRO D 64 -24.25 -51.92 9.89
N ASN D 65 -23.65 -50.82 9.43
CA ASN D 65 -22.39 -50.92 8.71
C ASN D 65 -21.22 -51.30 9.62
N VAL D 66 -21.34 -51.06 10.94
CA VAL D 66 -20.28 -51.44 11.85
C VAL D 66 -20.21 -52.95 11.96
N ARG D 67 -18.99 -53.49 11.90
CA ARG D 67 -18.76 -54.91 12.04
C ARG D 67 -17.98 -55.29 13.29
N SER D 68 -16.85 -54.63 13.57
CA SER D 68 -16.02 -54.95 14.72
C SER D 68 -16.00 -53.75 15.66
N LEU D 69 -16.33 -53.99 16.92
CA LEU D 69 -16.31 -52.97 17.95
C LEU D 69 -15.24 -53.30 18.98
N LYS D 70 -14.35 -52.35 19.23
CA LYS D 70 -13.31 -52.50 20.24
C LYS D 70 -13.78 -51.85 21.53
N LEU D 71 -13.57 -52.55 22.64
CA LEU D 71 -14.03 -52.04 23.94
C LEU D 71 -12.97 -52.40 24.98
N ARG D 72 -12.32 -51.38 25.53
CA ARG D 72 -11.41 -51.54 26.67
C ARG D 72 -12.22 -51.22 27.91
N SER D 73 -13.36 -51.89 28.07
CA SER D 73 -14.30 -51.64 29.16
C SER D 73 -14.52 -52.94 29.91
N ASN D 74 -13.70 -53.17 30.94
CA ASN D 74 -13.88 -54.35 31.77
C ASN D 74 -15.18 -54.33 32.55
N LYS D 75 -15.72 -53.14 32.82
CA LYS D 75 -16.98 -53.00 33.54
C LYS D 75 -18.18 -53.48 32.73
N LEU D 76 -18.14 -53.37 31.40
CA LEU D 76 -19.29 -53.70 30.58
C LEU D 76 -19.51 -55.21 30.58
N HIS D 77 -20.37 -55.68 31.47
CA HIS D 77 -20.75 -57.08 31.53
C HIS D 77 -22.11 -57.35 30.90
N ASP D 78 -22.70 -56.37 30.24
CA ASP D 78 -24.05 -56.51 29.70
C ASP D 78 -24.06 -57.53 28.57
N ILE D 79 -25.04 -58.43 28.62
CA ILE D 79 -25.26 -59.39 27.54
C ILE D 79 -25.84 -58.73 26.29
N SER D 80 -26.33 -57.49 26.40
CA SER D 80 -26.90 -56.78 25.26
C SER D 80 -25.90 -56.54 24.15
N ALA D 81 -24.60 -56.55 24.44
CA ALA D 81 -23.58 -56.40 23.41
C ALA D 81 -23.51 -57.58 22.45
N LEU D 82 -24.15 -58.71 22.79
CA LEU D 82 -24.12 -59.89 21.94
C LEU D 82 -25.51 -60.49 21.73
N LYS D 83 -26.56 -59.75 22.05
CA LYS D 83 -27.91 -60.25 21.80
C LYS D 83 -28.23 -60.30 20.31
N GLU D 84 -27.94 -59.22 19.59
CA GLU D 84 -28.25 -59.15 18.16
C GLU D 84 -27.07 -58.55 17.40
N LEU D 85 -25.86 -58.75 17.91
CA LEU D 85 -24.63 -58.32 17.24
C LEU D 85 -23.95 -59.58 16.70
N THR D 86 -24.32 -59.97 15.48
CA THR D 86 -23.84 -61.20 14.87
C THR D 86 -23.08 -60.93 13.58
N ASN D 87 -22.68 -59.67 13.35
CA ASN D 87 -21.91 -59.31 12.18
C ASN D 87 -20.42 -59.15 12.50
N LEU D 88 -20.00 -59.55 13.70
CA LEU D 88 -18.61 -59.36 14.09
C LEU D 88 -17.71 -60.44 13.49
N THR D 89 -16.45 -60.07 13.29
CA THR D 89 -15.41 -61.01 12.84
C THR D 89 -14.24 -61.12 13.79
N PHE D 90 -14.20 -60.28 14.83
CA PHE D 90 -13.14 -60.30 15.83
C PHE D 90 -13.75 -60.16 17.21
N LEU D 91 -13.12 -60.79 18.20
CA LEU D 91 -13.60 -60.76 19.57
C LEU D 91 -12.45 -60.40 20.50
N PHE D 92 -12.68 -59.41 21.37
CA PHE D 92 -11.72 -59.04 22.41
C PHE D 92 -12.52 -58.49 23.59
N LEU D 93 -12.83 -59.35 24.55
CA LEU D 93 -13.61 -58.98 25.73
C LEU D 93 -12.84 -59.42 26.96
N ASN D 94 -12.55 -58.49 27.86
CA ASN D 94 -11.92 -58.80 29.14
C ASN D 94 -12.98 -58.97 30.23
N LEU D 95 -13.84 -59.95 30.02
CA LEU D 95 -14.91 -60.30 30.95
C LEU D 95 -14.48 -61.59 31.64
N ASN D 96 -13.80 -61.45 32.77
CA ASN D 96 -13.24 -62.60 33.46
C ASN D 96 -14.31 -63.57 33.95
N GLN D 97 -15.43 -63.04 34.46
CA GLN D 97 -16.49 -63.87 35.01
C GLN D 97 -17.50 -64.30 33.94
N LEU D 98 -16.98 -64.83 32.84
CA LEU D 98 -17.80 -65.28 31.72
C LEU D 98 -18.09 -66.77 31.90
N GLN D 99 -19.22 -67.09 32.53
CA GLN D 99 -19.58 -68.48 32.80
C GLN D 99 -20.59 -69.04 31.81
N SER D 100 -21.00 -68.27 30.80
CA SER D 100 -21.98 -68.75 29.85
C SER D 100 -21.82 -67.97 28.54
N LEU D 101 -22.29 -68.60 27.45
CA LEU D 101 -22.24 -67.99 26.13
C LEU D 101 -23.65 -67.97 25.55
N PRO D 102 -24.12 -66.84 25.01
CA PRO D 102 -25.48 -66.79 24.47
C PRO D 102 -25.65 -67.75 23.29
N ASN D 103 -26.84 -68.31 23.19
CA ASN D 103 -27.16 -69.31 22.17
C ASN D 103 -28.00 -68.66 21.07
N GLY D 104 -27.99 -69.28 19.89
CA GLY D 104 -28.73 -68.78 18.76
C GLY D 104 -28.01 -67.76 17.91
N VAL D 105 -26.83 -67.31 18.33
CA VAL D 105 -26.09 -66.33 17.55
C VAL D 105 -25.35 -66.97 16.37
N PHE D 106 -25.29 -68.30 16.31
CA PHE D 106 -24.63 -69.01 15.24
C PHE D 106 -25.52 -69.20 14.01
N ASP D 107 -26.71 -68.60 14.02
CA ASP D 107 -27.65 -68.81 12.93
C ASP D 107 -27.15 -68.24 11.62
N LYS D 108 -26.35 -67.17 11.67
CA LYS D 108 -25.84 -66.53 10.47
C LYS D 108 -24.35 -66.22 10.53
N LEU D 109 -23.67 -66.53 11.63
CA LEU D 109 -22.26 -66.17 11.80
C LEU D 109 -21.42 -67.02 10.86
N THR D 110 -21.12 -66.47 9.68
CA THR D 110 -20.27 -67.12 8.70
C THR D 110 -19.13 -66.23 8.22
N ASN D 111 -19.09 -64.97 8.65
CA ASN D 111 -18.06 -64.03 8.21
C ASN D 111 -16.96 -63.83 9.25
N LEU D 112 -16.91 -64.67 10.28
CA LEU D 112 -15.86 -64.56 11.28
C LEU D 112 -14.60 -65.29 10.81
N LYS D 113 -13.45 -64.67 11.00
CA LYS D 113 -12.19 -65.21 10.54
C LYS D 113 -11.30 -65.69 11.69
N GLU D 114 -11.00 -64.81 12.64
CA GLU D 114 -10.10 -65.12 13.74
C GLU D 114 -10.71 -64.63 15.05
N LEU D 115 -10.66 -65.48 16.08
CA LEU D 115 -11.17 -65.15 17.39
C LEU D 115 -10.14 -65.54 18.45
N VAL D 116 -10.16 -64.82 19.58
CA VAL D 116 -9.30 -65.11 20.71
C VAL D 116 -10.19 -65.35 21.92
N LEU D 117 -10.13 -66.56 22.47
CA LEU D 117 -10.93 -66.96 23.63
C LEU D 117 -9.97 -67.45 24.70
N VAL D 118 -9.46 -66.53 25.51
CA VAL D 118 -8.57 -66.86 26.61
C VAL D 118 -9.38 -67.02 27.88
N GLU D 119 -8.80 -67.71 28.86
CA GLU D 119 -9.45 -67.97 30.14
C GLU D 119 -10.80 -68.65 29.95
N ASN D 120 -10.84 -69.67 29.08
CA ASN D 120 -12.06 -70.42 28.83
C ASN D 120 -12.26 -71.41 29.97
N GLN D 121 -13.04 -71.02 30.98
CA GLN D 121 -13.30 -71.84 32.15
C GLN D 121 -14.43 -72.84 31.93
N LEU D 122 -14.84 -73.06 30.69
CA LEU D 122 -15.93 -73.99 30.38
C LEU D 122 -15.42 -75.41 30.59
N GLN D 123 -15.84 -76.03 31.70
CA GLN D 123 -15.49 -77.43 31.95
C GLN D 123 -16.40 -78.38 31.18
N SER D 124 -17.46 -77.87 30.57
CA SER D 124 -18.37 -78.69 29.78
C SER D 124 -18.66 -77.97 28.47
N LEU D 125 -18.94 -78.73 27.42
CA LEU D 125 -19.15 -78.18 26.10
C LEU D 125 -20.50 -78.64 25.56
N PRO D 126 -21.16 -77.80 24.75
CA PRO D 126 -22.47 -78.17 24.23
C PRO D 126 -22.37 -79.01 22.96
N ASP D 127 -23.48 -79.66 22.61
CA ASP D 127 -23.52 -80.52 21.44
C ASP D 127 -23.83 -79.71 20.18
N GLY D 128 -23.17 -80.08 19.10
CA GLY D 128 -23.40 -79.41 17.83
C GLY D 128 -23.02 -77.95 17.80
N VAL D 129 -22.11 -77.52 18.68
CA VAL D 129 -21.73 -76.12 18.75
C VAL D 129 -20.94 -75.73 17.50
N PHE D 130 -20.06 -76.61 17.01
CA PHE D 130 -19.24 -76.34 15.84
C PHE D 130 -19.74 -77.08 14.61
N ASP D 131 -20.94 -77.66 14.67
CA ASP D 131 -21.40 -78.54 13.61
C ASP D 131 -21.55 -77.80 12.28
N LYS D 132 -22.04 -76.56 12.31
CA LYS D 132 -22.27 -75.82 11.08
C LYS D 132 -21.05 -75.06 10.62
N LEU D 133 -19.97 -75.03 11.41
CA LEU D 133 -18.78 -74.24 11.07
C LEU D 133 -17.87 -75.01 10.11
N THR D 134 -18.45 -75.38 8.96
CA THR D 134 -17.66 -75.98 7.88
C THR D 134 -16.86 -74.95 7.10
N ASN D 135 -17.30 -73.69 7.07
CA ASN D 135 -16.62 -72.66 6.30
C ASN D 135 -15.37 -72.13 6.99
N LEU D 136 -15.16 -72.48 8.26
CA LEU D 136 -14.01 -71.97 9.00
C LEU D 136 -12.72 -72.66 8.57
N THR D 137 -12.26 -72.37 7.37
CA THR D 137 -11.06 -72.98 6.81
C THR D 137 -9.78 -72.52 7.52
N LEU D 138 -9.86 -71.49 8.34
CA LEU D 138 -8.69 -71.00 9.07
C LEU D 138 -9.09 -70.67 10.50
N LEU D 139 -8.45 -71.34 11.45
CA LEU D 139 -8.69 -71.11 12.87
C LEU D 139 -7.35 -70.91 13.57
N HIS D 140 -7.26 -69.83 14.34
CA HIS D 140 -6.07 -69.53 15.14
C HIS D 140 -6.47 -69.52 16.61
N LEU D 141 -6.17 -70.60 17.31
CA LEU D 141 -6.45 -70.74 18.74
C LEU D 141 -5.15 -71.11 19.44
N MET D 142 -4.66 -70.21 20.29
CA MET D 142 -3.42 -70.40 21.01
C MET D 142 -3.64 -70.17 22.50
N VAL D 143 -2.74 -70.75 23.31
CA VAL D 143 -2.75 -70.73 24.78
C VAL D 143 -4.18 -70.91 25.29
N ASN D 144 -4.92 -71.83 24.67
CA ASN D 144 -6.28 -72.10 25.08
C ASN D 144 -6.29 -72.94 26.36
N GLN D 145 -7.24 -72.65 27.25
CA GLN D 145 -7.41 -73.38 28.50
C GLN D 145 -8.60 -74.33 28.43
N LEU D 146 -8.80 -74.96 27.27
CA LEU D 146 -9.89 -75.91 27.06
C LEU D 146 -9.47 -77.27 27.62
N GLN D 147 -9.35 -77.33 28.95
CA GLN D 147 -9.05 -78.60 29.61
C GLN D 147 -10.16 -79.61 29.40
N SER D 148 -11.38 -79.16 29.16
CA SER D 148 -12.47 -80.07 28.84
C SER D 148 -12.19 -80.78 27.52
N LEU D 149 -12.16 -82.10 27.55
CA LEU D 149 -11.81 -82.91 26.40
C LEU D 149 -13.00 -83.07 25.48
N PRO D 150 -12.89 -82.70 24.21
CA PRO D 150 -13.98 -82.93 23.26
C PRO D 150 -14.33 -84.41 23.18
N LYS D 151 -15.62 -84.68 23.02
CA LYS D 151 -16.14 -86.04 22.97
C LYS D 151 -16.75 -86.29 21.60
N GLY D 152 -15.96 -86.86 20.69
CA GLY D 152 -16.45 -87.22 19.36
C GLY D 152 -16.73 -86.03 18.46
N VAL D 153 -15.69 -85.29 18.09
CA VAL D 153 -15.82 -84.17 17.17
C VAL D 153 -15.05 -84.36 15.87
N PHE D 154 -14.06 -85.25 15.81
CA PHE D 154 -13.28 -85.42 14.60
C PHE D 154 -14.02 -86.19 13.52
N ASP D 155 -14.90 -87.12 13.91
CA ASP D 155 -15.55 -88.01 12.96
C ASP D 155 -16.69 -87.36 12.20
N LYS D 156 -17.04 -86.11 12.51
CA LYS D 156 -18.07 -85.41 11.74
C LYS D 156 -17.52 -84.12 11.18
N LEU D 157 -16.47 -83.58 11.81
CA LEU D 157 -15.80 -82.38 11.33
C LEU D 157 -14.34 -82.68 11.08
N THR D 158 -13.91 -82.52 9.84
CA THR D 158 -12.51 -82.55 9.47
C THR D 158 -11.96 -81.16 9.14
N ASN D 159 -12.64 -80.10 9.60
CA ASN D 159 -12.35 -78.76 9.12
C ASN D 159 -11.44 -77.98 10.07
N LEU D 160 -11.32 -78.39 11.33
CA LEU D 160 -10.48 -77.68 12.28
C LEU D 160 -9.01 -77.99 11.99
N THR D 161 -8.16 -76.96 12.09
CA THR D 161 -6.75 -77.07 11.73
C THR D 161 -5.83 -76.95 12.94
N GLU D 162 -5.93 -75.87 13.71
CA GLU D 162 -5.04 -75.61 14.83
C GLU D 162 -5.73 -75.99 16.14
N LEU D 163 -5.01 -76.75 16.97
CA LEU D 163 -5.53 -77.20 18.25
C LEU D 163 -4.43 -77.15 19.30
N ASP D 164 -4.86 -77.06 20.57
CA ASP D 164 -3.93 -77.06 21.70
C ASP D 164 -4.33 -78.22 22.60
N LEU D 165 -3.55 -79.29 22.58
CA LEU D 165 -3.88 -80.53 23.26
C LEU D 165 -2.81 -80.87 24.29
N SER D 166 -2.39 -79.88 25.08
CA SER D 166 -1.39 -80.12 26.11
C SER D 166 -2.02 -80.81 27.32
N TYR D 167 -1.16 -81.54 28.05
CA TYR D 167 -1.57 -82.19 29.30
C TYR D 167 -2.75 -83.14 29.08
N ASN D 168 -2.63 -84.00 28.08
CA ASN D 168 -3.65 -85.00 27.78
C ASN D 168 -3.15 -86.38 28.15
N GLN D 169 -4.01 -87.16 28.81
CA GLN D 169 -3.69 -88.52 29.23
C GLN D 169 -4.48 -89.56 28.43
N LEU D 170 -4.70 -89.30 27.14
CA LEU D 170 -5.48 -90.21 26.32
C LEU D 170 -4.70 -91.49 26.01
N GLN D 171 -5.22 -92.63 26.46
CA GLN D 171 -4.63 -93.92 26.14
C GLN D 171 -5.15 -94.49 24.82
N SER D 172 -6.09 -93.81 24.18
CA SER D 172 -6.66 -94.26 22.90
C SER D 172 -6.88 -93.03 22.03
N LEU D 173 -6.07 -92.90 20.98
CA LEU D 173 -6.20 -91.78 20.06
C LEU D 173 -7.32 -92.06 19.05
N PRO D 174 -7.97 -91.02 18.52
CA PRO D 174 -9.04 -91.24 17.53
C PRO D 174 -8.48 -91.82 16.24
N GLU D 175 -9.30 -92.62 15.57
CA GLU D 175 -8.88 -93.27 14.33
C GLU D 175 -8.90 -92.28 13.18
N GLY D 176 -7.81 -92.23 12.42
CA GLY D 176 -7.75 -91.35 11.27
C GLY D 176 -7.62 -89.89 11.63
N VAL D 177 -7.13 -89.59 12.85
CA VAL D 177 -7.00 -88.21 13.30
C VAL D 177 -5.92 -87.45 12.55
N PHE D 178 -5.02 -88.15 11.83
CA PHE D 178 -4.00 -87.51 11.03
C PHE D 178 -3.85 -88.14 9.65
N ASP D 179 -4.60 -89.21 9.36
CA ASP D 179 -4.38 -89.96 8.12
C ASP D 179 -5.24 -89.42 6.99
N LYS D 180 -6.57 -89.49 7.14
CA LYS D 180 -7.46 -89.07 6.08
C LYS D 180 -7.54 -87.55 5.97
N LEU D 181 -7.18 -86.82 7.03
CA LEU D 181 -7.31 -85.37 7.06
C LEU D 181 -6.12 -84.77 6.32
N THR D 182 -6.23 -84.76 4.99
CA THR D 182 -5.15 -84.29 4.13
C THR D 182 -5.04 -82.78 4.06
N GLN D 183 -5.97 -82.04 4.65
CA GLN D 183 -5.96 -80.59 4.59
C GLN D 183 -5.03 -79.96 5.61
N LEU D 184 -4.44 -80.75 6.50
CA LEU D 184 -3.47 -80.24 7.48
C LEU D 184 -2.07 -80.44 6.90
N LYS D 185 -1.71 -79.61 5.94
CA LYS D 185 -0.37 -79.59 5.39
C LYS D 185 0.67 -79.14 6.40
N ASP D 186 0.25 -78.45 7.46
CA ASP D 186 1.12 -78.06 8.57
C ASP D 186 0.83 -79.03 9.71
N LEU D 187 1.80 -79.89 9.99
CA LEU D 187 1.66 -80.90 11.04
C LEU D 187 2.75 -80.66 12.07
N ARG D 188 2.39 -80.72 13.35
CA ARG D 188 3.28 -80.33 14.43
C ARG D 188 3.50 -81.51 15.37
N LEU D 189 4.77 -81.74 15.73
CA LEU D 189 5.15 -82.69 16.77
C LEU D 189 6.42 -82.19 17.47
N TYR D 190 6.48 -80.88 17.72
CA TYR D 190 7.68 -80.31 18.31
C TYR D 190 7.75 -80.63 19.79
N GLN D 191 8.91 -81.14 20.22
CA GLN D 191 9.26 -81.41 21.62
C GLN D 191 8.07 -81.93 22.43
N ASN D 192 7.39 -82.92 21.86
CA ASN D 192 6.24 -83.53 22.51
C ASN D 192 6.68 -84.29 23.75
N GLN D 193 5.93 -84.10 24.84
CA GLN D 193 6.26 -84.67 26.14
C GLN D 193 5.30 -85.81 26.52
N LEU D 194 4.72 -86.48 25.54
CA LEU D 194 3.83 -87.61 25.79
C LEU D 194 4.68 -88.82 26.17
N LYS D 195 4.90 -89.00 27.47
CA LYS D 195 5.73 -90.10 27.94
C LYS D 195 5.10 -91.45 27.61
N SER D 196 3.79 -91.57 27.79
CA SER D 196 3.04 -92.79 27.51
C SER D 196 2.38 -92.64 26.15
N VAL D 197 3.14 -92.91 25.10
CA VAL D 197 2.64 -92.79 23.72
C VAL D 197 1.66 -93.92 23.44
N PRO D 198 0.52 -93.64 22.81
CA PRO D 198 -0.39 -94.72 22.40
C PRO D 198 0.27 -95.63 21.38
N ASP D 199 -0.05 -96.92 21.45
CA ASP D 199 0.55 -97.92 20.57
C ASP D 199 -0.16 -97.86 19.22
N GLY D 200 0.58 -97.52 18.16
CA GLY D 200 0.01 -97.45 16.84
C GLY D 200 0.32 -96.15 16.11
N VAL D 201 1.15 -95.30 16.72
CA VAL D 201 1.48 -94.02 16.11
C VAL D 201 2.37 -94.17 14.88
N PHE D 202 3.36 -95.05 14.93
CA PHE D 202 4.41 -95.06 13.90
C PHE D 202 3.98 -95.71 12.60
N ASP D 203 2.82 -96.35 12.55
CA ASP D 203 2.45 -97.14 11.38
C ASP D 203 1.94 -96.28 10.23
N ARG D 204 0.94 -95.43 10.50
CA ARG D 204 0.24 -94.75 9.41
C ARG D 204 0.98 -93.51 8.91
N LEU D 205 2.03 -93.08 9.62
CA LEU D 205 2.79 -91.90 9.19
C LEU D 205 3.88 -92.31 8.19
N THR D 206 3.42 -92.60 6.97
CA THR D 206 4.32 -92.76 5.83
C THR D 206 4.41 -91.50 4.99
N SER D 207 3.54 -90.52 5.23
CA SER D 207 3.58 -89.23 4.55
C SER D 207 4.22 -88.15 5.39
N LEU D 208 4.91 -88.52 6.48
CA LEU D 208 5.53 -87.54 7.35
C LEU D 208 6.64 -86.79 6.62
N GLN D 209 6.65 -85.47 6.79
CA GLN D 209 7.67 -84.62 6.19
C GLN D 209 8.44 -83.87 7.27
N TYR D 210 7.71 -83.33 8.25
CA TYR D 210 8.31 -82.61 9.38
C TYR D 210 8.56 -83.61 10.50
N ILE D 211 9.81 -84.01 10.68
CA ILE D 211 10.18 -84.96 11.72
C ILE D 211 10.91 -84.22 12.83
N TRP D 212 10.67 -84.63 14.07
CA TRP D 212 11.32 -84.08 15.24
C TRP D 212 11.74 -85.26 16.12
N LEU D 213 13.00 -85.67 15.98
CA LEU D 213 13.54 -86.81 16.72
C LEU D 213 14.67 -86.41 17.66
N HIS D 214 15.38 -85.33 17.37
CA HIS D 214 16.48 -84.88 18.22
C HIS D 214 15.95 -84.44 19.57
N ASP D 215 16.75 -84.72 20.61
CA ASP D 215 16.44 -84.44 22.02
C ASP D 215 14.99 -84.79 22.39
N ASN D 216 14.45 -85.85 21.80
CA ASN D 216 13.12 -86.32 22.15
C ASN D 216 13.25 -87.49 23.11
N PRO D 217 12.77 -87.38 24.35
CA PRO D 217 13.00 -88.45 25.36
C PRO D 217 11.98 -89.59 25.28
N TRP D 218 12.17 -90.46 24.30
CA TRP D 218 11.36 -91.66 24.20
C TRP D 218 11.73 -92.65 25.30
N ASP D 219 10.80 -93.54 25.62
CA ASP D 219 11.01 -94.50 26.68
C ASP D 219 12.05 -95.54 26.26
N CYS D 220 12.40 -96.42 27.20
CA CYS D 220 13.40 -97.46 26.99
C CYS D 220 12.83 -98.81 27.43
N THR D 221 11.60 -99.07 27.01
CA THR D 221 10.89 -100.29 27.43
C THR D 221 11.40 -101.48 26.62
N CYS D 222 12.14 -102.36 27.26
CA CYS D 222 12.60 -103.59 26.62
C CYS D 222 11.50 -104.64 26.64
N PRO D 223 11.17 -105.28 25.50
CA PRO D 223 11.77 -105.01 24.19
C PRO D 223 10.80 -104.33 23.23
N GLY D 224 9.99 -103.41 23.75
CA GLY D 224 9.00 -102.76 22.91
C GLY D 224 9.63 -101.84 21.87
N ILE D 225 10.36 -100.82 22.32
CA ILE D 225 11.00 -99.88 21.40
C ILE D 225 12.35 -100.40 20.91
N ARG D 226 12.80 -101.56 21.37
CA ARG D 226 14.12 -102.06 21.00
C ARG D 226 14.22 -102.30 19.50
N TYR D 227 13.17 -102.87 18.89
CA TYR D 227 13.21 -103.16 17.45
C TYR D 227 13.33 -101.87 16.64
N LEU D 228 12.58 -100.84 17.01
CA LEU D 228 12.65 -99.57 16.29
C LEU D 228 14.02 -98.93 16.45
N SER D 229 14.62 -99.00 17.65
CA SER D 229 15.96 -98.45 17.84
C SER D 229 16.99 -99.20 17.02
N GLU D 230 16.86 -100.54 16.94
CA GLU D 230 17.76 -101.31 16.10
C GLU D 230 17.61 -100.94 14.63
N TRP D 231 16.37 -100.78 14.17
CA TRP D 231 16.16 -100.39 12.78
C TRP D 231 16.74 -99.02 12.49
N ILE D 232 16.60 -98.09 13.43
CA ILE D 232 17.20 -96.77 13.28
C ILE D 232 18.73 -96.88 13.25
N ASN D 233 19.29 -97.73 14.10
CA ASN D 233 20.74 -97.92 14.13
C ASN D 233 21.24 -98.45 12.78
N LYS D 234 20.54 -99.42 12.21
CA LYS D 234 20.93 -99.95 10.91
C LYS D 234 20.87 -98.90 9.79
N HIS D 235 19.96 -97.91 9.90
CA HIS D 235 19.81 -96.87 8.90
C HIS D 235 19.98 -95.49 9.52
N SER D 236 21.03 -95.30 10.32
CA SER D 236 21.22 -94.06 11.05
C SER D 236 21.71 -92.91 10.18
N GLY D 237 22.05 -93.16 8.92
CA GLY D 237 22.61 -92.13 8.06
C GLY D 237 21.61 -91.17 7.45
N VAL D 238 20.31 -91.35 7.69
CA VAL D 238 19.30 -90.51 7.07
C VAL D 238 18.70 -89.50 8.04
N VAL D 239 19.00 -89.59 9.33
CA VAL D 239 18.39 -88.70 10.33
C VAL D 239 19.30 -87.51 10.58
N ARG D 240 18.73 -86.46 11.16
CA ARG D 240 19.45 -85.24 11.45
C ARG D 240 19.20 -84.82 12.90
N SER D 241 20.21 -84.19 13.50
CA SER D 241 20.13 -83.69 14.86
C SER D 241 20.87 -82.36 14.96
N PHE D 242 20.74 -81.73 16.13
CA PHE D 242 21.45 -80.46 16.36
C PHE D 242 22.96 -80.65 16.26
N ILE D 243 23.49 -81.66 16.94
CA ILE D 243 24.91 -81.99 16.89
C ILE D 243 25.05 -83.38 16.29
N PRO D 244 25.96 -83.58 15.33
CA PRO D 244 26.09 -84.90 14.69
C PRO D 244 26.84 -85.87 15.60
N LEU D 245 26.12 -86.85 16.13
CA LEU D 245 26.69 -87.81 17.07
C LEU D 245 26.10 -89.19 16.78
N TRP D 246 26.39 -90.13 17.67
CA TRP D 246 25.90 -91.49 17.50
C TRP D 246 24.37 -91.53 17.63
N ALA D 247 23.74 -92.39 16.84
CA ALA D 247 22.28 -92.45 16.81
C ALA D 247 21.65 -92.79 18.15
N PRO D 248 22.09 -93.82 18.90
CA PRO D 248 21.44 -94.09 20.19
C PRO D 248 21.58 -92.96 21.20
N ASP D 249 22.58 -92.09 21.04
CA ASP D 249 22.72 -90.97 21.96
C ASP D 249 21.55 -89.99 21.85
N SER D 250 21.02 -89.80 20.64
CA SER D 250 19.87 -88.91 20.47
C SER D 250 18.65 -89.44 21.22
N ALA D 251 18.40 -90.74 21.14
CA ALA D 251 17.31 -91.38 21.87
C ALA D 251 17.81 -91.70 23.28
N LYS D 252 18.06 -90.66 24.06
CA LYS D 252 18.60 -90.81 25.39
C LYS D 252 17.60 -91.47 26.32
N CYS D 253 18.06 -92.48 27.06
CA CYS D 253 17.20 -93.17 28.01
C CYS D 253 16.78 -92.23 29.13
N SER D 254 15.51 -92.36 29.54
CA SER D 254 14.92 -91.47 30.53
C SER D 254 15.56 -91.68 31.89
N GLY D 255 16.20 -90.63 32.41
CA GLY D 255 16.72 -90.64 33.76
C GLY D 255 18.17 -91.07 33.90
N SER D 256 18.47 -92.32 33.54
CA SER D 256 19.80 -92.88 33.78
C SER D 256 20.84 -92.35 32.81
N GLY D 257 20.65 -92.60 31.51
CA GLY D 257 21.60 -92.16 30.51
C GLY D 257 22.80 -93.06 30.30
N LYS D 258 22.89 -94.15 31.05
CA LYS D 258 24.00 -95.08 30.86
C LYS D 258 23.87 -95.80 29.52
N PRO D 259 24.98 -96.31 28.97
CA PRO D 259 24.92 -96.95 27.65
C PRO D 259 23.93 -98.11 27.63
N VAL D 260 23.23 -98.24 26.50
CA VAL D 260 22.18 -99.25 26.38
C VAL D 260 22.76 -100.60 25.96
N ARG D 261 24.09 -100.72 25.91
CA ARG D 261 24.73 -101.96 25.50
C ARG D 261 25.25 -102.77 26.69
N SER D 262 24.81 -102.47 27.91
CA SER D 262 25.29 -103.18 29.08
C SER D 262 24.31 -104.24 29.57
N ILE D 263 23.02 -103.98 29.48
CA ILE D 263 22.00 -104.91 29.97
C ILE D 263 21.66 -105.91 28.88
N ILE D 264 21.75 -107.20 29.20
CA ILE D 264 21.37 -108.27 28.28
C ILE D 264 19.93 -108.64 28.61
N CYS D 265 18.99 -108.24 27.77
CA CYS D 265 17.58 -108.48 28.02
C CYS D 265 17.27 -109.97 27.86
N PRO D 266 16.73 -110.63 28.88
CA PRO D 266 16.34 -112.04 28.73
C PRO D 266 15.17 -112.18 27.77
N THR D 267 15.10 -113.34 27.12
CA THR D 267 14.02 -113.63 26.19
C THR D 267 12.71 -113.88 26.93
N THR E 8 -44.43 -38.36 31.38
CA THR E 8 -44.13 -39.79 31.45
C THR E 8 -43.65 -40.33 30.12
N PRO E 9 -42.56 -41.10 30.14
CA PRO E 9 -42.03 -41.67 28.89
C PRO E 9 -43.01 -42.64 28.26
N ILE E 10 -43.11 -42.59 26.93
CA ILE E 10 -43.94 -43.51 26.16
C ILE E 10 -43.03 -44.22 25.16
N LYS E 11 -42.98 -45.55 25.26
CA LYS E 11 -42.12 -46.35 24.39
C LYS E 11 -42.95 -47.51 23.85
N GLN E 12 -42.26 -48.47 23.21
CA GLN E 12 -42.88 -49.68 22.65
C GLN E 12 -43.81 -49.31 21.48
N ILE E 13 -43.65 -48.09 20.95
CA ILE E 13 -44.55 -47.60 19.91
C ILE E 13 -44.47 -48.48 18.66
N PHE E 14 -43.26 -48.81 18.23
CA PHE E 14 -43.07 -49.63 17.03
C PHE E 14 -42.54 -51.01 17.41
N PRO E 15 -43.39 -52.05 17.41
CA PRO E 15 -42.87 -53.40 17.69
C PRO E 15 -41.97 -53.94 16.60
N ASP E 16 -42.36 -53.76 15.33
CA ASP E 16 -41.58 -54.30 14.22
C ASP E 16 -40.33 -53.46 13.97
N ASP E 17 -39.21 -54.13 13.73
CA ASP E 17 -37.96 -53.44 13.45
C ASP E 17 -37.99 -52.75 12.09
N ALA E 18 -38.43 -53.46 11.05
CA ALA E 18 -38.50 -52.89 9.71
C ALA E 18 -39.58 -51.82 9.59
N PHE E 19 -40.72 -52.00 10.26
CA PHE E 19 -41.77 -50.98 10.23
C PHE E 19 -41.29 -49.70 10.91
N ALA E 20 -40.48 -49.82 11.96
CA ALA E 20 -39.93 -48.63 12.61
C ALA E 20 -39.05 -47.85 11.66
N GLU E 21 -38.18 -48.54 10.92
CA GLU E 21 -37.33 -47.87 9.93
C GLU E 21 -38.15 -47.26 8.81
N THR E 22 -39.19 -47.97 8.36
CA THR E 22 -40.06 -47.44 7.32
C THR E 22 -40.75 -46.15 7.78
N ILE E 23 -41.27 -46.15 9.00
CA ILE E 23 -41.92 -44.96 9.54
C ILE E 23 -40.92 -43.82 9.70
N LYS E 24 -39.70 -44.14 10.17
CA LYS E 24 -38.67 -43.13 10.32
C LYS E 24 -38.31 -42.49 8.99
N ALA E 25 -38.18 -43.31 7.95
CA ALA E 25 -37.84 -42.77 6.63
C ALA E 25 -39.00 -41.97 6.04
N ASN E 26 -40.24 -42.44 6.24
CA ASN E 26 -41.39 -41.80 5.62
C ASN E 26 -41.74 -40.49 6.29
N LEU E 27 -41.69 -40.44 7.61
CA LEU E 27 -42.04 -39.25 8.38
C LEU E 27 -40.84 -38.35 8.65
N LYS E 28 -39.73 -38.57 7.94
CA LYS E 28 -38.49 -37.81 8.05
C LYS E 28 -38.13 -37.46 9.50
N LYS E 29 -38.30 -38.42 10.40
CA LYS E 29 -37.87 -38.29 11.79
C LYS E 29 -36.47 -38.87 11.94
N LYS E 30 -35.53 -38.06 12.41
CA LYS E 30 -34.15 -38.51 12.50
C LYS E 30 -33.95 -39.50 13.64
N SER E 31 -34.61 -39.27 14.77
CA SER E 31 -34.41 -40.10 15.96
C SER E 31 -35.78 -40.46 16.53
N VAL E 32 -35.76 -41.21 17.64
CA VAL E 32 -36.99 -41.66 18.28
C VAL E 32 -37.24 -40.98 19.62
N THR E 33 -36.42 -40.01 20.01
CA THR E 33 -36.58 -39.32 21.29
C THR E 33 -37.20 -37.93 21.15
N ASP E 34 -38.13 -37.74 20.22
CA ASP E 34 -38.75 -36.44 20.02
C ASP E 34 -40.10 -36.37 20.72
N ALA E 35 -40.55 -35.16 21.02
CA ALA E 35 -41.81 -34.96 21.72
C ALA E 35 -42.78 -34.15 20.86
N VAL E 36 -44.04 -34.57 20.87
CA VAL E 36 -45.10 -33.90 20.12
C VAL E 36 -46.28 -33.68 21.05
N THR E 37 -47.16 -32.76 20.67
CA THR E 37 -48.35 -32.45 21.45
C THR E 37 -49.62 -32.81 20.66
N GLN E 38 -50.73 -32.93 21.39
CA GLN E 38 -51.98 -33.31 20.76
C GLN E 38 -52.59 -32.17 19.94
N ASN E 39 -52.53 -30.94 20.47
CA ASN E 39 -53.18 -29.82 19.78
C ASN E 39 -52.51 -29.50 18.45
N GLU E 40 -51.18 -29.59 18.39
CA GLU E 40 -50.50 -29.32 17.13
C GLU E 40 -50.76 -30.42 16.10
N LEU E 41 -50.75 -31.68 16.54
CA LEU E 41 -51.06 -32.78 15.63
C LEU E 41 -52.48 -32.71 15.11
N ASN E 42 -53.44 -32.33 15.97
CA ASN E 42 -54.83 -32.20 15.54
C ASN E 42 -54.99 -31.14 14.46
N SER E 43 -54.17 -30.09 14.48
CA SER E 43 -54.19 -29.08 13.44
C SER E 43 -53.43 -29.50 12.18
N ILE E 44 -52.74 -30.63 12.22
CA ILE E 44 -51.98 -31.11 11.07
C ILE E 44 -52.93 -31.76 10.08
N ASP E 45 -53.17 -31.09 8.95
CA ASP E 45 -54.00 -31.62 7.89
C ASP E 45 -53.18 -31.99 6.65
N GLN E 46 -51.86 -32.15 6.80
CA GLN E 46 -51.02 -32.64 5.72
C GLN E 46 -49.97 -33.58 6.31
N ILE E 47 -49.84 -34.77 5.72
CA ILE E 47 -48.83 -35.73 6.11
C ILE E 47 -48.12 -36.23 4.85
N TYR E 48 -46.79 -36.15 4.86
CA TYR E 48 -45.99 -36.52 3.70
C TYR E 48 -45.21 -37.78 4.05
N ALA E 49 -45.58 -38.90 3.43
CA ALA E 49 -44.87 -40.16 3.64
C ALA E 49 -44.60 -40.78 2.27
N PRO E 50 -43.67 -40.22 1.52
CA PRO E 50 -43.38 -40.72 0.18
C PRO E 50 -42.65 -42.07 0.23
N ASP E 51 -42.83 -42.84 -0.85
CA ASP E 51 -42.22 -44.16 -0.97
C ASP E 51 -42.59 -45.06 0.21
N SER E 52 -43.87 -45.06 0.56
CA SER E 52 -44.36 -45.79 1.72
C SER E 52 -44.27 -47.29 1.51
N ASP E 53 -43.37 -47.93 2.25
CA ASP E 53 -43.21 -49.38 2.23
C ASP E 53 -44.04 -50.03 3.34
N ILE E 54 -45.34 -49.75 3.35
CA ILE E 54 -46.23 -50.21 4.41
C ILE E 54 -46.67 -51.62 4.08
N LYS E 55 -45.92 -52.61 4.57
CA LYS E 55 -46.27 -54.02 4.42
C LYS E 55 -47.24 -54.52 5.48
N SER E 56 -47.12 -54.05 6.72
CA SER E 56 -47.95 -54.52 7.82
C SER E 56 -48.67 -53.34 8.44
N VAL E 57 -49.79 -53.64 9.11
CA VAL E 57 -50.64 -52.62 9.71
C VAL E 57 -50.60 -52.67 11.24
N GLN E 58 -49.83 -53.60 11.81
CA GLN E 58 -49.71 -53.69 13.25
C GLN E 58 -48.99 -52.48 13.82
N GLY E 59 -49.51 -51.95 14.93
CA GLY E 59 -48.94 -50.78 15.55
C GLY E 59 -49.71 -49.49 15.34
N ILE E 60 -50.64 -49.45 14.38
CA ILE E 60 -51.44 -48.25 14.16
C ILE E 60 -52.70 -48.22 15.01
N GLN E 61 -53.00 -49.31 15.73
CA GLN E 61 -54.22 -49.37 16.54
C GLN E 61 -54.20 -48.37 17.70
N TYR E 62 -53.03 -47.90 18.11
CA TYR E 62 -52.91 -47.02 19.26
C TYR E 62 -52.81 -45.55 18.88
N LEU E 63 -53.08 -45.20 17.62
CA LEU E 63 -53.06 -43.81 17.15
C LEU E 63 -54.39 -43.49 16.48
N PRO E 64 -55.46 -43.29 17.24
CA PRO E 64 -56.77 -43.00 16.66
C PRO E 64 -57.06 -41.52 16.44
N ASN E 65 -56.06 -40.65 16.52
CA ASN E 65 -56.26 -39.20 16.43
C ASN E 65 -55.40 -38.61 15.33
N VAL E 66 -55.43 -39.25 14.16
CA VAL E 66 -54.70 -38.77 12.99
C VAL E 66 -55.70 -38.34 11.94
N ARG E 67 -55.44 -37.17 11.32
CA ARG E 67 -56.32 -36.66 10.27
C ARG E 67 -55.92 -37.09 8.87
N SER E 68 -54.65 -37.36 8.61
CA SER E 68 -54.19 -37.83 7.31
C SER E 68 -53.52 -39.18 7.49
N LEU E 69 -53.83 -40.11 6.59
CA LEU E 69 -53.31 -41.46 6.66
C LEU E 69 -52.64 -41.83 5.34
N LYS E 70 -52.16 -43.07 5.28
CA LYS E 70 -51.50 -43.58 4.08
C LYS E 70 -51.55 -45.10 4.12
N LEU E 71 -52.02 -45.71 3.04
CA LEU E 71 -52.13 -47.16 2.97
C LEU E 71 -51.74 -47.62 1.57
N ARG E 72 -50.93 -48.67 1.50
CA ARG E 72 -50.52 -49.24 0.22
C ARG E 72 -50.17 -50.70 0.43
N SER E 73 -50.88 -51.59 -0.28
CA SER E 73 -50.61 -53.01 -0.19
C SER E 73 -50.98 -53.66 -1.52
N ASN E 74 -49.98 -54.27 -2.16
CA ASN E 74 -50.17 -54.91 -3.44
C ASN E 74 -50.25 -56.44 -3.36
N LYS E 75 -50.15 -57.01 -2.15
CA LYS E 75 -50.28 -58.44 -1.96
C LYS E 75 -51.43 -58.84 -1.05
N LEU E 76 -51.86 -57.96 -0.15
CA LEU E 76 -52.91 -58.28 0.80
C LEU E 76 -54.28 -58.18 0.14
N HIS E 77 -54.87 -59.35 -0.15
CA HIS E 77 -56.20 -59.40 -0.73
C HIS E 77 -57.28 -59.66 0.30
N ASP E 78 -56.93 -60.15 1.49
CA ASP E 78 -57.88 -60.31 2.59
C ASP E 78 -57.72 -59.13 3.54
N ILE E 79 -58.56 -58.12 3.38
CA ILE E 79 -58.50 -56.92 4.19
C ILE E 79 -59.60 -56.96 5.24
N SER E 80 -60.01 -58.17 5.62
CA SER E 80 -61.05 -58.37 6.63
C SER E 80 -60.70 -57.76 7.98
N ALA E 81 -59.45 -57.34 8.19
CA ALA E 81 -59.06 -56.66 9.42
C ALA E 81 -59.69 -55.28 9.53
N LEU E 82 -60.31 -54.77 8.47
CA LEU E 82 -60.93 -53.44 8.49
C LEU E 82 -62.09 -53.35 9.48
N LYS E 83 -62.65 -54.47 9.93
CA LYS E 83 -63.75 -54.44 10.88
C LYS E 83 -63.36 -53.82 12.21
N GLU E 84 -62.16 -54.11 12.71
CA GLU E 84 -61.67 -53.55 13.95
C GLU E 84 -60.92 -52.24 13.76
N LEU E 85 -60.85 -51.74 12.53
CA LEU E 85 -60.04 -50.56 12.19
C LEU E 85 -60.98 -49.37 12.07
N THR E 86 -60.85 -48.43 13.01
CA THR E 86 -61.79 -47.33 13.14
C THR E 86 -61.29 -46.01 12.56
N ASN E 87 -59.97 -45.84 12.42
CA ASN E 87 -59.41 -44.53 12.09
C ASN E 87 -58.93 -44.42 10.64
N LEU E 88 -59.18 -45.43 9.81
CA LEU E 88 -58.77 -45.37 8.42
C LEU E 88 -59.88 -44.77 7.56
N THR E 89 -59.67 -43.54 7.11
CA THR E 89 -60.61 -42.85 6.24
C THR E 89 -60.06 -42.63 4.84
N PHE E 90 -58.75 -42.46 4.70
CA PHE E 90 -58.13 -42.19 3.40
C PHE E 90 -57.89 -43.51 2.68
N LEU E 91 -58.88 -43.90 1.87
CA LEU E 91 -58.76 -45.05 0.98
C LEU E 91 -58.89 -44.54 -0.45
N PHE E 92 -57.77 -44.11 -1.03
CA PHE E 92 -57.75 -43.55 -2.39
C PHE E 92 -56.64 -44.27 -3.17
N LEU E 93 -57.00 -45.40 -3.77
CA LEU E 93 -56.07 -46.19 -4.57
C LEU E 93 -56.80 -46.70 -5.81
N ASN E 94 -56.04 -46.92 -6.87
CA ASN E 94 -56.58 -47.39 -8.15
C ASN E 94 -55.82 -48.65 -8.54
N LEU E 95 -56.43 -49.80 -8.27
CA LEU E 95 -55.84 -51.09 -8.64
C LEU E 95 -56.94 -52.13 -8.70
N ASN E 96 -56.97 -52.92 -9.77
CA ASN E 96 -57.92 -54.00 -9.94
C ASN E 96 -57.39 -55.34 -9.45
N GLN E 97 -56.20 -55.37 -8.85
CA GLN E 97 -55.62 -56.62 -8.40
C GLN E 97 -56.40 -57.22 -7.23
N LEU E 98 -57.25 -56.42 -6.58
CA LEU E 98 -58.08 -56.92 -5.47
C LEU E 98 -59.23 -57.72 -6.04
N GLN E 99 -59.12 -59.05 -5.99
CA GLN E 99 -60.14 -59.93 -6.52
C GLN E 99 -61.29 -60.13 -5.54
N SER E 100 -60.98 -60.36 -4.27
CA SER E 100 -62.01 -60.58 -3.26
C SER E 100 -62.49 -59.25 -2.70
N LEU E 101 -63.81 -59.09 -2.63
CA LEU E 101 -64.41 -57.88 -2.07
C LEU E 101 -64.96 -58.20 -0.69
N PRO E 102 -64.42 -57.61 0.38
CA PRO E 102 -64.92 -57.92 1.72
C PRO E 102 -66.37 -57.47 1.89
N ASN E 103 -67.12 -58.21 2.70
CA ASN E 103 -68.50 -57.89 2.97
C ASN E 103 -68.60 -57.02 4.22
N GLY E 104 -69.63 -56.18 4.28
CA GLY E 104 -69.81 -55.32 5.43
C GLY E 104 -68.84 -54.17 5.52
N VAL E 105 -68.37 -53.67 4.39
CA VAL E 105 -67.48 -52.50 4.40
C VAL E 105 -68.23 -51.25 4.86
N PHE E 106 -69.50 -51.12 4.52
CA PHE E 106 -70.26 -49.90 4.77
C PHE E 106 -70.87 -49.84 6.17
N ASP E 107 -70.71 -50.88 6.99
CA ASP E 107 -71.39 -50.90 8.29
C ASP E 107 -70.92 -49.76 9.19
N LYS E 108 -69.61 -49.57 9.30
CA LYS E 108 -69.06 -48.58 10.22
C LYS E 108 -68.48 -47.38 9.48
N LEU E 109 -68.14 -47.51 8.20
CA LEU E 109 -67.41 -46.48 7.46
C LEU E 109 -68.30 -45.25 7.28
N THR E 110 -68.40 -44.48 8.36
CA THR E 110 -69.08 -43.19 8.39
C THR E 110 -68.15 -42.04 8.75
N ASN E 111 -66.96 -42.33 9.29
CA ASN E 111 -66.00 -41.29 9.61
C ASN E 111 -65.17 -40.88 8.40
N LEU E 112 -65.40 -41.51 7.25
CA LEU E 112 -64.62 -41.22 6.05
C LEU E 112 -64.81 -39.78 5.59
N LYS E 113 -63.74 -39.18 5.09
CA LYS E 113 -63.83 -37.85 4.49
C LYS E 113 -64.01 -37.95 2.97
N GLU E 114 -63.06 -38.59 2.30
CA GLU E 114 -63.13 -38.82 0.86
C GLU E 114 -62.88 -40.30 0.58
N LEU E 115 -63.75 -40.90 -0.23
CA LEU E 115 -63.59 -42.30 -0.63
C LEU E 115 -64.39 -42.50 -1.91
N VAL E 116 -63.68 -42.77 -3.01
CA VAL E 116 -64.29 -43.11 -4.28
C VAL E 116 -63.77 -44.48 -4.70
N LEU E 117 -64.61 -45.23 -5.40
CA LEU E 117 -64.23 -46.56 -5.86
C LEU E 117 -64.96 -46.86 -7.17
N VAL E 118 -64.24 -47.48 -8.11
CA VAL E 118 -64.76 -47.77 -9.43
C VAL E 118 -64.39 -49.20 -9.80
N GLU E 119 -65.10 -49.73 -10.80
CA GLU E 119 -64.81 -51.04 -11.38
C GLU E 119 -64.81 -52.14 -10.31
N ASN E 120 -65.80 -52.04 -9.42
CA ASN E 120 -65.95 -52.99 -8.33
C ASN E 120 -66.65 -54.26 -8.82
N GLN E 121 -66.32 -55.37 -8.16
CA GLN E 121 -66.92 -56.67 -8.49
C GLN E 121 -68.00 -57.05 -7.47
N LEU E 122 -68.67 -56.04 -6.90
CA LEU E 122 -69.73 -56.28 -5.94
C LEU E 122 -70.87 -57.04 -6.61
N GLN E 123 -71.02 -58.32 -6.23
CA GLN E 123 -72.07 -59.18 -6.78
C GLN E 123 -73.43 -58.93 -6.14
N SER E 124 -73.45 -58.61 -4.85
CA SER E 124 -74.69 -58.39 -4.11
C SER E 124 -74.66 -56.97 -3.52
N LEU E 125 -75.24 -56.03 -4.24
CA LEU E 125 -75.36 -54.66 -3.73
C LEU E 125 -76.53 -54.59 -2.77
N PRO E 126 -76.32 -54.18 -1.51
CA PRO E 126 -77.42 -54.16 -0.55
C PRO E 126 -78.56 -53.24 -1.00
N ASP E 127 -79.78 -53.69 -0.77
CA ASP E 127 -80.98 -52.93 -1.13
C ASP E 127 -81.33 -51.96 -0.02
N GLY E 128 -81.69 -50.74 -0.40
CA GLY E 128 -82.06 -49.73 0.58
C GLY E 128 -80.91 -48.97 1.20
N VAL E 129 -79.94 -48.55 0.39
CA VAL E 129 -78.82 -47.76 0.91
C VAL E 129 -79.30 -46.40 1.39
N PHE E 130 -80.27 -45.81 0.70
CA PHE E 130 -80.75 -44.46 0.98
C PHE E 130 -81.92 -44.44 1.95
N ASP E 131 -81.99 -45.42 2.87
CA ASP E 131 -83.13 -45.51 3.77
C ASP E 131 -83.20 -44.31 4.70
N LYS E 132 -82.19 -44.12 5.54
CA LYS E 132 -82.19 -43.06 6.54
C LYS E 132 -81.06 -42.05 6.36
N LEU E 133 -79.99 -42.41 5.66
CA LEU E 133 -78.84 -41.54 5.48
C LEU E 133 -79.17 -40.54 4.37
N THR E 134 -79.81 -39.44 4.76
CA THR E 134 -80.15 -38.37 3.83
C THR E 134 -79.27 -37.15 3.99
N ASN E 135 -78.19 -37.24 4.75
CA ASN E 135 -77.31 -36.09 5.02
C ASN E 135 -76.21 -35.94 3.99
N LEU E 136 -76.09 -36.87 3.03
CA LEU E 136 -75.07 -36.76 2.00
C LEU E 136 -75.40 -35.64 1.04
N THR E 137 -74.39 -34.85 0.69
CA THR E 137 -74.56 -33.77 -0.28
C THR E 137 -74.21 -34.21 -1.70
N LEU E 138 -72.97 -34.67 -1.90
CA LEU E 138 -72.52 -35.16 -3.20
C LEU E 138 -72.63 -36.68 -3.18
N LEU E 139 -73.61 -37.21 -3.90
CA LEU E 139 -73.88 -38.65 -3.93
C LEU E 139 -73.30 -39.24 -5.20
N HIS E 140 -72.63 -40.39 -5.07
CA HIS E 140 -72.10 -41.11 -6.22
C HIS E 140 -72.89 -42.39 -6.41
N LEU E 141 -73.30 -42.67 -7.65
CA LEU E 141 -74.05 -43.86 -8.02
C LEU E 141 -73.27 -44.63 -9.07
N MET E 142 -72.00 -44.81 -8.76
CA MET E 142 -70.99 -45.26 -9.71
C MET E 142 -70.88 -46.79 -9.68
N VAL E 143 -70.94 -47.40 -10.86
CA VAL E 143 -70.88 -48.85 -11.04
C VAL E 143 -71.93 -49.54 -10.18
N ASN E 144 -73.21 -49.25 -10.44
CA ASN E 144 -74.31 -49.79 -9.67
C ASN E 144 -74.98 -50.96 -10.41
N GLN E 145 -75.67 -51.80 -9.63
CA GLN E 145 -76.36 -52.96 -10.17
C GLN E 145 -77.78 -53.14 -9.64
N LEU E 146 -78.40 -52.09 -9.12
CA LEU E 146 -79.74 -52.24 -8.55
C LEU E 146 -80.77 -52.49 -9.64
N GLN E 147 -81.26 -53.72 -9.71
CA GLN E 147 -82.25 -54.12 -10.70
C GLN E 147 -83.69 -53.89 -10.26
N SER E 148 -83.95 -53.84 -8.95
CA SER E 148 -85.29 -53.62 -8.45
C SER E 148 -85.24 -52.59 -7.33
N LEU E 149 -86.22 -51.70 -7.32
CA LEU E 149 -86.28 -50.62 -6.35
C LEU E 149 -87.55 -50.74 -5.51
N PRO E 150 -87.47 -50.38 -4.23
CA PRO E 150 -88.66 -50.38 -3.38
C PRO E 150 -89.66 -49.34 -3.86
N LYS E 151 -90.94 -49.63 -3.64
CA LYS E 151 -92.00 -48.71 -4.04
C LYS E 151 -92.06 -47.54 -3.07
N GLY E 152 -92.04 -46.32 -3.62
CA GLY E 152 -92.09 -45.14 -2.79
C GLY E 152 -90.86 -44.89 -1.96
N VAL E 153 -89.70 -45.42 -2.39
CA VAL E 153 -88.47 -45.25 -1.62
C VAL E 153 -88.00 -43.80 -1.66
N PHE E 154 -88.37 -43.05 -2.70
CA PHE E 154 -87.98 -41.66 -2.84
C PHE E 154 -89.16 -40.72 -2.65
N ASP E 155 -90.05 -41.00 -1.69
CA ASP E 155 -91.22 -40.16 -1.50
C ASP E 155 -90.85 -38.82 -0.89
N LYS E 156 -90.27 -38.83 0.32
CA LYS E 156 -89.89 -37.57 0.97
C LYS E 156 -88.67 -36.93 0.33
N LEU E 157 -87.94 -37.66 -0.51
CA LEU E 157 -86.71 -37.15 -1.10
C LEU E 157 -87.03 -36.29 -2.33
N THR E 158 -87.65 -35.13 -2.04
CA THR E 158 -87.94 -34.14 -3.05
C THR E 158 -86.82 -33.12 -3.22
N ASN E 159 -85.62 -33.43 -2.71
CA ASN E 159 -84.49 -32.51 -2.71
C ASN E 159 -83.47 -32.86 -3.80
N LEU E 160 -83.87 -33.65 -4.80
CA LEU E 160 -82.95 -34.06 -5.86
C LEU E 160 -82.60 -32.87 -6.74
N THR E 161 -81.37 -32.38 -6.59
CA THR E 161 -80.87 -31.27 -7.39
C THR E 161 -79.68 -31.68 -8.24
N GLU E 162 -78.68 -32.33 -7.66
CA GLU E 162 -77.51 -32.79 -8.39
C GLU E 162 -77.68 -34.26 -8.73
N LEU E 163 -77.68 -34.57 -10.02
CA LEU E 163 -77.90 -35.94 -10.47
C LEU E 163 -76.76 -36.35 -11.41
N ASP E 164 -75.97 -37.33 -11.00
CA ASP E 164 -74.98 -37.97 -11.85
C ASP E 164 -75.28 -39.47 -11.99
N LEU E 165 -75.83 -39.83 -13.14
CA LEU E 165 -76.31 -41.18 -13.41
C LEU E 165 -75.57 -41.87 -14.54
N SER E 166 -74.60 -41.20 -15.17
CA SER E 166 -73.87 -41.78 -16.28
C SER E 166 -72.84 -42.77 -15.77
N TYR E 167 -72.13 -43.41 -16.71
CA TYR E 167 -71.05 -44.35 -16.39
C TYR E 167 -71.54 -45.49 -15.50
N ASN E 168 -72.52 -46.25 -15.99
CA ASN E 168 -73.07 -47.38 -15.25
C ASN E 168 -73.54 -48.44 -16.23
N GLN E 169 -74.03 -49.56 -15.69
CA GLN E 169 -74.58 -50.67 -16.47
C GLN E 169 -76.08 -50.79 -16.23
N LEU E 170 -76.75 -49.64 -16.18
CA LEU E 170 -78.19 -49.61 -16.01
C LEU E 170 -78.87 -50.28 -17.19
N GLN E 171 -79.90 -51.08 -16.91
CA GLN E 171 -80.60 -51.83 -17.94
C GLN E 171 -82.03 -51.37 -18.16
N SER E 172 -82.83 -51.27 -17.10
CA SER E 172 -84.23 -50.88 -17.21
C SER E 172 -84.58 -49.93 -16.07
N LEU E 173 -85.80 -49.41 -16.12
CA LEU E 173 -86.31 -48.52 -15.08
C LEU E 173 -87.68 -48.99 -14.63
N PRO E 174 -88.02 -48.75 -13.36
CA PRO E 174 -89.33 -49.18 -12.86
C PRO E 174 -90.46 -48.38 -13.49
N GLU E 175 -91.67 -48.94 -13.38
CA GLU E 175 -92.86 -48.31 -13.95
C GLU E 175 -93.29 -47.14 -13.08
N GLY E 176 -93.04 -45.93 -13.56
CA GLY E 176 -93.44 -44.73 -12.85
C GLY E 176 -92.49 -44.34 -11.73
N VAL E 177 -91.21 -44.23 -12.05
CA VAL E 177 -90.20 -43.85 -11.05
C VAL E 177 -90.12 -42.34 -10.89
N PHE E 178 -90.13 -41.60 -12.00
CA PHE E 178 -90.08 -40.14 -11.95
C PHE E 178 -91.50 -39.55 -12.01
N ASP E 179 -92.26 -39.83 -10.95
CA ASP E 179 -93.63 -39.34 -10.84
C ASP E 179 -93.71 -38.01 -10.10
N LYS E 180 -93.11 -37.93 -8.91
CA LYS E 180 -93.09 -36.66 -8.17
C LYS E 180 -92.06 -35.70 -8.72
N LEU E 181 -91.12 -36.19 -9.53
CA LEU E 181 -90.06 -35.35 -10.10
C LEU E 181 -90.62 -34.65 -11.33
N THR E 182 -90.96 -33.37 -11.16
CA THR E 182 -91.42 -32.53 -12.26
C THR E 182 -90.38 -31.48 -12.64
N GLN E 183 -89.10 -31.76 -12.43
CA GLN E 183 -88.01 -30.84 -12.73
C GLN E 183 -86.89 -31.60 -13.46
N LEU E 184 -87.25 -32.22 -14.58
CA LEU E 184 -86.28 -32.85 -15.47
C LEU E 184 -85.55 -31.75 -16.23
N LYS E 185 -84.29 -31.51 -15.87
CA LYS E 185 -83.53 -30.37 -16.38
C LYS E 185 -82.41 -30.77 -17.32
N ASP E 186 -81.56 -31.72 -16.91
CA ASP E 186 -80.38 -32.09 -17.70
C ASP E 186 -80.13 -33.59 -17.55
N LEU E 187 -80.35 -34.33 -18.63
CA LEU E 187 -80.08 -35.77 -18.66
C LEU E 187 -79.84 -36.20 -20.09
N ARG E 188 -78.94 -37.18 -20.24
CA ARG E 188 -78.61 -37.77 -21.52
C ARG E 188 -78.70 -39.29 -21.42
N LEU E 189 -79.10 -39.94 -22.50
CA LEU E 189 -79.47 -41.35 -22.47
C LEU E 189 -78.83 -42.10 -23.63
N TYR E 190 -77.53 -41.91 -23.82
CA TYR E 190 -76.78 -42.61 -24.84
C TYR E 190 -76.05 -43.80 -24.23
N GLN E 191 -75.47 -44.62 -25.12
CA GLN E 191 -74.72 -45.84 -24.76
C GLN E 191 -75.48 -46.72 -23.78
N ASN E 192 -76.81 -46.59 -23.80
CA ASN E 192 -77.68 -47.31 -22.87
C ASN E 192 -78.56 -48.29 -23.62
N GLN E 193 -79.23 -49.15 -22.87
CA GLN E 193 -80.13 -50.17 -23.39
C GLN E 193 -81.52 -50.07 -22.77
N LEU E 194 -82.08 -48.87 -22.77
CA LEU E 194 -83.37 -48.63 -22.12
C LEU E 194 -84.45 -49.55 -22.67
N LYS E 195 -85.25 -50.11 -21.76
CA LYS E 195 -86.36 -51.00 -22.09
C LYS E 195 -87.72 -50.38 -21.87
N SER E 196 -87.93 -49.66 -20.76
CA SER E 196 -89.25 -49.15 -20.40
C SER E 196 -89.16 -47.65 -20.12
N VAL E 197 -90.06 -46.88 -20.72
CA VAL E 197 -90.18 -45.45 -20.48
C VAL E 197 -91.12 -45.23 -19.31
N PRO E 198 -90.75 -44.42 -18.31
CA PRO E 198 -91.64 -44.20 -17.16
C PRO E 198 -92.96 -43.58 -17.58
N ASP E 199 -94.02 -43.98 -16.88
CA ASP E 199 -95.36 -43.48 -17.13
C ASP E 199 -95.76 -42.50 -16.03
N GLY E 200 -96.75 -41.67 -16.34
CA GLY E 200 -97.22 -40.67 -15.40
C GLY E 200 -96.34 -39.44 -15.30
N VAL E 201 -95.41 -39.28 -16.25
CA VAL E 201 -94.49 -38.15 -16.24
C VAL E 201 -94.85 -37.09 -17.27
N PHE E 202 -95.80 -37.38 -18.17
CA PHE E 202 -96.24 -36.43 -19.17
C PHE E 202 -97.72 -36.06 -19.00
N ASP E 203 -98.32 -36.40 -17.87
CA ASP E 203 -99.74 -36.11 -17.67
C ASP E 203 -99.96 -34.65 -17.33
N ARG E 204 -99.31 -34.17 -16.26
CA ARG E 204 -99.38 -32.76 -15.90
C ARG E 204 -98.26 -31.95 -16.54
N LEU E 205 -97.31 -32.60 -17.22
CA LEU E 205 -96.17 -31.92 -17.81
C LEU E 205 -96.54 -31.44 -19.22
N THR E 206 -97.56 -30.58 -19.26
CA THR E 206 -97.98 -29.96 -20.50
C THR E 206 -97.32 -28.62 -20.75
N SER E 207 -96.77 -27.99 -19.71
CA SER E 207 -96.04 -26.74 -19.84
C SER E 207 -94.53 -26.95 -19.91
N LEU E 208 -94.09 -28.11 -20.41
CA LEU E 208 -92.69 -28.43 -20.46
C LEU E 208 -91.94 -27.52 -21.43
N GLN E 209 -90.67 -27.27 -21.15
CA GLN E 209 -89.82 -26.47 -22.02
C GLN E 209 -88.63 -27.24 -22.56
N TYR E 210 -88.31 -28.42 -22.01
CA TYR E 210 -87.22 -29.24 -22.50
C TYR E 210 -87.73 -30.67 -22.68
N ILE E 211 -87.46 -31.25 -23.85
CA ILE E 211 -87.90 -32.60 -24.15
C ILE E 211 -86.75 -33.31 -24.86
N TRP E 212 -86.58 -34.60 -24.57
CA TRP E 212 -85.47 -35.38 -25.09
C TRP E 212 -86.00 -36.65 -25.74
N LEU E 213 -85.82 -36.75 -27.06
CA LEU E 213 -86.34 -37.90 -27.79
C LEU E 213 -85.29 -38.61 -28.65
N HIS E 214 -84.06 -38.11 -28.70
CA HIS E 214 -83.07 -38.65 -29.62
C HIS E 214 -82.65 -40.06 -29.22
N ASP E 215 -82.43 -40.90 -30.24
CA ASP E 215 -81.94 -42.27 -30.05
C ASP E 215 -82.86 -43.05 -29.10
N ASN E 216 -84.16 -43.03 -29.41
CA ASN E 216 -85.15 -43.70 -28.59
C ASN E 216 -86.15 -44.43 -29.48
N PRO E 217 -86.38 -45.74 -29.26
CA PRO E 217 -87.34 -46.47 -30.12
C PRO E 217 -88.81 -46.25 -29.75
N TRP E 218 -89.35 -45.15 -30.26
CA TRP E 218 -90.77 -44.85 -30.10
C TRP E 218 -91.61 -45.91 -30.79
N ASP E 219 -92.66 -46.38 -30.11
CA ASP E 219 -93.55 -47.39 -30.65
C ASP E 219 -94.56 -46.73 -31.58
N CYS E 220 -94.88 -47.40 -32.69
CA CYS E 220 -95.86 -46.90 -33.65
C CYS E 220 -97.29 -47.28 -33.30
N THR E 221 -97.51 -47.92 -32.16
CA THR E 221 -98.83 -48.43 -31.79
C THR E 221 -99.83 -47.28 -31.69
N CYS E 222 -100.79 -47.26 -32.61
CA CYS E 222 -101.85 -46.27 -32.60
C CYS E 222 -102.80 -46.51 -31.42
N PRO E 223 -103.34 -45.43 -30.83
CA PRO E 223 -103.06 -44.02 -31.08
C PRO E 223 -102.19 -43.39 -29.98
N GLY E 224 -101.13 -44.08 -29.59
CA GLY E 224 -100.35 -43.68 -28.44
C GLY E 224 -99.60 -42.37 -28.58
N ILE E 225 -98.59 -42.34 -29.43
CA ILE E 225 -97.70 -41.19 -29.55
C ILE E 225 -97.75 -40.63 -30.98
N ARG E 226 -98.83 -40.92 -31.71
CA ARG E 226 -98.95 -40.46 -33.09
C ARG E 226 -98.94 -38.94 -33.19
N TYR E 227 -99.67 -38.28 -32.29
CA TYR E 227 -99.74 -36.82 -32.33
C TYR E 227 -98.37 -36.19 -32.12
N LEU E 228 -97.64 -36.65 -31.09
CA LEU E 228 -96.31 -36.10 -30.83
C LEU E 228 -95.35 -36.42 -31.96
N SER E 229 -95.42 -37.64 -32.51
CA SER E 229 -94.54 -38.00 -33.61
C SER E 229 -94.78 -37.12 -34.83
N GLU E 230 -96.06 -36.89 -35.18
CA GLU E 230 -96.36 -36.03 -36.31
C GLU E 230 -95.93 -34.59 -36.04
N TRP E 231 -96.13 -34.10 -34.82
CA TRP E 231 -95.75 -32.74 -34.50
C TRP E 231 -94.25 -32.53 -34.59
N ILE E 232 -93.45 -33.48 -34.09
CA ILE E 232 -92.00 -33.35 -34.17
C ILE E 232 -91.51 -33.60 -35.59
N ASN E 233 -92.27 -34.38 -36.38
CA ASN E 233 -91.90 -34.59 -37.77
C ASN E 233 -92.13 -33.34 -38.61
N LYS E 234 -93.17 -32.56 -38.28
CA LYS E 234 -93.44 -31.33 -39.02
C LYS E 234 -92.31 -30.33 -38.85
N HIS E 235 -91.57 -30.39 -37.74
CA HIS E 235 -90.44 -29.51 -37.46
C HIS E 235 -89.11 -30.23 -37.69
N SER E 236 -89.04 -31.06 -38.72
CA SER E 236 -87.86 -31.88 -38.99
C SER E 236 -86.62 -31.06 -39.33
N GLY E 237 -86.76 -29.77 -39.63
CA GLY E 237 -85.64 -28.95 -40.00
C GLY E 237 -84.69 -28.57 -38.88
N VAL E 238 -84.98 -28.96 -37.64
CA VAL E 238 -84.12 -28.65 -36.51
C VAL E 238 -83.43 -29.87 -35.95
N VAL E 239 -84.08 -31.03 -35.91
CA VAL E 239 -83.51 -32.23 -35.32
C VAL E 239 -82.41 -32.77 -36.22
N ARG E 240 -81.27 -33.09 -35.63
CA ARG E 240 -80.15 -33.69 -36.36
C ARG E 240 -79.84 -35.08 -35.82
N SER E 241 -78.77 -35.70 -36.33
CA SER E 241 -78.41 -37.04 -35.91
C SER E 241 -76.89 -37.10 -35.76
N PHE E 242 -76.40 -38.25 -35.28
CA PHE E 242 -74.97 -38.47 -35.09
C PHE E 242 -74.28 -39.07 -36.31
N ILE E 243 -74.94 -39.99 -37.01
CA ILE E 243 -74.36 -40.63 -38.19
C ILE E 243 -74.61 -39.75 -39.41
N PRO E 244 -73.70 -39.73 -40.39
CA PRO E 244 -73.91 -38.92 -41.60
C PRO E 244 -74.79 -39.62 -42.63
N LEU E 245 -76.10 -39.51 -42.43
CA LEU E 245 -77.08 -40.16 -43.29
C LEU E 245 -78.16 -39.15 -43.68
N TRP E 246 -78.93 -39.51 -44.70
CA TRP E 246 -79.99 -38.63 -45.21
C TRP E 246 -81.04 -38.45 -44.12
N ALA E 247 -81.16 -37.22 -43.62
CA ALA E 247 -82.06 -36.95 -42.49
C ALA E 247 -83.52 -37.22 -42.80
N PRO E 248 -84.09 -36.77 -43.93
CA PRO E 248 -85.54 -37.02 -44.15
C PRO E 248 -85.90 -38.49 -44.17
N ASP E 249 -85.00 -39.37 -44.58
CA ASP E 249 -85.29 -40.81 -44.61
C ASP E 249 -85.20 -41.46 -43.23
N SER E 250 -84.68 -40.76 -42.23
CA SER E 250 -84.56 -41.36 -40.90
C SER E 250 -85.92 -41.63 -40.28
N ALA E 251 -86.87 -40.72 -40.47
CA ALA E 251 -88.20 -40.86 -39.88
C ALA E 251 -88.99 -41.92 -40.63
N LYS E 252 -88.74 -43.19 -40.32
CA LYS E 252 -89.41 -44.29 -40.98
C LYS E 252 -89.81 -45.33 -39.94
N CYS E 253 -91.11 -45.56 -39.82
CA CYS E 253 -91.61 -46.58 -38.90
C CYS E 253 -91.23 -47.98 -39.40
N SER E 254 -90.99 -48.88 -38.46
CA SER E 254 -90.48 -50.21 -38.76
C SER E 254 -91.62 -51.15 -39.13
N GLY E 255 -91.35 -52.04 -40.09
CA GLY E 255 -92.26 -53.12 -40.39
C GLY E 255 -93.23 -52.89 -41.53
N SER E 256 -94.14 -51.92 -41.37
CA SER E 256 -95.25 -51.77 -42.30
C SER E 256 -94.78 -51.47 -43.72
N GLY E 257 -94.15 -50.31 -43.91
CA GLY E 257 -93.71 -49.90 -45.22
C GLY E 257 -94.77 -49.30 -46.11
N LYS E 258 -96.01 -49.23 -45.65
CA LYS E 258 -97.08 -48.63 -46.45
C LYS E 258 -97.10 -47.12 -46.24
N PRO E 259 -97.68 -46.36 -47.18
CA PRO E 259 -97.71 -44.89 -47.03
C PRO E 259 -98.57 -44.48 -45.85
N VAL E 260 -98.47 -43.18 -45.53
CA VAL E 260 -99.13 -42.66 -44.32
C VAL E 260 -100.63 -42.62 -44.52
N ARG E 261 -101.09 -42.14 -45.67
CA ARG E 261 -102.52 -41.94 -45.88
C ARG E 261 -103.31 -43.24 -45.95
N SER E 262 -102.64 -44.37 -46.13
CA SER E 262 -103.33 -45.66 -46.28
C SER E 262 -103.43 -46.43 -44.97
N ILE E 263 -103.09 -45.82 -43.84
CA ILE E 263 -103.12 -46.51 -42.55
C ILE E 263 -104.43 -46.16 -41.85
N ILE E 264 -105.22 -47.18 -41.54
CA ILE E 264 -106.44 -47.02 -40.75
C ILE E 264 -106.17 -47.54 -39.35
N CYS E 265 -106.23 -46.66 -38.36
CA CYS E 265 -105.91 -47.02 -36.98
C CYS E 265 -107.10 -47.78 -36.38
N PRO E 266 -106.93 -49.02 -35.94
CA PRO E 266 -108.05 -49.75 -35.35
C PRO E 266 -108.38 -49.24 -33.96
N THR E 267 -109.61 -49.50 -33.52
CA THR E 267 -110.09 -49.10 -32.20
C THR E 267 -109.89 -47.62 -31.94
N THR F 8 -18.26 -54.79 48.99
CA THR F 8 -19.05 -56.00 49.18
C THR F 8 -20.36 -55.94 48.40
N PRO F 9 -20.29 -56.18 47.10
CA PRO F 9 -21.49 -56.10 46.26
C PRO F 9 -22.48 -57.21 46.59
N ILE F 10 -23.75 -56.83 46.76
CA ILE F 10 -24.85 -57.77 46.96
C ILE F 10 -25.97 -57.39 46.00
N LYS F 11 -26.87 -58.33 45.75
CA LYS F 11 -27.98 -58.16 44.84
C LYS F 11 -29.29 -58.06 45.62
N GLN F 12 -30.33 -57.59 44.93
CA GLN F 12 -31.68 -57.49 45.48
C GLN F 12 -31.71 -56.66 46.77
N ILE F 13 -31.04 -55.51 46.74
CA ILE F 13 -31.03 -54.60 47.87
C ILE F 13 -31.99 -53.43 47.68
N PHE F 14 -32.51 -53.22 46.48
CA PHE F 14 -33.31 -52.03 46.20
C PHE F 14 -34.75 -52.45 45.93
N PRO F 15 -35.66 -52.35 46.90
CA PRO F 15 -37.07 -52.67 46.62
C PRO F 15 -37.82 -51.57 45.91
N ASP F 16 -37.38 -50.32 46.04
CA ASP F 16 -38.09 -49.17 45.45
C ASP F 16 -37.25 -48.56 44.33
N ASP F 17 -37.83 -47.55 43.68
CA ASP F 17 -37.20 -46.88 42.56
C ASP F 17 -37.27 -45.36 42.70
N ALA F 18 -37.27 -44.86 43.94
CA ALA F 18 -37.25 -43.41 44.15
C ALA F 18 -35.93 -42.80 43.70
N PHE F 19 -34.81 -43.49 43.93
CA PHE F 19 -33.53 -43.00 43.43
C PHE F 19 -33.51 -42.98 41.91
N ALA F 20 -34.24 -43.89 41.26
CA ALA F 20 -34.38 -43.82 39.82
C ALA F 20 -35.10 -42.55 39.39
N GLU F 21 -36.15 -42.16 40.14
CA GLU F 21 -36.84 -40.91 39.84
C GLU F 21 -35.90 -39.71 40.05
N THR F 22 -35.10 -39.74 41.11
CA THR F 22 -34.15 -38.65 41.34
C THR F 22 -33.13 -38.57 40.22
N ILE F 23 -32.64 -39.72 39.75
CA ILE F 23 -31.68 -39.73 38.65
C ILE F 23 -32.33 -39.19 37.38
N LYS F 24 -33.57 -39.60 37.11
CA LYS F 24 -34.26 -39.11 35.92
C LYS F 24 -34.49 -37.61 36.00
N ALA F 25 -34.72 -37.09 37.20
CA ALA F 25 -34.94 -35.65 37.37
C ALA F 25 -33.65 -34.86 37.25
N ASN F 26 -32.53 -35.38 37.76
CA ASN F 26 -31.28 -34.63 37.79
C ASN F 26 -30.41 -34.89 36.55
N LEU F 27 -30.00 -36.14 36.34
CA LEU F 27 -29.17 -36.47 35.19
C LEU F 27 -29.95 -36.51 33.88
N LYS F 28 -31.27 -36.77 33.96
CA LYS F 28 -32.13 -36.85 32.77
C LYS F 28 -31.62 -37.90 31.79
N LYS F 29 -31.15 -39.02 32.32
CA LYS F 29 -30.61 -40.08 31.47
C LYS F 29 -31.73 -40.84 30.78
N LYS F 30 -31.34 -41.66 29.80
CA LYS F 30 -32.33 -42.29 28.92
C LYS F 30 -33.20 -43.28 29.66
N SER F 31 -32.61 -44.12 30.51
CA SER F 31 -33.37 -45.21 31.12
C SER F 31 -32.82 -45.49 32.51
N VAL F 32 -33.65 -46.15 33.33
CA VAL F 32 -33.26 -46.50 34.68
C VAL F 32 -32.18 -47.57 34.67
N THR F 33 -32.28 -48.54 33.75
CA THR F 33 -31.33 -49.64 33.68
C THR F 33 -29.92 -49.19 33.35
N ASP F 34 -29.75 -47.96 32.85
CA ASP F 34 -28.41 -47.45 32.59
C ASP F 34 -27.65 -47.27 33.91
N ALA F 35 -26.54 -47.98 34.04
CA ALA F 35 -25.70 -47.94 35.23
C ALA F 35 -24.82 -46.70 35.19
N VAL F 36 -24.50 -46.16 36.36
CA VAL F 36 -23.59 -45.02 36.44
C VAL F 36 -22.22 -45.43 35.94
N THR F 37 -21.80 -44.84 34.83
CA THR F 37 -20.57 -45.26 34.17
C THR F 37 -19.34 -44.91 35.00
N GLN F 38 -18.25 -45.63 34.72
CA GLN F 38 -16.99 -45.35 35.40
C GLN F 38 -16.47 -43.95 35.07
N ASN F 39 -16.66 -43.51 33.82
CA ASN F 39 -16.17 -42.21 33.41
C ASN F 39 -16.84 -41.07 34.19
N GLU F 40 -18.15 -41.18 34.40
CA GLU F 40 -18.87 -40.14 35.13
C GLU F 40 -18.38 -40.02 36.56
N LEU F 41 -18.20 -41.16 37.25
CA LEU F 41 -17.74 -41.12 38.62
C LEU F 41 -16.29 -40.66 38.73
N ASN F 42 -15.45 -41.06 37.77
CA ASN F 42 -14.04 -40.72 37.84
C ASN F 42 -13.75 -39.32 37.32
N SER F 43 -14.70 -38.69 36.64
CA SER F 43 -14.46 -37.34 36.11
C SER F 43 -14.72 -36.28 37.18
N ILE F 44 -15.93 -36.22 37.70
CA ILE F 44 -16.30 -35.22 38.71
C ILE F 44 -16.26 -35.88 40.08
N ASP F 45 -16.17 -35.04 41.12
CA ASP F 45 -16.04 -35.54 42.49
C ASP F 45 -17.14 -34.97 43.38
N GLN F 46 -17.75 -33.87 42.96
CA GLN F 46 -18.74 -33.16 43.77
C GLN F 46 -20.08 -33.14 43.05
N ILE F 47 -21.16 -33.20 43.83
CA ILE F 47 -22.53 -33.13 43.33
C ILE F 47 -23.25 -32.00 44.05
N TYR F 48 -23.98 -31.19 43.30
CA TYR F 48 -24.60 -29.98 43.82
C TYR F 48 -26.12 -30.11 43.71
N ALA F 49 -26.78 -30.33 44.85
CA ALA F 49 -28.24 -30.38 44.91
C ALA F 49 -28.67 -30.09 46.34
N PRO F 50 -28.92 -28.83 46.67
CA PRO F 50 -29.27 -28.47 48.04
C PRO F 50 -30.73 -28.67 48.37
N ASP F 51 -30.99 -28.91 49.66
CA ASP F 51 -32.34 -29.10 50.20
C ASP F 51 -33.08 -30.22 49.46
N SER F 52 -32.53 -31.42 49.57
CA SER F 52 -33.09 -32.59 48.91
C SER F 52 -34.01 -33.35 49.86
N ASP F 53 -34.88 -34.17 49.27
CA ASP F 53 -35.85 -34.97 50.00
C ASP F 53 -35.87 -36.41 49.48
N ILE F 54 -34.68 -36.99 49.33
CA ILE F 54 -34.54 -38.34 48.81
C ILE F 54 -35.20 -39.32 49.76
N LYS F 55 -36.03 -40.22 49.22
CA LYS F 55 -36.78 -41.16 50.01
C LYS F 55 -36.10 -42.52 50.16
N SER F 56 -35.39 -42.98 49.13
CA SER F 56 -34.72 -44.27 49.17
C SER F 56 -33.41 -44.15 49.95
N VAL F 57 -33.32 -44.88 51.06
CA VAL F 57 -32.11 -44.86 51.87
C VAL F 57 -31.02 -45.81 51.35
N GLN F 58 -31.37 -46.71 50.43
CA GLN F 58 -30.40 -47.65 49.89
C GLN F 58 -29.61 -47.01 48.75
N GLY F 59 -28.43 -47.57 48.49
CA GLY F 59 -27.52 -47.01 47.52
C GLY F 59 -26.70 -45.86 48.05
N ILE F 60 -26.91 -45.48 49.31
CA ILE F 60 -26.20 -44.36 49.92
C ILE F 60 -24.83 -44.74 50.44
N GLN F 61 -24.54 -46.03 50.59
CA GLN F 61 -23.23 -46.45 51.05
C GLN F 61 -22.18 -46.30 49.95
N TYR F 62 -22.56 -46.58 48.70
CA TYR F 62 -21.62 -46.57 47.59
C TYR F 62 -21.28 -45.17 47.09
N LEU F 63 -21.97 -44.14 47.57
CA LEU F 63 -21.69 -42.75 47.22
C LEU F 63 -21.13 -42.05 48.46
N PRO F 64 -19.87 -41.61 48.39
CA PRO F 64 -19.24 -40.96 49.55
C PRO F 64 -19.48 -39.45 49.65
N ASN F 65 -20.46 -38.92 48.93
CA ASN F 65 -20.73 -37.48 48.89
C ASN F 65 -21.96 -37.18 49.76
N VAL F 66 -22.09 -37.92 50.86
CA VAL F 66 -23.23 -37.78 51.74
C VAL F 66 -23.12 -36.50 52.56
N ARG F 67 -24.15 -35.67 52.48
CA ARG F 67 -24.20 -34.42 53.24
C ARG F 67 -25.48 -34.22 54.02
N SER F 68 -26.63 -34.59 53.45
CA SER F 68 -27.92 -34.39 54.10
C SER F 68 -28.83 -35.57 53.76
N LEU F 69 -29.39 -36.20 54.79
CA LEU F 69 -30.33 -37.32 54.60
C LEU F 69 -31.57 -37.03 55.44
N LYS F 70 -32.65 -36.63 54.78
CA LYS F 70 -33.93 -36.42 55.44
C LYS F 70 -34.65 -37.76 55.51
N LEU F 71 -34.77 -38.32 56.72
CA LEU F 71 -35.25 -39.68 56.90
C LEU F 71 -36.75 -39.66 57.19
N ARG F 72 -37.53 -39.49 56.11
CA ARG F 72 -38.98 -39.66 56.15
C ARG F 72 -39.34 -40.81 55.23
N SER F 73 -39.57 -41.98 55.82
CA SER F 73 -39.93 -43.18 55.05
C SER F 73 -40.94 -43.97 55.85
N ASN F 74 -42.14 -44.15 55.29
CA ASN F 74 -43.19 -44.88 55.98
C ASN F 74 -43.01 -46.39 55.87
N LYS F 75 -42.63 -46.89 54.68
CA LYS F 75 -42.51 -48.32 54.45
C LYS F 75 -41.20 -48.91 54.97
N LEU F 76 -40.23 -48.09 55.32
CA LEU F 76 -38.95 -48.59 55.81
C LEU F 76 -39.07 -49.03 57.26
N HIS F 77 -38.58 -50.23 57.57
CA HIS F 77 -38.61 -50.76 58.92
C HIS F 77 -37.29 -51.42 59.29
N ASP F 78 -36.19 -50.96 58.69
CA ASP F 78 -34.87 -51.51 58.97
C ASP F 78 -33.89 -50.37 59.21
N ILE F 79 -33.09 -50.50 60.27
CA ILE F 79 -32.08 -49.49 60.60
C ILE F 79 -30.72 -50.17 60.66
N SER F 80 -30.64 -51.40 60.16
CA SER F 80 -29.38 -52.14 60.16
C SER F 80 -28.54 -51.85 58.92
N ALA F 81 -29.04 -50.99 58.01
CA ALA F 81 -28.33 -50.69 56.79
C ALA F 81 -27.09 -49.82 57.00
N LEU F 82 -26.83 -49.39 58.23
CA LEU F 82 -25.65 -48.59 58.55
C LEU F 82 -24.59 -49.39 59.31
N LYS F 83 -24.52 -50.70 59.06
CA LYS F 83 -23.53 -51.53 59.73
C LYS F 83 -22.21 -51.57 58.97
N GLU F 84 -22.27 -51.49 57.65
CA GLU F 84 -21.10 -51.67 56.79
C GLU F 84 -20.42 -50.35 56.42
N LEU F 85 -20.46 -49.34 57.28
CA LEU F 85 -19.79 -48.07 57.01
C LEU F 85 -18.46 -48.06 57.76
N THR F 86 -17.37 -47.90 57.00
CA THR F 86 -16.03 -47.91 57.56
C THR F 86 -15.12 -46.85 56.95
N ASN F 87 -15.71 -45.85 56.28
CA ASN F 87 -14.93 -44.78 55.67
C ASN F 87 -15.54 -43.40 55.85
N LEU F 88 -16.47 -43.22 56.78
CA LEU F 88 -17.15 -41.94 56.94
C LEU F 88 -16.30 -40.98 57.77
N THR F 89 -16.44 -39.68 57.47
CA THR F 89 -15.78 -38.63 58.22
C THR F 89 -16.74 -37.62 58.84
N PHE F 90 -17.92 -37.42 58.27
CA PHE F 90 -18.91 -36.50 58.79
C PHE F 90 -20.26 -37.20 58.87
N LEU F 91 -21.03 -36.85 59.91
CA LEU F 91 -22.32 -37.50 60.18
C LEU F 91 -23.38 -36.44 60.42
N PHE F 92 -24.60 -36.72 59.95
CA PHE F 92 -25.73 -35.81 60.13
C PHE F 92 -27.00 -36.62 59.98
N LEU F 93 -27.87 -36.58 60.98
CA LEU F 93 -29.13 -37.31 60.96
C LEU F 93 -30.19 -36.53 61.72
N ASN F 94 -31.44 -36.93 61.54
CA ASN F 94 -32.56 -36.29 62.24
C ASN F 94 -33.63 -37.34 62.50
N LEU F 95 -33.77 -37.75 63.75
CA LEU F 95 -34.80 -38.71 64.15
C LEU F 95 -35.08 -38.55 65.64
N ASN F 96 -36.35 -38.66 66.00
CA ASN F 96 -36.73 -38.57 67.41
C ASN F 96 -36.91 -39.93 68.06
N GLN F 97 -37.32 -40.95 67.30
CA GLN F 97 -37.61 -42.27 67.85
C GLN F 97 -36.44 -43.25 67.72
N LEU F 98 -35.31 -42.82 67.18
CA LEU F 98 -34.15 -43.71 67.05
C LEU F 98 -33.61 -44.04 68.44
N GLN F 99 -33.38 -45.33 68.70
CA GLN F 99 -33.02 -45.80 70.02
C GLN F 99 -31.69 -46.55 70.06
N SER F 100 -31.32 -47.25 68.98
CA SER F 100 -30.10 -48.03 68.98
C SER F 100 -29.50 -48.09 67.57
N LEU F 101 -28.20 -48.32 67.52
CA LEU F 101 -27.39 -48.50 66.32
C LEU F 101 -26.54 -49.77 66.46
N PRO F 102 -26.18 -50.40 65.34
CA PRO F 102 -25.34 -51.60 65.43
C PRO F 102 -23.98 -51.30 66.04
N ASN F 103 -23.48 -52.27 66.81
CA ASN F 103 -22.21 -52.11 67.51
C ASN F 103 -21.06 -52.59 66.63
N GLY F 104 -19.87 -52.65 67.25
CA GLY F 104 -18.69 -53.08 66.55
C GLY F 104 -18.14 -52.10 65.54
N VAL F 105 -18.51 -50.82 65.64
CA VAL F 105 -18.04 -49.83 64.68
C VAL F 105 -16.92 -48.97 65.23
N PHE F 106 -17.00 -48.56 66.50
CA PHE F 106 -16.02 -47.65 67.09
C PHE F 106 -14.61 -48.21 67.09
N ASP F 107 -14.46 -49.53 67.09
CA ASP F 107 -13.13 -50.14 67.19
C ASP F 107 -12.36 -50.06 65.88
N LYS F 108 -13.04 -50.19 64.74
CA LYS F 108 -12.35 -50.26 63.46
C LYS F 108 -12.16 -48.90 62.79
N LEU F 109 -12.98 -47.91 63.10
CA LEU F 109 -12.86 -46.59 62.50
C LEU F 109 -12.26 -45.61 63.51
N THR F 110 -11.24 -44.87 63.08
CA THR F 110 -10.60 -43.88 63.95
C THR F 110 -10.30 -42.60 63.18
N ASN F 111 -11.24 -42.13 62.35
CA ASN F 111 -11.01 -40.95 61.53
C ASN F 111 -12.13 -39.92 61.62
N LEU F 112 -13.33 -40.30 62.04
CA LEU F 112 -14.44 -39.35 62.11
C LEU F 112 -14.13 -38.25 63.14
N LYS F 113 -14.58 -37.04 62.84
CA LYS F 113 -14.27 -35.88 63.66
C LYS F 113 -15.51 -35.20 64.22
N GLU F 114 -16.54 -34.99 63.41
CA GLU F 114 -17.69 -34.17 63.79
C GLU F 114 -18.96 -35.01 63.78
N LEU F 115 -19.81 -34.80 64.79
CA LEU F 115 -21.10 -35.48 64.90
C LEU F 115 -22.13 -34.49 65.44
N VAL F 116 -23.40 -34.83 65.25
CA VAL F 116 -24.50 -33.99 65.70
C VAL F 116 -25.67 -34.89 66.03
N LEU F 117 -26.38 -34.55 67.12
CA LEU F 117 -27.53 -35.33 67.55
C LEU F 117 -28.51 -34.41 68.28
N VAL F 118 -29.80 -34.61 68.02
CA VAL F 118 -30.87 -33.85 68.67
C VAL F 118 -31.97 -34.81 69.06
N GLU F 119 -32.40 -34.73 70.33
CA GLU F 119 -33.52 -35.52 70.85
C GLU F 119 -33.28 -37.02 70.65
N ASN F 120 -32.03 -37.44 70.78
CA ASN F 120 -31.70 -38.86 70.63
C ASN F 120 -32.13 -39.64 71.87
N GLN F 121 -32.34 -40.94 71.67
CA GLN F 121 -32.76 -41.85 72.73
C GLN F 121 -31.80 -43.02 72.84
N LEU F 122 -30.50 -42.73 72.86
CA LEU F 122 -29.48 -43.76 73.04
C LEU F 122 -29.54 -44.23 74.50
N GLN F 123 -30.19 -45.38 74.72
CA GLN F 123 -30.47 -45.82 76.09
C GLN F 123 -29.22 -46.25 76.85
N SER F 124 -28.19 -46.75 76.17
CA SER F 124 -27.02 -47.26 76.86
C SER F 124 -25.81 -47.21 75.93
N LEU F 125 -24.65 -46.89 76.52
CA LEU F 125 -23.36 -46.90 75.87
C LEU F 125 -22.47 -47.98 76.48
N PRO F 126 -21.58 -48.59 75.70
CA PRO F 126 -20.69 -49.61 76.26
C PRO F 126 -19.74 -49.01 77.29
N ASP F 127 -19.41 -49.82 78.29
CA ASP F 127 -18.55 -49.36 79.37
C ASP F 127 -17.08 -49.58 79.01
N GLY F 128 -16.26 -48.58 79.33
CA GLY F 128 -14.83 -48.67 79.07
C GLY F 128 -14.47 -48.76 77.61
N VAL F 129 -15.10 -47.94 76.77
CA VAL F 129 -14.83 -47.91 75.34
C VAL F 129 -14.21 -46.58 74.92
N PHE F 130 -14.70 -45.47 75.49
CA PHE F 130 -14.20 -44.16 75.12
C PHE F 130 -12.79 -43.89 75.63
N ASP F 131 -12.26 -44.77 76.49
CA ASP F 131 -10.92 -44.54 77.04
C ASP F 131 -9.87 -44.55 75.93
N LYS F 132 -9.94 -45.51 75.01
CA LYS F 132 -8.98 -45.55 73.92
C LYS F 132 -9.29 -44.49 72.86
N LEU F 133 -10.56 -44.13 72.69
CA LEU F 133 -10.97 -43.13 71.70
C LEU F 133 -10.83 -41.73 72.31
N THR F 134 -9.58 -41.35 72.54
CA THR F 134 -9.28 -40.03 73.10
C THR F 134 -9.54 -38.90 72.10
N ASN F 135 -9.66 -39.21 70.81
CA ASN F 135 -9.86 -38.18 69.80
C ASN F 135 -11.28 -37.66 69.77
N LEU F 136 -12.23 -38.33 70.42
CA LEU F 136 -13.61 -37.86 70.44
C LEU F 136 -13.70 -36.62 71.31
N THR F 137 -13.82 -35.45 70.68
CA THR F 137 -13.78 -34.18 71.41
C THR F 137 -15.18 -33.62 71.65
N LEU F 138 -15.96 -33.44 70.58
CA LEU F 138 -17.26 -32.80 70.68
C LEU F 138 -18.37 -33.84 70.79
N LEU F 139 -19.39 -33.52 71.58
CA LEU F 139 -20.56 -34.39 71.77
C LEU F 139 -21.71 -33.50 72.23
N HIS F 140 -22.75 -33.42 71.40
CA HIS F 140 -23.91 -32.60 71.70
C HIS F 140 -24.74 -33.27 72.79
N LEU F 141 -24.62 -32.78 74.02
CA LEU F 141 -25.28 -33.37 75.17
C LEU F 141 -26.65 -32.76 75.43
N MET F 142 -27.14 -31.91 74.53
CA MET F 142 -28.41 -31.24 74.70
C MET F 142 -29.57 -32.24 74.69
N VAL F 143 -30.55 -32.00 75.56
CA VAL F 143 -31.74 -32.83 75.75
C VAL F 143 -31.44 -34.32 75.65
N ASN F 144 -30.26 -34.73 76.12
CA ASN F 144 -29.87 -36.12 76.12
C ASN F 144 -30.76 -36.92 77.07
N GLN F 145 -31.08 -38.15 76.65
CA GLN F 145 -31.95 -39.05 77.41
C GLN F 145 -31.19 -40.23 77.97
N LEU F 146 -29.96 -39.98 78.43
CA LEU F 146 -29.15 -41.00 79.08
C LEU F 146 -29.70 -41.23 80.48
N GLN F 147 -30.69 -42.12 80.58
CA GLN F 147 -31.32 -42.39 81.87
C GLN F 147 -30.35 -43.04 82.83
N SER F 148 -29.40 -43.83 82.34
CA SER F 148 -28.39 -44.46 83.15
C SER F 148 -27.03 -44.29 82.49
N LEU F 149 -26.03 -43.92 83.28
CA LEU F 149 -24.69 -43.73 82.72
C LEU F 149 -23.70 -44.70 83.36
N PRO F 150 -22.80 -45.29 82.59
CA PRO F 150 -21.75 -46.12 83.18
C PRO F 150 -20.70 -45.27 83.88
N LYS F 151 -20.06 -45.85 84.88
CA LYS F 151 -19.09 -45.11 85.69
C LYS F 151 -17.90 -44.69 84.85
N GLY F 152 -17.44 -43.46 85.05
CA GLY F 152 -16.29 -42.94 84.33
C GLY F 152 -16.57 -42.60 82.89
N VAL F 153 -17.43 -41.60 82.66
CA VAL F 153 -17.77 -41.17 81.30
C VAL F 153 -16.98 -39.94 80.89
N PHE F 154 -16.95 -38.90 81.72
CA PHE F 154 -16.28 -37.65 81.39
C PHE F 154 -15.12 -37.35 82.35
N ASP F 155 -14.43 -38.39 82.81
CA ASP F 155 -13.29 -38.18 83.69
C ASP F 155 -12.08 -37.67 82.90
N LYS F 156 -11.59 -38.47 81.96
CA LYS F 156 -10.45 -38.05 81.14
C LYS F 156 -10.83 -37.06 80.06
N LEU F 157 -12.06 -37.10 79.58
CA LEU F 157 -12.51 -36.23 78.49
C LEU F 157 -12.82 -34.85 79.05
N THR F 158 -11.83 -33.95 79.01
CA THR F 158 -12.00 -32.58 79.47
C THR F 158 -12.08 -31.58 78.32
N ASN F 159 -12.19 -32.06 77.08
CA ASN F 159 -12.23 -31.19 75.91
C ASN F 159 -13.64 -30.83 75.48
N LEU F 160 -14.67 -31.37 76.15
CA LEU F 160 -16.05 -31.05 75.81
C LEU F 160 -16.37 -29.62 76.23
N THR F 161 -17.20 -28.94 75.43
CA THR F 161 -17.55 -27.55 75.69
C THR F 161 -18.99 -27.35 76.16
N GLU F 162 -19.87 -28.32 75.94
CA GLU F 162 -21.27 -28.22 76.32
C GLU F 162 -21.70 -29.47 77.07
N LEU F 163 -22.17 -29.30 78.30
CA LEU F 163 -22.64 -30.43 79.11
C LEU F 163 -24.02 -30.07 79.63
N ASP F 164 -25.04 -30.76 79.12
CA ASP F 164 -26.43 -30.53 79.51
C ASP F 164 -27.04 -31.83 79.98
N LEU F 165 -27.62 -31.81 81.19
CA LEU F 165 -28.29 -32.98 81.77
C LEU F 165 -29.74 -32.65 82.15
N SER F 166 -30.32 -31.64 81.52
CA SER F 166 -31.67 -31.23 81.84
C SER F 166 -32.67 -32.33 81.50
N TYR F 167 -33.73 -32.43 82.31
CA TYR F 167 -34.85 -33.35 82.06
C TYR F 167 -34.40 -34.81 82.09
N ASN F 168 -33.58 -35.17 83.07
CA ASN F 168 -33.15 -36.56 83.24
C ASN F 168 -33.03 -36.94 84.71
N GLN F 169 -32.60 -38.18 84.99
CA GLN F 169 -32.72 -38.77 86.32
C GLN F 169 -31.36 -39.30 86.79
N LEU F 170 -30.31 -38.49 86.67
CA LEU F 170 -28.99 -38.88 87.15
C LEU F 170 -28.99 -38.89 88.67
N GLN F 171 -29.02 -40.10 89.25
CA GLN F 171 -28.99 -40.21 90.70
C GLN F 171 -27.59 -40.43 91.24
N SER F 172 -26.62 -40.68 90.35
CA SER F 172 -25.26 -40.98 90.77
C SER F 172 -24.26 -40.28 89.86
N LEU F 173 -23.06 -40.03 90.38
CA LEU F 173 -21.94 -39.39 89.72
C LEU F 173 -20.86 -40.42 89.39
N PRO F 174 -20.07 -40.19 88.34
CA PRO F 174 -19.01 -41.13 87.99
C PRO F 174 -17.91 -41.16 89.03
N GLU F 175 -17.19 -42.28 89.07
CA GLU F 175 -16.12 -42.46 90.05
C GLU F 175 -14.89 -41.66 89.62
N GLY F 176 -14.34 -40.89 90.56
CA GLY F 176 -13.10 -40.17 90.31
C GLY F 176 -13.18 -39.12 89.23
N VAL F 177 -14.29 -38.38 89.17
CA VAL F 177 -14.46 -37.38 88.13
C VAL F 177 -13.86 -36.04 88.55
N PHE F 178 -13.95 -35.71 89.84
CA PHE F 178 -13.53 -34.41 90.36
C PHE F 178 -12.01 -34.26 90.45
N ASP F 179 -11.24 -35.34 90.25
CA ASP F 179 -9.80 -35.26 90.40
C ASP F 179 -9.16 -34.37 89.35
N LYS F 180 -9.55 -34.54 88.08
CA LYS F 180 -8.92 -33.81 86.98
C LYS F 180 -9.79 -32.69 86.44
N LEU F 181 -10.86 -32.32 87.15
CA LEU F 181 -11.80 -31.30 86.67
C LEU F 181 -11.23 -29.92 87.02
N THR F 182 -10.14 -29.57 86.33
CA THR F 182 -9.53 -28.25 86.45
C THR F 182 -9.53 -27.47 85.15
N GLN F 183 -10.19 -27.97 84.10
CA GLN F 183 -10.16 -27.34 82.79
C GLN F 183 -11.54 -27.16 82.17
N LEU F 184 -12.61 -27.51 82.89
CA LEU F 184 -13.95 -27.35 82.35
C LEU F 184 -14.34 -25.88 82.31
N LYS F 185 -15.26 -25.55 81.40
CA LYS F 185 -15.73 -24.18 81.22
C LYS F 185 -17.12 -23.96 81.82
N ASP F 186 -18.03 -24.90 81.62
CA ASP F 186 -19.36 -24.82 82.19
C ASP F 186 -19.88 -26.22 82.47
N LEU F 187 -20.80 -26.31 83.44
CA LEU F 187 -21.45 -27.57 83.78
C LEU F 187 -22.75 -27.23 84.49
N ARG F 188 -23.86 -27.77 83.99
CA ARG F 188 -25.19 -27.40 84.44
C ARG F 188 -25.77 -28.56 85.25
N LEU F 189 -25.88 -28.37 86.56
CA LEU F 189 -26.43 -29.37 87.46
C LEU F 189 -27.91 -29.18 87.73
N TYR F 190 -28.55 -28.21 87.07
CA TYR F 190 -29.97 -27.95 87.31
C TYR F 190 -30.82 -29.08 86.73
N GLN F 191 -32.09 -29.09 87.13
CA GLN F 191 -33.06 -30.12 86.74
C GLN F 191 -32.54 -31.51 87.12
N ASN F 192 -32.31 -31.68 88.42
CA ASN F 192 -31.79 -32.93 88.97
C ASN F 192 -32.88 -33.62 89.78
N GLN F 193 -32.96 -34.93 89.65
CA GLN F 193 -33.93 -35.76 90.36
C GLN F 193 -33.26 -36.97 91.00
N LEU F 194 -32.15 -36.72 91.68
CA LEU F 194 -31.39 -37.75 92.36
C LEU F 194 -32.13 -38.23 93.61
N LYS F 195 -31.74 -39.42 94.08
CA LYS F 195 -32.33 -40.01 95.27
C LYS F 195 -31.35 -40.22 96.41
N SER F 196 -30.06 -40.42 96.11
CA SER F 196 -29.04 -40.59 97.13
C SER F 196 -27.69 -40.20 96.57
N VAL F 197 -26.94 -39.41 97.33
CA VAL F 197 -25.62 -38.95 96.91
C VAL F 197 -24.64 -39.08 98.06
N PRO F 198 -23.35 -39.26 97.79
CA PRO F 198 -22.37 -39.31 98.88
C PRO F 198 -22.12 -37.93 99.47
N ASP F 199 -21.40 -37.93 100.59
CA ASP F 199 -21.08 -36.70 101.30
C ASP F 199 -19.71 -36.21 100.87
N GLY F 200 -19.60 -34.91 100.62
CA GLY F 200 -18.34 -34.30 100.24
C GLY F 200 -17.98 -34.39 98.77
N VAL F 201 -18.91 -34.86 97.92
CA VAL F 201 -18.65 -34.96 96.49
C VAL F 201 -18.93 -33.63 95.78
N PHE F 202 -19.98 -32.92 96.19
CA PHE F 202 -20.28 -31.62 95.61
C PHE F 202 -19.39 -30.51 96.16
N ASP F 203 -18.68 -30.77 97.25
CA ASP F 203 -17.83 -29.75 97.86
C ASP F 203 -16.51 -29.57 97.12
N ARG F 204 -16.10 -30.54 96.31
CA ARG F 204 -14.84 -30.47 95.58
C ARG F 204 -14.97 -29.73 94.25
N LEU F 205 -16.17 -29.28 93.89
CA LEU F 205 -16.38 -28.50 92.68
C LEU F 205 -16.12 -27.03 92.99
N THR F 206 -14.86 -26.63 92.93
CA THR F 206 -14.46 -25.25 93.21
C THR F 206 -13.85 -24.54 92.02
N SER F 207 -13.43 -25.26 90.97
CA SER F 207 -12.82 -24.65 89.80
C SER F 207 -13.82 -24.26 88.73
N LEU F 208 -15.10 -24.61 88.90
CA LEU F 208 -16.13 -24.32 87.92
C LEU F 208 -16.44 -22.83 87.90
N GLN F 209 -17.13 -22.39 86.83
CA GLN F 209 -17.42 -20.99 86.62
C GLN F 209 -18.87 -20.60 86.80
N TYR F 210 -19.82 -21.51 86.57
CA TYR F 210 -21.23 -21.19 86.67
C TYR F 210 -21.99 -22.38 87.22
N ILE F 211 -22.81 -22.14 88.24
CA ILE F 211 -23.62 -23.17 88.88
C ILE F 211 -25.08 -22.79 88.75
N TRP F 212 -25.96 -23.79 88.64
CA TRP F 212 -27.40 -23.60 88.57
C TRP F 212 -28.05 -24.61 89.53
N LEU F 213 -28.26 -24.18 90.77
CA LEU F 213 -28.97 -24.99 91.76
C LEU F 213 -29.95 -24.19 92.61
N HIS F 214 -30.13 -22.90 92.32
CA HIS F 214 -31.01 -22.05 93.11
C HIS F 214 -32.37 -21.92 92.43
N ASP F 215 -33.26 -21.13 93.02
CA ASP F 215 -34.58 -20.85 92.45
C ASP F 215 -35.36 -22.16 92.22
N ASN F 216 -35.66 -22.84 93.33
CA ASN F 216 -36.37 -24.11 93.28
C ASN F 216 -36.87 -24.44 94.68
N PRO F 217 -38.07 -25.05 94.78
CA PRO F 217 -38.62 -25.48 96.07
C PRO F 217 -38.01 -26.80 96.57
N TRP F 218 -36.70 -26.90 96.51
CA TRP F 218 -36.00 -28.10 96.96
C TRP F 218 -35.62 -27.98 98.43
N ASP F 219 -34.96 -29.02 98.94
CA ASP F 219 -34.53 -29.02 100.32
C ASP F 219 -33.31 -28.12 100.50
N CYS F 220 -33.29 -27.38 101.61
CA CYS F 220 -32.19 -26.48 101.95
C CYS F 220 -31.69 -26.74 103.37
N THR F 221 -31.47 -28.01 103.70
CA THR F 221 -30.98 -28.39 105.01
C THR F 221 -29.47 -28.34 105.04
N CYS F 222 -28.92 -27.74 106.10
CA CYS F 222 -27.48 -27.69 106.29
C CYS F 222 -26.95 -29.11 106.48
N PRO F 223 -25.76 -29.44 105.95
CA PRO F 223 -24.82 -28.57 105.22
C PRO F 223 -25.00 -28.58 103.71
N GLY F 224 -26.23 -28.79 103.24
CA GLY F 224 -26.47 -28.75 101.80
C GLY F 224 -26.21 -27.39 101.20
N ILE F 225 -26.61 -26.32 101.90
CA ILE F 225 -26.42 -24.97 101.39
C ILE F 225 -25.05 -24.39 101.72
N ARG F 226 -24.25 -25.07 102.54
CA ARG F 226 -22.93 -24.55 102.89
C ARG F 226 -22.05 -24.40 101.65
N TYR F 227 -22.03 -25.41 100.79
CA TYR F 227 -21.30 -25.29 99.52
C TYR F 227 -21.89 -24.18 98.65
N LEU F 228 -23.22 -24.10 98.59
CA LEU F 228 -23.88 -23.06 97.82
C LEU F 228 -23.58 -21.68 98.39
N SER F 229 -23.58 -21.53 99.73
CA SER F 229 -23.25 -20.25 100.34
C SER F 229 -21.82 -19.85 100.06
N GLU F 230 -20.89 -20.81 100.16
CA GLU F 230 -19.49 -20.52 99.87
C GLU F 230 -19.31 -20.11 98.41
N TRP F 231 -20.01 -20.78 97.49
CA TRP F 231 -19.90 -20.44 96.08
C TRP F 231 -20.50 -19.06 95.79
N ILE F 232 -21.57 -18.71 96.50
CA ILE F 232 -22.13 -17.37 96.37
C ILE F 232 -21.13 -16.33 96.85
N ASN F 233 -20.52 -16.55 98.01
CA ASN F 233 -19.58 -15.58 98.55
C ASN F 233 -18.35 -15.44 97.65
N LYS F 234 -17.86 -16.56 97.10
CA LYS F 234 -16.65 -16.53 96.30
C LYS F 234 -16.88 -16.12 94.84
N HIS F 235 -18.13 -16.12 94.37
CA HIS F 235 -18.42 -15.68 93.01
C HIS F 235 -19.67 -14.82 92.95
N SER F 236 -19.79 -13.87 93.87
CA SER F 236 -20.99 -13.02 93.92
C SER F 236 -21.13 -12.13 92.70
N GLY F 237 -20.05 -11.49 92.25
CA GLY F 237 -20.10 -10.51 91.19
C GLY F 237 -20.02 -11.04 89.78
N VAL F 238 -19.84 -12.34 89.59
CA VAL F 238 -19.66 -12.93 88.27
C VAL F 238 -20.95 -13.52 87.73
N VAL F 239 -21.75 -14.13 88.60
CA VAL F 239 -22.94 -14.85 88.14
C VAL F 239 -24.11 -13.88 87.99
N ARG F 240 -24.33 -13.43 86.76
CA ARG F 240 -25.52 -12.65 86.42
C ARG F 240 -26.57 -13.62 85.86
N SER F 241 -27.83 -13.18 85.90
CA SER F 241 -28.95 -14.01 85.48
C SER F 241 -29.42 -13.61 84.10
N PHE F 242 -29.69 -14.60 83.26
CA PHE F 242 -30.20 -14.33 81.92
C PHE F 242 -31.55 -13.64 81.97
N ILE F 243 -32.44 -14.10 82.85
CA ILE F 243 -33.75 -13.44 83.00
C ILE F 243 -33.55 -12.09 83.67
N PRO F 244 -34.15 -11.01 83.14
CA PRO F 244 -33.89 -9.68 83.72
C PRO F 244 -34.47 -9.53 85.12
N LEU F 245 -33.60 -9.51 86.12
CA LEU F 245 -34.00 -9.44 87.51
C LEU F 245 -32.78 -9.08 88.37
N TRP F 246 -33.06 -8.68 89.61
CA TRP F 246 -32.00 -8.26 90.51
C TRP F 246 -31.12 -9.44 90.90
N ALA F 247 -29.80 -9.25 90.84
CA ALA F 247 -28.88 -10.38 91.04
C ALA F 247 -28.75 -10.78 92.50
N PRO F 248 -28.49 -9.88 93.46
CA PRO F 248 -28.21 -10.35 94.84
C PRO F 248 -29.35 -11.14 95.46
N ASP F 249 -30.60 -10.81 95.16
CA ASP F 249 -31.74 -11.52 95.75
C ASP F 249 -32.19 -12.71 94.91
N SER F 250 -31.48 -13.02 93.82
CA SER F 250 -31.88 -14.15 92.98
C SER F 250 -31.59 -15.48 93.64
N ALA F 251 -30.42 -15.61 94.28
CA ALA F 251 -29.97 -16.89 94.82
C ALA F 251 -30.00 -16.84 96.34
N LYS F 252 -31.08 -17.37 96.92
CA LYS F 252 -31.24 -17.46 98.37
C LYS F 252 -31.53 -18.90 98.74
N CYS F 253 -31.51 -19.19 100.03
CA CYS F 253 -31.91 -20.51 100.51
C CYS F 253 -33.42 -20.58 100.55
N SER F 254 -33.98 -21.66 100.01
CA SER F 254 -35.42 -21.85 99.97
C SER F 254 -35.90 -22.44 101.29
N GLY F 255 -37.19 -22.71 101.38
CA GLY F 255 -37.75 -23.30 102.59
C GLY F 255 -38.29 -22.27 103.57
N SER F 256 -37.50 -21.97 104.59
CA SER F 256 -37.95 -21.01 105.61
C SER F 256 -38.07 -19.60 105.04
N GLY F 257 -37.26 -19.26 104.03
CA GLY F 257 -37.29 -17.94 103.45
C GLY F 257 -36.48 -16.88 104.17
N LYS F 258 -35.75 -17.25 105.23
CA LYS F 258 -34.94 -16.29 105.95
C LYS F 258 -33.74 -15.86 105.10
N PRO F 259 -33.25 -14.65 105.31
CA PRO F 259 -32.06 -14.20 104.56
C PRO F 259 -30.86 -15.10 104.81
N VAL F 260 -30.06 -15.28 103.76
CA VAL F 260 -28.89 -16.16 103.85
C VAL F 260 -27.84 -15.55 104.77
N ARG F 261 -27.66 -14.22 104.71
CA ARG F 261 -26.63 -13.54 105.48
C ARG F 261 -26.80 -13.71 106.99
N SER F 262 -28.02 -13.88 107.48
CA SER F 262 -28.23 -14.08 108.91
C SER F 262 -27.88 -15.50 109.34
N ILE F 263 -28.07 -16.48 108.46
CA ILE F 263 -27.87 -17.88 108.84
C ILE F 263 -26.38 -18.22 108.75
N ILE F 264 -25.80 -18.55 109.90
CA ILE F 264 -24.47 -19.13 109.97
C ILE F 264 -24.61 -20.54 110.52
N CYS F 265 -24.22 -21.54 109.72
CA CYS F 265 -24.48 -22.93 110.06
C CYS F 265 -23.66 -23.35 111.28
N PRO F 266 -24.31 -23.84 112.33
CA PRO F 266 -23.58 -24.43 113.46
C PRO F 266 -22.94 -25.75 113.05
N THR F 267 -21.89 -26.12 113.78
CA THR F 267 -21.15 -27.36 113.54
C THR F 267 -20.67 -27.48 112.10
#